data_8WFX
#
_entry.id   8WFX
#
_cell.length_a   1.00
_cell.length_b   1.00
_cell.length_c   1.00
_cell.angle_alpha   90.00
_cell.angle_beta   90.00
_cell.angle_gamma   90.00
#
_symmetry.space_group_name_H-M   'P 1'
#
loop_
_entity.id
_entity.type
_entity.pdbx_description
1 polymer 'CRISPR system Cms protein Csm4'
2 polymer 'RNA (50-MER)'
3 polymer 'CRISPR system single-strand-specific deoxyribonuclease Cas10/Csm1 (subtype III-A)'
4 polymer 'CRISPR system Cms protein Csm5'
5 polymer 'CRISPR system Cms protein Csm2'
6 polymer 'CRISPR system Cms endoribonuclease Csm3'
#
loop_
_entity_poly.entity_id
_entity_poly.type
_entity_poly.pdbx_seq_one_letter_code
_entity_poly.pdbx_strand_id
1 'polypeptide(L)'
;MNSRLFRFDVVRTHFGDHGLESSTIGCPADTLYSALCVEALRMGGQQLLDELVACSTLRLTDLLPYVGPDYLVPKPLKSV
RSDSSSLQKKLAKKIGFLPAAQLGSFLDGTADLDDLAARQTKIGVHAVSAKAAIHNGKKDADPYRVGYFRFEPDAGLWLL
ATGSESELGLLTRLLKGISALGGERTSGFGAFIPTESEVPAALTPTTAAASLMTLTTSLPTDDELEQALAGATYRLVKRS
GFVASATYAETPRRKRDIYKLAAGSVFSRPFQGGILDVSLGGNHPVYSYARPLFLALPESAA
;
M
2 'polyribonucleotide' ACGGAAACUUAAAACCGUGUUGCACUGCAACCCGGAAUUCUUGCACGUCG O
3 'polypeptide(L)'
;MIPALIETVIGCLLHDIGKPVQRAALGYRGRHSAIGRAFVKKIWLRDGRNPSEFADEVYEPDIEVFDRRILDAISYHHSS
ALRTAAENGRLAADAPAYVAYIADNIAAGTDRRKADSDDGQGASTWDSDTPLYSVFNRFGADTANLTFAPEMLDDREPMN
IPSARRIEFDKYRYTEIVNKLEAVLVDLECSDTYLASLLNVLEATLSFVPSSTDASEVVDVSLFDHLKLTGALGACIWHY
LQATGQSDFKSALFDKQDTFYNEKAFLLTTFDVSGIQDFIYTIHSSGAAKMLRARSFYLEMLTEHLIDELLARVGLSRAN
LNYSGGGHAYLLLPNTEFARNSLEEFEREANEWLLENFATWLFIATGSVPLAANDLMRRPNESGPQAHDRALRYSGLYRE
LSEQLSAKKLARYSADQLRELNSSDHDGQKGDRECSVCHTVNRTIKTINDLLLCSLCQALTAASQQIQSESRRFLLISEE
SSDGLPLPFGATLTFCSESGAKQALQQPQTRRLYAKNKFFAGESLGTGLWVGDYVAQMEFGDYVKRASGIARLGVLRLDV
DNLGQAFTHGFMKQGNGKFNTISRTAAFSRMLSLFFRQHINYVLKHPKLRPLTGDDPERSRRATIIYSGGDDVFVVGAWD
DVIEFGIELRERFHEFTQGKLTVSAGIGMFPDKYPISVMAREVGDLEGAAKSLPGKNGVALFDPEFTFRWDELLSKVIEE
KYRHIADYFRCNEERGMAFIYKLLELLDQRGDRITEARWVYFLMRMRGPTDDTTRFQQFANRLHQWFQDPSDAKQLKTAL
HLYIYRNRKEESE
;
A
4 'polypeptide(L)'
;MSQYLKPFELTLRCLGPVFIGSGEKRTPKEYVASTSMVYFPDMERLYADVAAQGKSESFEEFMMNTGKAQPDERFNEWIA
ENGVKVSPKNHGGYGVKIGSIVPGRAHRGRDGQMIQEQRQLNDIHSFIKDVLGNPYVPGSSVKGMLRSIYLQSLVHQRTA
QPVRVPGHQTREHRQYGERFERKELRKSGRPNTRPQDAVNDLFQAIRVTDSPGLRTSDLLICQKMDVNVHGKPDGLPLFR
ECLAPGTSISLRVVVDTSPTARGGWPAGERFLETLSDTVAFVNKARYAEYAAKYWDDDPQFGPIVYLGGGAGYRSKTFVT
QQDDMAKVLDAQFPKIKHVAKTRDLGVSPLVLKLTKIGDKYYEMGQCELSIRRAE
;
N
5 'polypeptide(L)'
;MSVIQDDYVKQAEQVIRGLPKKNGDFELTTTQLRVLLSLTAQLFDEAQLSSDQNLSPALRDKVQYLRVRFVYQAGREKAV
RVFVERAGLLDELAQIGDSRDRLLKFCHYMEALVAYKKFLDPKETSKETE
;
E,C,B,D,F
6 'polypeptide(L)'
;MITGYAKIEITGTITVVTGLHIGAGDGFSAIGAVDKPVVRDPLTKWPMIPGTSLKGKVRTLLSRQYGADTETFYRKPNDD
PAQIRRLFGDTKEYKTGRLVFRDTKLTNKDDLEARGAKTLTEVKFENAINRVTAKANPRQMERVIPGSEFAFSLVYEVSF
GTPDEEQKASLPSSDEIIEDFNAIARGLKLLELDYLGGSGTRGYGQVKFSDLKARAAVGTLDRSLLEMLNHELAAV
;
I,J,K,L,G,H
#
# COMPACT_ATOMS: atom_id res chain seq x y z
N MET A 1 52.38 46.83 -53.61
CA MET A 1 52.13 45.68 -52.75
C MET A 1 50.68 45.62 -52.33
N ASN A 2 50.15 44.41 -52.20
CA ASN A 2 48.85 44.25 -51.56
C ASN A 2 49.06 44.18 -50.05
N SER A 3 47.96 44.09 -49.32
CA SER A 3 48.01 43.71 -47.92
C SER A 3 47.02 42.57 -47.72
N ARG A 4 47.04 41.97 -46.53
CA ARG A 4 46.25 40.76 -46.28
C ARG A 4 45.41 40.94 -45.03
N LEU A 5 44.10 40.84 -45.19
CA LEU A 5 43.16 40.88 -44.07
C LEU A 5 42.91 39.45 -43.61
N PHE A 6 43.17 39.18 -42.35
CA PHE A 6 43.16 37.83 -41.83
C PHE A 6 42.06 37.68 -40.79
N ARG A 7 40.99 37.00 -41.17
CA ARG A 7 39.87 36.74 -40.28
C ARG A 7 40.02 35.35 -39.67
N PHE A 8 39.87 35.28 -38.35
CA PHE A 8 40.05 34.06 -37.58
C PHE A 8 38.73 33.63 -36.97
N ASP A 9 38.76 32.50 -36.27
CA ASP A 9 37.72 32.09 -35.35
C ASP A 9 38.41 31.72 -34.06
N VAL A 10 38.75 32.72 -33.25
CA VAL A 10 39.42 32.49 -31.98
C VAL A 10 38.35 32.41 -30.90
N VAL A 11 38.11 31.21 -30.38
CA VAL A 11 37.05 31.03 -29.41
C VAL A 11 37.56 31.34 -28.02
N ARG A 12 38.51 30.55 -27.55
CA ARG A 12 39.20 30.84 -26.31
C ARG A 12 40.67 31.01 -26.64
N THR A 13 41.36 31.85 -25.88
CA THR A 13 42.79 32.05 -26.09
C THR A 13 43.42 32.52 -24.80
N HIS A 14 44.76 32.55 -24.80
CA HIS A 14 45.48 32.98 -23.61
C HIS A 14 46.80 33.59 -24.05
N PHE A 15 46.81 34.90 -24.22
CA PHE A 15 48.06 35.65 -24.34
C PHE A 15 48.27 36.33 -23.01
N GLY A 16 49.11 35.74 -22.18
CA GLY A 16 49.37 36.30 -20.87
C GLY A 16 50.15 37.59 -20.95
N ASP A 17 50.30 38.22 -19.79
CA ASP A 17 51.10 39.44 -19.74
C ASP A 17 52.24 39.35 -18.75
N HIS A 18 51.99 38.76 -17.59
CA HIS A 18 52.99 38.72 -16.54
C HIS A 18 52.96 37.39 -15.85
N GLY A 19 52.17 36.46 -16.34
CA GLY A 19 52.01 35.16 -15.76
C GLY A 19 51.06 34.37 -16.63
N LEU A 20 50.14 33.63 -16.01
CA LEU A 20 49.19 32.82 -16.74
C LEU A 20 47.74 33.09 -16.37
N GLU A 21 47.47 33.54 -15.16
CA GLU A 21 46.09 33.72 -14.72
C GLU A 21 45.41 34.94 -15.33
N SER A 22 46.14 35.83 -15.96
CA SER A 22 45.54 36.93 -16.67
C SER A 22 45.56 36.64 -18.16
N SER A 23 45.19 37.64 -18.95
CA SER A 23 45.20 37.51 -20.40
C SER A 23 45.22 38.91 -20.98
N THR A 24 45.42 38.99 -22.29
CA THR A 24 45.28 40.23 -23.03
C THR A 24 44.50 39.95 -24.31
N ILE A 25 43.79 40.97 -24.77
CA ILE A 25 43.07 40.82 -26.02
C ILE A 25 44.04 40.97 -27.19
N GLY A 26 45.09 41.75 -27.00
CA GLY A 26 46.04 42.04 -28.07
C GLY A 26 47.30 41.21 -27.97
N CYS A 27 47.83 40.84 -29.13
CA CYS A 27 49.10 40.13 -29.19
C CYS A 27 50.12 41.07 -29.80
N PRO A 28 50.96 41.71 -29.00
CA PRO A 28 52.05 42.53 -29.55
C PRO A 28 53.01 41.66 -30.32
N ALA A 29 53.30 42.05 -31.57
CA ALA A 29 53.75 41.14 -32.62
C ALA A 29 55.07 40.45 -32.33
N ASP A 30 55.85 40.95 -31.38
CA ASP A 30 57.02 40.22 -30.89
C ASP A 30 56.64 38.88 -30.27
N THR A 31 55.39 38.74 -29.83
CA THR A 31 54.85 37.44 -29.47
C THR A 31 54.38 36.68 -30.71
N LEU A 32 53.86 37.39 -31.72
CA LEU A 32 53.35 36.71 -32.91
C LEU A 32 54.47 36.32 -33.86
N TYR A 33 55.44 37.21 -34.07
CA TYR A 33 56.54 36.89 -34.96
C TYR A 33 57.46 35.85 -34.36
N SER A 34 57.55 35.80 -33.03
CA SER A 34 58.33 34.76 -32.38
C SER A 34 57.71 33.38 -32.58
N ALA A 35 56.39 33.34 -32.71
CA ALA A 35 55.74 32.10 -33.11
C ALA A 35 56.14 31.71 -34.52
N LEU A 36 56.23 32.69 -35.42
CA LEU A 36 56.60 32.43 -36.79
C LEU A 36 58.06 32.02 -36.94
N CYS A 37 58.87 32.18 -35.90
CA CYS A 37 60.20 31.59 -35.84
C CYS A 37 60.26 30.43 -34.85
N VAL A 38 59.11 29.92 -34.42
CA VAL A 38 59.08 28.62 -33.75
C VAL A 38 58.01 27.70 -34.33
N GLU A 39 57.02 28.21 -35.04
CA GLU A 39 56.11 27.37 -35.80
C GLU A 39 56.50 27.33 -37.27
N ALA A 40 57.75 27.64 -37.58
CA ALA A 40 58.35 27.37 -38.88
C ALA A 40 59.38 26.27 -38.82
N LEU A 41 60.08 26.12 -37.69
CA LEU A 41 60.91 24.94 -37.48
C LEU A 41 60.07 23.68 -37.44
N ARG A 42 58.81 23.78 -37.03
CA ARG A 42 57.93 22.62 -37.00
C ARG A 42 57.28 22.38 -38.36
N MET A 43 57.61 23.17 -39.38
CA MET A 43 57.23 22.82 -40.74
C MET A 43 58.38 22.87 -41.73
N GLY A 44 59.29 23.82 -41.60
CA GLY A 44 60.40 23.91 -42.53
C GLY A 44 61.53 23.01 -42.12
N GLY A 45 62.76 23.53 -42.16
CA GLY A 45 63.90 22.73 -41.78
C GLY A 45 64.98 23.53 -41.08
N GLN A 46 64.58 24.61 -40.39
CA GLN A 46 65.45 25.70 -39.94
C GLN A 46 66.15 26.32 -41.15
N GLN A 47 65.44 26.36 -42.26
CA GLN A 47 65.89 27.10 -43.42
C GLN A 47 64.83 28.14 -43.72
N LEU A 48 63.58 27.81 -43.39
CA LEU A 48 62.50 28.78 -43.52
C LEU A 48 62.63 29.86 -42.45
N LEU A 49 63.01 29.49 -41.23
CA LEU A 49 63.40 30.48 -40.23
C LEU A 49 64.61 31.27 -40.70
N ASP A 50 65.64 30.57 -41.18
CA ASP A 50 66.86 31.23 -41.64
C ASP A 50 66.63 32.03 -42.91
N GLU A 51 65.54 31.77 -43.63
CA GLU A 51 65.11 32.65 -44.68
C GLU A 51 64.62 34.00 -44.14
N LEU A 52 64.14 34.04 -42.91
CA LEU A 52 63.50 35.23 -42.36
C LEU A 52 63.93 35.53 -40.92
N VAL A 53 65.22 35.38 -40.62
CA VAL A 53 65.69 35.67 -39.27
C VAL A 53 65.67 37.18 -39.02
N ALA A 54 66.36 37.94 -39.87
CA ALA A 54 66.62 39.36 -39.61
C ALA A 54 66.51 40.18 -40.88
N CYS A 55 65.43 39.97 -41.64
CA CYS A 55 65.23 40.75 -42.86
C CYS A 55 64.37 41.99 -42.63
N SER A 56 63.17 41.78 -42.04
CA SER A 56 62.20 42.83 -41.70
C SER A 56 61.77 43.63 -42.93
N THR A 57 61.65 42.94 -44.06
CA THR A 57 61.07 43.50 -45.27
C THR A 57 59.57 43.29 -45.34
N LEU A 58 58.95 42.83 -44.26
CA LEU A 58 57.53 42.53 -44.21
C LEU A 58 56.90 43.24 -43.03
N ARG A 59 55.87 44.04 -43.30
CA ARG A 59 55.21 44.84 -42.28
C ARG A 59 53.86 44.21 -41.95
N LEU A 60 53.68 43.79 -40.71
CA LEU A 60 52.45 43.16 -40.28
C LEU A 60 51.91 43.82 -39.02
N THR A 61 50.58 43.81 -38.90
CA THR A 61 49.93 44.39 -37.73
C THR A 61 49.93 43.38 -36.58
N ASP A 62 49.18 43.69 -35.53
CA ASP A 62 49.06 42.84 -34.38
C ASP A 62 47.74 42.07 -34.43
N LEU A 63 47.43 41.39 -33.34
CA LEU A 63 46.20 40.60 -33.22
C LEU A 63 45.28 41.30 -32.23
N LEU A 64 44.45 42.25 -32.76
CA LEU A 64 43.43 43.18 -32.33
C LEU A 64 42.04 42.62 -32.58
N PRO A 65 41.05 42.93 -31.76
CA PRO A 65 39.75 42.28 -31.86
C PRO A 65 38.94 42.79 -33.03
N TYR A 66 37.93 41.99 -33.39
CA TYR A 66 36.91 42.47 -34.30
C TYR A 66 35.59 41.87 -33.84
N VAL A 67 34.56 42.69 -33.79
CA VAL A 67 33.24 42.29 -33.29
C VAL A 67 32.27 42.41 -34.45
N GLY A 68 31.98 41.29 -35.10
CA GLY A 68 31.11 41.30 -36.25
C GLY A 68 31.85 41.71 -37.51
N PRO A 69 31.35 42.74 -38.19
CA PRO A 69 31.97 43.14 -39.46
C PRO A 69 32.94 44.30 -39.36
N ASP A 70 33.14 44.88 -38.18
CA ASP A 70 33.94 46.08 -38.03
C ASP A 70 35.18 45.81 -37.19
N TYR A 71 36.34 46.22 -37.72
CA TYR A 71 37.58 46.12 -36.98
C TYR A 71 37.58 47.07 -35.80
N LEU A 72 37.93 46.53 -34.64
CA LEU A 72 38.01 47.32 -33.41
C LEU A 72 39.44 47.80 -33.28
N VAL A 73 39.76 48.84 -34.04
CA VAL A 73 41.08 49.45 -34.10
C VAL A 73 41.32 50.15 -32.75
N PRO A 74 42.55 50.32 -32.28
CA PRO A 74 42.75 50.68 -30.88
C PRO A 74 42.42 52.13 -30.58
N LYS A 75 42.15 52.37 -29.32
CA LYS A 75 41.98 53.72 -28.81
C LYS A 75 43.33 54.41 -28.86
N PRO A 76 43.51 55.45 -29.66
CA PRO A 76 44.80 56.12 -29.74
C PRO A 76 45.06 56.93 -28.49
N LEU A 77 46.34 57.20 -28.25
CA LEU A 77 46.74 57.84 -27.00
C LEU A 77 46.84 59.35 -27.16
N LYS A 78 46.09 59.93 -28.08
CA LYS A 78 46.14 61.36 -28.31
C LYS A 78 45.37 62.10 -27.22
N SER A 79 45.84 63.30 -26.88
CA SER A 79 45.14 64.21 -25.97
C SER A 79 43.75 64.52 -26.49
N VAL A 80 42.74 64.07 -25.77
CA VAL A 80 41.37 64.39 -26.16
C VAL A 80 41.08 65.83 -25.79
N ARG A 81 40.21 66.48 -26.56
CA ARG A 81 39.73 67.80 -26.22
C ARG A 81 38.36 67.67 -25.56
N SER A 82 38.38 67.04 -24.39
CA SER A 82 37.16 66.78 -23.61
C SER A 82 36.72 68.08 -22.97
N ASP A 83 36.02 68.90 -23.76
CA ASP A 83 35.40 70.10 -23.26
C ASP A 83 34.05 69.81 -22.61
N SER A 84 33.64 68.55 -22.60
CA SER A 84 32.44 68.05 -21.97
C SER A 84 32.75 67.60 -20.54
N SER A 85 31.83 66.86 -19.93
CA SER A 85 31.92 66.49 -18.52
C SER A 85 33.08 65.52 -18.26
N SER A 86 33.41 65.37 -16.97
CA SER A 86 34.55 64.58 -16.55
C SER A 86 34.24 63.09 -16.45
N LEU A 87 32.98 62.69 -16.61
CA LEU A 87 32.66 61.27 -16.62
C LEU A 87 33.15 60.62 -17.91
N GLN A 88 32.85 61.25 -19.06
CA GLN A 88 33.37 60.80 -20.33
C GLN A 88 34.83 61.14 -20.51
N LYS A 89 35.42 61.95 -19.64
CA LYS A 89 36.87 61.96 -19.53
C LYS A 89 37.37 60.63 -19.01
N LYS A 90 36.76 60.14 -17.92
CA LYS A 90 37.16 58.87 -17.35
C LYS A 90 36.72 57.70 -18.20
N LEU A 91 35.66 57.87 -18.99
CA LEU A 91 35.12 56.77 -19.78
C LEU A 91 36.00 56.43 -20.98
N ALA A 92 36.97 57.29 -21.33
CA ALA A 92 37.85 57.00 -22.44
C ALA A 92 38.85 55.91 -22.07
N LYS A 93 39.45 55.99 -20.89
CA LYS A 93 40.45 55.01 -20.48
C LYS A 93 39.85 53.65 -20.16
N LYS A 94 38.53 53.59 -19.97
CA LYS A 94 37.81 52.33 -19.89
C LYS A 94 37.41 51.80 -21.25
N ILE A 95 37.97 52.36 -22.32
CA ILE A 95 37.67 51.95 -23.69
C ILE A 95 38.99 51.68 -24.38
N GLY A 96 39.17 50.45 -24.86
CA GLY A 96 40.43 50.08 -25.45
C GLY A 96 40.45 50.15 -26.95
N PHE A 97 39.27 50.00 -27.58
CA PHE A 97 39.18 49.95 -29.04
C PHE A 97 37.95 50.73 -29.49
N LEU A 98 37.86 50.92 -30.80
CA LEU A 98 36.74 51.61 -31.44
C LEU A 98 36.71 51.21 -32.91
N PRO A 99 35.59 51.39 -33.61
CA PRO A 99 35.56 51.05 -35.04
C PRO A 99 36.41 51.95 -35.92
N ALA A 100 36.40 51.68 -37.23
CA ALA A 100 37.44 52.19 -38.13
C ALA A 100 37.27 53.66 -38.48
N ALA A 101 36.15 54.28 -38.16
CA ALA A 101 35.87 55.63 -38.63
C ALA A 101 36.04 56.70 -37.56
N GLN A 102 35.48 56.50 -36.38
CA GLN A 102 35.19 57.52 -35.37
C GLN A 102 36.41 58.16 -34.74
N LEU A 103 37.64 57.90 -35.19
CA LEU A 103 38.81 58.32 -34.44
C LEU A 103 39.03 59.82 -34.51
N GLY A 104 38.81 60.42 -35.69
CA GLY A 104 38.94 61.86 -35.83
C GLY A 104 37.89 62.61 -35.02
N SER A 105 36.68 62.07 -34.96
CA SER A 105 35.68 62.59 -34.04
C SER A 105 36.03 62.30 -32.59
N PHE A 106 36.81 61.24 -32.34
CA PHE A 106 37.15 60.88 -30.97
C PHE A 106 38.17 61.84 -30.38
N LEU A 107 39.13 62.30 -31.20
CA LEU A 107 40.31 62.97 -30.65
C LEU A 107 40.01 64.38 -30.14
N ASP A 108 38.89 64.98 -30.53
CA ASP A 108 38.60 66.35 -30.14
C ASP A 108 37.49 66.43 -29.10
N GLY A 109 37.17 65.33 -28.44
CA GLY A 109 36.11 65.34 -27.46
C GLY A 109 34.73 65.45 -28.05
N THR A 110 34.56 65.02 -29.31
CA THR A 110 33.32 65.20 -30.06
C THR A 110 32.67 63.87 -30.41
N ALA A 111 32.74 62.89 -29.52
CA ALA A 111 32.29 61.55 -29.87
C ALA A 111 31.51 60.93 -28.72
N ASP A 112 30.73 59.90 -29.06
CA ASP A 112 30.06 59.07 -28.08
C ASP A 112 31.05 58.21 -27.32
N LEU A 113 30.72 57.87 -26.09
CA LEU A 113 31.52 56.93 -25.34
C LEU A 113 30.73 55.77 -24.76
N ASP A 114 29.41 55.87 -24.68
CA ASP A 114 28.61 54.81 -24.11
C ASP A 114 27.99 53.89 -25.16
N ASP A 115 28.58 53.85 -26.34
CA ASP A 115 28.38 52.76 -27.29
C ASP A 115 29.65 51.96 -27.51
N LEU A 116 30.79 52.64 -27.57
CA LEU A 116 32.08 51.98 -27.69
C LEU A 116 32.38 51.17 -26.43
N ALA A 117 32.11 51.74 -25.26
CA ALA A 117 32.18 50.98 -24.02
C ALA A 117 31.07 49.94 -23.93
N ALA A 118 29.99 50.12 -24.69
CA ALA A 118 28.92 49.14 -24.75
C ALA A 118 29.20 48.03 -25.75
N ARG A 119 30.25 48.16 -26.56
CA ARG A 119 30.73 47.05 -27.39
C ARG A 119 31.99 46.44 -26.82
N GLN A 120 32.48 46.94 -25.68
CA GLN A 120 33.51 46.23 -24.93
C GLN A 120 33.00 44.86 -24.50
N THR A 121 31.82 44.82 -23.90
CA THR A 121 31.20 43.57 -23.53
C THR A 121 30.50 42.89 -24.70
N LYS A 122 30.72 43.37 -25.92
CA LYS A 122 30.40 42.60 -27.11
C LYS A 122 31.63 41.93 -27.70
N ILE A 123 32.83 42.31 -27.28
CA ILE A 123 34.02 41.58 -27.71
C ILE A 123 34.01 40.16 -27.15
N GLY A 124 33.94 40.05 -25.83
CA GLY A 124 33.97 38.77 -25.17
C GLY A 124 34.36 38.96 -23.72
N VAL A 125 34.30 37.86 -22.99
CA VAL A 125 34.42 37.91 -21.54
C VAL A 125 35.84 37.53 -21.13
N HIS A 126 36.34 38.23 -20.11
CA HIS A 126 37.60 37.86 -19.45
C HIS A 126 37.33 36.78 -18.43
N ALA A 127 37.40 35.53 -18.89
CA ALA A 127 36.99 34.38 -18.11
C ALA A 127 38.13 33.90 -17.21
N VAL A 128 37.93 32.72 -16.63
CA VAL A 128 38.94 32.01 -15.87
C VAL A 128 38.60 30.54 -16.05
N SER A 129 39.53 29.65 -15.66
CA SER A 129 39.26 28.21 -15.72
C SER A 129 40.17 27.53 -14.70
N ALA A 130 39.62 27.08 -13.59
CA ALA A 130 40.43 26.44 -12.57
C ALA A 130 40.88 25.05 -13.01
N LYS A 131 42.12 24.70 -12.69
CA LYS A 131 42.63 23.37 -12.98
C LYS A 131 43.44 22.88 -11.78
N ALA A 132 43.70 21.57 -11.74
CA ALA A 132 44.38 20.94 -10.61
C ALA A 132 45.80 20.54 -10.98
N ALA A 133 46.70 20.74 -10.03
CA ALA A 133 48.13 20.72 -10.30
C ALA A 133 48.70 19.32 -10.19
N ILE A 134 50.03 19.29 -10.08
CA ILE A 134 50.86 18.09 -10.19
C ILE A 134 50.70 17.23 -8.95
N HIS A 135 50.71 15.93 -9.16
CA HIS A 135 51.16 15.02 -8.12
C HIS A 135 52.66 15.25 -8.00
N ASN A 136 53.05 16.13 -7.06
CA ASN A 136 54.41 16.68 -7.04
C ASN A 136 55.43 15.60 -6.75
N GLY A 137 55.36 14.99 -5.59
CA GLY A 137 55.95 13.69 -5.42
C GLY A 137 54.82 12.71 -5.29
N LYS A 138 54.66 12.15 -4.10
CA LYS A 138 53.51 11.33 -3.75
C LYS A 138 52.50 12.09 -2.92
N LYS A 139 52.69 13.40 -2.78
CA LYS A 139 51.92 14.21 -1.85
C LYS A 139 50.56 14.55 -2.44
N ASP A 140 49.87 15.50 -1.80
CA ASP A 140 48.56 15.93 -2.26
C ASP A 140 48.70 16.96 -3.38
N ALA A 141 47.90 16.77 -4.44
CA ALA A 141 47.97 17.65 -5.60
C ALA A 141 47.39 19.02 -5.27
N ASP A 142 48.01 20.05 -5.82
CA ASP A 142 47.57 21.43 -5.66
C ASP A 142 46.57 21.74 -6.78
N PRO A 143 46.00 22.93 -6.80
CA PRO A 143 45.51 23.46 -8.07
C PRO A 143 46.55 24.38 -8.67
N TYR A 144 46.26 24.83 -9.88
CA TYR A 144 46.88 26.02 -10.43
C TYR A 144 45.77 26.80 -11.11
N ARG A 145 45.68 28.09 -10.84
CA ARG A 145 44.56 28.88 -11.33
C ARG A 145 44.98 29.62 -12.58
N VAL A 146 44.36 29.28 -13.69
CA VAL A 146 44.77 29.82 -14.97
C VAL A 146 43.58 30.50 -15.63
N GLY A 147 43.80 31.73 -16.08
CA GLY A 147 42.74 32.58 -16.54
C GLY A 147 43.03 33.02 -17.97
N TYR A 148 41.97 33.34 -18.68
CA TYR A 148 42.00 33.29 -20.13
C TYR A 148 41.29 34.51 -20.67
N PHE A 149 40.99 34.46 -21.95
CA PHE A 149 39.99 35.32 -22.55
C PHE A 149 39.07 34.42 -23.35
N ARG A 150 37.79 34.79 -23.36
CA ARG A 150 36.80 34.10 -24.16
C ARG A 150 36.17 35.13 -25.07
N PHE A 151 36.06 34.82 -26.34
CA PHE A 151 35.44 35.73 -27.28
C PHE A 151 33.93 35.51 -27.29
N GLU A 152 33.22 36.45 -27.91
CA GLU A 152 31.81 36.27 -28.23
C GLU A 152 31.72 35.23 -29.35
N PRO A 153 30.54 34.66 -29.61
CA PRO A 153 30.43 33.68 -30.69
C PRO A 153 30.53 34.23 -32.10
N ASP A 154 30.79 35.53 -32.28
CA ASP A 154 30.98 36.12 -33.60
C ASP A 154 32.19 37.06 -33.59
N ALA A 155 33.31 36.61 -33.06
CA ALA A 155 34.50 37.46 -32.99
C ALA A 155 35.74 36.64 -33.31
N GLY A 156 36.88 37.24 -33.01
CA GLY A 156 38.17 36.66 -33.32
C GLY A 156 39.21 37.76 -33.31
N LEU A 157 40.32 37.52 -33.98
CA LEU A 157 41.35 38.52 -34.06
C LEU A 157 41.70 38.79 -35.52
N TRP A 158 42.04 40.03 -35.82
CA TRP A 158 42.37 40.42 -37.18
C TRP A 158 43.84 40.79 -37.30
N LEU A 159 44.24 40.98 -38.55
CA LEU A 159 45.64 41.10 -38.91
C LEU A 159 45.73 41.74 -40.29
N LEU A 160 46.66 42.68 -40.43
CA LEU A 160 46.97 43.27 -41.72
C LEU A 160 48.48 43.19 -41.93
N ALA A 161 48.88 42.66 -43.08
CA ALA A 161 50.28 42.36 -43.31
C ALA A 161 50.64 42.70 -44.74
N THR A 162 51.76 43.40 -44.93
CA THR A 162 52.20 43.76 -46.27
C THR A 162 53.71 43.77 -46.32
N GLY A 163 54.24 43.81 -47.53
CA GLY A 163 55.66 43.75 -47.77
C GLY A 163 55.93 43.04 -49.08
N SER A 164 57.05 42.33 -49.12
CA SER A 164 57.40 41.58 -50.32
C SER A 164 56.52 40.33 -50.41
N GLU A 165 55.84 40.18 -51.56
CA GLU A 165 54.79 39.18 -51.71
C GLU A 165 55.33 37.75 -51.71
N SER A 166 56.63 37.56 -51.94
CA SER A 166 57.22 36.24 -51.74
C SER A 166 57.34 35.91 -50.26
N GLU A 167 57.90 36.83 -49.47
CA GLU A 167 57.94 36.67 -48.03
C GLU A 167 56.61 37.00 -47.37
N LEU A 168 55.63 37.53 -48.12
CA LEU A 168 54.24 37.51 -47.68
C LEU A 168 53.55 36.20 -48.03
N GLY A 169 53.89 35.60 -49.18
CA GLY A 169 53.37 34.31 -49.55
C GLY A 169 53.87 33.18 -48.68
N LEU A 170 54.98 33.39 -47.97
CA LEU A 170 55.46 32.41 -47.01
C LEU A 170 54.87 32.61 -45.62
N LEU A 171 54.23 33.75 -45.36
CA LEU A 171 53.42 33.86 -44.16
C LEU A 171 52.18 32.99 -44.28
N THR A 172 51.42 33.18 -45.36
CA THR A 172 50.22 32.38 -45.62
C THR A 172 50.55 30.94 -46.00
N ARG A 173 51.80 30.66 -46.38
CA ARG A 173 52.23 29.27 -46.43
C ARG A 173 52.32 28.70 -45.03
N LEU A 174 52.78 29.51 -44.07
CA LEU A 174 52.91 29.03 -42.70
C LEU A 174 51.56 29.01 -42.00
N LEU A 175 50.78 30.10 -42.12
CA LEU A 175 49.54 30.24 -41.36
C LEU A 175 48.46 29.25 -41.78
N LYS A 176 48.50 28.72 -43.00
CA LYS A 176 47.59 27.65 -43.38
C LYS A 176 48.17 26.32 -42.90
N GLY A 177 48.21 26.18 -41.57
CA GLY A 177 48.91 25.07 -40.96
C GLY A 177 49.56 25.42 -39.64
N ILE A 178 49.57 26.71 -39.27
CA ILE A 178 49.94 27.08 -37.92
C ILE A 178 48.83 26.64 -36.97
N SER A 179 49.21 25.91 -35.93
CA SER A 179 48.28 25.31 -34.98
C SER A 179 47.79 26.34 -33.96
N ALA A 180 47.27 25.83 -32.86
CA ALA A 180 46.78 26.64 -31.73
C ALA A 180 47.81 27.68 -31.29
N LEU A 181 47.42 28.95 -31.41
CA LEU A 181 48.25 30.07 -31.03
C LEU A 181 48.05 30.37 -29.55
N GLY A 182 48.49 31.54 -29.12
CA GLY A 182 48.36 31.88 -27.72
C GLY A 182 49.46 31.25 -26.92
N GLY A 183 49.43 31.51 -25.63
CA GLY A 183 50.39 30.84 -24.79
C GLY A 183 50.04 29.39 -24.54
N GLU A 184 49.04 29.11 -23.72
CA GLU A 184 48.85 27.77 -23.18
C GLU A 184 48.07 26.94 -24.20
N ARG A 185 48.78 26.49 -25.22
CA ARG A 185 48.13 26.00 -26.42
C ARG A 185 48.12 24.49 -26.57
N THR A 186 48.78 23.74 -25.69
CA THR A 186 48.72 22.28 -25.78
C THR A 186 47.42 21.75 -25.19
N SER A 187 46.78 22.55 -24.34
CA SER A 187 45.39 22.33 -23.97
C SER A 187 44.51 22.89 -25.08
N GLY A 188 43.22 23.05 -24.83
CA GLY A 188 42.34 23.44 -25.92
C GLY A 188 42.39 24.86 -26.43
N PHE A 189 43.35 25.67 -26.00
CA PHE A 189 43.28 27.11 -26.12
C PHE A 189 44.04 27.64 -27.33
N GLY A 190 43.63 28.81 -27.78
CA GLY A 190 44.28 29.46 -28.90
C GLY A 190 44.05 28.82 -30.23
N ALA A 191 43.12 27.88 -30.35
CA ALA A 191 42.88 27.24 -31.63
C ALA A 191 41.93 28.08 -32.46
N PHE A 192 42.16 28.08 -33.78
CA PHE A 192 41.44 28.97 -34.67
C PHE A 192 41.62 28.50 -36.11
N ILE A 193 40.97 29.21 -37.02
CA ILE A 193 41.02 28.90 -38.45
C ILE A 193 41.36 30.17 -39.20
N PRO A 194 42.47 30.23 -39.92
CA PRO A 194 42.81 31.46 -40.64
C PRO A 194 42.18 31.50 -42.02
N THR A 195 41.47 32.59 -42.28
CA THR A 195 40.80 32.81 -43.55
C THR A 195 41.29 34.13 -44.15
N GLU A 196 41.24 34.20 -45.49
CA GLU A 196 41.69 35.37 -46.23
C GLU A 196 40.50 36.14 -46.77
N SER A 197 40.51 37.45 -46.61
CA SER A 197 39.53 38.32 -47.24
C SER A 197 40.24 39.59 -47.72
N GLU A 198 39.58 40.31 -48.60
CA GLU A 198 40.16 41.53 -49.15
C GLU A 198 40.06 42.67 -48.15
N VAL A 199 41.15 43.43 -48.02
CA VAL A 199 41.36 44.37 -46.92
C VAL A 199 40.43 45.57 -47.01
N PRO A 200 40.23 46.31 -45.91
CA PRO A 200 39.69 47.67 -46.04
C PRO A 200 40.80 48.63 -46.43
N ALA A 201 40.61 49.33 -47.54
CA ALA A 201 41.56 50.34 -48.00
C ALA A 201 41.36 51.68 -47.29
N ALA A 202 40.55 51.74 -46.24
CA ALA A 202 40.50 52.90 -45.37
C ALA A 202 41.62 52.91 -44.35
N LEU A 203 42.42 51.85 -44.30
CA LEU A 203 43.45 51.66 -43.29
C LEU A 203 44.82 51.52 -43.93
N THR A 204 45.10 52.37 -44.93
CA THR A 204 46.39 52.35 -45.62
C THR A 204 47.50 52.77 -44.68
N PRO A 205 48.75 52.34 -44.95
CA PRO A 205 49.87 52.84 -44.16
C PRO A 205 50.17 54.30 -44.45
N THR A 206 49.75 55.18 -43.55
CA THR A 206 50.04 56.61 -43.66
C THR A 206 51.33 56.88 -42.90
N THR A 207 52.43 56.44 -43.49
CA THR A 207 53.74 56.65 -42.87
C THR A 207 54.15 58.11 -42.86
N ALA A 208 53.67 58.93 -43.80
CA ALA A 208 53.99 60.35 -43.81
C ALA A 208 52.78 61.20 -44.23
N ALA A 209 51.57 60.65 -44.20
CA ALA A 209 50.38 61.36 -44.66
C ALA A 209 49.64 62.06 -43.54
N ALA A 210 50.37 62.55 -42.52
CA ALA A 210 49.87 63.33 -41.40
C ALA A 210 48.85 62.56 -40.55
N SER A 211 48.92 61.24 -40.56
CA SER A 211 48.18 60.38 -39.64
C SER A 211 49.18 59.35 -39.16
N LEU A 212 49.93 59.69 -38.12
CA LEU A 212 51.05 58.89 -37.66
C LEU A 212 50.59 57.99 -36.51
N MET A 213 49.56 57.22 -36.79
CA MET A 213 48.99 56.27 -35.85
C MET A 213 49.37 54.86 -36.31
N THR A 214 50.10 54.15 -35.45
CA THR A 214 50.58 52.82 -35.80
C THR A 214 49.58 51.76 -35.39
N LEU A 215 49.79 50.55 -35.90
CA LEU A 215 48.97 49.39 -35.59
C LEU A 215 49.83 48.23 -35.11
N THR A 216 50.96 48.55 -34.47
CA THR A 216 51.89 47.53 -33.99
C THR A 216 52.72 48.12 -32.86
N THR A 217 52.75 47.42 -31.73
CA THR A 217 53.74 47.65 -30.68
C THR A 217 55.12 47.56 -31.32
N SER A 218 55.80 48.69 -31.43
CA SER A 218 56.98 48.73 -32.27
C SER A 218 58.06 49.54 -31.57
N LEU A 219 59.13 49.79 -32.32
CA LEU A 219 60.29 50.51 -31.84
C LEU A 219 61.10 50.95 -33.05
N PRO A 220 61.60 52.16 -33.06
CA PRO A 220 62.66 52.51 -34.02
C PRO A 220 64.04 52.06 -33.57
N THR A 221 65.07 52.47 -34.29
CA THR A 221 66.44 52.26 -33.82
C THR A 221 66.72 53.16 -32.62
N ASP A 222 67.84 52.91 -31.95
CA ASP A 222 68.11 53.59 -30.68
C ASP A 222 68.44 55.06 -30.89
N ASP A 223 69.09 55.39 -32.01
CA ASP A 223 69.39 56.79 -32.29
C ASP A 223 68.15 57.55 -32.73
N GLU A 224 67.35 56.95 -33.61
CA GLU A 224 66.20 57.61 -34.20
C GLU A 224 65.02 57.72 -33.24
N LEU A 225 65.13 57.10 -32.05
CA LEU A 225 64.22 57.35 -30.95
C LEU A 225 64.21 58.82 -30.51
N GLU A 226 65.34 59.52 -30.62
CA GLU A 226 65.41 60.94 -30.28
C GLU A 226 64.68 61.82 -31.28
N GLN A 227 64.35 61.31 -32.46
CA GLN A 227 63.68 62.08 -33.49
C GLN A 227 62.17 61.93 -33.43
N ALA A 228 61.68 60.72 -33.18
CA ALA A 228 60.24 60.43 -33.19
C ALA A 228 59.64 60.48 -31.81
N LEU A 229 60.11 61.36 -30.94
CA LEU A 229 59.61 61.41 -29.58
C LEU A 229 59.11 62.79 -29.16
N ALA A 230 59.37 63.84 -29.94
CA ALA A 230 59.04 65.19 -29.52
C ALA A 230 57.53 65.42 -29.46
N GLY A 231 56.77 64.73 -30.30
CA GLY A 231 55.33 64.75 -30.19
C GLY A 231 54.74 63.35 -30.19
N ALA A 232 55.44 62.41 -29.56
CA ALA A 232 54.97 61.04 -29.48
C ALA A 232 54.03 60.90 -28.29
N THR A 233 52.85 60.35 -28.56
CA THR A 233 51.88 60.03 -27.53
C THR A 233 51.95 58.52 -27.32
N TYR A 234 52.92 58.08 -26.54
CA TYR A 234 53.33 56.69 -26.51
C TYR A 234 53.23 56.11 -25.10
N ARG A 235 53.10 54.78 -25.03
CA ARG A 235 53.16 54.04 -23.78
C ARG A 235 54.15 52.89 -23.89
N LEU A 236 54.81 52.60 -22.78
CA LEU A 236 55.84 51.58 -22.73
C LEU A 236 55.32 50.33 -22.02
N VAL A 237 55.64 49.18 -22.59
CA VAL A 237 55.26 47.88 -22.05
C VAL A 237 56.52 47.07 -21.80
N LYS A 238 56.39 45.84 -21.34
CA LYS A 238 57.49 44.90 -21.37
C LYS A 238 57.14 43.78 -22.34
N ARG A 239 58.12 43.35 -23.11
CA ARG A 239 57.92 42.26 -24.04
C ARG A 239 58.84 41.11 -23.70
N SER A 240 58.96 40.82 -22.41
CA SER A 240 59.86 39.78 -21.94
C SER A 240 59.27 38.39 -22.18
N GLY A 241 59.94 37.38 -21.67
CA GLY A 241 59.49 36.02 -21.85
C GLY A 241 60.51 35.04 -21.34
N PHE A 242 60.34 33.78 -21.74
CA PHE A 242 61.32 32.73 -21.48
C PHE A 242 61.78 32.15 -22.81
N VAL A 243 62.98 31.56 -22.79
CA VAL A 243 63.47 30.78 -23.91
C VAL A 243 63.93 29.42 -23.38
N ALA A 244 63.64 28.36 -24.11
CA ALA A 244 64.01 27.02 -23.66
C ALA A 244 63.66 26.08 -24.77
N SER A 245 64.12 26.39 -25.97
CA SER A 245 63.70 25.58 -27.09
C SER A 245 64.74 24.64 -27.64
N ALA A 246 64.29 23.64 -28.37
CA ALA A 246 65.20 22.75 -29.07
C ALA A 246 66.25 23.56 -29.80
N THR A 247 67.44 22.96 -29.95
CA THR A 247 68.73 23.57 -30.29
C THR A 247 69.19 24.58 -29.25
N TYR A 248 68.54 24.65 -28.11
CA TYR A 248 68.90 25.50 -27.00
C TYR A 248 68.63 24.72 -25.72
N ALA A 249 68.76 23.40 -25.80
CA ALA A 249 68.23 22.48 -24.80
C ALA A 249 69.08 22.54 -23.53
N GLU A 250 68.79 23.54 -22.70
CA GLU A 250 69.38 23.65 -21.39
C GLU A 250 68.25 23.99 -20.42
N THR A 251 68.61 24.44 -19.22
CA THR A 251 67.65 25.05 -18.31
C THR A 251 67.01 26.26 -19.01
N PRO A 252 65.69 26.46 -18.85
CA PRO A 252 65.05 27.63 -19.47
C PRO A 252 65.52 28.94 -18.86
N ARG A 253 65.92 29.85 -19.74
CA ARG A 253 66.27 31.22 -19.39
C ARG A 253 65.31 32.16 -20.11
N ARG A 254 65.60 33.46 -20.04
CA ARG A 254 64.68 34.46 -20.53
C ARG A 254 65.18 35.11 -21.81
N LYS A 255 64.28 35.85 -22.43
CA LYS A 255 64.68 36.82 -23.44
C LYS A 255 65.27 38.04 -22.74
N ARG A 256 65.93 38.91 -23.51
CA ARG A 256 66.41 40.14 -22.93
C ARG A 256 65.25 41.11 -22.76
N ASP A 257 65.27 41.83 -21.63
CA ASP A 257 64.13 42.64 -21.22
C ASP A 257 64.08 43.91 -22.04
N ILE A 258 63.17 43.99 -23.01
CA ILE A 258 63.03 45.18 -23.82
C ILE A 258 61.76 45.91 -23.41
N TYR A 259 61.60 47.13 -23.92
CA TYR A 259 60.42 47.95 -23.64
C TYR A 259 60.05 48.64 -24.95
N LYS A 260 59.18 48.01 -25.72
CA LYS A 260 58.78 48.68 -26.95
C LYS A 260 57.74 49.75 -26.64
N LEU A 261 57.38 50.50 -27.67
CA LEU A 261 56.38 51.56 -27.54
C LEU A 261 54.98 50.98 -27.65
N ALA A 262 53.97 51.84 -27.57
CA ALA A 262 52.59 51.40 -27.63
C ALA A 262 52.21 50.98 -29.05
N ALA A 263 50.96 50.56 -29.22
CA ALA A 263 50.50 49.94 -30.46
C ALA A 263 49.47 50.75 -31.22
N GLY A 264 48.97 51.84 -30.64
CA GLY A 264 48.07 52.73 -31.34
C GLY A 264 48.56 54.15 -31.18
N SER A 265 49.82 54.27 -30.78
CA SER A 265 50.41 55.53 -30.40
C SER A 265 50.52 56.47 -31.60
N VAL A 266 50.42 57.77 -31.33
CA VAL A 266 50.47 58.79 -32.36
C VAL A 266 51.68 59.67 -32.08
N PHE A 267 52.43 59.98 -33.13
CA PHE A 267 53.76 60.57 -33.02
C PHE A 267 53.79 61.93 -33.70
N SER A 268 55.00 62.48 -33.80
CA SER A 268 55.25 63.74 -34.50
C SER A 268 55.77 63.54 -35.91
N ARG A 269 56.65 62.57 -36.11
CA ARG A 269 57.34 62.36 -37.37
C ARG A 269 57.29 60.89 -37.77
N PRO A 270 57.51 60.58 -39.06
CA PRO A 270 57.66 59.18 -39.47
C PRO A 270 58.86 58.51 -38.81
N PHE A 271 58.84 57.17 -38.82
CA PHE A 271 59.99 56.42 -38.31
C PHE A 271 60.08 55.07 -39.01
N GLN A 272 61.20 54.40 -38.76
CA GLN A 272 61.50 53.08 -39.30
C GLN A 272 61.43 52.05 -38.18
N GLY A 273 61.16 50.81 -38.54
CA GLY A 273 61.16 49.71 -37.58
C GLY A 273 62.16 48.64 -37.98
N GLY A 274 62.68 47.94 -36.99
CA GLY A 274 63.67 46.90 -37.26
C GLY A 274 63.63 45.82 -36.21
N ILE A 275 64.16 44.65 -36.58
CA ILE A 275 64.11 43.46 -35.74
C ILE A 275 65.18 43.58 -34.67
N LEU A 276 64.77 43.90 -33.45
CA LEU A 276 65.68 43.84 -32.32
C LEU A 276 65.88 42.38 -31.96
N ASP A 277 67.07 42.07 -31.43
CA ASP A 277 67.40 40.71 -31.02
C ASP A 277 67.52 40.67 -29.50
N VAL A 278 66.91 39.66 -28.89
CA VAL A 278 66.81 39.57 -27.43
C VAL A 278 67.60 38.42 -26.85
N SER A 279 68.46 37.77 -27.62
CA SER A 279 69.29 36.71 -27.07
C SER A 279 70.35 37.32 -26.17
N LEU A 280 70.46 36.79 -24.95
CA LEU A 280 71.48 37.26 -24.02
C LEU A 280 72.64 36.27 -23.88
N GLY A 281 72.36 35.03 -23.47
CA GLY A 281 73.43 34.06 -23.42
C GLY A 281 72.99 32.73 -24.00
N GLY A 282 73.62 32.30 -25.07
CA GLY A 282 73.28 31.03 -25.66
C GLY A 282 73.34 31.09 -27.17
N ASN A 283 72.97 29.97 -27.78
CA ASN A 283 73.41 29.64 -29.13
C ASN A 283 72.61 30.38 -30.20
N HIS A 284 71.36 30.08 -30.33
CA HIS A 284 70.69 30.59 -31.50
C HIS A 284 70.03 31.93 -31.20
N PRO A 285 70.04 32.85 -32.15
CA PRO A 285 69.41 34.16 -31.90
C PRO A 285 67.91 34.08 -31.77
N VAL A 286 67.39 34.84 -30.82
CA VAL A 286 65.96 35.05 -30.61
C VAL A 286 65.73 36.56 -30.64
N TYR A 287 64.66 36.98 -31.30
CA TYR A 287 64.58 38.36 -31.75
C TYR A 287 63.14 38.86 -31.76
N SER A 288 62.96 40.13 -31.39
CA SER A 288 61.66 40.78 -31.38
C SER A 288 61.41 41.52 -32.69
N TYR A 289 60.13 41.65 -33.06
CA TYR A 289 59.79 42.01 -34.43
C TYR A 289 59.99 43.50 -34.73
N ALA A 290 59.16 44.36 -34.13
CA ALA A 290 59.21 45.83 -34.21
C ALA A 290 59.34 46.37 -35.64
N ARG A 291 58.29 46.13 -36.44
CA ARG A 291 58.26 46.64 -37.82
C ARG A 291 56.83 47.11 -38.12
N PRO A 292 56.52 48.37 -37.90
CA PRO A 292 55.14 48.81 -37.75
C PRO A 292 54.39 48.94 -39.08
N LEU A 293 53.15 49.40 -38.96
CA LEU A 293 52.25 49.55 -40.10
C LEU A 293 51.20 50.58 -39.70
N PHE A 294 50.87 51.51 -40.60
CA PHE A 294 50.19 52.74 -40.23
C PHE A 294 48.75 52.79 -40.73
N LEU A 295 48.08 53.88 -40.40
CA LEU A 295 46.63 53.98 -40.47
C LEU A 295 46.24 55.41 -40.83
N ALA A 296 45.18 55.53 -41.63
CA ALA A 296 44.51 56.81 -41.83
C ALA A 296 43.82 57.24 -40.54
N GLU C 7 62.59 80.26 10.08
CA GLU C 7 62.36 81.27 11.11
C GLU C 7 61.99 82.60 10.47
N THR C 8 61.53 82.56 9.22
CA THR C 8 61.18 83.77 8.49
C THR C 8 59.81 83.62 7.82
N VAL C 9 59.02 82.64 8.25
CA VAL C 9 57.75 82.32 7.62
C VAL C 9 56.70 82.12 8.72
N ILE C 10 57.04 82.56 9.94
CA ILE C 10 56.37 82.09 11.14
C ILE C 10 54.96 82.67 11.26
N GLY C 11 54.71 83.82 10.64
CA GLY C 11 53.41 84.44 10.79
C GLY C 11 52.32 83.93 9.87
N CYS C 12 52.54 82.81 9.18
CA CYS C 12 51.59 82.30 8.20
C CYS C 12 50.34 81.73 8.83
N LEU C 13 50.40 81.26 10.08
CA LEU C 13 49.35 80.44 10.65
C LEU C 13 48.57 81.13 11.77
N LEU C 14 49.26 81.72 12.75
CA LEU C 14 48.67 81.99 14.05
C LEU C 14 48.03 83.37 14.16
N HIS C 15 47.46 83.91 13.10
CA HIS C 15 46.77 85.20 13.18
C HIS C 15 45.25 85.07 13.07
N ASP C 16 44.68 83.99 13.60
CA ASP C 16 43.23 83.81 13.61
C ASP C 16 42.74 83.22 14.92
N ILE C 17 43.43 83.47 16.03
CA ILE C 17 43.20 82.73 17.27
C ILE C 17 42.17 83.48 18.12
N GLY C 18 41.48 84.44 17.52
CA GLY C 18 40.52 85.21 18.30
C GLY C 18 39.11 84.71 18.30
N LYS C 19 38.82 83.60 17.62
CA LYS C 19 37.46 83.07 17.67
C LYS C 19 37.14 82.35 18.99
N PRO C 20 37.78 81.24 19.35
CA PRO C 20 37.16 80.36 20.36
C PRO C 20 37.56 80.62 21.81
N VAL C 21 38.40 81.61 22.09
CA VAL C 21 38.86 81.81 23.47
C VAL C 21 37.76 82.48 24.30
N GLN C 22 36.97 83.33 23.68
CA GLN C 22 35.78 83.89 24.32
C GLN C 22 34.58 82.98 24.15
N ARG C 23 34.67 81.95 23.31
CA ARG C 23 33.76 80.82 23.36
C ARG C 23 34.13 79.84 24.46
N ALA C 24 35.31 79.99 25.06
CA ALA C 24 35.71 79.24 26.23
C ALA C 24 35.74 80.11 27.49
N ALA C 25 35.53 81.42 27.33
CA ALA C 25 35.41 82.41 28.41
C ALA C 25 36.67 82.46 29.29
N LEU C 26 37.76 82.88 28.65
CA LEU C 26 39.02 83.12 29.34
C LEU C 26 39.19 84.62 29.64
N GLY C 27 38.14 85.41 29.45
CA GLY C 27 38.07 86.74 30.01
C GLY C 27 38.87 87.81 29.31
N TYR C 28 39.11 87.68 28.00
CA TYR C 28 39.78 88.76 27.29
C TYR C 28 38.79 89.86 26.93
N ARG C 29 39.27 90.85 26.18
CA ARG C 29 38.41 91.86 25.59
C ARG C 29 39.03 92.28 24.26
N GLY C 30 38.28 93.01 23.46
CA GLY C 30 38.71 93.37 22.13
C GLY C 30 38.45 92.26 21.12
N ARG C 31 38.86 92.53 19.88
CA ARG C 31 38.56 91.65 18.76
C ARG C 31 39.66 90.60 18.62
N HIS C 32 39.66 89.92 17.47
CA HIS C 32 40.52 88.78 17.23
C HIS C 32 41.98 89.17 17.14
N SER C 33 42.26 90.44 16.82
CA SER C 33 43.62 90.96 16.93
C SER C 33 44.01 91.16 18.38
N ALA C 34 43.06 91.55 19.22
CA ALA C 34 43.37 91.83 20.62
C ALA C 34 43.43 90.55 21.45
N ILE C 35 42.68 89.52 21.07
CA ILE C 35 42.70 88.27 21.80
C ILE C 35 44.04 87.56 21.58
N GLY C 36 44.39 87.33 20.32
CA GLY C 36 45.53 86.49 20.01
C GLY C 36 46.88 87.13 20.31
N ARG C 37 46.96 88.46 20.25
CA ARG C 37 48.20 89.14 20.59
C ARG C 37 48.50 89.11 22.07
N ALA C 38 47.51 88.80 22.91
CA ALA C 38 47.75 88.47 24.30
C ALA C 38 47.41 87.04 24.65
N PHE C 39 46.84 86.26 23.73
CA PHE C 39 46.69 84.82 23.95
C PHE C 39 48.04 84.14 24.04
N VAL C 40 48.98 84.54 23.17
CA VAL C 40 50.36 84.07 23.27
C VAL C 40 51.19 84.90 24.23
N LYS C 41 50.56 85.78 25.01
CA LYS C 41 51.25 86.43 26.11
C LYS C 41 50.92 85.80 27.45
N LYS C 42 49.79 85.11 27.55
CA LYS C 42 49.35 84.53 28.82
C LYS C 42 49.93 83.15 29.07
N ILE C 43 50.11 82.33 28.03
CA ILE C 43 50.47 80.93 28.18
C ILE C 43 51.88 80.67 27.65
N TRP C 44 52.27 81.36 26.58
CA TRP C 44 53.53 81.04 25.90
C TRP C 44 54.76 81.44 26.71
N LEU C 45 54.67 82.51 27.50
CA LEU C 45 55.82 82.99 28.24
C LEU C 45 55.96 82.36 29.62
N ARG C 46 55.17 81.31 29.90
CA ARG C 46 55.13 80.60 31.20
C ARG C 46 54.84 81.56 32.36
N ASP C 47 53.85 82.41 32.17
CA ASP C 47 53.45 83.38 33.18
C ASP C 47 52.15 82.94 33.85
N GLY C 48 52.03 83.23 35.14
CA GLY C 48 50.87 82.83 35.91
C GLY C 48 49.95 83.99 36.25
N ARG C 49 49.71 84.88 35.29
CA ARG C 49 48.88 86.05 35.48
C ARG C 49 47.47 85.81 34.96
N ASN C 50 46.57 86.73 35.29
CA ASN C 50 45.17 86.64 34.88
C ASN C 50 44.98 87.19 33.47
N PRO C 51 44.15 86.51 32.64
CA PRO C 51 44.00 86.93 31.24
C PRO C 51 43.01 88.07 31.03
N SER C 52 42.67 88.80 32.08
CA SER C 52 41.64 89.82 32.01
C SER C 52 42.20 91.24 31.99
N GLU C 53 43.53 91.42 32.10
CA GLU C 53 44.08 92.77 32.19
C GLU C 53 45.38 92.93 31.40
N PHE C 54 45.54 92.21 30.29
CA PHE C 54 46.82 92.17 29.60
C PHE C 54 47.08 93.45 28.81
N ALA C 55 48.36 93.66 28.50
CA ALA C 55 48.85 94.93 27.98
C ALA C 55 48.53 95.06 26.49
N ASP C 56 48.92 96.20 25.90
CA ASP C 56 48.64 96.48 24.50
C ASP C 56 49.90 96.57 23.65
N GLU C 57 50.85 97.42 24.00
CA GLU C 57 51.92 97.79 23.07
C GLU C 57 53.13 98.26 23.85
N VAL C 58 54.29 97.65 23.59
CA VAL C 58 55.54 97.97 24.28
C VAL C 58 56.60 98.32 23.23
N TYR C 59 57.36 99.39 23.50
CA TYR C 59 58.52 99.78 22.70
C TYR C 59 59.79 99.35 23.44
N GLU C 60 60.13 98.06 23.34
CA GLU C 60 61.35 97.55 23.96
C GLU C 60 62.45 97.37 22.92
N PRO C 61 63.62 97.97 23.10
CA PRO C 61 64.67 97.89 22.07
C PRO C 61 65.41 96.56 22.01
N ASP C 62 65.66 95.93 23.16
CA ASP C 62 66.51 94.75 23.23
C ASP C 62 65.78 93.46 22.88
N ILE C 63 64.48 93.38 23.13
CA ILE C 63 63.71 92.21 22.72
C ILE C 63 63.50 92.22 21.22
N GLU C 64 63.91 91.14 20.56
CA GLU C 64 63.96 90.98 19.11
C GLU C 64 62.74 90.18 18.66
N VAL C 65 62.78 89.73 17.39
CA VAL C 65 61.67 89.07 16.70
C VAL C 65 61.18 87.82 17.43
N PHE C 66 62.09 87.10 18.09
CA PHE C 66 61.78 85.79 18.66
C PHE C 66 60.85 85.91 19.86
N ASP C 67 60.90 87.04 20.55
CA ASP C 67 59.98 87.25 21.67
C ASP C 67 58.94 88.31 21.35
N ARG C 68 59.33 89.38 20.66
CA ARG C 68 58.37 90.45 20.36
C ARG C 68 57.44 90.06 19.20
N ARG C 69 58.01 89.87 18.02
CA ARG C 69 57.22 89.76 16.80
C ARG C 69 56.68 88.36 16.59
N ILE C 70 57.00 87.40 17.45
CA ILE C 70 56.23 86.17 17.52
C ILE C 70 54.88 86.45 18.15
N LEU C 71 54.88 87.15 19.28
CA LEU C 71 53.65 87.65 19.86
C LEU C 71 52.99 88.70 18.97
N ASP C 72 53.79 89.47 18.24
CA ASP C 72 53.30 90.46 17.30
C ASP C 72 53.34 89.97 15.85
N ALA C 73 53.09 88.68 15.64
CA ALA C 73 52.87 88.16 14.30
C ALA C 73 51.41 88.26 13.88
N ILE C 74 50.54 88.68 14.80
CA ILE C 74 49.15 88.90 14.45
C ILE C 74 48.94 90.41 14.40
N SER C 75 49.07 91.08 15.54
CA SER C 75 48.94 92.55 15.62
C SER C 75 47.67 93.10 14.98
N TYR C 76 47.57 93.05 13.66
CA TYR C 76 46.38 93.52 12.96
C TYR C 76 46.22 92.73 11.67
N HIS C 77 45.08 92.07 11.53
CA HIS C 77 44.83 91.19 10.39
C HIS C 77 43.63 91.54 9.54
N HIS C 78 42.60 92.19 10.10
CA HIS C 78 41.38 92.47 9.36
C HIS C 78 41.47 93.80 8.64
N SER C 79 40.65 93.94 7.59
CA SER C 79 40.73 95.04 6.64
C SER C 79 40.21 96.36 7.19
N SER C 80 39.62 96.39 8.39
CA SER C 80 39.10 97.62 8.95
C SER C 80 40.03 98.28 9.95
N ALA C 81 41.03 97.58 10.46
CA ALA C 81 41.98 98.12 11.43
C ALA C 81 43.40 98.14 10.87
N LEU C 82 43.53 98.49 9.60
CA LEU C 82 44.84 98.63 8.97
C LEU C 82 45.57 99.89 9.40
N ARG C 83 44.89 100.81 10.08
CA ARG C 83 45.42 102.14 10.30
C ARG C 83 46.46 102.19 11.42
N THR C 84 46.23 101.43 12.49
CA THR C 84 47.00 101.62 13.71
C THR C 84 48.42 101.08 13.58
N ALA C 85 48.58 99.91 12.97
CA ALA C 85 49.90 99.30 12.79
C ALA C 85 50.79 100.08 11.82
N ALA C 86 50.24 100.96 11.00
CA ALA C 86 51.01 101.73 10.04
C ALA C 86 50.96 103.23 10.32
N GLU C 87 49.77 103.82 10.37
CA GLU C 87 49.66 105.28 10.45
C GLU C 87 49.84 105.85 11.85
N ASN C 88 50.13 105.01 12.85
CA ASN C 88 50.61 105.49 14.12
C ASN C 88 51.99 104.96 14.46
N GLY C 89 52.59 104.15 13.59
CA GLY C 89 53.93 103.64 13.83
C GLY C 89 54.02 102.59 14.90
N ARG C 90 52.95 101.85 15.16
CA ARG C 90 52.96 100.86 16.22
C ARG C 90 53.76 99.61 15.87
N LEU C 91 54.01 99.37 14.58
CA LEU C 91 54.72 98.16 14.16
C LEU C 91 55.38 98.43 12.81
N ALA C 92 56.61 97.98 12.67
CA ALA C 92 57.42 98.25 11.49
C ALA C 92 57.37 97.07 10.51
N ALA C 93 58.04 97.25 9.37
CA ALA C 93 57.94 96.29 8.28
C ALA C 93 58.65 94.97 8.56
N ASP C 94 59.58 94.94 9.51
CA ASP C 94 60.36 93.75 9.81
C ASP C 94 59.67 92.82 10.80
N ALA C 95 58.35 92.94 10.96
CA ALA C 95 57.51 92.06 11.76
C ALA C 95 56.58 91.27 10.86
N PRO C 96 56.31 90.00 11.18
CA PRO C 96 55.46 89.18 10.31
C PRO C 96 53.97 89.46 10.40
N ALA C 97 53.53 90.46 11.16
CA ALA C 97 52.12 90.78 11.18
C ALA C 97 51.66 91.41 9.88
N TYR C 98 52.52 92.20 9.24
CA TYR C 98 52.24 92.69 7.89
C TYR C 98 52.12 91.54 6.90
N VAL C 99 52.97 90.53 7.06
CA VAL C 99 52.86 89.30 6.29
C VAL C 99 51.55 88.61 6.59
N ALA C 100 51.10 88.66 7.84
CA ALA C 100 49.82 88.09 8.23
C ALA C 100 48.65 89.01 7.98
N TYR C 101 48.89 90.29 7.67
CA TYR C 101 47.78 91.19 7.37
C TYR C 101 47.26 90.95 5.96
N ILE C 102 48.16 90.91 4.98
CA ILE C 102 47.78 90.62 3.61
C ILE C 102 47.37 89.15 3.46
N ALA C 103 47.83 88.29 4.38
CA ALA C 103 47.50 86.87 4.32
C ALA C 103 46.01 86.62 4.50
N ASP C 104 45.45 87.06 5.63
CA ASP C 104 44.02 86.91 5.85
C ASP C 104 43.21 87.80 4.92
N ASN C 105 43.78 88.90 4.43
CA ASN C 105 43.07 89.79 3.51
C ASN C 105 42.87 89.13 2.15
N ILE C 106 43.91 88.47 1.63
CA ILE C 106 43.73 87.73 0.39
C ILE C 106 43.01 86.42 0.65
N ALA C 107 43.02 85.92 1.89
CA ALA C 107 42.26 84.72 2.19
C ALA C 107 40.78 85.04 2.26
N ALA C 108 40.38 85.85 3.25
CA ALA C 108 38.98 86.15 3.46
C ALA C 108 38.40 87.01 2.35
N GLY C 109 39.23 87.79 1.65
CA GLY C 109 38.77 88.47 0.46
C GLY C 109 38.39 87.50 -0.65
N THR C 110 39.01 86.32 -0.66
CA THR C 110 38.63 85.26 -1.57
C THR C 110 37.84 84.14 -0.88
N ASP C 111 37.70 84.17 0.44
CA ASP C 111 36.93 83.15 1.15
C ASP C 111 35.64 83.70 1.76
N ARG C 112 35.73 84.78 2.54
CA ARG C 112 34.59 85.28 3.30
C ARG C 112 33.64 86.00 2.36
N ARG C 113 32.49 85.38 2.08
CA ARG C 113 31.39 86.02 1.39
C ARG C 113 30.10 85.61 2.07
N LYS C 114 29.22 86.58 2.32
CA LYS C 114 27.91 86.29 2.87
C LYS C 114 27.07 85.52 1.86
N ALA C 115 26.33 84.53 2.37
CA ALA C 115 25.55 83.67 1.51
C ALA C 115 24.31 84.39 0.99
N ASP C 116 23.59 83.73 0.09
CA ASP C 116 22.39 84.32 -0.51
C ASP C 116 21.20 84.03 0.39
N SER C 117 21.03 84.90 1.38
CA SER C 117 19.88 84.88 2.27
C SER C 117 18.94 86.03 1.91
N ASP C 118 17.83 86.11 2.63
CA ASP C 118 16.86 87.17 2.40
C ASP C 118 17.27 88.45 3.11
N ASP C 119 17.61 88.36 4.39
CA ASP C 119 17.83 89.51 5.25
C ASP C 119 19.33 89.67 5.47
N GLY C 120 19.96 90.54 4.68
CA GLY C 120 21.40 90.66 4.61
C GLY C 120 21.95 91.79 5.46
N GLN C 121 23.17 92.21 5.11
CA GLN C 121 23.98 93.21 5.84
C GLN C 121 24.17 92.79 7.30
N GLY C 122 24.82 91.66 7.49
CA GLY C 122 25.12 91.14 8.81
C GLY C 122 26.62 91.03 9.03
N ALA C 123 27.07 91.53 10.17
CA ALA C 123 28.48 91.54 10.51
C ALA C 123 28.81 90.38 11.44
N SER C 124 30.06 89.92 11.35
CA SER C 124 30.55 88.80 12.14
C SER C 124 31.42 89.36 13.28
N THR C 125 30.96 89.14 14.51
CA THR C 125 31.56 89.73 15.70
C THR C 125 31.72 88.68 16.80
N TRP C 126 31.95 89.16 18.03
CA TRP C 126 32.15 88.28 19.19
C TRP C 126 30.93 87.41 19.44
N ASP C 127 31.15 86.10 19.53
CA ASP C 127 30.07 85.15 19.79
C ASP C 127 30.55 84.09 20.76
N SER C 128 29.58 83.44 21.40
CA SER C 128 29.85 82.25 22.19
C SER C 128 28.73 81.22 22.07
N ASP C 129 28.04 81.15 20.93
CA ASP C 129 27.01 80.12 20.77
C ASP C 129 27.01 79.45 19.41
N THR C 130 27.55 80.10 18.37
CA THR C 130 27.21 79.71 17.02
C THR C 130 27.98 78.45 16.59
N PRO C 131 27.31 77.51 15.91
CA PRO C 131 28.01 76.34 15.35
C PRO C 131 28.35 76.51 13.88
N LEU C 132 29.25 75.67 13.38
CA LEU C 132 29.47 75.56 11.94
C LEU C 132 28.34 74.77 11.32
N TYR C 133 28.08 75.01 10.05
CA TYR C 133 27.03 74.32 9.34
C TYR C 133 27.65 73.46 8.24
N SER C 134 26.79 72.73 7.52
CA SER C 134 27.25 71.69 6.62
C SER C 134 27.93 72.29 5.39
N VAL C 135 29.05 71.68 5.00
CA VAL C 135 29.74 72.04 3.76
C VAL C 135 28.90 71.61 2.56
N PHE C 136 28.08 70.58 2.73
CA PHE C 136 27.25 70.03 1.68
C PHE C 136 25.90 70.73 1.57
N ASN C 137 25.78 71.93 2.12
CA ASN C 137 24.57 72.74 1.95
C ASN C 137 24.47 73.25 0.52
N ARG C 138 25.55 73.85 0.02
CA ARG C 138 25.57 74.46 -1.31
C ARG C 138 25.63 73.44 -2.44
N PHE C 139 25.96 72.18 -2.15
CA PHE C 139 25.95 71.15 -3.19
C PHE C 139 24.52 70.83 -3.57
N GLY C 140 24.30 70.64 -4.86
CA GLY C 140 22.99 70.26 -5.37
C GLY C 140 22.04 71.45 -5.43
N ALA C 141 20.88 71.21 -6.05
CA ALA C 141 19.86 72.24 -6.17
C ALA C 141 18.96 72.33 -4.96
N ASP C 142 19.30 71.67 -3.85
CA ASP C 142 18.62 71.82 -2.58
C ASP C 142 19.57 72.45 -1.58
N THR C 143 19.00 73.11 -0.58
CA THR C 143 19.76 73.72 0.51
C THR C 143 19.40 73.00 1.81
N ALA C 144 20.41 72.37 2.42
CA ALA C 144 20.22 71.74 3.71
C ALA C 144 20.46 72.75 4.81
N ASN C 145 19.98 72.43 6.01
CA ASN C 145 20.18 73.28 7.18
C ASN C 145 20.87 72.51 8.29
N LEU C 146 21.62 71.48 7.94
CA LEU C 146 22.26 70.63 8.92
C LEU C 146 23.46 71.36 9.51
N THR C 147 23.64 71.21 10.83
CA THR C 147 24.59 72.02 11.59
C THR C 147 25.70 71.13 12.14
N PHE C 148 26.93 71.42 11.75
CA PHE C 148 28.11 70.72 12.28
C PHE C 148 28.31 71.14 13.73
N ALA C 149 27.98 70.24 14.65
CA ALA C 149 28.13 70.53 16.07
C ALA C 149 29.62 70.59 16.43
N PRO C 150 30.10 71.70 16.99
CA PRO C 150 31.54 71.86 17.22
C PRO C 150 32.05 71.07 18.41
N GLU C 151 31.89 69.76 18.39
CA GLU C 151 32.36 68.94 19.49
C GLU C 151 33.82 68.59 19.28
N MET C 152 34.31 67.61 20.05
CA MET C 152 35.69 67.19 19.96
C MET C 152 35.82 66.12 18.87
N LEU C 153 36.86 66.25 18.04
CA LEU C 153 37.08 65.29 16.97
C LEU C 153 38.52 64.78 16.89
N ASP C 154 39.31 64.89 17.96
CA ASP C 154 40.66 64.32 17.94
C ASP C 154 40.60 62.82 18.23
N ASP C 155 40.10 62.08 17.23
CA ASP C 155 40.28 60.64 17.07
C ASP C 155 39.70 59.83 18.23
N ARG C 156 38.38 59.89 18.35
CA ARG C 156 37.63 59.01 19.22
C ARG C 156 36.58 58.25 18.41
N GLU C 157 36.14 57.13 18.95
CA GLU C 157 34.96 56.48 18.42
C GLU C 157 33.75 57.21 18.99
N PRO C 158 32.71 57.48 18.17
CA PRO C 158 32.39 57.14 16.78
C PRO C 158 32.83 58.17 15.77
N MET C 159 32.28 58.06 14.55
CA MET C 159 32.42 59.13 13.59
C MET C 159 31.40 60.23 13.90
N ASN C 160 31.77 61.48 13.60
CA ASN C 160 30.87 62.58 13.88
C ASN C 160 30.11 62.97 12.63
N ILE C 161 28.80 63.14 12.78
CA ILE C 161 27.84 63.24 11.68
C ILE C 161 27.20 64.62 11.76
N PRO C 162 26.71 65.20 10.66
CA PRO C 162 25.91 66.43 10.75
C PRO C 162 24.58 66.20 11.48
N SER C 163 24.11 67.26 12.13
CA SER C 163 22.88 67.24 12.91
C SER C 163 22.01 68.44 12.51
N ALA C 164 20.70 68.26 12.60
CA ALA C 164 19.76 69.29 12.19
C ALA C 164 19.45 70.28 13.30
N ARG C 165 19.42 69.82 14.54
CA ARG C 165 19.10 70.70 15.66
C ARG C 165 20.29 71.58 16.01
N ARG C 166 20.01 72.61 16.80
CA ARG C 166 21.04 73.54 17.25
C ARG C 166 21.68 72.97 18.50
N ILE C 167 22.99 72.75 18.45
CA ILE C 167 23.71 72.03 19.50
C ILE C 167 23.84 72.92 20.73
N GLU C 168 23.64 72.33 21.90
CA GLU C 168 23.71 73.08 23.15
C GLU C 168 25.15 73.39 23.51
N PHE C 169 25.40 74.65 23.85
CA PHE C 169 26.72 75.12 24.22
C PHE C 169 27.08 74.63 25.62
N ASP C 170 28.10 73.77 25.71
CA ASP C 170 28.49 73.12 26.96
C ASP C 170 29.91 73.53 27.34
N LYS C 171 30.44 72.87 28.38
CA LYS C 171 31.78 73.11 28.89
C LYS C 171 32.75 71.98 28.54
N TYR C 172 32.27 70.73 28.54
CA TYR C 172 33.14 69.56 28.62
C TYR C 172 33.98 69.40 27.36
N ARG C 173 33.36 69.61 26.19
CA ARG C 173 34.11 69.59 24.95
C ARG C 173 35.03 70.80 24.82
N TYR C 174 34.70 71.89 25.52
CA TYR C 174 35.44 73.14 25.38
C TYR C 174 36.43 73.38 26.50
N THR C 175 36.40 72.59 27.57
CA THR C 175 37.59 72.42 28.40
C THR C 175 38.52 71.37 27.81
N GLU C 176 38.03 70.60 26.84
CA GLU C 176 38.84 69.60 26.15
C GLU C 176 39.61 70.20 24.98
N ILE C 177 39.01 71.18 24.29
CA ILE C 177 39.70 71.84 23.20
C ILE C 177 40.87 72.66 23.73
N VAL C 178 40.64 73.45 24.78
CA VAL C 178 41.69 74.34 25.28
C VAL C 178 42.78 73.54 25.99
N ASN C 179 42.43 72.39 26.58
CA ASN C 179 43.47 71.53 27.14
C ASN C 179 44.21 70.77 26.04
N LYS C 180 43.60 70.61 24.87
CA LYS C 180 44.38 70.17 23.72
C LYS C 180 45.31 71.30 23.26
N LEU C 181 44.85 72.54 23.32
CA LEU C 181 45.74 73.66 23.00
C LEU C 181 46.77 73.88 24.09
N GLU C 182 46.55 73.34 25.28
CA GLU C 182 47.58 73.29 26.32
C GLU C 182 48.65 72.24 26.00
N ALA C 183 48.40 71.33 25.06
CA ALA C 183 49.30 70.22 24.79
C ALA C 183 50.36 70.52 23.74
N VAL C 184 49.99 71.19 22.64
CA VAL C 184 50.92 71.38 21.54
C VAL C 184 51.20 72.84 21.22
N LEU C 185 50.51 73.79 21.86
CA LEU C 185 50.84 75.20 21.72
C LEU C 185 51.69 75.71 22.88
N VAL C 186 52.34 74.80 23.61
CA VAL C 186 53.42 75.15 24.53
C VAL C 186 54.78 74.77 23.98
N ASP C 187 54.83 74.08 22.84
CA ASP C 187 56.08 73.69 22.19
C ASP C 187 56.44 74.67 21.08
N LEU C 188 55.83 75.85 21.08
CA LEU C 188 56.07 76.85 20.05
C LEU C 188 57.46 77.45 20.24
N GLU C 189 58.48 76.84 19.65
CA GLU C 189 59.85 77.25 19.83
C GLU C 189 60.58 77.07 18.51
N CYS C 190 61.83 77.52 18.46
CA CYS C 190 62.63 77.49 17.24
C CYS C 190 63.05 76.05 16.95
N SER C 191 62.14 75.30 16.33
CA SER C 191 62.39 73.92 15.95
C SER C 191 61.56 73.61 14.71
N ASP C 192 61.46 72.33 14.38
CA ASP C 192 60.68 71.89 13.22
C ASP C 192 59.18 71.90 13.46
N THR C 193 58.75 72.05 14.72
CA THR C 193 57.36 71.92 15.10
C THR C 193 56.49 73.11 14.70
N TYR C 194 57.06 74.13 14.04
CA TYR C 194 56.29 75.25 13.51
C TYR C 194 55.29 74.79 12.46
N LEU C 195 55.82 74.28 11.35
CA LEU C 195 55.08 74.13 10.10
C LEU C 195 54.66 72.70 9.80
N ALA C 196 55.20 71.72 10.53
CA ALA C 196 54.85 70.32 10.34
C ALA C 196 53.96 69.78 11.44
N SER C 197 54.19 70.17 12.69
CA SER C 197 53.43 69.60 13.79
C SER C 197 52.06 70.27 13.94
N LEU C 198 52.04 71.60 14.04
CA LEU C 198 50.80 72.34 14.28
C LEU C 198 49.83 72.27 13.12
N LEU C 199 50.31 72.05 11.89
CA LEU C 199 49.45 72.14 10.72
C LEU C 199 48.74 70.81 10.44
N ASN C 200 48.89 69.80 11.29
CA ASN C 200 48.09 68.59 11.19
C ASN C 200 47.20 68.33 12.40
N VAL C 201 47.72 68.52 13.62
CA VAL C 201 46.96 68.19 14.82
C VAL C 201 45.81 69.16 15.10
N LEU C 202 45.78 70.29 14.41
CA LEU C 202 44.66 71.22 14.52
C LEU C 202 43.61 70.99 13.46
N GLU C 203 43.83 70.03 12.54
CA GLU C 203 42.82 69.73 11.53
C GLU C 203 41.56 69.17 12.16
N ALA C 204 41.70 68.21 13.07
CA ALA C 204 40.53 67.54 13.61
C ALA C 204 39.86 68.34 14.71
N THR C 205 40.62 69.10 15.50
CA THR C 205 40.05 69.88 16.59
C THR C 205 39.16 71.00 16.05
N LEU C 206 39.64 71.72 15.05
CA LEU C 206 38.95 72.89 14.50
C LEU C 206 38.16 72.56 13.25
N SER C 207 37.65 71.34 13.13
CA SER C 207 36.98 70.92 11.90
C SER C 207 35.49 71.24 11.90
N PHE C 208 34.89 71.36 13.08
CA PHE C 208 33.46 71.68 13.21
C PHE C 208 33.25 73.04 13.84
N VAL C 209 34.29 73.85 13.96
CA VAL C 209 34.23 75.16 14.59
C VAL C 209 34.20 76.21 13.47
N PRO C 210 33.24 77.13 13.47
CA PRO C 210 33.19 78.15 12.42
C PRO C 210 34.13 79.31 12.71
N SER C 211 34.30 80.15 11.68
CA SER C 211 35.16 81.32 11.75
C SER C 211 34.38 82.63 11.80
N SER C 212 33.06 82.57 11.99
CA SER C 212 32.25 83.76 11.87
C SER C 212 31.10 83.80 12.88
N THR C 213 30.20 84.76 12.69
CA THR C 213 29.06 84.97 13.57
C THR C 213 27.78 85.21 12.76
N ASP C 214 27.89 85.61 11.51
CA ASP C 214 26.78 86.17 10.74
C ASP C 214 25.69 85.13 10.48
N ALA C 215 24.43 85.58 10.62
CA ALA C 215 23.26 84.76 10.33
C ALA C 215 22.63 85.12 9.00
N SER C 216 23.16 86.12 8.29
CA SER C 216 22.82 86.35 6.90
C SER C 216 23.65 85.50 5.96
N GLU C 217 24.56 84.71 6.51
CA GLU C 217 25.32 83.71 5.77
C GLU C 217 25.14 82.37 6.46
N VAL C 218 25.42 81.30 5.75
CA VAL C 218 25.48 79.97 6.33
C VAL C 218 26.94 79.54 6.28
N VAL C 219 27.59 79.52 7.43
CA VAL C 219 29.04 79.33 7.49
C VAL C 219 29.35 77.86 7.24
N ASP C 220 30.12 77.59 6.21
CA ASP C 220 30.60 76.24 5.92
C ASP C 220 32.10 76.09 6.11
N VAL C 221 32.89 77.13 5.82
CA VAL C 221 34.33 77.08 6.03
C VAL C 221 34.63 77.13 7.53
N SER C 222 35.48 76.22 7.98
CA SER C 222 35.84 76.19 9.39
C SER C 222 37.02 77.12 9.65
N LEU C 223 37.59 76.99 10.85
CA LEU C 223 38.87 77.62 11.13
C LEU C 223 39.97 77.04 10.26
N PHE C 224 40.07 75.71 10.22
CA PHE C 224 41.25 75.06 9.65
C PHE C 224 41.31 75.22 8.14
N ASP C 225 40.16 75.16 7.45
CA ASP C 225 40.16 75.42 6.02
C ASP C 225 40.39 76.89 5.71
N HIS C 226 40.26 77.77 6.69
CA HIS C 226 40.80 79.12 6.56
C HIS C 226 42.22 79.23 7.11
N LEU C 227 42.54 78.49 8.19
CA LEU C 227 43.91 78.53 8.73
C LEU C 227 44.92 77.88 7.79
N LYS C 228 44.49 76.89 7.00
CA LYS C 228 45.33 76.40 5.93
C LYS C 228 45.55 77.48 4.88
N LEU C 229 44.48 78.18 4.51
CA LEU C 229 44.59 79.20 3.47
C LEU C 229 45.29 80.47 3.94
N THR C 230 45.41 80.68 5.25
CA THR C 230 46.28 81.75 5.72
C THR C 230 47.74 81.43 5.45
N GLY C 231 48.14 80.16 5.61
CA GLY C 231 49.49 79.76 5.30
C GLY C 231 49.70 79.52 3.82
N ALA C 232 48.75 78.83 3.18
CA ALA C 232 48.87 78.46 1.77
C ALA C 232 48.78 79.66 0.84
N LEU C 233 48.30 80.81 1.31
CA LEU C 233 48.47 82.06 0.60
C LEU C 233 49.49 82.97 1.26
N GLY C 234 49.96 82.62 2.46
CA GLY C 234 50.92 83.43 3.18
C GLY C 234 52.35 82.94 3.04
N ALA C 235 52.54 81.63 3.24
CA ALA C 235 53.85 81.05 2.96
C ALA C 235 54.10 80.88 1.46
N CYS C 236 53.05 80.97 0.65
CA CYS C 236 53.22 81.01 -0.79
C CYS C 236 53.90 82.30 -1.24
N ILE C 237 53.38 83.44 -0.78
CA ILE C 237 53.83 84.74 -1.26
C ILE C 237 55.18 85.13 -0.66
N TRP C 238 55.58 84.55 0.48
CA TRP C 238 56.92 84.81 0.99
C TRP C 238 57.98 84.21 0.08
N HIS C 239 57.67 83.10 -0.59
CA HIS C 239 58.50 82.54 -1.64
C HIS C 239 58.18 83.13 -3.01
N TYR C 240 57.34 84.17 -3.04
CA TYR C 240 57.21 85.10 -4.15
C TYR C 240 57.82 86.44 -3.83
N LEU C 241 58.20 86.68 -2.56
CA LEU C 241 58.38 88.02 -2.05
C LEU C 241 59.69 88.64 -2.52
N GLN C 242 60.83 88.04 -2.14
CA GLN C 242 62.11 88.68 -2.37
C GLN C 242 62.55 88.60 -3.84
N ALA C 243 61.91 87.74 -4.63
CA ALA C 243 62.18 87.68 -6.06
C ALA C 243 61.46 88.77 -6.84
N THR C 244 60.42 89.37 -6.25
CA THR C 244 59.65 90.42 -6.90
C THR C 244 60.16 91.82 -6.54
N GLY C 245 61.07 91.93 -5.57
CA GLY C 245 61.71 93.21 -5.29
C GLY C 245 61.12 93.98 -4.14
N GLN C 246 60.95 93.33 -2.99
CA GLN C 246 60.38 93.96 -1.80
C GLN C 246 61.40 93.99 -0.67
N SER C 247 61.86 95.20 -0.33
CA SER C 247 62.65 95.47 0.86
C SER C 247 61.88 96.25 1.91
N ASP C 248 60.57 96.44 1.69
CA ASP C 248 59.69 97.14 2.62
C ASP C 248 58.27 96.65 2.36
N PHE C 249 57.68 96.01 3.36
CA PHE C 249 56.39 95.36 3.16
C PHE C 249 55.24 96.35 3.10
N LYS C 250 55.43 97.55 3.62
CA LYS C 250 54.38 98.57 3.57
C LYS C 250 54.07 98.99 2.13
N SER C 251 55.09 99.13 1.30
CA SER C 251 54.91 99.63 -0.07
C SER C 251 54.13 98.67 -0.95
N ALA C 252 54.13 97.38 -0.60
CA ALA C 252 53.29 96.38 -1.26
C ALA C 252 51.87 96.36 -0.71
N LEU C 253 51.55 97.24 0.25
CA LEU C 253 50.17 97.39 0.72
C LEU C 253 49.79 98.85 0.95
N PHE C 254 50.61 99.81 0.50
CA PHE C 254 50.29 101.23 0.62
C PHE C 254 49.82 101.84 -0.68
N ASP C 255 50.42 101.45 -1.80
CA ASP C 255 49.92 101.79 -3.13
C ASP C 255 49.63 100.55 -3.96
N LYS C 256 50.42 99.49 -3.78
CA LYS C 256 50.23 98.23 -4.51
C LYS C 256 49.48 97.21 -3.67
N GLN C 257 48.52 97.68 -2.88
CA GLN C 257 47.53 96.78 -2.29
C GLN C 257 46.49 96.35 -3.32
N ASP C 258 46.41 97.04 -4.44
CA ASP C 258 45.64 96.63 -5.60
C ASP C 258 46.57 96.31 -6.76
N THR C 259 47.68 95.64 -6.46
CA THR C 259 48.61 95.22 -7.49
C THR C 259 48.12 93.99 -8.24
N PHE C 260 47.15 93.26 -7.71
CA PHE C 260 46.71 92.01 -8.30
C PHE C 260 45.40 92.16 -9.04
N TYR C 261 45.24 93.27 -9.76
CA TYR C 261 44.15 93.40 -10.71
C TYR C 261 44.28 92.36 -11.82
N ASN C 262 45.45 92.31 -12.47
CA ASN C 262 45.70 91.33 -13.52
C ASN C 262 47.10 90.73 -13.42
N GLU C 263 47.71 90.71 -12.23
CA GLU C 263 49.01 90.09 -12.07
C GLU C 263 48.85 88.62 -11.70
N LYS C 264 49.94 87.87 -11.85
CA LYS C 264 49.98 86.44 -11.53
C LYS C 264 51.02 86.24 -10.44
N ALA C 265 50.57 86.03 -9.21
CA ALA C 265 51.47 85.81 -8.08
C ALA C 265 51.28 84.43 -7.46
N PHE C 266 50.44 83.58 -8.05
CA PHE C 266 50.22 82.23 -7.56
C PHE C 266 50.39 81.24 -8.69
N LEU C 267 50.67 80.00 -8.32
CA LEU C 267 50.87 78.93 -9.29
C LEU C 267 50.18 77.68 -8.78
N LEU C 268 49.20 77.19 -9.54
CA LEU C 268 48.43 76.01 -9.19
C LEU C 268 48.97 74.81 -9.94
N THR C 269 49.45 73.81 -9.20
CA THR C 269 50.09 72.62 -9.75
C THR C 269 49.50 71.37 -9.14
N THR C 270 49.85 70.24 -9.75
CA THR C 270 49.48 68.91 -9.33
C THR C 270 50.70 68.01 -9.47
N PHE C 271 50.56 66.75 -9.03
CA PHE C 271 51.35 65.64 -9.54
C PHE C 271 50.63 64.35 -9.21
N ASP C 272 50.63 63.41 -10.15
CA ASP C 272 49.94 62.15 -10.00
C ASP C 272 50.87 61.01 -10.36
N VAL C 273 50.76 59.92 -9.61
CA VAL C 273 51.54 58.73 -9.88
C VAL C 273 50.68 57.81 -10.72
N SER C 274 50.75 57.93 -12.04
CA SER C 274 49.87 57.18 -12.93
C SER C 274 50.34 55.74 -13.01
N GLY C 275 49.57 54.83 -12.40
CA GLY C 275 49.95 53.43 -12.31
C GLY C 275 50.00 52.91 -10.90
N ILE C 276 49.23 53.51 -9.99
CA ILE C 276 49.15 53.01 -8.63
C ILE C 276 48.45 51.66 -8.58
N GLN C 277 47.33 51.53 -9.29
CA GLN C 277 46.53 50.32 -9.15
C GLN C 277 47.16 49.13 -9.88
N ASP C 278 47.80 49.36 -11.03
CA ASP C 278 48.42 48.29 -11.78
C ASP C 278 49.84 47.98 -11.32
N PHE C 279 50.19 48.44 -10.13
CA PHE C 279 51.33 47.97 -9.35
C PHE C 279 50.88 47.01 -8.27
N ILE C 280 49.72 47.27 -7.66
CA ILE C 280 49.29 46.50 -6.51
C ILE C 280 48.63 45.20 -6.95
N TYR C 281 48.10 45.14 -8.15
CA TYR C 281 47.28 44.02 -8.59
C TYR C 281 47.99 43.22 -9.68
N THR C 282 49.28 42.96 -9.48
CA THR C 282 49.99 41.95 -10.27
C THR C 282 50.85 41.16 -9.28
N ILE C 283 50.27 40.08 -8.76
CA ILE C 283 50.91 39.14 -7.85
C ILE C 283 50.41 37.76 -8.24
N HIS C 284 51.32 36.85 -8.57
CA HIS C 284 50.91 35.62 -9.24
C HIS C 284 50.84 34.42 -8.32
N SER C 285 51.45 34.47 -7.15
CA SER C 285 51.66 33.30 -6.31
C SER C 285 51.44 33.75 -4.88
N SER C 286 52.00 32.99 -3.92
CA SER C 286 52.15 33.46 -2.55
C SER C 286 52.72 34.87 -2.49
N GLY C 287 52.19 35.66 -1.57
CA GLY C 287 52.17 37.10 -1.68
C GLY C 287 50.81 37.62 -2.05
N ALA C 288 49.95 36.74 -2.57
CA ALA C 288 48.52 37.00 -2.64
C ALA C 288 47.96 37.32 -1.26
N ALA C 289 48.44 36.61 -0.24
CA ALA C 289 47.91 36.77 1.11
C ALA C 289 48.57 37.93 1.83
N LYS C 290 49.88 38.07 1.70
CA LYS C 290 50.59 39.09 2.46
C LYS C 290 50.88 40.34 1.63
N MET C 291 51.57 40.16 0.49
CA MET C 291 52.10 41.29 -0.26
C MET C 291 51.04 42.12 -0.98
N LEU C 292 49.77 41.70 -0.97
CA LEU C 292 48.75 42.55 -1.55
C LEU C 292 48.54 43.81 -0.72
N ARG C 293 48.59 43.68 0.60
CA ARG C 293 48.41 44.86 1.43
C ARG C 293 49.68 45.65 1.58
N ALA C 294 50.83 44.99 1.51
CA ALA C 294 52.08 45.67 1.82
C ALA C 294 52.52 46.60 0.68
N ARG C 295 52.31 46.20 -0.57
CA ARG C 295 52.72 47.07 -1.67
C ARG C 295 51.74 48.22 -1.85
N SER C 296 50.48 48.05 -1.45
CA SER C 296 49.58 49.18 -1.37
C SER C 296 49.98 50.08 -0.20
N PHE C 297 50.45 49.47 0.88
CA PHE C 297 51.01 50.26 1.96
C PHE C 297 52.32 50.93 1.55
N TYR C 298 53.05 50.29 0.63
CA TYR C 298 54.25 50.92 0.09
C TYR C 298 53.89 52.11 -0.77
N LEU C 299 52.92 51.94 -1.67
CA LEU C 299 52.58 52.98 -2.63
C LEU C 299 51.91 54.18 -1.99
N GLU C 300 51.31 54.01 -0.81
CA GLU C 300 50.82 55.18 -0.08
C GLU C 300 51.89 55.79 0.81
N MET C 301 52.95 55.06 1.12
CA MET C 301 53.92 55.57 2.06
C MET C 301 54.97 56.47 1.41
N LEU C 302 55.38 56.18 0.19
CA LEU C 302 56.21 57.16 -0.50
C LEU C 302 55.37 58.29 -1.06
N THR C 303 54.05 58.09 -1.16
CA THR C 303 53.15 59.11 -1.68
C THR C 303 53.20 60.36 -0.84
N GLU C 304 53.01 60.22 0.48
CA GLU C 304 53.17 61.36 1.37
C GLU C 304 54.59 61.86 1.39
N HIS C 305 55.56 60.97 1.20
CA HIS C 305 56.94 61.40 1.02
C HIS C 305 57.15 62.10 -0.31
N LEU C 306 56.29 61.85 -1.31
CA LEU C 306 56.52 62.41 -2.63
C LEU C 306 56.18 63.90 -2.69
N ILE C 307 55.21 64.35 -1.90
CA ILE C 307 55.05 65.79 -1.79
C ILE C 307 56.17 66.35 -0.93
N ASP C 308 56.67 65.55 0.02
CA ASP C 308 57.55 66.03 1.06
C ASP C 308 58.94 66.41 0.57
N GLU C 309 59.32 65.97 -0.63
CA GLU C 309 60.56 66.45 -1.23
C GLU C 309 60.34 67.67 -2.08
N LEU C 310 59.10 67.93 -2.52
CA LEU C 310 58.78 69.24 -3.09
C LEU C 310 58.69 70.30 -2.00
N LEU C 311 58.56 69.88 -0.75
CA LEU C 311 58.57 70.81 0.38
C LEU C 311 59.98 71.03 0.90
N ALA C 312 60.76 69.94 1.05
CA ALA C 312 62.09 70.00 1.66
C ALA C 312 63.11 70.77 0.83
N ARG C 313 62.79 71.07 -0.43
CA ARG C 313 63.66 71.91 -1.25
C ARG C 313 63.47 73.39 -0.99
N VAL C 314 62.29 73.80 -0.53
CA VAL C 314 61.95 75.22 -0.44
C VAL C 314 61.48 75.57 0.97
N GLY C 315 60.97 74.59 1.70
CA GLY C 315 60.45 74.87 3.02
C GLY C 315 59.05 75.46 3.01
N LEU C 316 58.19 74.92 2.14
CA LEU C 316 56.81 75.35 2.05
C LEU C 316 55.99 74.69 3.16
N SER C 317 54.67 74.85 3.10
CA SER C 317 53.77 74.28 4.07
C SER C 317 53.24 72.95 3.57
N ARG C 318 52.81 72.12 4.51
CA ARG C 318 52.01 70.94 4.19
C ARG C 318 50.54 71.26 4.00
N ALA C 319 50.18 72.54 4.06
CA ALA C 319 48.90 73.02 3.59
C ALA C 319 48.94 73.42 2.12
N ASN C 320 50.13 73.47 1.51
CA ASN C 320 50.21 73.67 0.07
C ASN C 320 49.58 72.52 -0.69
N LEU C 321 49.65 71.31 -0.14
CA LEU C 321 48.73 70.28 -0.56
C LEU C 321 47.36 70.64 0.01
N ASN C 322 46.55 71.34 -0.77
CA ASN C 322 45.16 71.51 -0.37
C ASN C 322 44.42 70.20 -0.55
N TYR C 323 44.71 69.49 -1.63
CA TYR C 323 44.15 68.17 -1.88
C TYR C 323 45.23 67.12 -1.62
N SER C 324 44.82 65.95 -1.14
CA SER C 324 45.72 64.83 -0.96
C SER C 324 44.89 63.55 -0.83
N GLY C 325 45.40 62.48 -1.42
CA GLY C 325 44.75 61.18 -1.32
C GLY C 325 44.74 60.39 -2.61
N GLY C 326 45.26 59.17 -2.55
CA GLY C 326 45.32 58.32 -3.72
C GLY C 326 46.40 58.69 -4.71
N GLY C 327 47.60 59.01 -4.22
CA GLY C 327 48.70 59.38 -5.09
C GLY C 327 48.62 60.74 -5.72
N HIS C 328 47.53 61.48 -5.51
CA HIS C 328 47.27 62.76 -6.14
C HIS C 328 47.29 63.85 -5.08
N ALA C 329 47.87 65.00 -5.43
CA ALA C 329 48.02 66.10 -4.49
C ALA C 329 48.07 67.40 -5.27
N TYR C 330 46.96 68.14 -5.26
CA TYR C 330 46.96 69.48 -5.84
C TYR C 330 47.85 70.39 -4.99
N LEU C 331 48.54 71.31 -5.65
CA LEU C 331 49.57 72.08 -4.96
C LEU C 331 49.59 73.51 -5.47
N LEU C 332 49.49 74.46 -4.54
CA LEU C 332 49.61 75.87 -4.84
C LEU C 332 51.02 76.36 -4.50
N LEU C 333 51.63 77.07 -5.44
CA LEU C 333 52.99 77.55 -5.32
C LEU C 333 53.01 79.03 -5.69
N PRO C 334 54.06 79.75 -5.32
CA PRO C 334 54.30 81.05 -5.94
C PRO C 334 54.61 80.88 -7.41
N ASN C 335 54.23 81.88 -8.20
CA ASN C 335 54.56 81.87 -9.63
C ASN C 335 55.86 82.64 -9.89
N THR C 336 56.88 82.26 -9.15
CA THR C 336 58.25 82.69 -9.44
C THR C 336 58.85 81.71 -10.44
N GLU C 337 60.15 81.84 -10.68
CA GLU C 337 60.82 80.90 -11.58
C GLU C 337 61.88 80.06 -10.90
N PHE C 338 62.33 80.43 -9.70
CA PHE C 338 63.17 79.53 -8.92
C PHE C 338 62.39 78.28 -8.52
N ALA C 339 61.15 78.47 -8.06
CA ALA C 339 60.33 77.33 -7.71
C ALA C 339 59.89 76.56 -8.95
N ARG C 340 59.62 77.26 -10.05
CA ARG C 340 59.20 76.59 -11.27
C ARG C 340 60.37 75.80 -11.88
N ASN C 341 61.59 76.29 -11.73
CA ASN C 341 62.75 75.49 -12.14
C ASN C 341 62.94 74.30 -11.22
N SER C 342 62.88 74.53 -9.91
CA SER C 342 63.04 73.44 -8.95
C SER C 342 61.81 72.56 -8.86
N LEU C 343 60.70 72.97 -9.50
CA LEU C 343 59.60 72.06 -9.77
C LEU C 343 60.06 70.93 -10.68
N GLU C 344 60.57 71.27 -11.86
CA GLU C 344 61.00 70.27 -12.82
C GLU C 344 62.29 69.56 -12.39
N GLU C 345 63.01 70.12 -11.41
CA GLU C 345 64.02 69.33 -10.74
C GLU C 345 63.39 68.21 -9.95
N PHE C 346 62.25 68.49 -9.29
CA PHE C 346 61.59 67.48 -8.47
C PHE C 346 60.95 66.40 -9.34
N GLU C 347 60.25 66.80 -10.40
CA GLU C 347 59.52 65.84 -11.23
C GLU C 347 60.46 64.91 -11.95
N ARG C 348 61.54 65.43 -12.54
CA ARG C 348 62.40 64.61 -13.37
C ARG C 348 63.32 63.71 -12.55
N GLU C 349 63.88 64.22 -11.46
CA GLU C 349 64.89 63.47 -10.73
C GLU C 349 64.29 62.32 -9.93
N ALA C 350 63.09 62.51 -9.37
CA ALA C 350 62.41 61.39 -8.73
C ALA C 350 62.00 60.35 -9.76
N ASN C 351 61.56 60.82 -10.94
CA ASN C 351 61.33 59.94 -12.08
C ASN C 351 62.63 59.28 -12.53
N GLU C 352 63.74 60.02 -12.49
CA GLU C 352 65.05 59.48 -12.84
C GLU C 352 65.51 58.44 -11.85
N TRP C 353 65.06 58.54 -10.59
CA TRP C 353 65.32 57.48 -9.65
C TRP C 353 64.48 56.24 -9.95
N LEU C 354 63.28 56.43 -10.52
CA LEU C 354 62.34 55.34 -10.64
C LEU C 354 62.78 54.31 -11.66
N LEU C 355 63.63 54.70 -12.61
CA LEU C 355 64.08 53.75 -13.61
C LEU C 355 65.10 52.77 -13.06
N GLU C 356 65.60 52.96 -11.84
CA GLU C 356 66.43 51.94 -11.21
C GLU C 356 65.62 50.84 -10.55
N ASN C 357 64.42 51.13 -10.07
CA ASN C 357 63.66 50.13 -9.32
C ASN C 357 62.38 49.69 -10.03
N PHE C 358 61.52 50.63 -10.42
CA PHE C 358 60.23 50.29 -11.01
C PHE C 358 60.17 50.92 -12.40
N ALA C 359 60.39 50.10 -13.42
CA ALA C 359 60.72 50.59 -14.76
C ALA C 359 59.63 51.40 -15.44
N THR C 360 58.51 50.79 -15.80
CA THR C 360 57.45 51.49 -16.52
C THR C 360 56.11 51.37 -15.80
N TRP C 361 56.14 51.40 -14.47
CA TRP C 361 54.92 51.40 -13.67
C TRP C 361 54.61 52.79 -13.14
N LEU C 362 55.51 53.39 -12.38
CA LEU C 362 55.28 54.68 -11.76
C LEU C 362 55.97 55.77 -12.56
N PHE C 363 55.22 56.83 -12.87
CA PHE C 363 55.76 58.02 -13.51
C PHE C 363 54.99 59.22 -13.02
N ILE C 364 55.65 60.12 -12.32
CA ILE C 364 54.97 61.28 -11.77
C ILE C 364 55.24 62.47 -12.68
N ALA C 365 54.28 63.38 -12.74
CA ALA C 365 54.38 64.51 -13.67
C ALA C 365 53.53 65.66 -13.17
N THR C 366 54.02 66.88 -13.39
CA THR C 366 53.44 68.08 -12.81
C THR C 366 53.00 69.03 -13.91
N GLY C 367 51.70 69.35 -13.92
CA GLY C 367 51.19 70.43 -14.73
C GLY C 367 51.17 71.73 -13.96
N SER C 368 50.86 72.82 -14.66
CA SER C 368 50.97 74.12 -14.02
C SER C 368 49.95 75.08 -14.60
N VAL C 369 49.33 75.87 -13.71
CA VAL C 369 48.50 77.00 -14.09
C VAL C 369 48.99 78.22 -13.31
N PRO C 370 49.50 79.26 -13.98
CA PRO C 370 49.78 80.54 -13.31
C PRO C 370 48.48 81.21 -12.88
N LEU C 371 48.41 81.60 -11.61
CA LEU C 371 47.13 81.98 -11.00
C LEU C 371 47.17 83.41 -10.49
N ALA C 372 46.13 84.17 -10.84
CA ALA C 372 45.93 85.54 -10.39
C ALA C 372 45.30 85.55 -9.00
N ALA C 373 44.80 86.70 -8.55
CA ALA C 373 44.14 86.79 -7.28
C ALA C 373 42.70 87.30 -7.36
N ASN C 374 42.37 88.10 -8.38
CA ASN C 374 41.02 88.61 -8.50
C ASN C 374 40.07 87.57 -9.09
N ASP C 375 40.61 86.53 -9.74
CA ASP C 375 39.78 85.53 -10.40
C ASP C 375 39.07 84.61 -9.42
N LEU C 376 39.55 84.53 -8.18
CA LEU C 376 38.87 83.71 -7.18
C LEU C 376 37.73 84.46 -6.52
N MET C 377 37.91 85.76 -6.27
CA MET C 377 36.97 86.52 -5.46
C MET C 377 35.81 87.05 -6.29
N ARG C 378 34.62 87.01 -5.70
CA ARG C 378 33.45 87.62 -6.32
C ARG C 378 33.59 89.13 -6.30
N ARG C 379 33.54 89.73 -7.49
CA ARG C 379 33.78 91.15 -7.65
C ARG C 379 32.64 91.98 -7.05
N PRO C 380 32.90 93.26 -6.77
CA PRO C 380 31.78 94.19 -6.55
C PRO C 380 30.94 94.35 -7.81
N ASN C 381 29.62 94.32 -7.62
CA ASN C 381 28.59 94.42 -8.66
C ASN C 381 28.77 93.32 -9.72
N GLU C 382 28.58 92.10 -9.26
CA GLU C 382 28.49 90.93 -10.14
C GLU C 382 27.06 90.40 -10.07
N SER C 383 26.30 90.67 -11.12
CA SER C 383 24.94 90.16 -11.25
C SER C 383 24.97 88.78 -11.90
N GLY C 384 23.80 88.32 -12.35
CA GLY C 384 23.65 87.06 -13.06
C GLY C 384 24.54 86.88 -14.27
N PRO C 385 24.47 87.80 -15.25
CA PRO C 385 25.42 87.76 -16.37
C PRO C 385 26.81 88.32 -16.04
N GLN C 386 27.13 88.54 -14.77
CA GLN C 386 28.43 89.07 -14.39
C GLN C 386 29.18 88.22 -13.38
N ALA C 387 28.47 87.53 -12.48
CA ALA C 387 29.12 86.57 -11.58
C ALA C 387 29.29 85.20 -12.21
N HIS C 388 28.58 84.93 -13.31
CA HIS C 388 28.69 83.63 -13.96
C HIS C 388 30.02 83.49 -14.68
N ASP C 389 30.54 84.58 -15.24
CA ASP C 389 31.79 84.53 -15.98
C ASP C 389 33.02 84.61 -15.08
N ARG C 390 32.83 84.81 -13.77
CA ARG C 390 33.97 84.86 -12.87
C ARG C 390 34.49 83.48 -12.54
N ALA C 391 33.61 82.48 -12.45
CA ALA C 391 34.01 81.13 -12.07
C ALA C 391 34.11 80.17 -13.24
N LEU C 392 33.86 80.63 -14.47
CA LEU C 392 34.18 79.81 -15.64
C LEU C 392 35.69 79.60 -15.75
N ARG C 393 36.46 80.64 -15.45
CA ARG C 393 37.91 80.50 -15.33
C ARG C 393 38.30 79.71 -14.09
N TYR C 394 37.46 79.69 -13.05
CA TYR C 394 37.71 78.78 -11.94
C TYR C 394 37.50 77.33 -12.34
N SER C 395 36.71 77.07 -13.38
CA SER C 395 36.76 75.77 -14.03
C SER C 395 37.92 75.70 -15.01
N GLY C 396 38.30 76.84 -15.59
CA GLY C 396 39.38 76.90 -16.56
C GLY C 396 40.77 76.74 -15.97
N LEU C 397 40.90 76.79 -14.65
CA LEU C 397 42.15 76.44 -13.99
C LEU C 397 42.18 74.99 -13.53
N TYR C 398 41.15 74.22 -13.86
CA TYR C 398 41.11 72.78 -13.58
C TYR C 398 41.00 71.97 -14.86
N ARG C 399 40.11 72.34 -15.77
CA ARG C 399 40.01 71.62 -17.03
C ARG C 399 41.22 71.89 -17.91
N GLU C 400 41.81 73.07 -17.79
CA GLU C 400 43.08 73.35 -18.44
C GLU C 400 44.27 73.16 -17.50
N LEU C 401 44.06 72.49 -16.38
CA LEU C 401 45.13 71.83 -15.64
C LEU C 401 45.16 70.33 -15.91
N SER C 402 43.98 69.74 -16.19
CA SER C 402 43.94 68.35 -16.62
C SER C 402 44.54 68.18 -18.00
N GLU C 403 44.40 69.18 -18.86
CA GLU C 403 45.04 69.15 -20.16
C GLU C 403 46.46 69.70 -20.13
N GLN C 404 47.02 69.91 -18.93
CA GLN C 404 48.47 69.99 -18.80
C GLN C 404 49.06 68.60 -18.66
N LEU C 405 48.47 67.77 -17.79
CA LEU C 405 48.88 66.37 -17.64
C LEU C 405 48.09 65.44 -18.55
N SER C 406 47.41 65.98 -19.56
CA SER C 406 46.99 65.19 -20.70
C SER C 406 48.00 65.26 -21.83
N ALA C 407 49.21 65.70 -21.54
CA ALA C 407 50.35 65.67 -22.43
C ALA C 407 51.57 65.03 -21.79
N LYS C 408 51.76 65.24 -20.49
CA LYS C 408 52.89 64.62 -19.79
C LYS C 408 52.70 63.11 -19.67
N LYS C 409 51.46 62.64 -19.61
CA LYS C 409 51.18 61.21 -19.54
C LYS C 409 51.19 60.53 -20.89
N LEU C 410 51.65 61.22 -21.93
CA LEU C 410 51.77 60.63 -23.25
C LEU C 410 53.20 60.57 -23.74
N ALA C 411 54.07 61.43 -23.22
CA ALA C 411 55.51 61.37 -23.46
C ALA C 411 56.16 61.36 -22.08
N ARG C 412 56.28 60.16 -21.51
CA ARG C 412 56.64 60.04 -20.11
C ARG C 412 58.14 59.87 -19.87
N TYR C 413 58.89 59.45 -20.89
CA TYR C 413 60.31 59.19 -20.73
C TYR C 413 61.06 59.77 -21.92
N SER C 414 62.23 60.35 -21.66
CA SER C 414 63.04 60.88 -22.74
C SER C 414 63.72 59.74 -23.49
N ALA C 415 64.14 60.03 -24.72
CA ALA C 415 64.67 58.98 -25.58
C ALA C 415 66.08 58.59 -25.19
N ASP C 416 66.78 59.45 -24.49
CA ASP C 416 68.09 59.09 -23.95
C ASP C 416 67.96 58.20 -22.73
N GLN C 417 66.76 58.06 -22.18
CA GLN C 417 66.53 57.29 -20.97
C GLN C 417 66.12 55.85 -21.22
N LEU C 418 65.27 55.59 -22.23
CA LEU C 418 64.70 54.25 -22.36
C LEU C 418 65.69 53.26 -22.95
N ARG C 419 66.59 53.72 -23.84
CA ARG C 419 67.51 52.78 -24.48
C ARG C 419 68.66 52.39 -23.56
N GLU C 420 68.77 53.01 -22.38
CA GLU C 420 69.50 52.39 -21.28
C GLU C 420 68.86 51.05 -20.92
N LEU C 421 67.53 51.03 -20.81
CA LEU C 421 66.78 49.86 -20.38
C LEU C 421 66.16 49.07 -21.52
N ASN C 422 66.10 49.64 -22.74
CA ASN C 422 65.49 48.95 -23.86
C ASN C 422 66.29 47.73 -24.30
N SER C 423 67.57 47.68 -24.02
CA SER C 423 68.37 46.48 -24.31
C SER C 423 69.33 46.29 -23.14
N SER C 424 68.92 45.45 -22.19
CA SER C 424 69.73 45.17 -21.02
C SER C 424 69.24 43.90 -20.33
N ASP C 425 70.19 43.14 -19.80
CA ASP C 425 69.94 42.22 -18.68
C ASP C 425 70.93 42.55 -17.59
N HIS C 426 70.45 43.21 -16.53
CA HIS C 426 71.32 43.61 -15.45
C HIS C 426 71.73 42.40 -14.61
N ASP C 427 72.91 42.53 -14.00
CA ASP C 427 73.73 41.49 -13.38
C ASP C 427 74.18 40.40 -14.36
N GLY C 428 73.92 40.57 -15.66
CA GLY C 428 74.37 39.69 -16.73
C GLY C 428 74.03 38.21 -16.65
N GLN C 429 73.18 37.82 -15.72
CA GLN C 429 73.01 36.43 -15.34
C GLN C 429 71.92 35.77 -16.17
N LYS C 430 71.49 34.59 -15.72
CA LYS C 430 70.58 33.74 -16.46
C LYS C 430 69.18 33.82 -15.89
N GLY C 431 68.21 33.41 -16.69
CA GLY C 431 66.82 33.40 -16.28
C GLY C 431 66.42 32.16 -15.51
N ASP C 432 67.39 31.39 -15.04
CA ASP C 432 67.09 30.36 -14.05
C ASP C 432 66.73 31.00 -12.72
N ARG C 433 67.33 32.14 -12.42
CA ARG C 433 66.94 32.97 -11.29
C ARG C 433 65.99 34.04 -11.81
N GLU C 434 64.69 33.82 -11.62
CA GLU C 434 63.68 34.79 -11.99
C GLU C 434 62.61 34.78 -10.91
N CYS C 435 62.24 35.96 -10.44
CA CYS C 435 61.37 36.11 -9.28
C CYS C 435 59.96 35.59 -9.57
N SER C 436 59.18 35.45 -8.50
CA SER C 436 57.81 34.98 -8.65
C SER C 436 56.80 36.12 -8.54
N VAL C 437 56.90 36.93 -7.50
CA VAL C 437 55.90 37.96 -7.25
C VAL C 437 56.06 39.10 -8.24
N CYS C 438 57.18 39.81 -8.17
CA CYS C 438 57.38 40.89 -9.13
C CYS C 438 57.89 40.36 -10.45
N HIS C 439 58.25 39.07 -10.51
CA HIS C 439 58.68 38.30 -11.68
C HIS C 439 59.66 39.06 -12.57
N THR C 440 60.74 39.53 -11.96
CA THR C 440 61.83 40.12 -12.70
C THR C 440 63.02 39.17 -12.69
N VAL C 441 64.04 39.49 -13.48
CA VAL C 441 65.19 38.61 -13.62
C VAL C 441 66.49 39.25 -13.15
N ASN C 442 66.60 40.58 -13.14
CA ASN C 442 67.89 41.25 -13.03
C ASN C 442 68.52 41.08 -11.67
N ARG C 443 67.71 40.93 -10.63
CA ARG C 443 68.27 40.70 -9.30
C ARG C 443 68.67 39.25 -9.16
N THR C 444 69.78 39.02 -8.47
CA THR C 444 70.08 37.71 -7.93
C THR C 444 68.95 37.33 -6.97
N ILE C 445 68.19 36.30 -7.34
CA ILE C 445 66.98 35.96 -6.61
C ILE C 445 67.34 35.24 -5.32
N LYS C 446 67.28 35.96 -4.20
CA LYS C 446 67.56 35.40 -2.89
C LYS C 446 66.36 34.54 -2.51
N THR C 447 66.42 33.26 -2.86
CA THR C 447 65.28 32.35 -2.76
C THR C 447 65.06 31.93 -1.31
N ILE C 448 64.32 32.75 -0.58
CA ILE C 448 63.92 32.44 0.79
C ILE C 448 62.48 31.97 0.75
N ASN C 449 62.10 31.16 1.77
CA ASN C 449 60.75 30.65 1.98
C ASN C 449 60.24 29.82 0.80
N ASP C 450 61.16 29.09 0.18
CA ASP C 450 60.89 28.06 -0.83
C ASP C 450 60.23 28.59 -2.08
N LEU C 451 60.39 29.88 -2.37
CA LEU C 451 59.90 30.45 -3.62
C LEU C 451 60.87 31.52 -4.07
N LEU C 452 61.08 31.59 -5.38
CA LEU C 452 62.02 32.55 -5.95
C LEU C 452 61.42 33.93 -5.85
N LEU C 453 61.83 34.70 -4.85
CA LEU C 453 61.31 36.04 -4.64
C LEU C 453 62.46 37.03 -4.73
N CYS C 454 62.22 38.17 -5.38
CA CYS C 454 63.26 39.15 -5.61
C CYS C 454 63.59 39.90 -4.33
N SER C 455 64.53 40.84 -4.44
CA SER C 455 64.95 41.63 -3.29
C SER C 455 63.84 42.55 -2.81
N LEU C 456 63.02 43.08 -3.73
CA LEU C 456 61.85 43.84 -3.32
C LEU C 456 60.83 42.94 -2.64
N CYS C 457 60.54 41.78 -3.23
CA CYS C 457 59.62 40.85 -2.62
C CYS C 457 60.18 40.24 -1.34
N GLN C 458 61.50 40.18 -1.21
CA GLN C 458 62.11 39.84 0.08
C GLN C 458 61.88 40.96 1.08
N ALA C 459 61.88 42.21 0.63
CA ALA C 459 61.74 43.34 1.54
C ALA C 459 60.33 43.44 2.10
N LEU C 460 59.32 43.22 1.27
CA LEU C 460 57.94 43.33 1.72
C LEU C 460 57.53 42.19 2.64
N THR C 461 58.21 41.04 2.54
CA THR C 461 57.99 39.98 3.51
C THR C 461 58.52 40.36 4.88
N ALA C 462 59.51 41.25 4.93
CA ALA C 462 60.02 41.76 6.19
C ALA C 462 59.15 42.87 6.76
N ALA C 463 58.33 43.50 5.93
CA ALA C 463 57.38 44.49 6.43
C ALA C 463 56.28 43.84 7.24
N SER C 464 55.64 42.81 6.68
CA SER C 464 54.45 42.18 7.24
C SER C 464 54.72 41.38 8.51
N GLN C 465 55.98 41.24 8.93
CA GLN C 465 56.26 40.74 10.26
C GLN C 465 55.81 41.74 11.32
N GLN C 466 55.79 43.03 11.00
CA GLN C 466 55.39 44.06 11.95
C GLN C 466 54.46 45.12 11.40
N ILE C 467 54.28 45.27 10.08
CA ILE C 467 53.51 46.42 9.61
C ILE C 467 52.01 46.17 9.68
N GLN C 468 51.53 44.94 9.52
CA GLN C 468 50.11 44.70 9.65
C GLN C 468 49.72 44.23 11.04
N SER C 469 50.69 44.12 11.96
CA SER C 469 50.34 43.94 13.36
C SER C 469 49.77 45.23 13.92
N GLU C 470 49.14 45.13 15.09
CA GLU C 470 48.40 46.26 15.65
C GLU C 470 49.23 47.09 16.64
N SER C 471 50.54 47.04 16.55
CA SER C 471 51.36 47.85 17.45
C SER C 471 52.42 48.68 16.75
N ARG C 472 53.01 48.18 15.67
CA ARG C 472 54.16 48.81 15.05
C ARG C 472 53.79 49.71 13.89
N ARG C 473 52.65 50.41 13.96
CA ARG C 473 52.15 51.24 12.87
C ARG C 473 52.93 52.54 12.69
N PHE C 474 53.91 52.81 13.55
CA PHE C 474 54.84 53.90 13.34
C PHE C 474 55.89 53.48 12.31
N LEU C 475 56.78 54.40 11.96
CA LEU C 475 57.66 54.20 10.82
C LEU C 475 58.85 55.15 10.93
N LEU C 476 59.64 55.22 9.86
CA LEU C 476 60.75 56.13 9.71
C LEU C 476 61.18 56.16 8.25
N ILE C 477 61.41 57.36 7.72
CA ILE C 477 62.13 57.55 6.46
C ILE C 477 63.45 58.20 6.81
N SER C 478 64.54 57.45 6.60
CA SER C 478 65.90 57.94 6.71
C SER C 478 66.40 58.28 5.31
N GLU C 479 67.69 58.58 5.18
CA GLU C 479 68.25 58.92 3.88
C GLU C 479 68.56 57.64 3.10
N GLU C 480 69.35 57.77 2.04
CA GLU C 480 69.58 56.64 1.15
C GLU C 480 70.55 55.66 1.81
N SER C 481 70.02 54.76 2.63
CA SER C 481 70.77 53.68 3.26
C SER C 481 70.35 52.35 2.63
N SER C 482 70.85 51.25 3.20
CA SER C 482 70.65 49.92 2.63
C SER C 482 69.37 49.25 3.12
N ASP C 483 69.15 49.24 4.44
CA ASP C 483 68.02 48.54 5.02
C ASP C 483 66.75 49.37 4.85
N GLY C 484 65.68 48.72 4.36
CA GLY C 484 64.38 49.33 4.27
C GLY C 484 63.88 49.33 2.84
N LEU C 485 62.91 50.19 2.59
CA LEU C 485 62.24 50.28 1.31
C LEU C 485 62.77 51.49 0.54
N PRO C 486 63.20 51.31 -0.71
CA PRO C 486 63.95 52.37 -1.38
C PRO C 486 63.03 53.45 -1.96
N LEU C 487 63.47 54.70 -1.82
CA LEU C 487 62.68 55.86 -2.19
C LEU C 487 63.47 56.76 -3.13
N PRO C 488 62.77 57.52 -3.98
CA PRO C 488 63.45 58.57 -4.76
C PRO C 488 63.96 59.67 -3.88
N PHE C 489 64.84 60.47 -4.47
CA PHE C 489 65.48 61.63 -3.84
C PHE C 489 66.24 61.26 -2.57
N GLY C 490 66.94 60.13 -2.62
CA GLY C 490 67.84 59.74 -1.56
C GLY C 490 67.18 59.40 -0.24
N ALA C 491 66.43 58.30 -0.18
CA ALA C 491 65.76 57.96 1.06
C ALA C 491 65.46 56.46 1.11
N THR C 492 65.46 55.94 2.33
CA THR C 492 64.93 54.61 2.62
C THR C 492 63.61 54.76 3.37
N LEU C 493 62.88 53.67 3.49
CA LEU C 493 61.61 53.68 4.22
C LEU C 493 61.51 52.43 5.06
N THR C 494 61.23 52.61 6.36
CA THR C 494 61.21 51.53 7.32
C THR C 494 59.96 51.62 8.18
N PHE C 495 59.72 50.56 8.97
CA PHE C 495 58.64 50.53 9.95
C PHE C 495 59.16 50.00 11.28
N CYS C 496 58.74 50.67 12.36
CA CYS C 496 59.19 50.33 13.71
C CYS C 496 58.20 50.93 14.70
N SER C 497 58.57 50.91 15.98
CA SER C 497 57.82 51.59 17.03
C SER C 497 58.69 52.71 17.60
N GLU C 498 58.02 53.73 18.14
CA GLU C 498 58.73 54.86 18.73
C GLU C 498 58.51 54.92 20.24
N SER C 499 58.23 53.77 20.85
CA SER C 499 58.06 53.74 22.30
C SER C 499 59.41 53.79 23.00
N GLY C 500 60.28 52.82 22.74
CA GLY C 500 61.60 52.80 23.32
C GLY C 500 62.69 53.13 22.32
N ALA C 501 62.29 53.61 21.14
CA ALA C 501 63.22 53.93 20.06
C ALA C 501 63.21 55.41 19.72
N LYS C 502 62.89 56.28 20.68
CA LYS C 502 62.96 57.71 20.43
C LYS C 502 64.40 58.20 20.35
N GLN C 503 65.34 57.48 20.95
CA GLN C 503 66.76 57.79 20.81
C GLN C 503 67.27 57.54 19.40
N ALA C 504 66.54 56.79 18.57
CA ALA C 504 66.77 56.74 17.14
C ALA C 504 65.85 57.66 16.36
N LEU C 505 64.91 58.33 17.03
CA LEU C 505 64.06 59.32 16.41
C LEU C 505 64.46 60.75 16.72
N GLN C 506 65.49 60.94 17.56
CA GLN C 506 66.02 62.25 17.89
C GLN C 506 67.37 62.49 17.21
N GLN C 507 67.52 61.93 16.00
CA GLN C 507 68.71 62.03 15.17
C GLN C 507 68.42 62.87 13.93
N PRO C 508 69.43 63.54 13.36
CA PRO C 508 69.22 64.30 12.12
C PRO C 508 69.34 63.50 10.84
N GLN C 509 69.41 62.16 10.92
CA GLN C 509 69.40 61.30 9.75
C GLN C 509 68.00 60.79 9.42
N THR C 510 66.98 61.56 9.72
CA THR C 510 65.59 61.22 9.40
C THR C 510 65.12 62.16 8.30
N ARG C 511 64.91 61.61 7.10
CA ARG C 511 64.47 62.44 5.99
C ARG C 511 63.01 62.84 6.15
N ARG C 512 62.14 61.87 6.47
CA ARG C 512 60.75 62.19 6.75
C ARG C 512 60.22 61.37 7.91
N LEU C 513 59.39 62.02 8.72
CA LEU C 513 58.86 61.46 9.95
C LEU C 513 57.34 61.43 9.89
N TYR C 514 56.76 60.32 10.30
CA TYR C 514 55.31 60.19 10.36
C TYR C 514 54.90 59.35 11.56
N ALA C 515 53.59 59.24 11.73
CA ALA C 515 52.95 58.39 12.74
C ALA C 515 51.67 57.82 12.14
N LYS C 516 50.95 57.04 12.95
CA LYS C 516 49.77 56.32 12.48
C LYS C 516 48.52 57.21 12.42
N ASN C 517 47.35 56.56 12.34
CA ASN C 517 46.07 57.27 12.28
C ASN C 517 45.87 58.22 13.44
N LYS C 518 46.23 57.80 14.65
CA LYS C 518 45.93 58.54 15.87
C LYS C 518 46.78 59.81 15.92
N PHE C 519 46.14 60.96 15.68
CA PHE C 519 46.82 62.25 15.71
C PHE C 519 47.17 62.60 17.15
N PHE C 520 48.38 62.24 17.57
CA PHE C 520 48.71 62.15 18.98
C PHE C 520 49.13 63.53 19.49
N ALA C 521 48.29 64.15 20.31
CA ALA C 521 48.66 65.38 20.98
C ALA C 521 49.43 65.05 22.26
N GLY C 522 49.82 66.11 22.97
CA GLY C 522 50.59 65.95 24.18
C GLY C 522 52.05 65.67 23.89
N GLU C 523 52.33 64.46 23.42
CA GLU C 523 53.66 64.07 23.00
C GLU C 523 53.74 64.14 21.47
N SER C 524 54.83 63.61 20.93
CA SER C 524 55.00 63.47 19.49
C SER C 524 55.49 62.07 19.18
N LEU C 525 54.66 61.28 18.50
CA LEU C 525 55.07 59.98 17.98
C LEU C 525 55.30 60.05 16.48
N GLY C 526 55.37 61.26 15.93
CA GLY C 526 55.57 61.45 14.51
C GLY C 526 54.55 62.38 13.89
N THR C 527 54.91 63.00 12.77
CA THR C 527 53.99 63.86 12.02
C THR C 527 53.01 62.96 11.28
N GLY C 528 51.98 62.53 12.01
CA GLY C 528 51.11 61.49 11.53
C GLY C 528 50.16 61.95 10.44
N LEU C 529 49.70 60.97 9.66
CA LEU C 529 48.65 61.18 8.68
C LEU C 529 47.59 60.10 8.87
N TRP C 530 46.66 60.05 7.93
CA TRP C 530 45.50 59.18 8.04
C TRP C 530 45.72 57.91 7.25
N VAL C 531 45.75 56.77 7.94
CA VAL C 531 46.32 55.54 7.42
C VAL C 531 45.34 54.40 7.71
N GLY C 532 45.66 53.21 7.24
CA GLY C 532 44.87 52.03 7.50
C GLY C 532 45.50 51.16 8.58
N ASP C 533 44.78 51.01 9.69
CA ASP C 533 45.22 50.14 10.77
C ASP C 533 44.23 49.01 11.02
N TYR C 534 43.19 48.88 10.20
CA TYR C 534 42.21 47.82 10.41
C TYR C 534 42.75 46.54 9.80
N VAL C 535 43.55 45.83 10.58
CA VAL C 535 44.03 44.50 10.24
C VAL C 535 43.59 43.59 11.37
N ALA C 536 42.50 42.85 11.17
CA ALA C 536 42.00 41.94 12.20
C ALA C 536 42.97 40.78 12.43
N GLN C 537 43.36 40.10 11.36
CA GLN C 537 44.44 39.13 11.41
C GLN C 537 45.33 39.36 10.19
N MET C 538 46.57 38.87 10.29
CA MET C 538 47.63 39.29 9.39
C MET C 538 47.42 38.78 7.97
N GLU C 539 47.32 37.47 7.81
CA GLU C 539 47.30 36.88 6.48
C GLU C 539 45.87 36.64 6.01
N PHE C 540 45.72 36.48 4.69
CA PHE C 540 44.41 36.35 4.09
C PHE C 540 43.73 35.04 4.44
N GLY C 541 44.52 34.03 4.82
CA GLY C 541 43.96 32.72 5.12
C GLY C 541 43.25 32.64 6.44
N ASP C 542 43.40 33.63 7.32
CA ASP C 542 42.79 33.56 8.63
C ASP C 542 41.33 34.00 8.65
N TYR C 543 40.76 34.38 7.50
CA TYR C 543 39.36 34.76 7.45
C TYR C 543 38.51 33.73 6.68
N VAL C 544 39.04 32.54 6.48
CA VAL C 544 38.26 31.43 5.94
C VAL C 544 38.48 30.22 6.84
N LYS C 545 39.18 30.42 7.94
CA LYS C 545 39.54 29.34 8.84
C LYS C 545 38.63 29.23 10.05
N ARG C 546 37.58 30.05 10.12
CA ARG C 546 36.79 30.13 11.35
C ARG C 546 35.30 30.02 11.05
N ALA C 547 34.91 30.38 9.83
CA ALA C 547 33.52 30.68 9.49
C ALA C 547 32.66 29.43 9.54
N SER C 548 31.78 29.36 10.54
CA SER C 548 30.69 28.41 10.54
C SER C 548 29.73 28.77 9.42
N GLY C 549 29.57 27.86 8.47
CA GLY C 549 28.98 28.16 7.20
C GLY C 549 29.96 27.91 6.07
N ILE C 550 29.83 28.70 5.02
CA ILE C 550 30.80 28.61 3.93
C ILE C 550 32.11 29.25 4.38
N ALA C 551 33.20 28.84 3.74
CA ALA C 551 34.51 29.45 3.99
C ALA C 551 34.97 30.09 2.68
N ARG C 552 34.65 31.37 2.52
CA ARG C 552 34.89 32.08 1.28
C ARG C 552 35.43 33.46 1.60
N LEU C 553 36.57 33.79 1.02
CA LEU C 553 37.15 35.11 1.24
C LEU C 553 36.40 36.12 0.39
N GLY C 554 35.74 37.09 1.04
CA GLY C 554 34.92 38.05 0.35
C GLY C 554 35.69 39.31 0.02
N VAL C 555 35.50 39.80 -1.19
CA VAL C 555 36.20 40.98 -1.69
C VAL C 555 35.22 42.15 -1.66
N LEU C 556 35.75 43.38 -1.53
CA LEU C 556 34.93 44.59 -1.61
C LEU C 556 35.75 45.72 -2.20
N ARG C 557 35.27 46.28 -3.30
CA ARG C 557 35.80 47.54 -3.80
C ARG C 557 34.63 48.46 -4.10
N LEU C 558 34.86 49.75 -3.86
CA LEU C 558 33.80 50.75 -3.86
C LEU C 558 34.42 52.12 -4.09
N ASP C 559 33.97 52.81 -5.13
CA ASP C 559 34.44 54.14 -5.42
C ASP C 559 33.25 55.08 -5.51
N VAL C 560 33.41 56.27 -4.92
CA VAL C 560 32.39 57.31 -4.98
C VAL C 560 32.31 57.81 -6.41
N ASP C 561 31.09 57.86 -6.94
CA ASP C 561 30.90 58.20 -8.34
C ASP C 561 31.16 59.68 -8.58
N ASN C 562 31.52 59.99 -9.83
CA ASN C 562 31.47 61.33 -10.42
C ASN C 562 32.41 62.32 -9.71
N LEU C 563 33.51 61.83 -9.13
CA LEU C 563 34.36 62.68 -8.31
C LEU C 563 35.22 63.64 -9.13
N GLY C 564 35.21 63.54 -10.46
CA GLY C 564 35.78 64.59 -11.28
C GLY C 564 34.92 65.83 -11.36
N GLN C 565 33.61 65.66 -11.18
CA GLN C 565 32.67 66.76 -11.08
C GLN C 565 32.43 67.19 -9.65
N ALA C 566 33.40 66.99 -8.76
CA ALA C 566 33.21 67.31 -7.35
C ALA C 566 33.20 68.81 -7.12
N PHE C 567 34.02 69.55 -7.87
CA PHE C 567 34.10 70.99 -7.73
C PHE C 567 33.95 71.73 -9.04
N THR C 568 34.20 71.06 -10.18
CA THR C 568 34.07 71.73 -11.46
C THR C 568 32.61 72.02 -11.79
N HIS C 569 31.70 71.14 -11.39
CA HIS C 569 30.29 71.37 -11.64
C HIS C 569 29.44 70.93 -10.45
N GLY C 570 30.00 70.99 -9.25
CA GLY C 570 29.27 70.60 -8.05
C GLY C 570 28.86 71.78 -7.19
N PHE C 571 29.26 72.98 -7.61
CA PHE C 571 28.88 74.22 -6.94
C PHE C 571 28.04 75.13 -7.81
N MET C 572 28.03 74.93 -9.12
CA MET C 572 27.51 75.92 -10.08
C MET C 572 26.14 75.54 -10.63
N LYS C 573 25.30 74.90 -9.83
CA LYS C 573 23.92 74.66 -10.20
C LYS C 573 22.92 75.35 -9.27
N GLN C 574 23.38 75.88 -8.13
CA GLN C 574 22.51 76.56 -7.16
C GLN C 574 23.16 77.88 -6.81
N GLY C 575 22.51 78.98 -7.17
CA GLY C 575 23.04 80.30 -6.90
C GLY C 575 23.99 80.82 -7.95
N ASN C 576 24.09 80.15 -9.11
CA ASN C 576 24.93 80.53 -10.24
C ASN C 576 26.40 80.63 -9.87
N GLY C 577 26.83 79.85 -8.89
CA GLY C 577 28.24 79.54 -8.70
C GLY C 577 29.12 80.64 -8.18
N LYS C 578 28.63 81.46 -7.26
CA LYS C 578 29.53 82.40 -6.59
C LYS C 578 30.32 81.74 -5.47
N PHE C 579 29.97 80.51 -5.11
CA PHE C 579 30.53 79.84 -3.94
C PHE C 579 31.82 79.09 -4.26
N ASN C 580 32.30 79.15 -5.50
CA ASN C 580 33.50 78.42 -5.89
C ASN C 580 34.71 79.12 -5.30
N THR C 581 35.26 78.58 -4.22
CA THR C 581 36.45 79.15 -3.64
C THR C 581 37.27 78.04 -3.01
N ILE C 582 38.51 78.38 -2.67
CA ILE C 582 39.48 77.36 -2.27
C ILE C 582 39.19 76.83 -0.87
N SER C 583 38.71 77.67 0.02
CA SER C 583 38.41 77.17 1.36
C SER C 583 37.11 76.40 1.40
N ARG C 584 36.21 76.62 0.45
CA ARG C 584 35.00 75.82 0.35
C ARG C 584 35.21 74.53 -0.43
N THR C 585 36.30 74.41 -1.18
CA THR C 585 36.60 73.18 -1.91
C THR C 585 37.71 72.36 -1.25
N ALA C 586 38.42 72.90 -0.27
CA ALA C 586 39.37 72.11 0.49
C ALA C 586 38.74 71.56 1.76
N ALA C 587 37.42 71.64 1.88
CA ALA C 587 36.71 71.20 3.08
C ALA C 587 36.19 69.78 2.95
N PHE C 588 35.50 69.47 1.83
CA PHE C 588 35.05 68.11 1.61
C PHE C 588 36.22 67.18 1.31
N SER C 589 37.32 67.73 0.81
CA SER C 589 38.57 67.00 0.70
C SER C 589 39.40 67.07 1.98
N ARG C 590 38.86 67.67 3.04
CA ARG C 590 39.38 67.49 4.37
C ARG C 590 38.49 66.60 5.23
N MET C 591 37.25 66.37 4.80
CA MET C 591 36.38 65.40 5.44
C MET C 591 36.50 64.01 4.85
N LEU C 592 36.76 63.91 3.54
CA LEU C 592 37.03 62.62 2.91
C LEU C 592 38.34 62.01 3.36
N SER C 593 39.25 62.82 3.92
CA SER C 593 40.45 62.32 4.58
C SER C 593 40.18 61.86 6.01
N LEU C 594 38.91 61.79 6.41
CA LEU C 594 38.51 61.21 7.67
C LEU C 594 37.45 60.13 7.53
N PHE C 595 36.51 60.32 6.58
CA PHE C 595 35.51 59.31 6.29
C PHE C 595 36.15 58.04 5.76
N PHE C 596 36.89 58.17 4.66
CA PHE C 596 37.54 57.04 4.04
C PHE C 596 38.92 56.75 4.58
N ARG C 597 39.30 57.36 5.71
CA ARG C 597 40.63 57.09 6.21
C ARG C 597 40.65 56.86 7.72
N GLN C 598 39.68 57.40 8.45
CA GLN C 598 39.60 57.16 9.88
C GLN C 598 38.22 56.74 10.35
N HIS C 599 37.15 57.31 9.78
CA HIS C 599 35.80 56.95 10.17
C HIS C 599 35.40 55.54 9.75
N ILE C 600 36.15 54.94 8.82
CA ILE C 600 35.91 53.55 8.49
C ILE C 600 36.41 52.62 9.58
N ASN C 601 37.30 53.08 10.46
CA ASN C 601 37.69 52.27 11.61
C ASN C 601 36.56 52.16 12.63
N TYR C 602 35.65 53.14 12.68
CA TYR C 602 34.51 53.01 13.58
C TYR C 602 33.51 51.99 13.03
N VAL C 603 33.19 52.08 11.74
CA VAL C 603 32.17 51.22 11.15
C VAL C 603 32.65 49.79 10.96
N LEU C 604 33.94 49.55 11.20
CA LEU C 604 34.51 48.21 11.13
C LEU C 604 34.83 47.62 12.50
N LYS C 605 35.42 48.40 13.41
CA LYS C 605 35.82 47.84 14.71
C LYS C 605 34.60 47.56 15.58
N HIS C 606 33.60 48.44 15.54
CA HIS C 606 32.34 48.21 16.25
C HIS C 606 31.21 48.58 15.31
N PRO C 607 30.63 47.61 14.62
CA PRO C 607 29.60 47.90 13.62
C PRO C 607 28.21 47.94 14.28
N LYS C 608 27.22 48.19 13.44
CA LYS C 608 25.83 48.22 13.88
C LYS C 608 24.98 47.13 13.23
N LEU C 609 24.90 47.11 11.91
CA LEU C 609 23.94 46.26 11.22
C LEU C 609 24.49 44.84 11.12
N ARG C 610 23.68 43.86 11.51
CA ARG C 610 24.08 42.45 11.53
C ARG C 610 22.92 41.54 11.15
N PRO C 611 22.49 41.57 9.89
CA PRO C 611 21.36 40.72 9.49
C PRO C 611 21.72 39.29 9.12
N LEU C 612 22.99 38.99 8.87
CA LEU C 612 23.45 37.61 8.70
C LEU C 612 23.98 37.02 9.98
N THR C 613 24.93 37.69 10.62
CA THR C 613 25.55 37.12 11.81
C THR C 613 24.68 37.35 13.05
N GLY C 614 24.47 38.61 13.42
CA GLY C 614 23.68 38.92 14.59
C GLY C 614 24.35 38.51 15.90
N ASP C 615 23.52 38.46 16.95
CA ASP C 615 23.81 37.92 18.29
C ASP C 615 24.88 38.68 19.07
N ASP C 616 25.42 39.79 18.56
CA ASP C 616 26.31 40.64 19.34
C ASP C 616 26.31 41.99 18.65
N PRO C 617 26.20 43.10 19.38
CA PRO C 617 26.16 44.41 18.72
C PRO C 617 27.52 44.89 18.25
N GLU C 618 28.57 44.60 19.04
CA GLU C 618 29.92 45.03 18.73
C GLU C 618 30.85 43.85 18.45
N ARG C 619 30.32 42.79 17.85
CA ARG C 619 31.18 41.80 17.24
C ARG C 619 31.93 42.44 16.08
N SER C 620 33.26 42.50 16.19
CA SER C 620 34.06 43.28 15.27
C SER C 620 34.04 42.67 13.88
N ARG C 621 34.16 43.52 12.87
CA ARG C 621 34.25 43.04 11.50
C ARG C 621 35.58 42.32 11.30
N ARG C 622 35.52 41.09 10.82
CA ARG C 622 36.71 40.28 10.62
C ARG C 622 37.37 40.53 9.26
N ALA C 623 36.99 41.61 8.58
CA ALA C 623 37.57 41.93 7.30
C ALA C 623 38.85 42.73 7.49
N THR C 624 39.47 43.13 6.38
CA THR C 624 40.68 43.93 6.43
C THR C 624 40.70 44.83 5.21
N ILE C 625 40.85 46.13 5.45
CA ILE C 625 40.84 47.10 4.38
C ILE C 625 42.23 47.17 3.74
N ILE C 626 42.26 47.17 2.41
CA ILE C 626 43.52 47.20 1.69
C ILE C 626 44.14 48.59 1.76
N TYR C 627 43.42 49.59 1.24
CA TYR C 627 43.85 50.97 1.40
C TYR C 627 42.66 51.83 1.76
N SER C 628 42.71 52.43 2.93
CA SER C 628 41.78 53.47 3.35
C SER C 628 42.33 54.76 2.79
N GLY C 629 41.79 55.20 1.67
CA GLY C 629 42.22 56.46 1.14
C GLY C 629 41.40 56.96 -0.01
N GLY C 630 40.94 58.21 0.11
CA GLY C 630 40.42 58.95 -1.03
C GLY C 630 39.15 58.38 -1.62
N ASP C 631 39.16 58.28 -2.95
CA ASP C 631 37.96 57.98 -3.70
C ASP C 631 37.54 56.53 -3.55
N ASP C 632 38.51 55.64 -3.40
CA ASP C 632 38.29 54.21 -3.52
C ASP C 632 38.64 53.50 -2.24
N VAL C 633 37.72 52.67 -1.76
CA VAL C 633 37.95 51.81 -0.61
C VAL C 633 38.03 50.36 -1.10
N PHE C 634 39.00 49.61 -0.58
CA PHE C 634 39.24 48.24 -0.99
C PHE C 634 39.35 47.40 0.27
N VAL C 635 38.38 46.52 0.53
CA VAL C 635 38.36 45.70 1.72
C VAL C 635 38.21 44.26 1.30
N VAL C 636 38.95 43.36 1.96
CA VAL C 636 38.82 41.92 1.73
C VAL C 636 38.77 41.24 3.10
N GLY C 637 37.75 40.42 3.31
CA GLY C 637 37.70 39.55 4.46
C GLY C 637 36.89 38.31 4.16
N ALA C 638 36.27 37.72 5.18
CA ALA C 638 35.24 36.73 4.95
C ALA C 638 34.06 37.37 4.23
N TRP C 639 33.30 36.56 3.50
CA TRP C 639 32.18 37.12 2.76
C TRP C 639 31.06 37.58 3.68
N ASP C 640 31.01 37.07 4.91
CA ASP C 640 29.86 37.32 5.79
C ASP C 640 29.88 38.75 6.30
N ASP C 641 30.98 39.17 6.90
CA ASP C 641 30.98 40.49 7.53
C ASP C 641 31.02 41.60 6.51
N VAL C 642 31.58 41.31 5.33
CA VAL C 642 31.73 42.33 4.31
C VAL C 642 30.37 42.73 3.74
N ILE C 643 29.52 41.74 3.45
CA ILE C 643 28.27 42.02 2.75
C ILE C 643 27.29 42.80 3.64
N GLU C 644 27.41 42.69 4.96
CA GLU C 644 26.65 43.60 5.81
C GLU C 644 27.33 44.96 5.92
N PHE C 645 28.64 44.96 6.13
CA PHE C 645 29.39 46.21 6.28
C PHE C 645 29.42 47.01 4.98
N GLY C 646 29.41 46.32 3.83
CA GLY C 646 29.41 46.99 2.54
C GLY C 646 28.16 47.79 2.26
N ILE C 647 27.06 47.47 2.92
CA ILE C 647 25.92 48.36 2.96
C ILE C 647 26.01 49.31 4.14
N GLU C 648 26.58 48.84 5.26
CA GLU C 648 26.60 49.60 6.50
C GLU C 648 27.47 50.84 6.38
N LEU C 649 28.61 50.72 5.69
CA LEU C 649 29.44 51.90 5.43
C LEU C 649 28.72 52.88 4.54
N ARG C 650 27.95 52.38 3.56
CA ARG C 650 27.11 53.26 2.76
C ARG C 650 25.99 53.89 3.58
N GLU C 651 25.59 53.27 4.68
CA GLU C 651 24.68 53.93 5.60
C GLU C 651 25.42 54.75 6.65
N ARG C 652 26.72 54.96 6.46
CA ARG C 652 27.40 56.12 7.00
C ARG C 652 27.80 57.09 5.89
N PHE C 653 27.39 56.83 4.66
CA PHE C 653 27.64 57.70 3.52
C PHE C 653 26.39 58.49 3.13
N HIS C 654 25.21 57.89 3.19
CA HIS C 654 24.00 58.64 2.88
C HIS C 654 23.55 59.53 4.03
N GLU C 655 24.29 59.54 5.13
CA GLU C 655 24.10 60.48 6.23
C GLU C 655 25.05 61.67 6.17
N PHE C 656 25.92 61.75 5.17
CA PHE C 656 26.78 62.91 4.97
C PHE C 656 26.34 63.70 3.75
N THR C 657 26.29 63.07 2.58
CA THR C 657 25.83 63.77 1.38
C THR C 657 24.33 63.98 1.40
N GLN C 658 23.61 63.09 2.10
CA GLN C 658 22.17 63.19 2.36
C GLN C 658 21.35 63.24 1.07
N GLY C 659 21.83 62.55 0.04
CA GLY C 659 21.07 62.42 -1.19
C GLY C 659 21.62 63.14 -2.40
N LYS C 660 22.90 63.49 -2.41
CA LYS C 660 23.49 64.18 -3.54
C LYS C 660 24.61 63.38 -4.20
N LEU C 661 25.58 62.89 -3.41
CA LEU C 661 26.63 62.04 -3.94
C LEU C 661 26.17 60.59 -3.98
N THR C 662 26.49 59.92 -5.08
CA THR C 662 26.12 58.53 -5.32
C THR C 662 27.34 57.62 -5.32
N VAL C 663 27.09 56.34 -5.01
CA VAL C 663 28.12 55.32 -5.03
C VAL C 663 27.58 54.08 -5.73
N SER C 664 28.51 53.22 -6.14
CA SER C 664 28.23 51.86 -6.55
C SER C 664 29.40 51.00 -6.10
N ALA C 665 29.08 49.88 -5.48
CA ALA C 665 30.08 49.02 -4.86
C ALA C 665 30.24 47.74 -5.66
N GLY C 666 31.06 46.83 -5.14
CA GLY C 666 31.19 45.50 -5.68
C GLY C 666 31.62 44.53 -4.60
N ILE C 667 30.88 43.44 -4.44
CA ILE C 667 31.19 42.42 -3.45
C ILE C 667 31.11 41.05 -4.11
N GLY C 668 32.21 40.31 -4.07
CA GLY C 668 32.21 38.92 -4.50
C GLY C 668 32.81 38.02 -3.44
N MET C 669 32.53 36.73 -3.58
CA MET C 669 33.06 35.72 -2.67
C MET C 669 33.99 34.78 -3.43
N PHE C 670 35.16 34.52 -2.85
CA PHE C 670 36.21 33.75 -3.50
C PHE C 670 36.86 32.82 -2.49
N PRO C 671 37.42 31.69 -2.93
CA PRO C 671 38.17 30.83 -2.00
C PRO C 671 39.50 31.44 -1.55
N ASP C 672 40.26 30.71 -0.73
CA ASP C 672 41.43 31.33 -0.07
C ASP C 672 42.60 31.49 -1.03
N LYS C 673 42.93 30.43 -1.77
CA LYS C 673 44.11 30.42 -2.63
C LYS C 673 43.85 31.01 -4.00
N TYR C 674 42.85 31.85 -4.12
CA TYR C 674 42.48 32.43 -5.40
C TYR C 674 43.47 33.54 -5.74
N PRO C 675 43.87 33.68 -7.00
CA PRO C 675 44.89 34.65 -7.35
C PRO C 675 44.35 36.07 -7.42
N ILE C 676 45.27 37.03 -7.30
CA ILE C 676 44.86 38.42 -7.21
C ILE C 676 44.53 38.99 -8.58
N SER C 677 45.15 38.49 -9.64
CA SER C 677 44.97 39.11 -10.95
C SER C 677 43.60 38.87 -11.56
N VAL C 678 42.82 37.94 -11.02
CA VAL C 678 41.41 37.84 -11.30
C VAL C 678 40.56 38.00 -10.06
N MET C 679 41.15 38.46 -8.95
CA MET C 679 40.40 38.99 -7.83
C MET C 679 40.19 40.49 -7.96
N ALA C 680 40.60 41.10 -9.07
CA ALA C 680 40.34 42.50 -9.32
C ALA C 680 39.97 42.78 -10.76
N ARG C 681 39.82 41.76 -11.60
CA ARG C 681 39.33 41.92 -12.95
C ARG C 681 37.88 41.47 -13.08
N GLU C 682 37.34 40.78 -12.08
CA GLU C 682 35.95 40.38 -12.05
C GLU C 682 35.13 41.23 -11.08
N VAL C 683 35.70 41.61 -9.93
CA VAL C 683 35.05 42.60 -9.08
C VAL C 683 35.18 44.00 -9.65
N GLY C 684 35.96 44.17 -10.72
CA GLY C 684 35.89 45.30 -11.60
C GLY C 684 34.79 45.23 -12.63
N ASP C 685 33.92 44.23 -12.53
CA ASP C 685 32.61 44.27 -13.18
C ASP C 685 31.48 44.48 -12.20
N LEU C 686 31.70 44.24 -10.91
CA LEU C 686 30.62 44.40 -9.94
C LEU C 686 30.45 45.85 -9.52
N GLU C 687 31.52 46.65 -9.48
CA GLU C 687 31.34 48.09 -9.57
C GLU C 687 31.51 48.58 -11.00
N GLY C 688 31.38 47.68 -11.97
CA GLY C 688 31.41 48.07 -13.36
C GLY C 688 30.05 47.92 -14.00
N ALA C 689 29.15 47.20 -13.35
CA ALA C 689 27.79 47.04 -13.85
C ALA C 689 26.79 47.91 -13.11
N ALA C 690 26.94 48.07 -11.80
CA ALA C 690 26.07 48.96 -11.05
C ALA C 690 26.53 50.40 -11.08
N LYS C 691 27.73 50.67 -11.58
CA LYS C 691 28.06 52.02 -12.02
C LYS C 691 27.42 52.33 -13.36
N SER C 692 26.99 51.32 -14.11
CA SER C 692 26.22 51.51 -15.33
C SER C 692 24.73 51.47 -15.08
N LEU C 693 24.30 51.85 -13.87
CA LEU C 693 22.90 52.00 -13.53
C LEU C 693 22.41 53.38 -13.96
N PRO C 694 21.16 53.48 -14.43
CA PRO C 694 20.63 54.78 -14.83
C PRO C 694 20.50 55.76 -13.69
N GLY C 695 20.29 55.26 -12.47
CA GLY C 695 20.31 56.09 -11.29
C GLY C 695 21.64 56.14 -10.59
N LYS C 696 22.57 55.25 -10.95
CA LYS C 696 23.98 55.24 -10.52
C LYS C 696 24.17 54.95 -9.03
N ASN C 697 23.11 54.75 -8.27
CA ASN C 697 23.22 54.51 -6.83
C ASN C 697 22.72 53.11 -6.60
N GLY C 698 23.62 52.15 -6.72
CA GLY C 698 23.23 50.78 -6.59
C GLY C 698 24.36 49.92 -6.12
N VAL C 699 24.22 48.63 -6.39
CA VAL C 699 25.19 47.63 -5.97
C VAL C 699 24.97 46.42 -6.88
N ALA C 700 26.00 45.60 -7.02
CA ALA C 700 25.89 44.37 -7.78
C ALA C 700 26.57 43.28 -6.97
N LEU C 701 25.82 42.23 -6.67
CA LEU C 701 26.33 41.10 -5.90
C LEU C 701 26.54 39.91 -6.82
N PHE C 702 27.75 39.37 -6.79
CA PHE C 702 28.08 38.01 -7.21
C PHE C 702 28.03 37.79 -8.71
N ASP C 703 27.51 38.73 -9.49
CA ASP C 703 27.29 38.55 -10.91
C ASP C 703 26.85 39.88 -11.50
N PRO C 704 26.99 40.07 -12.81
CA PRO C 704 26.40 41.24 -13.45
C PRO C 704 24.89 41.19 -13.64
N GLU C 705 24.23 40.05 -13.42
CA GLU C 705 22.77 40.07 -13.55
C GLU C 705 22.06 40.44 -12.26
N PHE C 706 22.68 40.23 -11.11
CA PHE C 706 22.23 40.88 -9.88
C PHE C 706 22.83 42.27 -9.88
N THR C 707 22.01 43.27 -10.22
CA THR C 707 22.39 44.68 -10.10
C THR C 707 21.23 45.40 -9.42
N PHE C 708 21.40 45.74 -8.15
CA PHE C 708 20.30 46.23 -7.35
C PHE C 708 20.62 47.59 -6.76
N ARG C 709 19.58 48.39 -6.58
CA ARG C 709 19.74 49.70 -5.96
C ARG C 709 20.05 49.55 -4.49
N TRP C 710 20.59 50.62 -3.89
CA TRP C 710 20.90 50.59 -2.47
C TRP C 710 19.64 50.51 -1.63
N ASP C 711 18.53 51.07 -2.13
CA ASP C 711 17.26 50.97 -1.45
C ASP C 711 16.55 49.66 -1.73
N GLU C 712 16.91 48.99 -2.83
CA GLU C 712 16.36 47.69 -3.15
C GLU C 712 17.09 46.55 -2.47
N LEU C 713 18.18 46.83 -1.77
CA LEU C 713 18.99 45.73 -1.26
C LEU C 713 18.76 45.49 0.23
N LEU C 714 18.90 46.52 1.06
CA LEU C 714 18.71 46.30 2.48
C LEU C 714 17.24 46.13 2.85
N SER C 715 16.33 46.62 2.01
CA SER C 715 14.91 46.49 2.31
C SER C 715 14.29 45.27 1.64
N LYS C 716 14.36 45.19 0.32
CA LYS C 716 13.63 44.15 -0.42
C LYS C 716 14.31 42.80 -0.29
N VAL C 717 15.63 42.75 -0.38
CA VAL C 717 16.32 41.47 -0.38
C VAL C 717 16.44 40.91 1.03
N ILE C 718 17.16 41.61 1.90
CA ILE C 718 17.47 41.03 3.21
C ILE C 718 16.29 41.15 4.15
N GLU C 719 15.87 42.37 4.45
CA GLU C 719 14.90 42.56 5.50
C GLU C 719 13.47 42.21 5.09
N GLU C 720 13.20 42.03 3.80
CA GLU C 720 11.91 41.49 3.39
C GLU C 720 12.02 40.00 3.07
N LYS C 721 12.93 39.64 2.15
CA LYS C 721 12.91 38.28 1.64
C LYS C 721 13.85 37.35 2.40
N TYR C 722 15.05 37.79 2.77
CA TYR C 722 15.88 36.95 3.63
C TYR C 722 15.35 36.95 5.06
N ARG C 723 14.70 38.03 5.48
CA ARG C 723 14.03 38.04 6.77
C ARG C 723 12.63 37.42 6.70
N HIS C 724 12.33 36.71 5.63
CA HIS C 724 11.18 35.82 5.53
C HIS C 724 11.59 34.35 5.61
N ILE C 725 12.70 33.99 4.98
CA ILE C 725 13.02 32.58 4.73
C ILE C 725 13.54 31.90 5.98
N ALA C 726 14.64 32.39 6.54
CA ALA C 726 15.31 31.71 7.64
C ALA C 726 14.66 31.98 8.99
N ASP C 727 13.50 32.63 9.01
CA ASP C 727 12.82 32.98 10.24
C ASP C 727 11.68 32.04 10.59
N TYR C 728 11.06 31.39 9.59
CA TYR C 728 10.07 30.36 9.91
C TYR C 728 10.74 29.13 10.51
N PHE C 729 11.97 28.86 10.11
CA PHE C 729 12.77 27.92 10.87
C PHE C 729 13.98 28.64 11.42
N ARG C 730 13.73 29.80 12.02
CA ARG C 730 14.67 30.36 12.98
C ARG C 730 14.82 29.43 14.17
N CYS C 731 13.71 28.97 14.71
CA CYS C 731 13.74 28.06 15.86
C CYS C 731 14.32 26.70 15.48
N ASN C 732 14.15 26.28 14.24
CA ASN C 732 14.81 25.08 13.73
C ASN C 732 15.88 25.59 12.76
N GLU C 733 17.00 26.03 13.34
CA GLU C 733 18.02 26.74 12.60
C GLU C 733 18.85 25.83 11.71
N GLU C 734 18.84 24.53 11.97
CA GLU C 734 19.65 23.57 11.25
C GLU C 734 18.86 22.82 10.19
N ARG C 735 17.70 23.34 9.79
CA ARG C 735 16.79 22.67 8.88
C ARG C 735 17.40 22.56 7.48
N GLY C 736 16.69 21.90 6.57
CA GLY C 736 17.25 21.64 5.26
C GLY C 736 17.45 22.86 4.40
N MET C 737 18.70 23.29 4.31
CA MET C 737 19.19 24.02 3.16
C MET C 737 19.44 23.09 1.99
N ALA C 738 19.43 21.79 2.26
CA ALA C 738 19.21 20.76 1.25
C ALA C 738 17.79 20.77 0.72
N PHE C 739 16.89 21.54 1.32
CA PHE C 739 15.66 21.82 0.60
C PHE C 739 15.76 23.07 -0.24
N ILE C 740 16.49 24.10 0.22
CA ILE C 740 16.37 25.39 -0.43
C ILE C 740 17.17 25.51 -1.71
N TYR C 741 18.08 24.58 -1.99
CA TYR C 741 18.72 24.61 -3.29
C TYR C 741 17.92 23.88 -4.35
N LYS C 742 16.78 23.29 -3.97
CA LYS C 742 15.78 22.95 -4.96
C LYS C 742 15.13 24.21 -5.49
N LEU C 743 14.95 25.21 -4.62
CA LEU C 743 14.08 26.35 -4.89
C LEU C 743 14.57 27.19 -6.06
N LEU C 744 15.84 27.58 -6.06
CA LEU C 744 16.30 28.49 -7.09
C LEU C 744 16.67 27.79 -8.38
N GLU C 745 16.36 26.51 -8.52
CA GLU C 745 16.22 25.97 -9.86
C GLU C 745 14.99 26.56 -10.53
N LEU C 746 13.91 26.69 -9.77
CA LEU C 746 12.64 27.10 -10.35
C LEU C 746 12.66 28.56 -10.77
N LEU C 747 13.38 29.40 -10.04
CA LEU C 747 13.52 30.80 -10.41
C LEU C 747 14.39 30.97 -11.65
N ASP C 748 15.11 29.95 -12.08
CA ASP C 748 15.75 30.00 -13.38
C ASP C 748 14.82 29.51 -14.48
N GLN C 749 13.93 28.58 -14.17
CA GLN C 749 12.93 28.11 -15.12
C GLN C 749 11.59 28.79 -14.92
N ARG C 750 11.59 30.03 -14.42
CA ARG C 750 10.34 30.74 -14.12
C ARG C 750 9.56 31.09 -15.37
N GLY C 751 10.20 31.07 -16.54
CA GLY C 751 9.55 31.34 -17.81
C GLY C 751 8.94 30.11 -18.43
N ASP C 752 8.44 29.21 -17.60
CA ASP C 752 7.62 28.10 -18.05
C ASP C 752 6.41 27.99 -17.14
N ARG C 753 5.34 27.45 -17.70
CA ARG C 753 4.03 27.57 -17.07
C ARG C 753 3.88 26.64 -15.88
N ILE C 754 4.43 25.43 -15.95
CA ILE C 754 4.15 24.45 -14.90
C ILE C 754 5.03 24.69 -13.70
N THR C 755 6.02 25.57 -13.82
CA THR C 755 6.85 25.95 -12.66
C THR C 755 6.04 26.69 -11.61
N GLU C 756 4.91 27.29 -11.99
CA GLU C 756 3.94 27.75 -11.01
C GLU C 756 3.40 26.59 -10.21
N ALA C 757 3.09 25.47 -10.87
CA ALA C 757 2.54 24.32 -10.17
C ALA C 757 3.58 23.67 -9.27
N ARG C 758 4.81 23.53 -9.76
CA ARG C 758 5.88 22.98 -8.95
C ARG C 758 6.33 23.91 -7.85
N TRP C 759 5.99 25.19 -7.95
CA TRP C 759 6.36 26.12 -6.89
C TRP C 759 5.56 25.87 -5.63
N VAL C 760 4.24 25.83 -5.75
CA VAL C 760 3.39 25.56 -4.60
C VAL C 760 3.51 24.11 -4.16
N TYR C 761 3.88 23.21 -5.09
CA TYR C 761 4.05 21.79 -4.78
C TYR C 761 5.10 21.60 -3.71
N PHE C 762 6.30 22.14 -3.95
CA PHE C 762 7.39 22.02 -2.99
C PHE C 762 7.16 22.87 -1.76
N LEU C 763 6.33 23.89 -1.85
CA LEU C 763 6.11 24.79 -0.71
C LEU C 763 5.41 24.07 0.43
N MET C 764 4.30 23.40 0.14
CA MET C 764 3.63 22.59 1.16
C MET C 764 4.14 21.17 1.20
N ARG C 765 5.38 20.95 0.77
CA ARG C 765 6.15 19.76 1.12
C ARG C 765 7.03 20.01 2.33
N MET C 766 6.60 20.89 3.24
CA MET C 766 7.34 21.16 4.45
C MET C 766 6.50 21.07 5.73
N ARG C 767 5.19 21.27 5.65
CA ARG C 767 4.34 21.23 6.84
C ARG C 767 3.76 19.82 7.01
N GLY C 768 3.05 19.63 8.13
CA GLY C 768 2.53 18.34 8.49
C GLY C 768 2.22 18.28 9.98
N PRO C 769 2.29 17.09 10.57
CA PRO C 769 2.04 16.95 12.01
C PRO C 769 3.27 17.02 12.90
N THR C 770 4.44 17.27 12.33
CA THR C 770 5.70 17.28 13.08
C THR C 770 6.30 18.67 13.23
N ASP C 771 5.49 19.71 13.05
CA ASP C 771 5.96 21.08 13.19
C ASP C 771 4.78 21.95 13.60
N ASP C 772 5.08 23.18 14.02
CA ASP C 772 4.06 24.16 14.34
C ASP C 772 3.56 24.81 13.05
N THR C 773 2.33 24.52 12.69
CA THR C 773 1.77 24.99 11.42
C THR C 773 0.73 26.08 11.64
N THR C 774 0.98 26.96 12.60
CA THR C 774 0.12 28.12 12.77
C THR C 774 0.38 29.18 11.71
N ARG C 775 1.58 29.21 11.14
CA ARG C 775 1.96 30.20 10.14
C ARG C 775 2.61 29.49 8.94
N PHE C 776 1.78 28.89 8.12
CA PHE C 776 2.31 28.24 6.93
C PHE C 776 1.56 28.64 5.67
N GLN C 777 0.30 29.01 5.78
CA GLN C 777 -0.44 29.44 4.60
C GLN C 777 0.10 30.74 4.04
N GLN C 778 0.47 31.68 4.92
CA GLN C 778 1.03 32.94 4.46
C GLN C 778 2.51 32.79 4.13
N PHE C 779 3.20 31.84 4.79
CA PHE C 779 4.63 31.65 4.55
C PHE C 779 4.89 31.11 3.18
N ALA C 780 3.95 30.36 2.62
CA ALA C 780 4.04 30.00 1.22
C ALA C 780 3.41 31.04 0.32
N ASN C 781 2.39 31.76 0.80
CA ASN C 781 1.72 32.76 -0.02
C ASN C 781 2.59 33.98 -0.27
N ARG C 782 3.40 34.36 0.71
CA ARG C 782 4.42 35.38 0.47
C ARG C 782 5.39 34.89 -0.59
N LEU C 783 5.81 33.64 -0.48
CA LEU C 783 6.63 33.05 -1.53
C LEU C 783 5.84 32.65 -2.75
N HIS C 784 4.51 32.68 -2.70
CA HIS C 784 3.77 32.43 -3.94
C HIS C 784 3.54 33.70 -4.74
N GLN C 785 3.34 34.83 -4.07
CA GLN C 785 3.14 36.07 -4.80
C GLN C 785 4.45 36.57 -5.41
N TRP C 786 5.58 36.26 -4.78
CA TRP C 786 6.89 36.66 -5.29
C TRP C 786 7.23 35.95 -6.59
N PHE C 787 6.63 34.80 -6.84
CA PHE C 787 6.99 33.97 -7.98
C PHE C 787 6.57 34.60 -9.30
N GLN C 788 5.36 35.19 -9.35
CA GLN C 788 4.78 35.54 -10.64
C GLN C 788 5.42 36.77 -11.25
N ASP C 789 5.89 37.70 -10.44
CA ASP C 789 6.41 38.95 -10.97
C ASP C 789 7.82 38.78 -11.51
N PRO C 790 8.12 39.32 -12.69
CA PRO C 790 9.44 39.15 -13.30
C PRO C 790 10.54 39.99 -12.68
N SER C 791 10.30 40.67 -11.56
CA SER C 791 11.36 41.31 -10.80
C SER C 791 11.28 41.07 -9.31
N ASP C 792 10.18 40.51 -8.80
CA ASP C 792 10.10 40.20 -7.37
C ASP C 792 11.03 39.05 -7.01
N ALA C 793 11.16 38.08 -7.92
CA ALA C 793 12.05 36.96 -7.65
C ALA C 793 13.50 37.30 -7.89
N LYS C 794 13.77 38.39 -8.63
CA LYS C 794 15.13 38.85 -8.82
C LYS C 794 15.77 39.20 -7.49
N GLN C 795 15.01 39.84 -6.59
CA GLN C 795 15.49 40.05 -5.23
C GLN C 795 15.55 38.75 -4.46
N LEU C 796 14.70 37.78 -4.82
CA LEU C 796 14.55 36.57 -4.02
C LEU C 796 15.74 35.64 -4.15
N LYS C 797 16.32 35.56 -5.37
CA LYS C 797 17.44 34.66 -5.63
C LYS C 797 18.62 35.00 -4.73
N THR C 798 18.85 36.28 -4.51
CA THR C 798 19.90 36.71 -3.59
C THR C 798 19.56 36.40 -2.15
N ALA C 799 18.27 36.45 -1.80
CA ALA C 799 17.86 36.09 -0.44
C ALA C 799 18.03 34.60 -0.19
N LEU C 800 17.75 33.78 -1.21
CA LEU C 800 18.02 32.35 -1.07
C LEU C 800 19.51 32.09 -0.99
N HIS C 801 20.31 32.83 -1.77
CA HIS C 801 21.75 32.61 -1.79
C HIS C 801 22.39 32.96 -0.46
N LEU C 802 21.81 33.91 0.27
CA LEU C 802 22.40 34.31 1.54
C LEU C 802 22.31 33.21 2.58
N TYR C 803 21.25 32.41 2.57
CA TYR C 803 21.10 31.43 3.62
C TYR C 803 21.93 30.18 3.33
N ILE C 804 22.02 29.79 2.07
CA ILE C 804 22.82 28.62 1.71
C ILE C 804 24.30 28.93 1.84
N TYR C 805 24.70 30.18 1.62
CA TYR C 805 26.07 30.58 1.82
C TYR C 805 26.34 30.99 3.25
N ARG C 806 25.30 31.19 4.06
CA ARG C 806 25.53 31.31 5.49
C ARG C 806 25.74 29.97 6.16
N ASN C 807 25.37 28.88 5.50
CA ASN C 807 25.50 27.56 6.09
C ASN C 807 26.04 26.56 5.08
N MET D 1 -82.68 -43.88 3.22
CA MET D 1 -81.74 -44.71 2.49
C MET D 1 -81.17 -43.96 1.29
N SER D 2 -80.80 -44.68 0.24
CA SER D 2 -80.33 -44.09 -1.00
C SER D 2 -81.26 -44.49 -2.15
N GLN D 3 -81.01 -43.89 -3.31
CA GLN D 3 -81.89 -44.09 -4.46
C GLN D 3 -81.54 -45.32 -5.28
N TYR D 4 -80.28 -45.77 -5.24
CA TYR D 4 -79.88 -46.99 -5.93
C TYR D 4 -80.08 -48.23 -5.08
N LEU D 5 -80.49 -48.07 -3.82
CA LEU D 5 -80.39 -49.14 -2.85
C LEU D 5 -81.55 -49.11 -1.86
N LYS D 6 -82.21 -50.26 -1.69
CA LYS D 6 -83.30 -50.51 -0.75
C LYS D 6 -82.94 -51.71 0.13
N PRO D 7 -83.53 -51.83 1.32
CA PRO D 7 -83.35 -53.06 2.09
C PRO D 7 -84.39 -54.13 1.74
N PHE D 8 -84.11 -55.35 2.19
CA PHE D 8 -84.91 -56.53 1.91
C PHE D 8 -84.64 -57.56 3.01
N GLU D 9 -85.57 -58.50 3.20
CA GLU D 9 -85.36 -59.59 4.12
C GLU D 9 -85.82 -60.89 3.46
N LEU D 10 -85.64 -62.00 4.17
CA LEU D 10 -86.05 -63.30 3.68
C LEU D 10 -86.28 -64.24 4.87
N THR D 11 -87.07 -65.27 4.62
CA THR D 11 -87.31 -66.32 5.60
C THR D 11 -86.17 -67.33 5.57
N LEU D 12 -85.83 -67.86 6.74
CA LEU D 12 -84.90 -69.00 6.83
C LEU D 12 -85.27 -69.81 8.07
N ARG D 13 -86.12 -70.83 7.87
CA ARG D 13 -86.49 -71.77 8.91
C ARG D 13 -86.00 -73.15 8.48
N CYS D 14 -85.11 -73.73 9.26
CA CYS D 14 -84.63 -75.08 8.96
C CYS D 14 -85.55 -76.11 9.59
N LEU D 15 -85.74 -77.24 8.91
CA LEU D 15 -86.51 -78.35 9.44
C LEU D 15 -85.65 -79.57 9.70
N GLY D 16 -84.68 -79.83 8.83
CA GLY D 16 -83.64 -80.78 9.13
C GLY D 16 -82.44 -80.06 9.71
N PRO D 17 -81.50 -80.81 10.27
CA PRO D 17 -80.35 -80.19 10.94
C PRO D 17 -79.40 -79.53 9.95
N VAL D 18 -78.61 -78.60 10.47
CA VAL D 18 -77.73 -77.76 9.68
C VAL D 18 -76.29 -77.98 10.13
N PHE D 19 -75.45 -78.47 9.21
CA PHE D 19 -74.03 -78.67 9.51
C PHE D 19 -73.19 -78.12 8.37
N ILE D 20 -72.41 -77.08 8.66
CA ILE D 20 -71.42 -76.53 7.75
C ILE D 20 -70.06 -76.76 8.38
N GLY D 21 -69.19 -77.48 7.68
CA GLY D 21 -67.90 -77.81 8.22
C GLY D 21 -66.98 -76.60 8.30
N SER D 22 -66.08 -76.64 9.28
CA SER D 22 -65.16 -75.53 9.50
C SER D 22 -63.75 -76.00 9.83
N GLY D 23 -63.40 -77.23 9.46
CA GLY D 23 -62.06 -77.74 9.71
C GLY D 23 -61.71 -77.96 11.16
N GLU D 24 -62.72 -78.15 12.01
CA GLU D 24 -62.52 -78.30 13.44
C GLU D 24 -63.17 -79.60 13.88
N LYS D 25 -62.52 -80.31 14.81
CA LYS D 25 -62.92 -81.65 15.20
C LYS D 25 -62.91 -81.78 16.72
N ARG D 26 -63.88 -82.53 17.25
CA ARG D 26 -63.96 -82.84 18.67
C ARG D 26 -63.42 -84.25 18.90
N THR D 27 -62.70 -84.44 19.99
CA THR D 27 -61.95 -85.67 20.20
C THR D 27 -61.93 -86.05 21.68
N PRO D 28 -61.87 -87.35 21.99
CA PRO D 28 -61.60 -87.82 23.34
C PRO D 28 -60.11 -87.84 23.66
N TYR D 31 -64.78 -86.22 24.85
CA TYR D 31 -66.22 -86.19 25.08
C TYR D 31 -66.69 -87.49 25.72
N VAL D 32 -67.88 -87.45 26.32
CA VAL D 32 -68.44 -88.60 27.04
C VAL D 32 -69.54 -89.21 26.16
N ALA D 33 -69.29 -90.44 25.69
CA ALA D 33 -70.27 -91.16 24.88
C ALA D 33 -70.93 -92.22 25.76
N SER D 34 -71.94 -91.78 26.51
CA SER D 34 -72.68 -92.64 27.42
C SER D 34 -74.17 -92.63 27.04
N THR D 35 -74.99 -93.21 27.92
CA THR D 35 -76.40 -93.45 27.62
C THR D 35 -77.22 -92.15 27.62
N SER D 36 -77.05 -91.30 28.64
CA SER D 36 -77.91 -90.15 28.80
C SER D 36 -77.19 -88.81 28.79
N MET D 37 -75.87 -88.78 28.92
CA MET D 37 -75.13 -87.53 29.05
C MET D 37 -73.99 -87.49 28.04
N VAL D 38 -73.88 -86.39 27.30
CA VAL D 38 -72.70 -86.07 26.52
C VAL D 38 -72.11 -84.81 27.14
N TYR D 39 -71.21 -85.00 28.09
CA TYR D 39 -70.71 -83.92 28.93
C TYR D 39 -69.56 -83.23 28.20
N PHE D 40 -69.82 -82.02 27.71
CA PHE D 40 -68.79 -81.18 27.12
C PHE D 40 -68.33 -80.17 28.17
N PRO D 41 -67.21 -80.41 28.85
CA PRO D 41 -66.85 -79.58 30.01
C PRO D 41 -65.98 -78.40 29.64
N ASP D 42 -65.62 -77.62 30.67
CA ASP D 42 -64.58 -76.60 30.53
C ASP D 42 -63.22 -77.20 30.82
N MET D 43 -62.31 -77.08 29.85
CA MET D 43 -60.96 -77.61 30.02
C MET D 43 -60.10 -76.74 30.92
N GLU D 44 -60.55 -75.53 31.25
CA GLU D 44 -59.73 -74.61 32.02
C GLU D 44 -59.72 -74.96 33.51
N ARG D 45 -60.73 -75.69 33.97
CA ARG D 45 -60.93 -75.90 35.40
C ARG D 45 -60.32 -77.19 35.92
N LEU D 46 -59.81 -78.05 35.04
CA LEU D 46 -59.29 -79.35 35.45
C LEU D 46 -57.88 -79.28 36.02
N TYR D 47 -57.28 -78.10 36.07
CA TYR D 47 -55.93 -77.93 36.62
C TYR D 47 -55.94 -76.97 37.81
N ALA D 48 -56.99 -77.03 38.64
CA ALA D 48 -57.13 -76.14 39.77
C ALA D 48 -56.98 -76.85 41.12
N ASP D 49 -56.48 -78.09 41.12
CA ASP D 49 -56.22 -78.80 42.37
C ASP D 49 -54.76 -79.24 42.45
N VAL D 50 -53.86 -78.40 41.92
CA VAL D 50 -52.44 -78.72 41.85
C VAL D 50 -51.87 -78.59 43.26
N ALA D 51 -52.38 -77.63 44.01
CA ALA D 51 -51.93 -77.37 45.37
C ALA D 51 -52.48 -78.40 46.35
N SER D 56 -54.06 -82.33 41.29
CA SER D 56 -53.96 -82.55 39.86
C SER D 56 -53.42 -83.93 39.56
N GLU D 57 -53.11 -84.14 38.27
CA GLU D 57 -52.39 -85.32 37.77
C GLU D 57 -53.15 -86.62 38.05
N SER D 58 -54.47 -86.58 37.87
CA SER D 58 -55.24 -87.83 37.94
C SER D 58 -55.29 -88.50 36.57
N PHE D 59 -55.66 -87.74 35.53
CA PHE D 59 -55.70 -88.27 34.18
C PHE D 59 -55.11 -87.33 33.14
N GLU D 60 -54.73 -86.10 33.49
CA GLU D 60 -54.19 -85.16 32.52
C GLU D 60 -52.77 -85.49 32.05
N GLU D 61 -52.18 -86.56 32.55
CA GLU D 61 -51.01 -87.17 31.94
C GLU D 61 -51.36 -88.19 30.87
N PHE D 62 -52.58 -88.74 30.90
CA PHE D 62 -53.03 -89.71 29.91
C PHE D 62 -53.76 -89.04 28.76
N MET D 63 -53.91 -87.72 28.81
CA MET D 63 -54.50 -86.97 27.70
C MET D 63 -53.61 -87.04 26.47
N MET D 64 -52.30 -86.98 26.67
CA MET D 64 -51.38 -87.21 25.56
C MET D 64 -51.36 -88.67 25.16
N ASN D 65 -51.41 -89.57 26.14
CA ASN D 65 -51.10 -90.98 25.93
C ASN D 65 -52.26 -91.66 25.23
N THR D 66 -52.05 -91.99 23.95
CA THR D 66 -52.92 -92.89 23.22
C THR D 66 -52.06 -93.74 22.29
N GLY D 67 -52.63 -94.85 21.83
CA GLY D 67 -51.90 -95.75 20.97
C GLY D 67 -52.80 -96.51 20.02
N LYS D 68 -52.46 -97.76 19.72
CA LYS D 68 -53.31 -98.57 18.85
C LYS D 68 -54.49 -99.08 19.66
N ALA D 69 -55.52 -98.25 19.78
CA ALA D 69 -56.72 -98.61 20.52
C ALA D 69 -57.91 -97.94 19.83
N GLN D 70 -59.10 -98.37 20.21
CA GLN D 70 -60.32 -97.86 19.60
C GLN D 70 -60.82 -96.65 20.38
N PRO D 71 -61.40 -95.67 19.70
CA PRO D 71 -61.95 -94.50 20.40
C PRO D 71 -63.15 -94.88 21.27
N ASP D 72 -63.34 -94.10 22.34
CA ASP D 72 -64.47 -94.20 23.27
C ASP D 72 -64.51 -95.58 23.95
N GLU D 73 -63.35 -96.00 24.44
CA GLU D 73 -63.28 -97.24 25.23
C GLU D 73 -63.22 -96.95 26.73
N ARG D 74 -62.19 -96.21 27.18
CA ARG D 74 -61.89 -96.08 28.60
C ARG D 74 -61.75 -94.63 29.02
N PHE D 75 -62.01 -93.68 28.13
CA PHE D 75 -61.74 -92.28 28.39
C PHE D 75 -62.72 -91.66 29.38
N ASN D 76 -63.83 -92.33 29.68
CA ASN D 76 -64.86 -91.77 30.54
C ASN D 76 -65.33 -92.71 31.66
N GLU D 77 -64.99 -93.99 31.61
CA GLU D 77 -65.38 -94.93 32.65
C GLU D 77 -64.35 -95.05 33.77
N TRP D 78 -63.21 -94.38 33.66
CA TRP D 78 -62.15 -94.49 34.64
C TRP D 78 -61.99 -93.25 35.51
N ILE D 79 -62.18 -92.05 34.94
CA ILE D 79 -61.74 -90.84 35.62
C ILE D 79 -62.70 -90.40 36.73
N ALA D 80 -63.98 -90.77 36.65
CA ALA D 80 -64.94 -90.30 37.63
C ALA D 80 -64.99 -91.17 38.87
N GLU D 81 -64.36 -92.34 38.84
CA GLU D 81 -64.33 -93.25 39.97
C GLU D 81 -63.27 -92.85 40.99
N ASN D 82 -62.47 -91.85 40.70
CA ASN D 82 -61.45 -91.34 41.62
C ASN D 82 -62.10 -90.29 42.53
N GLY D 83 -61.28 -89.57 43.28
CA GLY D 83 -61.78 -88.45 44.05
C GLY D 83 -61.74 -87.17 43.24
N VAL D 84 -62.60 -87.07 42.22
CA VAL D 84 -62.57 -85.94 41.31
C VAL D 84 -63.80 -85.04 41.45
N LYS D 85 -64.95 -85.58 41.89
CA LYS D 85 -66.22 -84.85 42.11
C LYS D 85 -66.65 -84.06 40.86
N VAL D 86 -66.87 -84.79 39.77
CA VAL D 86 -67.24 -84.21 38.49
C VAL D 86 -68.76 -84.27 38.32
N SER D 87 -69.37 -83.14 37.95
CA SER D 87 -70.79 -83.03 37.73
C SER D 87 -71.06 -81.72 36.99
N PRO D 88 -72.20 -81.61 36.30
CA PRO D 88 -72.67 -80.28 35.86
C PRO D 88 -72.99 -79.39 37.05
N LYS D 89 -72.80 -78.08 36.84
CA LYS D 89 -72.94 -76.96 37.78
C LYS D 89 -71.90 -76.97 38.89
N ASN D 90 -70.97 -77.93 38.90
CA ASN D 90 -69.86 -77.97 39.84
C ASN D 90 -68.51 -78.00 39.14
N HIS D 91 -68.42 -78.67 37.98
CA HIS D 91 -67.27 -78.50 37.10
C HIS D 91 -67.61 -77.46 36.02
N GLY D 92 -68.72 -77.66 35.32
CA GLY D 92 -69.25 -76.70 34.38
C GLY D 92 -69.26 -77.26 32.98
N GLY D 93 -69.36 -76.37 32.01
CA GLY D 93 -69.39 -76.81 30.62
C GLY D 93 -70.80 -76.85 30.09
N TYR D 94 -71.05 -77.74 29.14
CA TYR D 94 -72.34 -77.82 28.45
C TYR D 94 -72.52 -79.22 27.87
N GLY D 95 -73.53 -79.38 27.01
CA GLY D 95 -73.77 -80.66 26.36
C GLY D 95 -74.94 -80.72 25.41
N VAL D 96 -74.77 -81.42 24.29
CA VAL D 96 -75.84 -81.75 23.37
C VAL D 96 -76.06 -83.26 23.47
N LYS D 97 -77.29 -83.66 23.76
CA LYS D 97 -77.58 -85.03 24.16
C LYS D 97 -77.99 -85.91 22.98
N ILE D 98 -77.96 -87.22 23.22
CA ILE D 98 -78.19 -88.22 22.20
C ILE D 98 -79.70 -88.40 22.00
N GLY D 99 -80.09 -88.86 20.82
CA GLY D 99 -81.50 -89.03 20.51
C GLY D 99 -82.03 -90.43 20.77
N SER D 100 -82.23 -91.23 19.72
CA SER D 100 -82.84 -92.55 19.85
C SER D 100 -81.81 -93.68 19.84
N ILE D 101 -81.01 -93.78 18.77
CA ILE D 101 -80.13 -94.92 18.58
C ILE D 101 -78.91 -94.79 19.50
N VAL D 102 -78.33 -95.94 19.85
CA VAL D 102 -77.19 -96.01 20.76
C VAL D 102 -75.86 -95.68 20.07
N PRO D 103 -75.49 -96.28 18.90
CA PRO D 103 -76.03 -97.28 17.97
C PRO D 103 -75.37 -98.67 18.06
N GLY D 104 -75.80 -99.55 17.18
CA GLY D 104 -75.21 -100.87 17.06
C GLY D 104 -75.14 -101.32 15.61
N ARG D 105 -75.01 -100.37 14.70
CA ARG D 105 -75.06 -100.69 13.29
C ARG D 105 -73.71 -101.22 12.82
N ALA D 106 -73.71 -101.85 11.65
CA ALA D 106 -72.48 -102.33 11.03
C ALA D 106 -72.39 -101.80 9.61
N HIS D 107 -71.18 -101.61 9.10
CA HIS D 107 -70.99 -101.08 7.76
C HIS D 107 -69.81 -101.73 7.05
N GLN D 120 -69.27 -98.19 17.61
CA GLN D 120 -70.39 -97.33 17.97
C GLN D 120 -70.22 -95.95 17.35
N LEU D 121 -70.73 -94.93 18.03
CA LEU D 121 -70.66 -93.55 17.55
C LEU D 121 -69.23 -93.04 17.69
N ASN D 122 -68.66 -92.58 16.59
CA ASN D 122 -67.28 -92.15 16.55
C ASN D 122 -67.20 -90.67 16.94
N ASP D 123 -66.05 -90.05 16.71
CA ASP D 123 -65.84 -88.65 17.07
C ASP D 123 -66.68 -87.76 16.15
N ILE D 124 -67.06 -86.59 16.66
CA ILE D 124 -68.08 -85.77 16.03
C ILE D 124 -67.46 -84.51 15.44
N HIS D 125 -68.03 -84.05 14.33
CA HIS D 125 -67.59 -82.85 13.63
C HIS D 125 -67.98 -81.59 14.39
N SER D 126 -67.75 -80.44 13.77
CA SER D 126 -67.98 -79.16 14.42
C SER D 126 -68.71 -78.19 13.50
N PHE D 127 -69.71 -77.51 14.05
CA PHE D 127 -70.35 -76.37 13.45
C PHE D 127 -69.57 -75.10 13.77
N ILE D 128 -69.90 -74.02 13.08
CA ILE D 128 -69.27 -72.73 13.36
C ILE D 128 -69.99 -72.08 14.53
N LYS D 129 -69.20 -71.53 15.46
CA LYS D 129 -69.71 -70.77 16.58
C LYS D 129 -69.04 -69.40 16.57
N ASP D 130 -69.53 -68.47 17.39
CA ASP D 130 -68.93 -67.15 17.27
C ASP D 130 -67.66 -66.99 18.13
N VAL D 131 -67.80 -66.86 19.45
CA VAL D 131 -66.68 -66.73 20.38
C VAL D 131 -66.94 -67.55 21.64
N LEU D 132 -68.20 -67.95 21.87
CA LEU D 132 -68.59 -68.55 23.14
C LEU D 132 -69.26 -69.90 22.95
N GLY D 133 -69.14 -70.52 21.78
CA GLY D 133 -69.93 -71.69 21.50
C GLY D 133 -71.29 -71.39 20.95
N ASN D 134 -71.63 -70.12 20.73
CA ASN D 134 -72.92 -69.73 20.21
C ASN D 134 -72.90 -69.79 18.69
N PRO D 135 -73.69 -70.65 18.06
CA PRO D 135 -73.54 -70.90 16.63
C PRO D 135 -74.40 -69.97 15.78
N TYR D 136 -74.19 -70.05 14.47
CA TYR D 136 -74.93 -69.27 13.50
C TYR D 136 -74.81 -69.93 12.14
N VAL D 137 -75.79 -69.70 11.28
CA VAL D 137 -75.66 -70.11 9.89
C VAL D 137 -74.74 -69.08 9.24
N PRO D 138 -73.78 -69.49 8.42
CA PRO D 138 -72.82 -68.53 7.87
C PRO D 138 -73.46 -67.63 6.83
N GLY D 139 -73.00 -66.37 6.80
CA GLY D 139 -73.43 -65.47 5.75
C GLY D 139 -72.89 -65.84 4.39
N SER D 140 -71.70 -66.44 4.35
CA SER D 140 -71.11 -66.82 3.08
C SER D 140 -71.88 -67.96 2.44
N SER D 141 -72.38 -68.91 3.25
CA SER D 141 -73.15 -70.01 2.69
C SER D 141 -74.53 -69.55 2.24
N VAL D 142 -75.17 -68.66 3.00
CA VAL D 142 -76.47 -68.15 2.58
C VAL D 142 -76.34 -67.13 1.46
N LYS D 143 -75.12 -66.63 1.19
CA LYS D 143 -74.86 -65.99 -0.10
C LYS D 143 -74.57 -67.03 -1.16
N GLY D 144 -73.91 -68.12 -0.80
CA GLY D 144 -73.70 -69.22 -1.73
C GLY D 144 -74.91 -70.09 -1.96
N MET D 145 -75.92 -69.99 -1.10
CA MET D 145 -77.18 -70.66 -1.35
C MET D 145 -77.87 -70.06 -2.56
N LEU D 146 -78.00 -68.74 -2.59
CA LEU D 146 -78.65 -68.06 -3.69
C LEU D 146 -77.77 -68.01 -4.93
N ARG D 147 -76.47 -68.30 -4.81
CA ARG D 147 -75.64 -68.57 -5.96
C ARG D 147 -76.04 -69.86 -6.67
N SER D 148 -76.70 -70.77 -5.96
CA SER D 148 -77.25 -71.98 -6.54
C SER D 148 -78.72 -71.83 -6.90
N ILE D 149 -79.19 -70.59 -7.11
CA ILE D 149 -80.61 -70.38 -7.36
C ILE D 149 -80.83 -69.65 -8.69
N TYR D 150 -80.32 -68.43 -8.81
CA TYR D 150 -80.79 -67.56 -9.89
C TYR D 150 -80.22 -67.97 -11.25
N LEU D 151 -78.98 -68.43 -11.29
CA LEU D 151 -78.50 -69.09 -12.49
C LEU D 151 -79.16 -70.45 -12.67
N GLN D 152 -79.48 -71.12 -11.57
CA GLN D 152 -79.90 -72.51 -11.63
C GLN D 152 -81.36 -72.66 -12.08
N SER D 153 -82.19 -71.66 -11.80
CA SER D 153 -83.63 -71.84 -11.93
C SER D 153 -84.09 -71.75 -13.39
N LEU D 154 -83.89 -70.59 -14.01
CA LEU D 154 -84.57 -70.26 -15.26
C LEU D 154 -83.77 -70.66 -16.50
N VAL D 155 -82.97 -71.72 -16.43
CA VAL D 155 -82.44 -72.32 -17.65
C VAL D 155 -83.54 -73.02 -18.43
N HIS D 156 -84.57 -73.53 -17.74
CA HIS D 156 -85.77 -74.07 -18.36
C HIS D 156 -86.54 -73.00 -19.12
N GLN D 161 -82.42 -74.89 -25.11
CA GLN D 161 -82.54 -76.10 -24.32
C GLN D 161 -81.80 -75.95 -22.99
N PRO D 162 -82.22 -76.70 -21.96
CA PRO D 162 -81.48 -76.71 -20.69
C PRO D 162 -80.07 -77.24 -20.86
N VAL D 163 -79.09 -76.44 -20.43
CA VAL D 163 -77.69 -76.74 -20.69
C VAL D 163 -77.22 -77.88 -19.79
N ARG D 164 -76.23 -78.61 -20.28
CA ARG D 164 -75.76 -79.84 -19.66
C ARG D 164 -74.34 -79.65 -19.13
N VAL D 165 -73.75 -80.74 -18.66
CA VAL D 165 -72.38 -80.77 -18.15
C VAL D 165 -71.55 -81.78 -18.95
N PRO D 166 -71.28 -81.50 -20.23
CA PRO D 166 -70.76 -82.56 -21.11
C PRO D 166 -69.27 -82.79 -20.95
N GLY D 167 -68.90 -84.05 -20.84
CA GLY D 167 -67.51 -84.46 -20.73
C GLY D 167 -67.32 -85.84 -20.15
N HIS D 168 -66.22 -86.49 -20.52
CA HIS D 168 -65.88 -87.83 -20.02
C HIS D 168 -65.02 -87.81 -18.77
N GLN D 169 -63.96 -87.00 -18.73
CA GLN D 169 -63.04 -86.97 -17.61
C GLN D 169 -63.44 -85.89 -16.62
N THR D 170 -62.87 -86.01 -15.40
CA THR D 170 -63.22 -85.16 -14.26
C THR D 170 -62.86 -83.69 -14.52
N ARG D 171 -61.84 -83.43 -15.34
CA ARG D 171 -61.52 -82.09 -15.80
C ARG D 171 -62.66 -81.47 -16.61
N GLU D 172 -63.43 -82.27 -17.37
CA GLU D 172 -64.54 -81.70 -18.13
C GLU D 172 -65.91 -82.25 -17.78
N HIS D 173 -66.09 -82.90 -16.62
CA HIS D 173 -67.45 -83.14 -16.16
C HIS D 173 -68.12 -81.86 -15.68
N ARG D 174 -67.56 -81.23 -14.65
CA ARG D 174 -68.27 -80.17 -13.95
C ARG D 174 -67.96 -78.77 -14.46
N GLN D 175 -67.21 -78.63 -15.58
CA GLN D 175 -66.65 -77.32 -15.93
C GLN D 175 -67.68 -76.34 -16.45
N TYR D 176 -68.88 -76.82 -16.82
CA TYR D 176 -69.90 -75.91 -17.33
C TYR D 176 -70.56 -75.08 -16.25
N GLY D 177 -70.24 -75.32 -14.96
CA GLY D 177 -70.58 -74.36 -13.94
C GLY D 177 -69.66 -73.15 -13.93
N GLU D 178 -68.49 -73.26 -14.55
CA GLU D 178 -67.55 -72.15 -14.60
C GLU D 178 -67.82 -71.25 -15.81
N ARG D 179 -67.78 -71.82 -17.01
CA ARG D 179 -67.84 -71.02 -18.24
C ARG D 179 -69.24 -70.50 -18.55
N PHE D 180 -70.26 -70.97 -17.83
CA PHE D 180 -71.58 -70.38 -17.95
C PHE D 180 -71.85 -69.34 -16.88
N GLU D 181 -71.08 -69.33 -15.78
CA GLU D 181 -71.27 -68.38 -14.70
C GLU D 181 -70.81 -66.97 -15.06
N ARG D 182 -70.08 -66.79 -16.15
CA ARG D 182 -69.61 -65.48 -16.57
C ARG D 182 -70.24 -65.03 -17.88
N LYS D 183 -71.31 -65.69 -18.31
CA LYS D 183 -71.91 -65.44 -19.61
C LYS D 183 -73.12 -64.51 -19.55
N GLU D 184 -74.10 -64.79 -18.70
CA GLU D 184 -75.26 -63.93 -18.51
C GLU D 184 -75.37 -63.45 -17.07
N LEU D 185 -74.25 -63.28 -16.38
CA LEU D 185 -74.23 -62.91 -14.98
C LEU D 185 -73.31 -61.74 -14.71
N ARG D 186 -72.44 -61.37 -15.64
CA ARG D 186 -71.49 -60.27 -15.48
C ARG D 186 -71.79 -59.26 -16.59
N LYS D 187 -72.75 -58.37 -16.33
CA LYS D 187 -73.25 -57.44 -17.34
C LYS D 187 -73.37 -56.02 -16.81
N SER D 188 -72.47 -55.63 -15.90
CA SER D 188 -72.48 -54.25 -15.41
C SER D 188 -72.01 -53.29 -16.49
N GLY D 189 -71.07 -53.71 -17.32
CA GLY D 189 -70.79 -53.05 -18.58
C GLY D 189 -70.15 -51.69 -18.52
N ARG D 190 -69.04 -51.56 -17.80
CA ARG D 190 -68.27 -50.34 -17.89
C ARG D 190 -67.53 -50.29 -19.22
N PRO D 191 -67.33 -49.09 -19.79
CA PRO D 191 -66.62 -49.01 -21.07
C PRO D 191 -65.15 -49.35 -20.97
N ASN D 192 -64.56 -49.30 -19.77
CA ASN D 192 -63.15 -49.70 -19.56
C ASN D 192 -63.04 -50.69 -18.40
N THR D 193 -63.41 -51.95 -18.67
CA THR D 193 -63.14 -53.20 -17.95
C THR D 193 -63.81 -54.29 -18.79
N ARG D 194 -63.25 -55.51 -18.75
CA ARG D 194 -63.90 -56.66 -19.35
C ARG D 194 -65.07 -57.13 -18.50
N PRO D 195 -66.06 -57.84 -19.10
CA PRO D 195 -67.14 -58.39 -18.29
C PRO D 195 -66.73 -59.58 -17.44
N GLN D 196 -65.94 -60.48 -18.03
CA GLN D 196 -65.71 -61.81 -17.45
C GLN D 196 -64.62 -61.80 -16.38
N ASP D 197 -64.84 -61.00 -15.34
CA ASP D 197 -63.94 -60.94 -14.19
C ASP D 197 -64.72 -60.41 -12.99
N ALA D 198 -63.98 -59.99 -11.96
CA ALA D 198 -64.53 -59.64 -10.64
C ALA D 198 -65.25 -58.30 -10.61
N VAL D 199 -65.09 -57.45 -11.62
CA VAL D 199 -65.60 -56.08 -11.50
C VAL D 199 -67.02 -55.96 -12.03
N ASN D 200 -67.31 -56.53 -13.19
CA ASN D 200 -68.56 -56.25 -13.89
C ASN D 200 -69.72 -57.12 -13.43
N ASP D 201 -69.69 -57.65 -12.21
CA ASP D 201 -70.78 -58.51 -11.75
C ASP D 201 -72.03 -57.70 -11.48
N LEU D 202 -73.18 -58.30 -11.76
CA LEU D 202 -74.48 -57.77 -11.35
C LEU D 202 -75.06 -58.54 -10.17
N PHE D 203 -74.46 -59.67 -9.81
CA PHE D 203 -74.87 -60.46 -8.65
C PHE D 203 -74.42 -59.85 -7.33
N GLN D 204 -73.63 -58.77 -7.38
CA GLN D 204 -73.23 -58.00 -6.21
C GLN D 204 -74.29 -56.98 -5.79
N ALA D 205 -75.54 -57.16 -6.23
CA ALA D 205 -76.61 -56.24 -5.88
C ALA D 205 -76.96 -56.35 -4.39
N ILE D 206 -77.45 -57.52 -3.97
CA ILE D 206 -77.86 -57.68 -2.60
C ILE D 206 -76.63 -57.89 -1.70
N ARG D 207 -76.78 -57.53 -0.43
CA ARG D 207 -75.66 -57.54 0.52
C ARG D 207 -76.07 -58.35 1.74
N VAL D 208 -75.59 -59.60 1.79
CA VAL D 208 -75.93 -60.53 2.87
C VAL D 208 -75.29 -60.09 4.18
N THR D 209 -76.07 -60.19 5.26
CA THR D 209 -75.57 -60.00 6.61
C THR D 209 -75.61 -61.32 7.34
N ASP D 210 -74.52 -61.66 8.04
CA ASP D 210 -74.38 -62.94 8.73
C ASP D 210 -75.32 -63.01 9.94
N SER D 211 -75.76 -64.23 10.25
CA SER D 211 -76.75 -64.48 11.29
C SER D 211 -76.15 -64.35 12.68
N PRO D 212 -76.96 -64.02 13.69
CA PRO D 212 -76.44 -63.86 15.05
C PRO D 212 -76.24 -65.19 15.77
N GLY D 213 -75.67 -65.10 16.97
CA GLY D 213 -75.35 -66.28 17.77
C GLY D 213 -76.50 -66.72 18.65
N LEU D 214 -76.70 -68.04 18.72
CA LEU D 214 -77.86 -68.65 19.35
C LEU D 214 -77.46 -69.41 20.62
N ARG D 215 -78.41 -70.14 21.20
CA ARG D 215 -78.11 -70.97 22.36
C ARG D 215 -77.33 -72.22 21.96
N THR D 216 -76.95 -73.01 22.96
CA THR D 216 -75.95 -74.05 22.78
C THR D 216 -76.53 -75.30 22.12
N SER D 217 -77.69 -75.77 22.58
CA SER D 217 -78.20 -77.07 22.18
C SER D 217 -79.00 -77.05 20.88
N ASP D 218 -78.78 -76.10 19.98
CA ASP D 218 -79.55 -76.05 18.75
C ASP D 218 -79.15 -77.12 17.75
N LEU D 219 -77.86 -77.34 17.54
CA LEU D 219 -77.45 -78.49 16.75
C LEU D 219 -77.57 -79.76 17.59
N LEU D 220 -77.97 -80.84 16.94
CA LEU D 220 -78.12 -82.15 17.55
C LEU D 220 -77.24 -83.17 16.84
N ILE D 221 -76.97 -84.28 17.52
CA ILE D 221 -76.13 -85.32 16.94
C ILE D 221 -76.86 -86.01 15.81
N CYS D 222 -76.19 -86.15 14.67
CA CYS D 222 -76.76 -86.79 13.50
C CYS D 222 -75.85 -87.92 13.02
N GLN D 223 -76.44 -88.82 12.25
CA GLN D 223 -75.72 -89.89 11.57
C GLN D 223 -76.05 -89.77 10.09
N LYS D 224 -75.31 -88.90 9.41
CA LYS D 224 -75.56 -88.59 8.01
C LYS D 224 -74.27 -88.51 7.22
N PRO D 245 -84.01 -78.19 13.02
CA PRO D 245 -85.14 -78.86 13.66
C PRO D 245 -86.21 -77.90 14.11
N GLY D 246 -86.49 -76.88 13.30
CA GLY D 246 -87.46 -75.87 13.68
C GLY D 246 -86.85 -74.69 14.39
N THR D 247 -85.81 -74.10 13.79
CA THR D 247 -85.11 -72.97 14.36
C THR D 247 -85.30 -71.76 13.47
N SER D 248 -85.65 -70.63 14.10
CA SER D 248 -85.96 -69.40 13.39
C SER D 248 -84.68 -68.59 13.18
N ILE D 249 -84.37 -68.29 11.92
CA ILE D 249 -83.23 -67.46 11.56
C ILE D 249 -83.70 -66.41 10.57
N SER D 250 -83.46 -65.14 10.88
CA SER D 250 -83.72 -64.06 9.95
C SER D 250 -82.41 -63.43 9.53
N LEU D 251 -82.45 -62.63 8.47
CA LEU D 251 -81.25 -62.11 7.85
C LEU D 251 -81.61 -60.87 7.04
N ARG D 252 -80.66 -59.94 6.96
CA ARG D 252 -80.84 -58.71 6.20
C ARG D 252 -80.06 -58.82 4.89
N VAL D 253 -80.72 -58.49 3.78
CA VAL D 253 -80.09 -58.41 2.47
C VAL D 253 -80.47 -57.06 1.86
N VAL D 254 -79.47 -56.35 1.31
CA VAL D 254 -79.66 -54.97 0.89
C VAL D 254 -79.38 -54.90 -0.60
N VAL D 255 -80.43 -54.84 -1.42
CA VAL D 255 -80.30 -54.77 -2.87
C VAL D 255 -79.74 -53.39 -3.26
N ASP D 256 -78.89 -53.37 -4.29
CA ASP D 256 -78.16 -52.18 -4.69
C ASP D 256 -78.13 -52.07 -6.22
N THR D 257 -78.20 -50.84 -6.73
CA THR D 257 -78.09 -50.57 -8.16
C THR D 257 -77.04 -49.48 -8.40
N SER D 258 -75.91 -49.56 -7.67
CA SER D 258 -74.76 -48.69 -7.95
C SER D 258 -73.86 -49.14 -9.09
N PRO D 259 -73.28 -50.40 -9.13
CA PRO D 259 -72.23 -50.65 -10.12
C PRO D 259 -72.79 -51.13 -11.45
N THR D 260 -74.11 -51.07 -11.60
CA THR D 260 -74.82 -51.75 -12.68
C THR D 260 -74.62 -51.11 -14.05
N ALA D 261 -74.09 -49.89 -14.11
CA ALA D 261 -73.79 -49.27 -15.39
C ALA D 261 -72.46 -48.53 -15.33
N GLU D 269 -84.05 -54.43 -10.23
CA GLU D 269 -85.29 -54.44 -9.45
C GLU D 269 -85.94 -55.81 -9.53
N ARG D 270 -85.66 -56.53 -10.62
CA ARG D 270 -86.18 -57.87 -10.84
C ARG D 270 -85.28 -58.94 -10.23
N PHE D 271 -84.17 -58.54 -9.62
CA PHE D 271 -83.22 -59.44 -8.97
C PHE D 271 -83.85 -60.23 -7.83
N LEU D 272 -84.83 -59.66 -7.14
CA LEU D 272 -85.46 -60.27 -5.98
C LEU D 272 -86.40 -61.41 -6.36
N GLU D 273 -86.83 -61.47 -7.62
CA GLU D 273 -87.81 -62.47 -8.04
C GLU D 273 -87.26 -63.32 -9.18
N PRO D 303 -88.17 -73.22 -4.27
CA PRO D 303 -87.93 -72.33 -3.15
C PRO D 303 -87.96 -73.05 -1.81
N ILE D 304 -87.95 -74.38 -1.88
CA ILE D 304 -87.96 -75.24 -0.69
C ILE D 304 -86.65 -76.04 -0.73
N VAL D 305 -85.62 -75.41 -1.32
CA VAL D 305 -84.38 -76.13 -1.61
C VAL D 305 -83.61 -76.41 -0.33
N TYR D 306 -82.74 -77.41 -0.40
CA TYR D 306 -82.10 -77.98 0.79
C TYR D 306 -80.61 -77.66 0.76
N LEU D 307 -80.18 -76.77 1.66
CA LEU D 307 -78.77 -76.48 1.82
C LEU D 307 -78.50 -76.14 3.29
N GLY D 308 -77.34 -76.55 3.78
CA GLY D 308 -76.97 -76.31 5.16
C GLY D 308 -76.35 -77.52 5.83
N GLY D 309 -76.34 -78.65 5.14
CA GLY D 309 -75.82 -79.87 5.74
C GLY D 309 -75.53 -80.92 4.69
N GLY D 310 -75.86 -82.17 4.98
CA GLY D 310 -75.85 -83.18 3.94
C GLY D 310 -76.98 -82.90 2.97
N ALA D 311 -76.64 -82.38 1.79
CA ALA D 311 -77.65 -81.86 0.87
C ALA D 311 -77.76 -82.62 -0.44
N GLY D 312 -77.04 -83.71 -0.60
CA GLY D 312 -77.21 -84.56 -1.77
C GLY D 312 -76.26 -84.25 -2.91
N TYR D 313 -76.57 -84.85 -4.06
CA TYR D 313 -75.75 -84.74 -5.27
C TYR D 313 -76.33 -83.81 -6.31
N ARG D 314 -77.60 -83.40 -6.17
CA ARG D 314 -78.20 -82.45 -7.10
C ARG D 314 -78.89 -81.30 -6.33
N SER D 315 -78.11 -80.62 -5.49
CA SER D 315 -78.56 -79.40 -4.85
C SER D 315 -77.51 -78.30 -4.89
N LYS D 316 -76.37 -78.52 -5.56
CA LYS D 316 -75.31 -77.54 -5.59
C LYS D 316 -75.29 -76.71 -6.87
N THR D 317 -75.51 -77.33 -8.03
CA THR D 317 -75.63 -76.57 -9.28
C THR D 317 -76.83 -77.04 -10.08
N PHE D 318 -76.99 -76.54 -11.30
CA PHE D 318 -78.14 -76.90 -12.12
C PHE D 318 -77.85 -78.20 -12.87
N VAL D 319 -78.72 -78.53 -13.82
CA VAL D 319 -78.59 -79.75 -14.60
C VAL D 319 -77.56 -79.56 -15.71
N LEU D 329 -73.00 -86.09 -9.57
CA LEU D 329 -71.69 -86.16 -8.94
C LEU D 329 -71.29 -87.60 -8.67
N ASP D 330 -71.63 -88.47 -9.62
CA ASP D 330 -71.42 -89.90 -9.50
C ASP D 330 -70.38 -90.41 -10.50
N ALA D 331 -70.23 -89.74 -11.64
CA ALA D 331 -69.33 -90.21 -12.69
C ALA D 331 -67.87 -89.87 -12.39
N GLN D 332 -67.62 -88.86 -11.56
CA GLN D 332 -66.24 -88.42 -11.31
C GLN D 332 -65.50 -89.41 -10.41
N PHE D 333 -66.13 -89.80 -9.30
CA PHE D 333 -65.59 -90.88 -8.50
C PHE D 333 -65.83 -92.21 -9.21
N PRO D 334 -64.96 -93.20 -9.00
CA PRO D 334 -65.22 -94.52 -9.60
C PRO D 334 -66.36 -95.25 -8.92
N LYS D 335 -67.51 -95.28 -9.59
CA LYS D 335 -68.68 -95.96 -9.09
C LYS D 335 -69.42 -96.58 -10.27
N ILE D 336 -69.98 -97.76 -10.05
CA ILE D 336 -70.39 -98.61 -11.16
C ILE D 336 -71.75 -98.21 -11.72
N LYS D 337 -72.63 -97.65 -10.90
CA LYS D 337 -74.03 -97.44 -11.29
C LYS D 337 -74.27 -96.10 -11.97
N HIS D 338 -73.25 -95.55 -12.65
CA HIS D 338 -73.42 -94.34 -13.44
C HIS D 338 -73.69 -94.61 -14.91
N VAL D 339 -73.81 -95.88 -15.31
CA VAL D 339 -74.00 -96.26 -16.70
C VAL D 339 -75.38 -96.81 -16.98
N ALA D 340 -76.26 -96.86 -15.98
CA ALA D 340 -77.63 -97.32 -16.20
C ALA D 340 -78.63 -96.36 -15.58
N MET D 364 -82.80 -83.42 7.11
CA MET D 364 -81.36 -83.50 6.94
C MET D 364 -80.85 -82.26 6.22
N GLY D 365 -81.51 -81.13 6.43
CA GLY D 365 -81.14 -79.90 5.77
C GLY D 365 -82.28 -79.22 5.03
N GLN D 366 -83.51 -79.59 5.36
CA GLN D 366 -84.67 -78.94 4.76
C GLN D 366 -84.83 -77.52 5.30
N CYS D 367 -84.91 -76.56 4.38
CA CYS D 367 -85.16 -75.16 4.73
C CYS D 367 -86.30 -74.65 3.87
N GLU D 368 -86.53 -73.34 3.92
CA GLU D 368 -87.62 -72.74 3.16
C GLU D 368 -87.26 -71.29 2.85
N LEU D 369 -87.61 -70.85 1.64
CA LEU D 369 -87.42 -69.47 1.23
C LEU D 369 -88.64 -68.96 0.48
N SER D 370 -89.07 -67.75 0.82
CA SER D 370 -90.15 -67.09 0.12
C SER D 370 -89.93 -65.58 0.26
N ILE D 371 -90.51 -64.83 -0.67
CA ILE D 371 -90.27 -63.39 -0.76
C ILE D 371 -90.99 -62.70 0.40
N ARG D 372 -90.27 -61.79 1.07
CA ARG D 372 -90.81 -61.05 2.21
C ARG D 372 -90.19 -59.66 2.22
N ARG D 373 -90.99 -58.65 1.87
CA ARG D 373 -90.50 -57.29 1.69
C ARG D 373 -90.66 -56.42 2.92
N ALA D 374 -90.47 -56.99 4.12
CA ALA D 374 -90.56 -56.23 5.36
C ALA D 374 -89.38 -55.27 5.47
N GLU D 375 -89.44 -54.37 6.45
CA GLU D 375 -88.39 -53.36 6.61
C GLU D 375 -88.32 -52.85 8.05
N TYR E 8 -20.05 -57.44 -3.96
CA TYR E 8 -20.60 -58.33 -4.98
C TYR E 8 -21.59 -57.57 -5.85
N VAL E 9 -21.20 -56.37 -6.28
CA VAL E 9 -22.14 -55.51 -6.99
C VAL E 9 -22.34 -56.00 -8.42
N LYS E 10 -21.33 -56.65 -9.01
CA LYS E 10 -21.49 -57.20 -10.34
C LYS E 10 -22.41 -58.42 -10.35
N GLN E 11 -22.52 -59.11 -9.21
CA GLN E 11 -23.46 -60.23 -9.10
C GLN E 11 -24.90 -59.78 -9.28
N ALA E 12 -25.20 -58.52 -8.95
CA ALA E 12 -26.56 -57.99 -9.09
C ALA E 12 -26.99 -57.90 -10.55
N GLU E 13 -26.08 -57.57 -11.45
CA GLU E 13 -26.41 -57.66 -12.87
C GLU E 13 -26.47 -59.11 -13.31
N GLN E 14 -25.72 -59.99 -12.65
CA GLN E 14 -25.70 -61.40 -13.04
C GLN E 14 -26.97 -62.14 -12.63
N VAL E 15 -27.54 -61.83 -11.47
CA VAL E 15 -28.70 -62.58 -10.99
C VAL E 15 -29.95 -62.25 -11.79
N ILE E 16 -30.04 -61.06 -12.39
CA ILE E 16 -31.17 -60.73 -13.24
C ILE E 16 -31.17 -61.49 -14.56
N ARG E 17 -30.06 -62.15 -14.91
CA ARG E 17 -29.97 -63.00 -16.08
C ARG E 17 -30.52 -64.40 -15.84
N GLY E 18 -31.24 -64.63 -14.75
CA GLY E 18 -31.81 -65.93 -14.47
C GLY E 18 -33.25 -65.93 -14.00
N LEU E 19 -33.78 -64.75 -13.69
CA LEU E 19 -35.13 -64.69 -13.15
C LEU E 19 -36.16 -64.77 -14.29
N PRO E 20 -37.34 -65.34 -14.03
CA PRO E 20 -38.28 -65.65 -15.14
C PRO E 20 -38.93 -64.41 -15.71
N LYS E 21 -38.62 -64.13 -16.98
CA LYS E 21 -39.19 -63.00 -17.71
C LYS E 21 -39.70 -63.43 -19.08
N LYS E 22 -39.87 -64.73 -19.30
CA LYS E 22 -40.28 -65.23 -20.61
C LYS E 22 -41.74 -64.95 -20.93
N ASN E 23 -42.58 -64.79 -19.91
CA ASN E 23 -44.00 -64.55 -20.09
C ASN E 23 -44.33 -63.13 -20.53
N GLY E 24 -43.32 -62.27 -20.72
CA GLY E 24 -43.53 -60.90 -21.13
C GLY E 24 -43.40 -59.90 -20.02
N ASP E 25 -43.24 -60.34 -18.78
CA ASP E 25 -43.26 -59.47 -17.62
C ASP E 25 -42.48 -60.16 -16.49
N PHE E 26 -42.48 -59.51 -15.33
CA PHE E 26 -41.61 -59.90 -14.22
C PHE E 26 -42.45 -60.46 -13.09
N GLU E 27 -41.79 -61.20 -12.19
CA GLU E 27 -42.46 -61.95 -11.14
C GLU E 27 -42.38 -61.29 -9.77
N LEU E 28 -41.20 -60.82 -9.38
CA LEU E 28 -41.00 -60.20 -8.08
C LEU E 28 -41.32 -58.71 -8.17
N THR E 29 -41.44 -58.08 -7.00
CA THR E 29 -41.46 -56.62 -6.91
C THR E 29 -40.63 -56.21 -5.71
N THR E 30 -40.67 -54.92 -5.39
CA THR E 30 -40.25 -54.49 -4.07
C THR E 30 -41.35 -54.66 -3.05
N THR E 31 -42.59 -54.88 -3.50
CA THR E 31 -43.69 -55.08 -2.56
C THR E 31 -43.68 -56.47 -1.96
N GLN E 32 -43.19 -57.45 -2.72
CA GLN E 32 -43.09 -58.81 -2.19
C GLN E 32 -42.04 -58.88 -1.09
N LEU E 33 -40.86 -58.33 -1.36
CA LEU E 33 -39.79 -58.27 -0.39
C LEU E 33 -39.82 -57.00 0.46
N ARG E 34 -41.01 -56.41 0.62
CA ARG E 34 -41.12 -55.15 1.36
C ARG E 34 -40.81 -55.36 2.84
N VAL E 35 -41.30 -56.44 3.42
CA VAL E 35 -41.13 -56.69 4.84
C VAL E 35 -39.67 -56.99 5.17
N LEU E 36 -38.91 -57.50 4.20
CA LEU E 36 -37.47 -57.59 4.31
C LEU E 36 -36.84 -56.22 4.52
N LEU E 37 -37.26 -55.23 3.74
CA LEU E 37 -36.64 -53.92 3.77
C LEU E 37 -36.98 -53.14 5.04
N SER E 38 -38.07 -53.50 5.72
CA SER E 38 -38.37 -52.90 7.00
C SER E 38 -37.51 -53.47 8.13
N LEU E 39 -36.73 -54.50 7.85
CA LEU E 39 -35.88 -55.16 8.83
C LEU E 39 -34.41 -54.96 8.56
N THR E 40 -33.95 -55.21 7.32
CA THR E 40 -32.52 -55.13 7.04
C THR E 40 -32.03 -53.69 7.05
N ALA E 41 -32.85 -52.75 6.60
CA ALA E 41 -32.47 -51.35 6.66
C ALA E 41 -32.51 -50.84 8.07
N GLN E 42 -33.42 -51.37 8.88
CA GLN E 42 -33.42 -51.06 10.31
C GLN E 42 -32.23 -51.71 11.00
N LEU E 43 -31.74 -52.83 10.47
CA LEU E 43 -30.68 -53.57 11.13
C LEU E 43 -29.35 -52.84 11.06
N PHE E 44 -28.81 -52.66 9.85
CA PHE E 44 -27.42 -52.26 9.72
C PHE E 44 -27.21 -50.80 10.03
N ASP E 45 -28.28 -50.02 10.19
CA ASP E 45 -28.16 -48.67 10.70
C ASP E 45 -28.10 -48.65 12.22
N GLU E 46 -28.30 -49.79 12.87
CA GLU E 46 -27.88 -49.98 14.25
C GLU E 46 -26.48 -50.57 14.33
N ALA E 47 -25.94 -51.05 13.22
CA ALA E 47 -24.60 -51.59 13.19
C ALA E 47 -23.56 -50.50 12.94
N GLN E 48 -23.96 -49.36 12.37
CA GLN E 48 -23.02 -48.27 12.19
C GLN E 48 -22.64 -47.64 13.51
N LEU E 49 -23.65 -47.34 14.35
CA LEU E 49 -23.40 -46.74 15.66
C LEU E 49 -22.71 -47.71 16.63
N SER E 50 -22.62 -48.99 16.30
CA SER E 50 -21.81 -49.94 17.05
C SER E 50 -20.34 -49.53 16.97
N SER E 51 -19.72 -49.26 18.13
CA SER E 51 -18.33 -48.85 18.14
C SER E 51 -17.38 -50.04 18.20
N ASP E 52 -17.82 -51.16 18.80
CA ASP E 52 -16.99 -52.35 18.91
C ASP E 52 -17.19 -53.24 17.69
N GLN E 53 -16.17 -54.04 17.39
CA GLN E 53 -16.18 -54.84 16.17
C GLN E 53 -17.12 -56.04 16.28
N ASN E 54 -16.99 -56.83 17.34
CA ASN E 54 -17.90 -57.93 17.56
C ASN E 54 -19.28 -57.41 17.91
N LEU E 55 -20.31 -58.09 17.40
CA LEU E 55 -21.68 -57.64 17.64
C LEU E 55 -22.07 -57.90 19.09
N SER E 56 -22.62 -56.88 19.74
CA SER E 56 -23.24 -57.05 21.04
C SER E 56 -24.45 -57.97 20.90
N PRO E 57 -24.79 -58.77 21.94
CA PRO E 57 -25.84 -59.80 21.78
C PRO E 57 -27.25 -59.29 21.49
N ALA E 58 -27.46 -57.97 21.58
CA ALA E 58 -28.76 -57.40 21.31
C ALA E 58 -29.16 -57.49 19.84
N LEU E 59 -28.21 -57.68 18.92
CA LEU E 59 -28.56 -57.79 17.51
C LEU E 59 -27.95 -59.00 16.80
N ARG E 60 -27.23 -59.87 17.50
CA ARG E 60 -26.88 -61.15 16.92
C ARG E 60 -28.10 -62.06 16.79
N ASP E 61 -29.15 -61.79 17.59
CA ASP E 61 -30.44 -62.41 17.40
C ASP E 61 -31.30 -61.66 16.41
N LYS E 62 -31.06 -60.36 16.23
CA LYS E 62 -31.80 -59.60 15.23
C LYS E 62 -31.40 -59.99 13.82
N VAL E 63 -30.13 -60.34 13.61
CA VAL E 63 -29.76 -60.92 12.32
C VAL E 63 -30.27 -62.35 12.24
N GLN E 64 -30.42 -63.01 13.39
CA GLN E 64 -31.08 -64.30 13.43
C GLN E 64 -32.59 -64.17 13.32
N TYR E 65 -33.14 -63.02 13.72
CA TYR E 65 -34.55 -62.74 13.43
C TYR E 65 -34.80 -62.70 11.93
N LEU E 66 -33.87 -62.10 11.19
CA LEU E 66 -33.99 -62.02 9.74
C LEU E 66 -33.95 -63.41 9.10
N ARG E 67 -33.05 -64.27 9.57
CA ARG E 67 -32.89 -65.59 8.97
C ARG E 67 -34.12 -66.45 9.16
N VAL E 68 -34.90 -66.21 10.23
CA VAL E 68 -36.23 -66.79 10.33
C VAL E 68 -37.12 -66.25 9.22
N ARG E 69 -37.08 -64.94 9.02
CA ARG E 69 -37.99 -64.26 8.10
C ARG E 69 -37.71 -64.59 6.64
N PHE E 70 -36.42 -64.60 6.25
CA PHE E 70 -36.03 -64.75 4.85
C PHE E 70 -36.53 -66.06 4.26
N VAL E 71 -36.37 -67.16 4.99
CA VAL E 71 -36.81 -68.45 4.47
C VAL E 71 -38.33 -68.57 4.59
N TYR E 72 -38.93 -67.94 5.60
CA TYR E 72 -40.38 -67.85 5.69
C TYR E 72 -40.94 -67.01 4.56
N GLN E 73 -40.26 -65.90 4.24
CA GLN E 73 -40.59 -65.14 3.04
C GLN E 73 -40.28 -65.94 1.78
N ALA E 74 -39.28 -66.82 1.84
CA ALA E 74 -39.00 -67.70 0.71
C ALA E 74 -40.04 -68.80 0.55
N GLY E 75 -40.89 -69.00 1.55
CA GLY E 75 -41.97 -69.96 1.46
C GLY E 75 -43.21 -69.43 0.78
N ARG E 76 -43.09 -68.26 0.16
CA ARG E 76 -44.19 -67.66 -0.59
C ARG E 76 -44.15 -68.17 -2.03
N GLU E 77 -44.85 -67.48 -2.93
CA GLU E 77 -45.01 -67.88 -4.33
C GLU E 77 -43.65 -67.91 -5.04
N LYS E 78 -43.60 -68.66 -6.15
CA LYS E 78 -42.38 -68.99 -6.88
C LYS E 78 -41.62 -67.77 -7.44
N ALA E 79 -42.17 -66.56 -7.32
CA ALA E 79 -41.39 -65.35 -7.61
C ALA E 79 -40.21 -65.23 -6.65
N VAL E 80 -40.41 -65.56 -5.38
CA VAL E 80 -39.33 -65.49 -4.39
C VAL E 80 -38.51 -66.79 -4.39
N ARG E 81 -39.00 -67.85 -5.04
CA ARG E 81 -38.27 -69.11 -5.07
C ARG E 81 -37.00 -68.99 -5.88
N VAL E 82 -37.06 -68.30 -7.01
CA VAL E 82 -35.87 -68.07 -7.80
C VAL E 82 -34.96 -67.05 -7.12
N PHE E 83 -35.52 -66.16 -6.30
CA PHE E 83 -34.82 -64.93 -5.94
C PHE E 83 -33.69 -65.17 -4.94
N VAL E 84 -33.97 -65.89 -3.84
CA VAL E 84 -32.97 -66.03 -2.79
C VAL E 84 -31.82 -66.91 -3.24
N GLU E 85 -32.13 -68.02 -3.91
CA GLU E 85 -31.08 -68.97 -4.28
C GLU E 85 -30.26 -68.49 -5.46
N ARG E 86 -30.83 -67.69 -6.36
CA ARG E 86 -30.01 -67.04 -7.36
C ARG E 86 -29.23 -65.87 -6.79
N ALA E 87 -29.62 -65.37 -5.62
CA ALA E 87 -28.83 -64.37 -4.91
C ALA E 87 -27.88 -64.99 -3.89
N GLY E 88 -28.26 -66.13 -3.31
CA GLY E 88 -27.43 -66.75 -2.30
C GLY E 88 -27.43 -65.93 -1.03
N LEU E 89 -28.60 -65.46 -0.63
CA LEU E 89 -28.72 -64.68 0.60
C LEU E 89 -28.41 -65.55 1.81
N LEU E 90 -29.16 -66.65 1.96
CA LEU E 90 -29.08 -67.51 3.13
C LEU E 90 -27.72 -68.18 3.30
N ASP E 91 -27.03 -68.47 2.19
CA ASP E 91 -25.80 -69.25 2.25
C ASP E 91 -24.66 -68.46 2.87
N GLU E 92 -24.74 -67.13 2.86
CA GLU E 92 -23.79 -66.28 3.56
C GLU E 92 -24.43 -65.56 4.73
N LEU E 93 -25.72 -65.78 4.99
CA LEU E 93 -26.38 -65.09 6.09
C LEU E 93 -26.14 -65.77 7.41
N ALA E 94 -25.81 -67.07 7.39
CA ALA E 94 -25.42 -67.73 8.62
C ALA E 94 -24.02 -67.34 9.07
N GLN E 95 -23.19 -66.84 8.15
CA GLN E 95 -21.81 -66.49 8.44
C GLN E 95 -21.68 -65.24 9.31
N ILE E 96 -22.77 -64.49 9.48
CA ILE E 96 -22.72 -63.12 10.00
C ILE E 96 -22.36 -63.06 11.48
N GLY E 97 -22.78 -64.05 12.26
CA GLY E 97 -22.94 -63.96 13.72
C GLY E 97 -21.86 -63.41 14.63
N ASP E 98 -20.68 -63.11 14.08
CA ASP E 98 -19.54 -62.68 14.88
C ASP E 98 -19.09 -61.23 14.63
N SER E 99 -18.77 -60.85 13.39
CA SER E 99 -18.12 -59.56 13.15
C SER E 99 -18.95 -58.67 12.25
N ARG E 100 -18.73 -57.37 12.43
CA ARG E 100 -19.57 -56.31 11.90
C ARG E 100 -19.39 -56.08 10.41
N ASP E 101 -18.23 -56.44 9.85
CA ASP E 101 -17.82 -55.87 8.57
C ASP E 101 -18.64 -56.41 7.41
N ARG E 102 -18.61 -57.73 7.20
CA ARG E 102 -19.36 -58.28 6.08
C ARG E 102 -20.85 -58.39 6.37
N LEU E 103 -21.25 -58.18 7.63
CA LEU E 103 -22.66 -57.89 7.92
C LEU E 103 -23.12 -56.69 7.12
N LEU E 104 -22.30 -55.64 7.09
CA LEU E 104 -22.62 -54.47 6.28
C LEU E 104 -22.58 -54.80 4.79
N LYS E 105 -21.57 -55.56 4.36
CA LYS E 105 -21.48 -55.93 2.95
C LYS E 105 -22.56 -56.93 2.55
N PHE E 106 -23.10 -57.68 3.51
CA PHE E 106 -24.33 -58.42 3.26
C PHE E 106 -25.46 -57.46 2.91
N CYS E 107 -25.66 -56.44 3.76
CA CYS E 107 -26.69 -55.45 3.46
C CYS E 107 -26.32 -54.61 2.25
N HIS E 108 -25.04 -54.31 2.06
CA HIS E 108 -24.63 -53.57 0.88
C HIS E 108 -24.82 -54.38 -0.40
N TYR E 109 -24.82 -55.71 -0.29
CA TYR E 109 -25.12 -56.52 -1.46
C TYR E 109 -26.59 -56.44 -1.82
N MET E 110 -27.47 -56.65 -0.83
CA MET E 110 -28.91 -56.65 -1.14
C MET E 110 -29.41 -55.24 -1.43
N GLU E 111 -28.77 -54.22 -0.87
CA GLU E 111 -29.10 -52.86 -1.26
C GLU E 111 -28.68 -52.60 -2.69
N ALA E 112 -27.58 -53.22 -3.13
CA ALA E 112 -27.25 -53.18 -4.55
C ALA E 112 -28.22 -54.02 -5.36
N LEU E 113 -28.78 -55.06 -4.75
CA LEU E 113 -29.70 -55.94 -5.44
C LEU E 113 -31.04 -55.26 -5.65
N VAL E 114 -31.69 -54.87 -4.55
CA VAL E 114 -33.05 -54.31 -4.62
C VAL E 114 -33.12 -52.98 -5.33
N ALA E 115 -31.98 -52.33 -5.56
CA ALA E 115 -31.89 -51.21 -6.48
C ALA E 115 -31.98 -51.64 -7.93
N TYR E 116 -32.07 -52.93 -8.21
CA TYR E 116 -32.07 -53.39 -9.58
C TYR E 116 -33.20 -54.35 -9.91
N LYS E 117 -33.65 -55.15 -8.93
CA LYS E 117 -34.42 -56.35 -9.23
C LYS E 117 -35.87 -56.08 -9.60
N LYS E 118 -36.49 -55.03 -9.10
CA LYS E 118 -37.73 -54.53 -9.66
C LYS E 118 -37.44 -53.43 -10.67
N PHE E 119 -36.22 -52.90 -10.68
CA PHE E 119 -35.89 -51.68 -11.38
C PHE E 119 -35.24 -51.95 -12.72
N LEU E 120 -35.64 -53.03 -13.38
CA LEU E 120 -35.47 -53.18 -14.82
C LEU E 120 -36.82 -53.02 -15.52
N ASP E 121 -37.20 -51.75 -15.73
CA ASP E 121 -38.43 -51.28 -16.37
C ASP E 121 -39.69 -51.93 -15.81
N PRO E 122 -40.13 -51.56 -14.61
CA PRO E 122 -41.41 -52.09 -14.11
C PRO E 122 -42.63 -51.33 -14.58
N LYS E 123 -42.45 -50.16 -15.19
CA LYS E 123 -43.57 -49.33 -15.63
C LYS E 123 -44.22 -49.89 -16.88
N GLU E 124 -43.42 -50.39 -17.81
CA GLU E 124 -43.91 -51.24 -18.88
C GLU E 124 -43.96 -52.70 -18.46
N THR E 125 -43.43 -53.00 -17.27
CA THR E 125 -43.20 -54.35 -16.74
C THR E 125 -42.40 -55.18 -17.74
N SER E 126 -41.18 -54.72 -18.00
CA SER E 126 -40.28 -55.38 -18.93
C SER E 126 -38.87 -55.46 -18.37
N SER F 2 -16.41 -0.16 -36.92
CA SER F 2 -15.71 -0.19 -35.64
C SER F 2 -15.17 -1.57 -35.36
N VAL F 3 -13.84 -1.68 -35.24
CA VAL F 3 -13.18 -2.94 -34.88
C VAL F 3 -13.52 -3.25 -33.44
N ILE F 4 -14.29 -4.34 -33.24
CA ILE F 4 -14.83 -4.65 -31.93
C ILE F 4 -13.75 -5.03 -30.93
N GLN F 5 -12.67 -5.67 -31.39
CA GLN F 5 -11.64 -6.16 -30.47
C GLN F 5 -10.78 -5.05 -29.90
N ASP F 6 -10.74 -3.89 -30.55
CA ASP F 6 -10.15 -2.70 -29.92
C ASP F 6 -11.21 -1.72 -29.43
N ASP F 7 -12.45 -1.86 -29.89
CA ASP F 7 -13.56 -1.22 -29.19
C ASP F 7 -14.01 -2.03 -27.99
N TYR F 8 -13.38 -3.19 -27.75
CA TYR F 8 -13.66 -4.02 -26.58
C TYR F 8 -13.41 -3.28 -25.27
N VAL F 9 -12.47 -2.34 -25.23
CA VAL F 9 -12.30 -1.58 -23.99
C VAL F 9 -13.18 -0.33 -24.00
N LYS F 10 -13.81 -0.04 -25.14
CA LYS F 10 -14.80 1.02 -25.23
C LYS F 10 -16.22 0.51 -25.28
N GLN F 11 -16.45 -0.76 -25.63
CA GLN F 11 -17.81 -1.31 -25.68
C GLN F 11 -18.44 -1.41 -24.32
N ALA F 12 -17.64 -1.53 -23.27
CA ALA F 12 -18.09 -1.76 -21.91
C ALA F 12 -18.90 -0.60 -21.34
N GLU F 13 -18.88 0.57 -21.95
CA GLU F 13 -19.66 1.69 -21.45
C GLU F 13 -21.10 1.67 -21.96
N GLN F 14 -21.31 1.30 -23.22
CA GLN F 14 -22.66 1.34 -23.78
C GLN F 14 -23.42 0.04 -23.58
N VAL F 15 -22.76 -1.13 -23.59
CA VAL F 15 -23.46 -2.37 -23.26
C VAL F 15 -23.62 -2.58 -21.77
N ILE F 16 -23.10 -1.68 -20.93
CA ILE F 16 -23.51 -1.70 -19.54
C ILE F 16 -24.77 -0.88 -19.33
N ARG F 17 -25.18 -0.10 -20.32
CA ARG F 17 -26.50 0.51 -20.29
C ARG F 17 -27.54 -0.37 -21.00
N GLY F 18 -27.08 -1.25 -21.89
CA GLY F 18 -27.97 -2.19 -22.56
C GLY F 18 -28.61 -3.21 -21.63
N LEU F 19 -27.98 -3.48 -20.50
CA LEU F 19 -28.69 -4.19 -19.44
C LEU F 19 -29.74 -3.26 -18.86
N PRO F 20 -30.98 -3.66 -18.79
CA PRO F 20 -32.01 -2.71 -18.37
C PRO F 20 -32.25 -2.72 -16.86
N LYS F 21 -32.23 -1.52 -16.27
CA LYS F 21 -32.62 -1.31 -14.88
C LYS F 21 -34.14 -1.30 -14.82
N LYS F 22 -34.69 -1.90 -13.77
CA LYS F 22 -36.14 -2.04 -13.65
C LYS F 22 -36.77 -1.06 -12.68
N ASN F 23 -36.29 -1.01 -11.44
CA ASN F 23 -36.80 -0.03 -10.48
C ASN F 23 -36.34 1.38 -10.82
N GLY F 24 -35.26 1.51 -11.59
CA GLY F 24 -34.60 2.79 -11.77
C GLY F 24 -33.25 2.67 -11.10
N ASP F 25 -33.23 1.97 -9.98
CA ASP F 25 -32.00 1.45 -9.44
C ASP F 25 -31.62 0.21 -10.26
N PHE F 26 -30.34 -0.14 -10.22
CA PHE F 26 -29.88 -1.32 -10.96
C PHE F 26 -30.39 -2.59 -10.32
N GLU F 27 -30.32 -3.68 -11.09
CA GLU F 27 -30.62 -5.01 -10.60
C GLU F 27 -29.37 -5.86 -10.37
N LEU F 28 -28.28 -5.59 -11.09
CA LEU F 28 -27.03 -6.33 -10.94
C LEU F 28 -26.18 -5.57 -9.94
N THR F 29 -26.28 -5.93 -8.67
CA THR F 29 -25.50 -5.23 -7.67
C THR F 29 -24.07 -5.79 -7.64
N THR F 30 -23.27 -5.26 -6.73
CA THR F 30 -21.85 -5.60 -6.70
C THR F 30 -21.62 -6.98 -6.11
N THR F 31 -22.16 -7.23 -4.92
CA THR F 31 -21.91 -8.46 -4.18
C THR F 31 -22.55 -9.69 -4.81
N GLN F 32 -23.26 -9.55 -5.93
CA GLN F 32 -23.72 -10.68 -6.71
C GLN F 32 -22.64 -11.31 -7.56
N LEU F 33 -21.46 -10.73 -7.63
CA LEU F 33 -20.46 -11.19 -8.57
C LEU F 33 -19.09 -11.38 -7.92
N ARG F 34 -19.07 -11.75 -6.63
CA ARG F 34 -17.80 -11.98 -5.96
C ARG F 34 -17.09 -13.21 -6.51
N VAL F 35 -17.83 -14.17 -7.06
CA VAL F 35 -17.22 -15.39 -7.56
C VAL F 35 -16.81 -15.28 -9.02
N LEU F 36 -16.91 -14.11 -9.61
CA LEU F 36 -16.32 -13.89 -10.92
C LEU F 36 -15.30 -12.77 -10.90
N LEU F 37 -15.05 -12.16 -9.74
CA LEU F 37 -13.95 -11.24 -9.54
C LEU F 37 -12.87 -11.79 -8.61
N SER F 38 -13.24 -12.53 -7.58
CA SER F 38 -12.23 -13.21 -6.77
C SER F 38 -11.84 -14.55 -7.36
N LEU F 39 -12.34 -14.88 -8.54
CA LEU F 39 -11.94 -16.09 -9.25
C LEU F 39 -11.37 -15.78 -10.61
N THR F 40 -11.35 -14.52 -11.02
CA THR F 40 -10.67 -14.13 -12.24
C THR F 40 -9.39 -13.35 -12.00
N ALA F 41 -9.22 -12.79 -10.80
CA ALA F 41 -7.91 -12.31 -10.39
C ALA F 41 -6.92 -13.46 -10.25
N GLN F 42 -7.42 -14.65 -9.90
CA GLN F 42 -6.58 -15.84 -9.86
C GLN F 42 -6.34 -16.42 -11.24
N LEU F 43 -7.10 -16.00 -12.24
CA LEU F 43 -6.69 -16.27 -13.61
C LEU F 43 -5.77 -15.17 -14.12
N PHE F 44 -5.93 -13.94 -13.64
CA PHE F 44 -5.12 -12.84 -14.13
C PHE F 44 -3.69 -12.92 -13.60
N ASP F 45 -3.52 -13.37 -12.36
CA ASP F 45 -2.18 -13.49 -11.81
C ASP F 45 -1.39 -14.64 -12.38
N GLU F 46 -2.04 -15.55 -13.12
CA GLU F 46 -1.34 -16.66 -13.74
C GLU F 46 -1.24 -16.55 -15.24
N ALA F 47 -2.12 -15.79 -15.87
CA ALA F 47 -2.03 -15.61 -17.31
C ALA F 47 -0.86 -14.70 -17.67
N GLN F 48 -0.59 -13.69 -16.85
CA GLN F 48 0.50 -12.79 -17.14
C GLN F 48 1.84 -13.44 -16.89
N LEU F 49 1.91 -14.38 -15.96
CA LEU F 49 3.17 -15.03 -15.68
C LEU F 49 3.54 -16.07 -16.72
N SER F 50 2.62 -16.47 -17.58
CA SER F 50 2.93 -17.39 -18.65
C SER F 50 3.75 -16.66 -19.71
N SER F 51 5.04 -16.96 -19.76
CA SER F 51 5.86 -16.40 -20.82
C SER F 51 5.53 -17.01 -22.17
N ASP F 52 4.93 -18.19 -22.19
CA ASP F 52 4.60 -18.87 -23.44
C ASP F 52 3.41 -18.19 -24.11
N GLN F 53 3.44 -18.20 -25.43
CA GLN F 53 2.30 -17.66 -26.18
C GLN F 53 1.09 -18.58 -26.05
N ASN F 54 1.30 -19.89 -26.10
CA ASN F 54 0.22 -20.84 -25.93
C ASN F 54 -0.01 -21.11 -24.45
N LEU F 55 -1.25 -21.46 -24.11
CA LEU F 55 -1.57 -21.79 -22.73
C LEU F 55 -1.08 -23.19 -22.39
N SER F 56 -0.86 -23.42 -21.10
CA SER F 56 -0.63 -24.76 -20.62
C SER F 56 -1.94 -25.55 -20.63
N PRO F 57 -1.87 -26.86 -20.88
CA PRO F 57 -3.06 -27.70 -20.61
C PRO F 57 -3.46 -27.67 -19.15
N ALA F 58 -2.50 -27.57 -18.23
CA ALA F 58 -2.81 -27.45 -16.81
C ALA F 58 -3.38 -26.08 -16.45
N LEU F 59 -3.35 -25.13 -17.38
CA LEU F 59 -4.08 -23.88 -17.25
C LEU F 59 -5.33 -23.85 -18.09
N ARG F 60 -5.38 -24.66 -19.16
CA ARG F 60 -6.52 -24.70 -20.06
C ARG F 60 -7.78 -25.21 -19.40
N ASP F 61 -7.65 -25.93 -18.29
CA ASP F 61 -8.80 -26.32 -17.51
C ASP F 61 -9.18 -25.30 -16.45
N LYS F 62 -8.24 -24.45 -16.04
CA LYS F 62 -8.53 -23.39 -15.07
C LYS F 62 -9.50 -22.36 -15.63
N VAL F 63 -9.58 -22.24 -16.96
CA VAL F 63 -10.64 -21.44 -17.57
C VAL F 63 -11.91 -22.24 -17.79
N GLN F 64 -11.85 -23.57 -17.76
CA GLN F 64 -13.07 -24.34 -17.96
C GLN F 64 -13.92 -24.36 -16.69
N TYR F 65 -13.27 -24.41 -15.51
CA TYR F 65 -14.01 -24.19 -14.27
C TYR F 65 -14.50 -22.77 -14.17
N LEU F 66 -13.79 -21.82 -14.81
CA LEU F 66 -14.35 -20.48 -14.96
C LEU F 66 -15.53 -20.49 -15.92
N ARG F 67 -15.43 -21.27 -16.99
CA ARG F 67 -16.52 -21.36 -17.97
C ARG F 67 -17.76 -21.97 -17.35
N VAL F 68 -17.58 -23.05 -16.60
CA VAL F 68 -18.72 -23.75 -16.02
C VAL F 68 -19.36 -22.91 -14.91
N ARG F 69 -18.55 -22.13 -14.18
CA ARG F 69 -19.14 -21.20 -13.21
C ARG F 69 -19.93 -20.10 -13.89
N PHE F 70 -19.52 -19.71 -15.11
CA PHE F 70 -20.28 -18.71 -15.85
C PHE F 70 -21.63 -19.25 -16.30
N VAL F 71 -21.64 -20.48 -16.84
CA VAL F 71 -22.90 -21.03 -17.31
C VAL F 71 -23.78 -21.45 -16.13
N TYR F 72 -23.19 -21.62 -14.95
CA TYR F 72 -23.98 -21.88 -13.76
C TYR F 72 -24.62 -20.62 -13.22
N GLN F 73 -23.88 -19.52 -13.15
CA GLN F 73 -24.39 -18.32 -12.49
C GLN F 73 -25.48 -17.61 -13.28
N ALA F 74 -25.69 -17.97 -14.54
CA ALA F 74 -26.87 -17.47 -15.24
C ALA F 74 -28.11 -18.26 -14.85
N GLY F 75 -27.94 -19.54 -14.53
CA GLY F 75 -29.06 -20.32 -14.05
C GLY F 75 -29.51 -19.93 -12.65
N ARG F 76 -28.56 -19.60 -11.77
CA ARG F 76 -28.92 -19.35 -10.38
C ARG F 76 -29.62 -18.01 -10.21
N GLU F 77 -29.09 -16.96 -10.85
CA GLU F 77 -29.66 -15.63 -10.68
C GLU F 77 -30.14 -15.07 -12.01
N LYS F 78 -31.04 -14.09 -11.92
CA LYS F 78 -31.61 -13.45 -13.09
C LYS F 78 -30.92 -12.14 -13.44
N ALA F 79 -30.45 -11.38 -12.45
CA ALA F 79 -29.74 -10.14 -12.73
C ALA F 79 -28.39 -10.40 -13.40
N VAL F 80 -27.81 -11.57 -13.17
CA VAL F 80 -26.63 -11.97 -13.92
C VAL F 80 -27.02 -12.68 -15.22
N ARG F 81 -28.24 -13.24 -15.28
CA ARG F 81 -28.73 -13.86 -16.50
C ARG F 81 -28.88 -12.85 -17.62
N VAL F 82 -29.24 -11.61 -17.28
CA VAL F 82 -29.38 -10.56 -18.27
C VAL F 82 -28.06 -9.88 -18.57
N PHE F 83 -27.05 -10.12 -17.73
CA PHE F 83 -25.76 -9.46 -17.90
C PHE F 83 -24.96 -10.03 -19.06
N VAL F 84 -25.17 -11.30 -19.39
CA VAL F 84 -24.20 -12.07 -20.16
C VAL F 84 -24.56 -12.15 -21.64
N GLU F 85 -25.82 -12.41 -21.96
CA GLU F 85 -26.18 -12.89 -23.30
C GLU F 85 -26.02 -11.82 -24.38
N ARG F 86 -26.08 -10.54 -24.00
CA ARG F 86 -25.79 -9.46 -24.94
C ARG F 86 -24.35 -9.00 -24.85
N ALA F 87 -23.74 -9.09 -23.66
CA ALA F 87 -22.30 -8.87 -23.55
C ALA F 87 -21.53 -9.97 -24.26
N GLY F 88 -22.08 -11.19 -24.31
CA GLY F 88 -21.48 -12.27 -25.05
C GLY F 88 -20.19 -12.77 -24.46
N LEU F 89 -20.18 -13.00 -23.14
CA LEU F 89 -18.99 -13.53 -22.48
C LEU F 89 -18.66 -14.93 -22.97
N LEU F 90 -19.68 -15.70 -23.33
CA LEU F 90 -19.48 -17.12 -23.66
C LEU F 90 -18.78 -17.29 -25.00
N ASP F 91 -19.01 -16.38 -25.95
CA ASP F 91 -18.39 -16.51 -27.26
C ASP F 91 -16.89 -16.26 -27.19
N GLU F 92 -16.44 -15.42 -26.26
CA GLU F 92 -15.02 -15.23 -26.06
C GLU F 92 -14.41 -16.36 -25.24
N LEU F 93 -15.22 -17.08 -24.49
CA LEU F 93 -14.78 -18.29 -23.80
C LEU F 93 -15.02 -19.55 -24.61
N ALA F 94 -15.57 -19.42 -25.82
CA ALA F 94 -15.86 -20.59 -26.64
C ALA F 94 -14.63 -21.07 -27.39
N GLN F 95 -14.08 -20.21 -28.24
CA GLN F 95 -12.98 -20.58 -29.12
C GLN F 95 -11.64 -20.04 -28.64
N ILE F 96 -11.46 -19.94 -27.33
CA ILE F 96 -10.27 -19.35 -26.72
C ILE F 96 -9.07 -20.28 -26.69
N GLY F 97 -9.23 -21.52 -27.17
CA GLY F 97 -8.31 -22.60 -26.84
C GLY F 97 -6.96 -22.59 -27.55
N ASP F 98 -6.67 -21.62 -28.42
CA ASP F 98 -5.39 -21.67 -29.10
C ASP F 98 -4.28 -21.02 -28.28
N SER F 99 -4.40 -19.72 -28.02
CA SER F 99 -3.37 -18.98 -27.29
C SER F 99 -4.05 -17.88 -26.48
N ARG F 100 -3.23 -17.11 -25.77
CA ARG F 100 -3.72 -16.09 -24.84
C ARG F 100 -3.97 -14.76 -25.52
N ASP F 101 -4.15 -14.77 -26.85
CA ASP F 101 -4.56 -13.57 -27.54
C ASP F 101 -5.96 -13.14 -27.10
N ARG F 102 -6.92 -14.05 -27.22
CA ARG F 102 -8.29 -13.75 -26.84
C ARG F 102 -8.45 -13.71 -25.33
N LEU F 103 -7.56 -14.39 -24.60
CA LEU F 103 -7.73 -14.49 -23.16
C LEU F 103 -7.35 -13.19 -22.48
N LEU F 104 -6.20 -12.63 -22.83
CA LEU F 104 -5.79 -11.35 -22.26
C LEU F 104 -6.69 -10.22 -22.71
N LYS F 105 -7.38 -10.37 -23.84
CA LYS F 105 -8.52 -9.51 -24.13
C LYS F 105 -9.63 -9.72 -23.11
N PHE F 106 -10.03 -10.98 -22.91
CA PHE F 106 -11.09 -11.27 -21.96
C PHE F 106 -10.65 -11.05 -20.53
N CYS F 107 -9.35 -11.17 -20.25
CA CYS F 107 -8.84 -10.75 -18.95
C CYS F 107 -8.98 -9.25 -18.77
N HIS F 108 -8.85 -8.50 -19.85
CA HIS F 108 -8.97 -7.05 -19.80
C HIS F 108 -10.39 -6.57 -19.99
N TYR F 109 -11.24 -7.38 -20.62
CA TYR F 109 -12.59 -6.91 -20.94
C TYR F 109 -13.47 -6.85 -19.70
N MET F 110 -13.25 -7.74 -18.74
CA MET F 110 -14.12 -7.78 -17.58
C MET F 110 -13.68 -6.85 -16.46
N GLU F 111 -12.44 -6.36 -16.50
CA GLU F 111 -12.09 -5.30 -15.57
C GLU F 111 -12.66 -3.96 -16.00
N ALA F 112 -13.05 -3.86 -17.26
CA ALA F 112 -13.74 -2.68 -17.78
C ALA F 112 -15.21 -2.67 -17.41
N LEU F 113 -15.81 -3.85 -17.22
CA LEU F 113 -17.24 -3.92 -16.93
C LEU F 113 -17.55 -3.76 -15.46
N VAL F 114 -16.65 -4.15 -14.56
CA VAL F 114 -16.78 -3.74 -13.16
C VAL F 114 -16.45 -2.26 -13.01
N ALA F 115 -15.71 -1.69 -13.97
CA ALA F 115 -15.33 -0.29 -13.88
C ALA F 115 -16.51 0.64 -14.11
N TYR F 116 -17.26 0.40 -15.19
CA TYR F 116 -18.40 1.26 -15.50
C TYR F 116 -19.55 1.02 -14.54
N LYS F 117 -19.62 -0.15 -13.91
CA LYS F 117 -20.74 -0.43 -13.04
C LYS F 117 -20.63 0.34 -11.73
N LYS F 118 -19.42 0.61 -11.27
CA LYS F 118 -19.31 1.53 -10.15
C LYS F 118 -19.62 2.96 -10.57
N PHE F 119 -19.38 3.29 -11.84
CA PHE F 119 -19.55 4.64 -12.34
C PHE F 119 -21.00 5.07 -12.47
N LEU F 120 -21.88 4.19 -12.94
CA LEU F 120 -23.26 4.50 -13.28
C LEU F 120 -24.19 4.43 -12.08
N ASP F 121 -23.65 4.50 -10.87
CA ASP F 121 -24.39 4.21 -9.65
C ASP F 121 -23.61 4.85 -8.52
N PRO F 122 -24.25 5.09 -7.36
CA PRO F 122 -23.51 5.64 -6.22
C PRO F 122 -22.30 4.84 -5.74
N LYS F 123 -22.48 3.58 -5.33
CA LYS F 123 -21.44 2.77 -4.67
C LYS F 123 -20.86 3.54 -3.48
N GLU F 124 -21.72 3.69 -2.50
CA GLU F 124 -21.51 4.59 -1.38
C GLU F 124 -20.73 3.89 -0.28
N THR F 125 -20.66 4.54 0.88
CA THR F 125 -20.11 3.94 2.10
C THR F 125 -20.72 4.64 3.31
N ASP G 6 -2.10 27.38 -21.79
CA ASP G 6 -3.41 27.99 -21.93
C ASP G 6 -4.05 28.17 -20.57
N ASP G 7 -5.38 28.12 -20.55
CA ASP G 7 -6.12 28.13 -19.31
C ASP G 7 -5.93 26.86 -18.50
N TYR G 8 -5.50 25.77 -19.13
CA TYR G 8 -5.59 24.45 -18.52
C TYR G 8 -4.59 24.27 -17.38
N VAL G 9 -3.50 25.03 -17.36
CA VAL G 9 -2.64 25.03 -16.18
C VAL G 9 -3.06 26.12 -15.20
N LYS G 10 -3.94 27.03 -15.63
CA LYS G 10 -4.52 28.03 -14.76
C LYS G 10 -5.87 27.63 -14.20
N GLN G 11 -6.57 26.69 -14.87
CA GLN G 11 -7.88 26.21 -14.45
C GLN G 11 -7.88 25.60 -13.06
N ALA G 12 -6.84 24.86 -12.72
CA ALA G 12 -6.78 24.11 -11.47
C ALA G 12 -6.55 24.99 -10.27
N GLU G 13 -6.35 26.28 -10.45
CA GLU G 13 -6.28 27.24 -9.36
C GLU G 13 -7.63 27.46 -8.71
N GLN G 14 -8.71 27.26 -9.46
CA GLN G 14 -10.05 27.55 -8.98
C GLN G 14 -10.96 26.32 -8.93
N VAL G 15 -10.76 25.31 -9.78
CA VAL G 15 -11.60 24.11 -9.72
C VAL G 15 -11.36 23.30 -8.46
N ILE G 16 -10.32 23.61 -7.70
CA ILE G 16 -10.11 22.96 -6.42
C ILE G 16 -10.70 23.79 -5.29
N ARG G 17 -10.92 25.08 -5.51
CA ARG G 17 -11.79 25.81 -4.61
C ARG G 17 -13.24 25.44 -4.82
N GLY G 18 -13.61 24.98 -6.01
CA GLY G 18 -14.97 24.55 -6.30
C GLY G 18 -15.29 23.15 -5.83
N LEU G 19 -14.33 22.44 -5.27
CA LEU G 19 -14.62 21.13 -4.71
C LEU G 19 -15.44 21.29 -3.44
N PRO G 20 -16.51 20.53 -3.28
CA PRO G 20 -17.39 20.74 -2.14
C PRO G 20 -16.83 20.12 -0.88
N LYS G 21 -16.31 20.96 0.00
CA LYS G 21 -15.74 20.51 1.26
C LYS G 21 -16.86 20.17 2.23
N LYS G 22 -16.93 18.90 2.63
CA LYS G 22 -18.05 18.37 3.40
C LYS G 22 -18.13 18.92 4.81
N ASN G 23 -17.03 18.88 5.57
CA ASN G 23 -17.03 19.44 6.91
C ASN G 23 -16.38 20.81 6.97
N GLY G 24 -15.98 21.35 5.82
CA GLY G 24 -15.15 22.54 5.81
C GLY G 24 -13.73 22.15 5.52
N ASP G 25 -13.29 21.06 6.14
CA ASP G 25 -12.17 20.34 5.59
C ASP G 25 -12.64 19.59 4.34
N PHE G 26 -11.70 19.26 3.48
CA PHE G 26 -12.04 18.64 2.20
C PHE G 26 -12.60 17.23 2.39
N GLU G 27 -13.21 16.73 1.33
CA GLU G 27 -13.58 15.31 1.30
C GLU G 27 -12.63 14.50 0.45
N LEU G 28 -11.89 15.13 -0.45
CA LEU G 28 -10.96 14.43 -1.32
C LEU G 28 -9.56 14.61 -0.76
N THR G 29 -9.12 13.62 0.01
CA THR G 29 -7.71 13.57 0.37
C THR G 29 -6.95 12.89 -0.76
N THR G 30 -5.64 13.14 -0.81
CA THR G 30 -4.89 12.77 -2.00
C THR G 30 -4.61 11.27 -2.04
N THR G 31 -4.59 10.64 -0.87
CA THR G 31 -4.35 9.20 -0.76
C THR G 31 -5.44 8.37 -1.41
N GLN G 32 -6.64 8.93 -1.62
CA GLN G 32 -7.68 8.27 -2.40
C GLN G 32 -7.36 8.23 -3.88
N LEU G 33 -6.32 8.93 -4.32
CA LEU G 33 -5.89 8.89 -5.71
C LEU G 33 -4.58 8.15 -5.85
N ARG G 34 -4.14 7.48 -4.79
CA ARG G 34 -2.78 6.93 -4.77
C ARG G 34 -2.60 5.82 -5.79
N VAL G 35 -3.66 5.09 -6.13
CA VAL G 35 -3.55 4.14 -7.23
C VAL G 35 -3.64 4.85 -8.57
N LEU G 36 -4.11 6.08 -8.60
CA LEU G 36 -4.20 6.83 -9.83
C LEU G 36 -2.98 7.68 -10.13
N LEU G 37 -2.62 8.61 -9.26
CA LEU G 37 -1.48 9.49 -9.49
C LEU G 37 -0.13 8.79 -9.40
N SER G 38 -0.10 7.56 -8.90
CA SER G 38 1.10 6.75 -9.06
C SER G 38 1.00 5.80 -10.24
N LEU G 39 0.00 5.97 -11.10
CA LEU G 39 -0.11 5.19 -12.31
C LEU G 39 0.01 6.06 -13.55
N THR G 40 -0.28 7.35 -13.43
CA THR G 40 -0.04 8.31 -14.50
C THR G 40 1.34 8.94 -14.43
N ALA G 41 1.95 9.00 -13.25
CA ALA G 41 3.32 9.49 -13.12
C ALA G 41 4.28 8.59 -13.89
N GLN G 42 3.99 7.30 -13.95
CA GLN G 42 4.75 6.39 -14.80
C GLN G 42 4.36 6.48 -16.25
N LEU G 43 3.13 6.90 -16.56
CA LEU G 43 2.77 7.15 -17.94
C LEU G 43 3.44 8.41 -18.47
N PHE G 44 3.55 9.43 -17.60
CA PHE G 44 4.18 10.70 -17.93
C PHE G 44 5.63 10.50 -18.34
N ASP G 45 6.31 9.53 -17.73
CA ASP G 45 7.73 9.36 -17.98
C ASP G 45 8.01 8.40 -19.14
N GLU G 46 7.08 7.52 -19.45
CA GLU G 46 7.19 6.74 -20.67
C GLU G 46 6.73 7.52 -21.89
N ALA G 47 6.03 8.62 -21.68
CA ALA G 47 5.51 9.39 -22.80
C ALA G 47 6.61 10.21 -23.47
N GLN G 48 7.25 11.09 -22.70
CA GLN G 48 8.18 12.04 -23.28
C GLN G 48 9.47 11.38 -23.72
N LEU G 49 9.87 10.30 -23.05
CA LEU G 49 11.06 9.57 -23.47
C LEU G 49 10.87 8.84 -24.79
N SER G 50 9.63 8.48 -25.12
CA SER G 50 9.31 8.07 -26.48
C SER G 50 9.35 9.31 -27.36
N SER G 51 10.05 9.24 -28.49
CA SER G 51 10.32 10.45 -29.23
C SER G 51 9.26 10.78 -30.27
N ASP G 52 8.49 9.79 -30.74
CA ASP G 52 7.47 10.08 -31.74
C ASP G 52 6.31 10.82 -31.10
N GLN G 53 5.68 11.70 -31.89
CA GLN G 53 4.52 12.43 -31.42
C GLN G 53 3.32 11.51 -31.25
N ASN G 54 2.89 10.86 -32.32
CA ASN G 54 1.94 9.77 -32.20
C ASN G 54 2.53 8.66 -31.36
N LEU G 55 1.77 8.23 -30.36
CA LEU G 55 2.31 7.32 -29.35
C LEU G 55 2.61 5.95 -29.92
N SER G 56 3.54 5.28 -29.25
CA SER G 56 3.80 3.88 -29.52
C SER G 56 2.56 3.06 -29.19
N PRO G 57 2.30 1.98 -29.96
CA PRO G 57 1.08 1.20 -29.73
C PRO G 57 1.03 0.53 -28.38
N ALA G 58 2.19 0.25 -27.78
CA ALA G 58 2.21 -0.18 -26.39
C ALA G 58 1.80 0.94 -25.43
N LEU G 59 2.07 2.19 -25.79
CA LEU G 59 1.61 3.29 -24.95
C LEU G 59 0.23 3.77 -25.35
N ARG G 60 -0.28 3.31 -26.50
CA ARG G 60 -1.65 3.62 -26.91
C ARG G 60 -2.66 3.02 -25.95
N ASP G 61 -2.37 1.84 -25.42
CA ASP G 61 -3.31 1.17 -24.53
C ASP G 61 -2.83 1.09 -23.10
N LYS G 62 -1.70 1.71 -22.78
CA LYS G 62 -1.37 2.00 -21.39
C LYS G 62 -2.32 3.03 -20.79
N VAL G 63 -2.67 4.06 -21.55
CA VAL G 63 -3.64 5.03 -21.07
C VAL G 63 -5.05 4.44 -21.04
N GLN G 64 -5.32 3.42 -21.87
CA GLN G 64 -6.61 2.72 -21.87
C GLN G 64 -6.93 2.14 -20.50
N TYR G 65 -5.93 1.56 -19.84
CA TYR G 65 -6.15 1.12 -18.47
C TYR G 65 -6.22 2.30 -17.52
N LEU G 66 -5.50 3.40 -17.81
CA LEU G 66 -5.59 4.56 -16.95
C LEU G 66 -6.97 5.20 -17.07
N ARG G 67 -7.56 5.14 -18.26
CA ARG G 67 -8.93 5.62 -18.46
C ARG G 67 -9.92 4.76 -17.68
N VAL G 68 -9.77 3.43 -17.76
CA VAL G 68 -10.69 2.50 -17.12
C VAL G 68 -10.54 2.55 -15.61
N ARG G 69 -9.32 2.79 -15.12
CA ARG G 69 -9.13 2.94 -13.69
C ARG G 69 -9.82 4.19 -13.16
N PHE G 70 -9.84 5.26 -13.96
CA PHE G 70 -10.49 6.49 -13.55
C PHE G 70 -11.99 6.30 -13.38
N VAL G 71 -12.64 5.66 -14.35
CA VAL G 71 -14.08 5.53 -14.33
C VAL G 71 -14.51 4.57 -13.24
N TYR G 72 -13.61 3.69 -12.79
CA TYR G 72 -13.89 2.81 -11.67
C TYR G 72 -13.70 3.54 -10.35
N GLN G 73 -12.52 4.12 -10.13
CA GLN G 73 -12.14 4.74 -8.87
C GLN G 73 -13.02 5.93 -8.51
N ALA G 74 -13.46 6.70 -9.50
CA ALA G 74 -14.43 7.76 -9.23
C ALA G 74 -15.77 7.16 -8.83
N GLY G 75 -16.22 6.13 -9.55
CA GLY G 75 -17.47 5.48 -9.21
C GLY G 75 -17.38 4.60 -7.99
N ARG G 76 -16.18 4.44 -7.43
CA ARG G 76 -16.01 3.62 -6.24
C ARG G 76 -16.08 4.48 -4.98
N GLU G 77 -15.72 5.76 -5.07
CA GLU G 77 -15.60 6.57 -3.88
C GLU G 77 -16.44 7.83 -3.98
N LYS G 78 -16.81 8.32 -2.79
CA LYS G 78 -17.57 9.55 -2.60
C LYS G 78 -16.83 10.79 -3.06
N ALA G 79 -15.53 10.85 -2.82
CA ALA G 79 -14.78 12.07 -3.05
C ALA G 79 -14.45 12.26 -4.52
N VAL G 80 -13.92 11.23 -5.17
CA VAL G 80 -13.57 11.31 -6.58
C VAL G 80 -14.81 11.27 -7.47
N ARG G 81 -15.99 11.05 -6.87
CA ARG G 81 -17.26 11.21 -7.57
C ARG G 81 -17.43 12.62 -8.12
N VAL G 82 -16.92 13.63 -7.42
CA VAL G 82 -17.05 15.02 -7.88
C VAL G 82 -15.80 15.51 -8.60
N PHE G 83 -14.65 14.87 -8.38
CA PHE G 83 -13.40 15.50 -8.77
C PHE G 83 -13.11 15.35 -10.26
N VAL G 84 -13.60 14.30 -10.89
CA VAL G 84 -13.34 14.05 -12.30
C VAL G 84 -13.98 15.10 -13.20
N GLU G 85 -15.29 15.28 -13.08
CA GLU G 85 -16.01 16.14 -14.00
C GLU G 85 -15.80 17.62 -13.68
N ARG G 86 -15.51 17.95 -12.42
CA ARG G 86 -15.11 19.30 -12.06
C ARG G 86 -13.75 19.66 -12.61
N ALA G 87 -12.90 18.67 -12.88
CA ALA G 87 -11.69 18.94 -13.61
C ALA G 87 -11.83 18.57 -15.08
N GLY G 88 -12.83 17.77 -15.43
CA GLY G 88 -13.03 17.41 -16.82
C GLY G 88 -12.03 16.38 -17.30
N LEU G 89 -11.67 15.45 -16.42
CA LEU G 89 -10.58 14.53 -16.70
C LEU G 89 -10.99 13.46 -17.70
N LEU G 90 -12.13 12.81 -17.47
CA LEU G 90 -12.71 11.92 -18.49
C LEU G 90 -13.08 12.69 -19.74
N ASP G 91 -13.44 13.96 -19.60
CA ASP G 91 -13.77 14.80 -20.73
C ASP G 91 -12.56 15.08 -21.61
N GLU G 92 -11.36 15.00 -21.04
CA GLU G 92 -10.15 15.15 -21.83
C GLU G 92 -9.63 13.82 -22.37
N LEU G 93 -10.06 12.71 -21.79
CA LEU G 93 -9.42 11.43 -22.01
C LEU G 93 -10.02 10.62 -23.15
N ALA G 94 -11.10 11.08 -23.76
CA ALA G 94 -11.78 10.27 -24.76
C ALA G 94 -11.06 10.33 -26.10
N GLN G 95 -10.26 11.38 -26.32
CA GLN G 95 -9.78 11.74 -27.65
C GLN G 95 -8.25 11.83 -27.70
N ILE G 96 -7.58 11.27 -26.69
CA ILE G 96 -6.14 11.47 -26.50
C ILE G 96 -5.29 10.51 -27.32
N GLY G 97 -5.91 9.68 -28.16
CA GLY G 97 -5.20 8.66 -28.91
C GLY G 97 -4.50 9.14 -30.17
N ASP G 98 -4.31 10.45 -30.34
CA ASP G 98 -3.58 10.96 -31.49
C ASP G 98 -2.09 11.05 -31.16
N SER G 99 -1.74 11.89 -30.19
CA SER G 99 -0.35 12.20 -29.93
C SER G 99 -0.15 12.63 -28.49
N ARG G 100 1.12 12.73 -28.10
CA ARG G 100 1.51 13.02 -26.72
C ARG G 100 1.33 14.47 -26.36
N ASP G 101 1.08 15.31 -27.35
CA ASP G 101 0.92 16.74 -27.15
C ASP G 101 -0.24 17.04 -26.20
N ARG G 102 -1.42 16.50 -26.50
CA ARG G 102 -2.51 16.58 -25.54
C ARG G 102 -2.25 15.75 -24.30
N LEU G 103 -1.52 14.65 -24.45
CA LEU G 103 -1.22 13.79 -23.33
C LEU G 103 -0.29 14.49 -22.34
N LEU G 104 0.82 15.01 -22.82
CA LEU G 104 1.73 15.76 -21.96
C LEU G 104 1.12 17.05 -21.46
N LYS G 105 0.10 17.56 -22.14
CA LYS G 105 -0.73 18.59 -21.55
C LYS G 105 -1.57 18.01 -20.41
N PHE G 106 -2.17 16.85 -20.65
CA PHE G 106 -3.10 16.26 -19.71
C PHE G 106 -2.41 15.83 -18.43
N CYS G 107 -1.20 15.27 -18.53
CA CYS G 107 -0.48 14.93 -17.33
C CYS G 107 0.01 16.16 -16.60
N HIS G 108 0.43 17.17 -17.35
CA HIS G 108 0.76 18.46 -16.76
C HIS G 108 -0.45 19.12 -16.14
N TYR G 109 -1.61 18.96 -16.76
CA TYR G 109 -2.86 19.41 -16.15
C TYR G 109 -3.07 18.70 -14.83
N MET G 110 -2.92 17.38 -14.82
CA MET G 110 -3.06 16.65 -13.57
C MET G 110 -1.95 16.95 -12.60
N GLU G 111 -0.80 17.38 -13.08
CA GLU G 111 0.25 17.82 -12.17
C GLU G 111 -0.16 19.08 -11.43
N ALA G 112 -0.81 20.01 -12.11
CA ALA G 112 -1.25 21.24 -11.49
C ALA G 112 -2.32 21.00 -10.45
N LEU G 113 -3.23 20.09 -10.72
CA LEU G 113 -4.29 19.71 -9.80
C LEU G 113 -3.76 19.17 -8.49
N VAL G 114 -2.93 18.13 -8.51
CA VAL G 114 -2.43 17.56 -7.27
C VAL G 114 -1.48 18.52 -6.57
N ALA G 115 -0.82 19.40 -7.32
CA ALA G 115 -0.03 20.44 -6.69
C ALA G 115 -0.93 21.45 -6.00
N TYR G 116 -1.97 21.89 -6.69
CA TYR G 116 -2.89 22.83 -6.07
C TYR G 116 -3.75 22.14 -5.02
N LYS G 117 -3.97 20.83 -5.15
CA LYS G 117 -4.61 20.09 -4.08
C LYS G 117 -3.73 20.06 -2.84
N LYS G 118 -2.41 19.94 -3.02
CA LYS G 118 -1.52 19.99 -1.88
C LYS G 118 -1.48 21.36 -1.23
N PHE G 119 -1.67 22.42 -2.00
CA PHE G 119 -1.63 23.76 -1.41
C PHE G 119 -2.93 24.17 -0.76
N LEU G 120 -4.06 23.71 -1.28
CA LEU G 120 -5.35 24.18 -0.83
C LEU G 120 -5.90 23.36 0.34
N ASP G 121 -5.04 22.75 1.13
CA ASP G 121 -5.42 21.97 2.29
C ASP G 121 -4.23 21.94 3.24
N PRO G 122 -4.45 21.63 4.51
CA PRO G 122 -3.31 21.27 5.36
C PRO G 122 -2.52 20.08 4.85
N LYS G 123 -3.17 18.91 4.74
CA LYS G 123 -2.63 17.70 4.12
C LYS G 123 -1.30 17.27 4.74
N GLU G 124 -1.38 16.86 6.01
CA GLU G 124 -0.22 16.45 6.79
C GLU G 124 0.33 15.13 6.26
N THR G 125 1.44 14.67 6.83
CA THR G 125 2.02 13.40 6.39
C THR G 125 1.42 12.26 7.20
N ASP H 7 -13.83 -34.52 -26.10
CA ASP H 7 -14.78 -33.47 -25.80
C ASP H 7 -15.82 -33.94 -24.80
N TYR H 8 -15.46 -33.88 -23.51
CA TYR H 8 -16.40 -34.26 -22.46
C TYR H 8 -16.98 -33.07 -21.74
N VAL H 9 -16.35 -31.89 -21.85
CA VAL H 9 -16.83 -30.72 -21.12
C VAL H 9 -17.69 -29.82 -22.02
N LYS H 10 -17.90 -30.22 -23.27
CA LYS H 10 -18.90 -29.57 -24.09
C LYS H 10 -20.06 -30.48 -24.47
N GLN H 11 -19.80 -31.77 -24.73
CA GLN H 11 -20.82 -32.69 -25.25
C GLN H 11 -21.94 -32.96 -24.26
N ALA H 12 -21.80 -32.51 -23.02
CA ALA H 12 -22.88 -32.40 -22.05
C ALA H 12 -23.94 -31.36 -22.43
N GLU H 13 -23.76 -30.60 -23.51
CA GLU H 13 -24.73 -29.61 -23.96
C GLU H 13 -25.73 -30.19 -24.96
N GLN H 14 -25.25 -30.97 -25.92
CA GLN H 14 -26.14 -31.58 -26.90
C GLN H 14 -26.96 -32.71 -26.31
N VAL H 15 -26.63 -33.17 -25.10
CA VAL H 15 -27.50 -34.08 -24.36
C VAL H 15 -28.35 -33.38 -23.31
N ILE H 16 -27.93 -32.22 -22.81
CA ILE H 16 -28.83 -31.45 -21.96
C ILE H 16 -29.89 -30.75 -22.81
N ARG H 17 -29.61 -30.56 -24.11
CA ARG H 17 -30.63 -30.29 -25.09
C ARG H 17 -31.38 -31.55 -25.50
N GLY H 18 -30.65 -32.66 -25.64
CA GLY H 18 -31.18 -33.88 -26.21
C GLY H 18 -32.29 -34.52 -25.41
N LEU H 19 -32.32 -34.32 -24.11
CA LEU H 19 -33.42 -34.81 -23.32
C LEU H 19 -34.64 -33.93 -23.59
N PRO H 20 -35.80 -34.50 -23.83
CA PRO H 20 -36.93 -33.70 -24.29
C PRO H 20 -37.89 -33.28 -23.19
N LYS H 21 -38.40 -32.06 -23.28
CA LYS H 21 -39.59 -31.65 -22.53
C LYS H 21 -40.59 -31.04 -23.49
N LYS H 22 -41.82 -31.54 -23.45
CA LYS H 22 -42.89 -31.03 -24.31
C LYS H 22 -43.98 -30.34 -23.52
N ASN H 23 -43.99 -30.53 -22.20
CA ASN H 23 -45.02 -29.97 -21.34
C ASN H 23 -44.80 -28.50 -21.06
N GLY H 24 -43.72 -27.91 -21.54
CA GLY H 24 -43.42 -26.51 -21.29
C GLY H 24 -42.29 -26.39 -20.29
N ASP H 25 -42.30 -27.24 -19.28
CA ASP H 25 -41.28 -27.22 -18.26
C ASP H 25 -40.42 -28.48 -18.36
N PHE H 26 -39.16 -28.35 -17.96
CA PHE H 26 -38.25 -29.47 -17.98
C PHE H 26 -38.62 -30.48 -16.89
N GLU H 27 -39.01 -31.68 -17.34
CA GLU H 27 -39.45 -32.73 -16.45
C GLU H 27 -38.35 -33.27 -15.55
N LEU H 28 -37.08 -33.14 -15.95
CA LEU H 28 -35.98 -33.43 -15.04
C LEU H 28 -35.77 -32.16 -14.24
N THR H 29 -36.24 -32.16 -13.02
CA THR H 29 -35.99 -31.01 -12.17
C THR H 29 -34.55 -31.08 -11.66
N THR H 30 -34.02 -29.92 -11.28
CA THR H 30 -32.71 -29.91 -10.64
C THR H 30 -32.87 -30.28 -9.17
N THR H 31 -34.08 -30.16 -8.65
CA THR H 31 -34.43 -30.69 -7.35
C THR H 31 -34.50 -32.21 -7.33
N GLN H 32 -34.46 -32.87 -8.49
CA GLN H 32 -34.52 -34.32 -8.58
C GLN H 32 -33.20 -35.00 -8.25
N LEU H 33 -32.13 -34.25 -8.05
CA LEU H 33 -30.80 -34.83 -7.90
C LEU H 33 -30.11 -34.39 -6.62
N ARG H 34 -30.87 -33.95 -5.62
CA ARG H 34 -30.24 -33.39 -4.43
C ARG H 34 -29.70 -34.46 -3.49
N VAL H 35 -29.84 -35.74 -3.84
CA VAL H 35 -29.19 -36.80 -3.07
C VAL H 35 -28.01 -37.40 -3.82
N LEU H 36 -28.00 -37.34 -5.15
CA LEU H 36 -26.81 -37.68 -5.90
C LEU H 36 -25.75 -36.61 -5.79
N LEU H 37 -26.15 -35.35 -5.64
CA LEU H 37 -25.21 -34.25 -5.72
C LEU H 37 -25.01 -33.55 -4.39
N SER H 38 -25.47 -34.15 -3.30
CA SER H 38 -25.02 -33.75 -1.99
C SER H 38 -23.93 -34.65 -1.47
N LEU H 39 -23.80 -35.84 -2.05
CA LEU H 39 -22.74 -36.78 -1.72
C LEU H 39 -21.57 -36.74 -2.68
N THR H 40 -21.82 -36.53 -3.97
CA THR H 40 -20.74 -36.36 -4.95
C THR H 40 -19.92 -35.11 -4.69
N ALA H 41 -20.45 -34.16 -3.94
CA ALA H 41 -19.60 -33.14 -3.36
C ALA H 41 -18.66 -33.73 -2.32
N GLN H 42 -19.20 -34.53 -1.39
CA GLN H 42 -18.40 -35.10 -0.30
C GLN H 42 -17.34 -36.07 -0.79
N LEU H 43 -17.60 -36.73 -1.92
CA LEU H 43 -16.58 -37.48 -2.62
C LEU H 43 -15.49 -36.59 -3.20
N PHE H 44 -15.89 -35.50 -3.86
CA PHE H 44 -14.96 -34.59 -4.51
C PHE H 44 -14.11 -33.83 -3.49
N ASP H 45 -14.62 -33.63 -2.27
CA ASP H 45 -13.87 -32.91 -1.26
C ASP H 45 -12.72 -33.72 -0.67
N GLU H 46 -12.74 -35.05 -0.84
CA GLU H 46 -11.65 -35.88 -0.37
C GLU H 46 -10.97 -36.65 -1.48
N ALA H 47 -11.53 -36.64 -2.69
CA ALA H 47 -10.78 -37.17 -3.82
C ALA H 47 -9.57 -36.30 -4.13
N GLN H 48 -9.73 -34.99 -4.02
CA GLN H 48 -8.65 -34.09 -4.38
C GLN H 48 -7.63 -33.96 -3.26
N LEU H 49 -8.04 -34.16 -2.01
CA LEU H 49 -7.10 -34.19 -0.90
C LEU H 49 -6.20 -35.42 -0.92
N SER H 50 -6.48 -36.40 -1.77
CA SER H 50 -5.67 -37.60 -1.89
C SER H 50 -4.43 -37.30 -2.72
N SER H 51 -3.25 -37.65 -2.18
CA SER H 51 -2.02 -37.40 -2.90
C SER H 51 -1.71 -38.47 -3.94
N ASP H 52 -2.07 -39.72 -3.67
CA ASP H 52 -1.66 -40.83 -4.51
C ASP H 52 -2.43 -40.84 -5.82
N GLN H 53 -1.85 -41.50 -6.82
CA GLN H 53 -2.51 -41.60 -8.12
C GLN H 53 -3.63 -42.61 -8.08
N ASN H 54 -3.41 -43.76 -7.45
CA ASN H 54 -4.46 -44.75 -7.29
C ASN H 54 -5.43 -44.37 -6.18
N LEU H 55 -6.47 -45.17 -6.02
CA LEU H 55 -7.43 -44.93 -4.97
C LEU H 55 -6.86 -45.26 -3.60
N SER H 56 -7.41 -44.62 -2.58
CA SER H 56 -7.26 -45.11 -1.23
C SER H 56 -8.12 -46.37 -1.06
N PRO H 57 -7.75 -47.27 -0.15
CA PRO H 57 -8.57 -48.47 0.04
C PRO H 57 -9.93 -48.21 0.63
N ALA H 58 -10.10 -47.10 1.37
CA ALA H 58 -11.38 -46.77 1.96
C ALA H 58 -12.32 -46.04 1.00
N LEU H 59 -11.95 -45.90 -0.27
CA LEU H 59 -12.71 -45.04 -1.17
C LEU H 59 -13.14 -45.70 -2.47
N ARG H 60 -12.61 -46.88 -2.80
CA ARG H 60 -13.09 -47.52 -4.01
C ARG H 60 -14.47 -48.12 -3.79
N ASP H 61 -14.84 -48.38 -2.55
CA ASP H 61 -16.23 -48.69 -2.22
C ASP H 61 -17.11 -47.46 -2.30
N LYS H 62 -16.53 -46.27 -2.08
CA LYS H 62 -17.29 -45.04 -2.09
C LYS H 62 -17.75 -44.69 -3.49
N VAL H 63 -16.95 -44.99 -4.51
CA VAL H 63 -17.38 -44.82 -5.88
C VAL H 63 -18.29 -45.98 -6.29
N GLN H 64 -18.35 -47.05 -5.49
CA GLN H 64 -19.35 -48.08 -5.69
C GLN H 64 -20.63 -47.77 -4.94
N TYR H 65 -20.51 -47.28 -3.70
CA TYR H 65 -21.67 -46.90 -2.90
C TYR H 65 -22.45 -45.77 -3.55
N LEU H 66 -21.75 -44.86 -4.22
CA LEU H 66 -22.43 -43.87 -5.04
C LEU H 66 -23.03 -44.50 -6.29
N ARG H 67 -22.45 -45.59 -6.77
CA ARG H 67 -22.82 -46.10 -8.08
C ARG H 67 -24.21 -46.73 -8.06
N VAL H 68 -24.55 -47.41 -6.97
CA VAL H 68 -25.90 -47.98 -6.88
C VAL H 68 -26.92 -46.88 -6.64
N ARG H 69 -26.52 -45.76 -6.01
CA ARG H 69 -27.47 -44.67 -5.79
C ARG H 69 -27.83 -43.99 -7.10
N PHE H 70 -26.95 -44.07 -8.10
CA PHE H 70 -27.33 -43.67 -9.44
C PHE H 70 -28.45 -44.55 -9.98
N VAL H 71 -28.26 -45.87 -9.93
CA VAL H 71 -29.24 -46.75 -10.55
C VAL H 71 -30.48 -46.92 -9.66
N TYR H 72 -30.36 -46.66 -8.36
CA TYR H 72 -31.53 -46.71 -7.48
C TYR H 72 -32.44 -45.51 -7.71
N GLN H 73 -31.87 -44.30 -7.77
CA GLN H 73 -32.66 -43.14 -8.16
C GLN H 73 -32.93 -43.09 -9.65
N ALA H 74 -32.32 -43.97 -10.45
CA ALA H 74 -32.75 -44.12 -11.83
C ALA H 74 -34.11 -44.80 -11.90
N GLY H 75 -34.26 -45.91 -11.18
CA GLY H 75 -35.49 -46.65 -11.24
C GLY H 75 -36.63 -45.98 -10.52
N ARG H 76 -36.31 -45.13 -9.55
CA ARG H 76 -37.35 -44.52 -8.74
C ARG H 76 -38.09 -43.43 -9.52
N GLU H 77 -37.48 -42.91 -10.57
CA GLU H 77 -38.10 -41.92 -11.44
C GLU H 77 -38.14 -42.42 -12.88
N LYS H 78 -38.75 -41.63 -13.75
CA LYS H 78 -38.85 -41.97 -15.16
C LYS H 78 -37.99 -41.09 -16.05
N ALA H 79 -37.76 -39.84 -15.65
CA ALA H 79 -36.83 -38.99 -16.40
C ALA H 79 -35.39 -39.39 -16.12
N VAL H 80 -35.04 -39.62 -14.85
CA VAL H 80 -33.73 -40.15 -14.49
C VAL H 80 -33.52 -41.57 -15.04
N ARG H 81 -34.61 -42.31 -15.27
CA ARG H 81 -34.55 -43.65 -15.87
C ARG H 81 -33.91 -43.66 -17.24
N VAL H 82 -34.05 -42.58 -18.01
CA VAL H 82 -33.48 -42.54 -19.36
C VAL H 82 -32.31 -41.57 -19.46
N PHE H 83 -32.25 -40.57 -18.59
CA PHE H 83 -31.22 -39.54 -18.60
C PHE H 83 -29.82 -40.07 -18.31
N VAL H 84 -29.70 -41.02 -17.38
CA VAL H 84 -28.41 -41.46 -16.91
C VAL H 84 -27.66 -42.28 -17.95
N GLU H 85 -28.34 -43.24 -18.59
CA GLU H 85 -27.64 -44.06 -19.57
C GLU H 85 -27.52 -43.36 -20.92
N ARG H 86 -28.38 -42.37 -21.21
CA ARG H 86 -28.17 -41.56 -22.40
C ARG H 86 -26.96 -40.66 -22.28
N ALA H 87 -26.69 -40.15 -21.08
CA ALA H 87 -25.41 -39.50 -20.85
C ALA H 87 -24.34 -40.52 -20.46
N GLY H 88 -24.75 -41.75 -20.13
CA GLY H 88 -23.82 -42.84 -19.97
C GLY H 88 -22.98 -42.79 -18.73
N LEU H 89 -23.60 -42.45 -17.58
CA LEU H 89 -22.83 -42.40 -16.35
C LEU H 89 -22.63 -43.77 -15.73
N LEU H 90 -23.29 -44.80 -16.27
CA LEU H 90 -23.00 -46.16 -15.84
C LEU H 90 -21.68 -46.65 -16.42
N ASP H 91 -21.39 -46.27 -17.66
CA ASP H 91 -20.17 -46.72 -18.31
C ASP H 91 -18.95 -45.96 -17.82
N GLU H 92 -19.09 -44.65 -17.61
CA GLU H 92 -18.00 -43.86 -17.07
C GLU H 92 -17.72 -44.17 -15.61
N LEU H 93 -18.69 -44.74 -14.90
CA LEU H 93 -18.45 -45.31 -13.58
C LEU H 93 -17.99 -46.75 -13.64
N ALA H 94 -18.18 -47.42 -14.77
CA ALA H 94 -17.71 -48.79 -14.90
C ALA H 94 -16.19 -48.83 -15.05
N GLN H 95 -15.64 -47.88 -15.81
CA GLN H 95 -14.22 -47.82 -16.08
C GLN H 95 -13.51 -46.76 -15.26
N ILE H 96 -13.90 -46.61 -13.98
CA ILE H 96 -13.36 -45.56 -13.15
C ILE H 96 -12.57 -46.08 -11.96
N GLY H 97 -12.64 -47.38 -11.68
CA GLY H 97 -12.09 -47.94 -10.45
C GLY H 97 -10.59 -47.96 -10.34
N ASP H 98 -9.86 -47.58 -11.39
CA ASP H 98 -8.41 -47.61 -11.36
C ASP H 98 -7.88 -46.46 -10.50
N SER H 99 -8.17 -45.23 -10.89
CA SER H 99 -7.48 -44.08 -10.34
C SER H 99 -8.43 -42.90 -10.24
N ARG H 100 -7.89 -41.76 -9.83
CA ARG H 100 -8.59 -40.48 -9.87
C ARG H 100 -8.41 -39.75 -11.17
N ASP H 101 -7.86 -40.43 -12.19
CA ASP H 101 -7.74 -39.83 -13.50
C ASP H 101 -9.12 -39.65 -14.14
N ARG H 102 -9.96 -40.68 -14.06
CA ARG H 102 -11.30 -40.58 -14.58
C ARG H 102 -12.31 -40.16 -13.53
N LEU H 103 -11.92 -40.17 -12.25
CA LEU H 103 -12.84 -39.76 -11.19
C LEU H 103 -13.10 -38.26 -11.26
N LEU H 104 -12.04 -37.47 -11.41
CA LEU H 104 -12.21 -36.02 -11.48
C LEU H 104 -12.67 -35.57 -12.85
N LYS H 105 -12.65 -36.46 -13.84
CA LYS H 105 -13.42 -36.21 -15.05
C LYS H 105 -14.91 -36.34 -14.77
N PHE H 106 -15.27 -37.31 -13.93
CA PHE H 106 -16.66 -37.54 -13.59
C PHE H 106 -17.22 -36.40 -12.74
N CYS H 107 -16.46 -35.93 -11.75
CA CYS H 107 -16.95 -34.85 -10.88
C CYS H 107 -17.06 -33.52 -11.62
N HIS H 108 -16.48 -33.40 -12.80
CA HIS H 108 -16.72 -32.25 -13.65
C HIS H 108 -17.59 -32.60 -14.84
N TYR H 109 -17.87 -33.87 -15.07
CA TYR H 109 -18.88 -34.18 -16.06
C TYR H 109 -20.27 -33.91 -15.50
N MET H 110 -20.50 -34.26 -14.23
CA MET H 110 -21.73 -33.88 -13.59
C MET H 110 -21.82 -32.38 -13.37
N GLU H 111 -20.68 -31.73 -13.09
CA GLU H 111 -20.65 -30.29 -12.97
C GLU H 111 -20.91 -29.59 -14.29
N ALA H 112 -20.53 -30.22 -15.41
CA ALA H 112 -20.94 -29.74 -16.71
C ALA H 112 -22.42 -29.94 -16.95
N LEU H 113 -23.04 -30.90 -16.27
CA LEU H 113 -24.45 -31.19 -16.48
C LEU H 113 -25.37 -30.48 -15.50
N VAL H 114 -24.92 -30.20 -14.28
CA VAL H 114 -25.78 -29.44 -13.38
C VAL H 114 -25.80 -27.96 -13.74
N ALA H 115 -24.70 -27.43 -14.26
CA ALA H 115 -24.66 -26.02 -14.64
C ALA H 115 -25.43 -25.78 -15.92
N TYR H 116 -25.36 -26.71 -16.86
CA TYR H 116 -26.18 -26.62 -18.07
C TYR H 116 -27.66 -26.74 -17.77
N LYS H 117 -28.04 -27.68 -16.91
CA LYS H 117 -29.45 -27.84 -16.58
C LYS H 117 -29.98 -26.67 -15.76
N LYS H 118 -29.12 -26.00 -15.00
CA LYS H 118 -29.51 -24.72 -14.43
C LYS H 118 -29.70 -23.66 -15.51
N PHE H 119 -28.87 -23.71 -16.56
CA PHE H 119 -28.81 -22.67 -17.57
C PHE H 119 -29.92 -22.77 -18.61
N LEU H 120 -30.28 -23.98 -19.04
CA LEU H 120 -31.29 -24.14 -20.09
C LEU H 120 -32.70 -24.15 -19.54
N ASP H 121 -32.90 -23.73 -18.31
CA ASP H 121 -34.21 -23.61 -17.68
C ASP H 121 -34.40 -22.15 -17.28
N PRO H 122 -35.65 -21.69 -17.13
CA PRO H 122 -35.88 -20.40 -16.46
C PRO H 122 -35.28 -20.37 -15.05
N LYS H 123 -35.75 -21.26 -14.18
CA LYS H 123 -35.12 -21.60 -12.90
C LYS H 123 -34.98 -20.37 -12.00
N GLU H 124 -36.12 -19.86 -11.57
CA GLU H 124 -36.16 -18.75 -10.64
C GLU H 124 -35.60 -19.22 -9.30
N THR H 125 -34.92 -18.33 -8.59
CA THR H 125 -34.34 -18.67 -7.30
C THR H 125 -34.34 -17.46 -6.38
N ASP I 6 -29.26 -71.76 23.46
CA ASP I 6 -29.81 -70.55 22.86
C ASP I 6 -29.82 -70.60 21.34
N ASP I 7 -29.08 -71.56 20.79
CA ASP I 7 -28.92 -71.68 19.34
C ASP I 7 -30.02 -72.50 18.68
N TYR I 8 -31.22 -72.56 19.26
CA TYR I 8 -32.24 -73.50 18.83
C TYR I 8 -32.84 -73.14 17.47
N VAL I 9 -32.53 -71.97 16.91
CA VAL I 9 -32.94 -71.68 15.55
C VAL I 9 -32.24 -72.57 14.54
N LYS I 10 -31.03 -73.02 14.83
CA LYS I 10 -30.37 -74.07 14.06
C LYS I 10 -31.04 -75.42 14.26
N GLN I 11 -31.57 -75.69 15.47
CA GLN I 11 -32.27 -76.93 15.74
C GLN I 11 -33.51 -77.11 14.88
N ALA I 12 -34.20 -76.02 14.57
CA ALA I 12 -35.38 -76.09 13.71
C ALA I 12 -35.05 -76.45 12.28
N GLU I 13 -33.80 -76.35 11.84
CA GLU I 13 -33.42 -76.81 10.52
C GLU I 13 -33.48 -78.33 10.40
N GLN I 14 -33.15 -79.05 11.47
CA GLN I 14 -33.16 -80.50 11.39
C GLN I 14 -34.38 -81.15 12.03
N VAL I 15 -34.99 -80.55 13.06
CA VAL I 15 -36.15 -81.19 13.69
C VAL I 15 -37.40 -81.15 12.84
N ILE I 16 -37.42 -80.34 11.78
CA ILE I 16 -38.50 -80.44 10.80
C ILE I 16 -38.32 -81.65 9.91
N ARG I 17 -37.08 -82.04 9.61
CA ARG I 17 -36.82 -83.24 8.83
C ARG I 17 -37.12 -84.53 9.60
N GLY I 18 -37.28 -84.45 10.92
CA GLY I 18 -37.69 -85.58 11.73
C GLY I 18 -39.18 -85.85 11.69
N LEU I 19 -39.94 -85.02 10.99
CA LEU I 19 -41.35 -85.31 10.71
C LEU I 19 -41.45 -86.55 9.84
N PRO I 20 -42.27 -87.54 10.21
CA PRO I 20 -42.41 -88.71 9.34
C PRO I 20 -43.24 -88.40 8.11
N LYS I 21 -42.55 -88.26 6.98
CA LYS I 21 -43.17 -87.97 5.70
C LYS I 21 -43.10 -89.24 4.85
N LYS I 22 -44.23 -89.94 4.76
CA LYS I 22 -44.26 -91.31 4.25
C LYS I 22 -44.60 -91.41 2.77
N ASN I 23 -45.47 -90.55 2.26
CA ASN I 23 -45.86 -90.63 0.85
C ASN I 23 -44.78 -90.06 -0.06
N GLY I 24 -43.86 -89.28 0.49
CA GLY I 24 -42.99 -88.45 -0.31
C GLY I 24 -43.42 -87.01 -0.09
N ASP I 25 -44.70 -86.86 0.20
CA ASP I 25 -45.29 -85.58 0.53
C ASP I 25 -45.25 -85.35 2.03
N PHE I 26 -45.70 -84.17 2.43
CA PHE I 26 -45.90 -83.87 3.84
C PHE I 26 -47.13 -84.61 4.37
N GLU I 27 -47.22 -84.66 5.70
CA GLU I 27 -48.46 -85.03 6.35
C GLU I 27 -48.88 -84.06 7.45
N LEU I 28 -47.94 -83.30 8.00
CA LEU I 28 -48.24 -82.23 8.95
C LEU I 28 -48.16 -80.91 8.19
N THR I 29 -49.21 -80.62 7.42
CA THR I 29 -49.22 -79.37 6.67
C THR I 29 -49.54 -78.22 7.61
N THR I 30 -49.35 -76.99 7.12
CA THR I 30 -49.45 -75.80 7.96
C THR I 30 -50.89 -75.54 8.38
N THR I 31 -51.84 -76.01 7.56
CA THR I 31 -53.27 -75.78 7.74
C THR I 31 -53.81 -76.33 9.05
N GLN I 32 -53.26 -77.44 9.56
CA GLN I 32 -53.69 -77.95 10.84
C GLN I 32 -53.20 -77.13 12.02
N LEU I 33 -52.28 -76.18 11.81
CA LEU I 33 -51.55 -75.59 12.92
C LEU I 33 -52.09 -74.21 13.31
N ARG I 34 -53.17 -73.75 12.67
CA ARG I 34 -53.64 -72.40 12.92
C ARG I 34 -54.33 -72.28 14.27
N VAL I 35 -54.72 -73.40 14.86
CA VAL I 35 -55.14 -73.39 16.27
C VAL I 35 -53.95 -73.51 17.21
N LEU I 36 -52.74 -73.64 16.68
CA LEU I 36 -51.55 -73.63 17.52
C LEU I 36 -50.75 -72.35 17.40
N LEU I 37 -50.29 -71.99 16.20
CA LEU I 37 -49.35 -70.88 16.03
C LEU I 37 -49.99 -69.52 16.14
N SER I 38 -51.31 -69.43 16.00
CA SER I 38 -52.00 -68.17 16.16
C SER I 38 -52.34 -67.85 17.61
N LEU I 39 -52.32 -68.86 18.48
CA LEU I 39 -52.60 -68.65 19.89
C LEU I 39 -51.36 -68.42 20.74
N THR I 40 -50.19 -68.83 20.28
CA THR I 40 -48.95 -68.45 20.94
C THR I 40 -48.54 -67.02 20.64
N ALA I 41 -49.10 -66.44 19.57
CA ALA I 41 -48.83 -65.05 19.27
C ALA I 41 -49.50 -64.12 20.27
N GLN I 42 -50.69 -64.49 20.75
CA GLN I 42 -51.48 -63.61 21.60
C GLN I 42 -50.88 -63.40 22.98
N LEU I 43 -50.24 -64.41 23.56
CA LEU I 43 -49.56 -64.19 24.82
C LEU I 43 -48.25 -63.45 24.61
N PHE I 44 -47.62 -63.67 23.45
CA PHE I 44 -46.33 -63.06 23.14
C PHE I 44 -46.41 -61.54 23.06
N ASP I 45 -47.52 -61.02 22.53
CA ASP I 45 -47.66 -59.59 22.30
C ASP I 45 -47.71 -58.78 23.58
N GLU I 46 -48.19 -59.36 24.68
CA GLU I 46 -48.20 -58.70 25.97
C GLU I 46 -47.08 -59.15 26.90
N ALA I 47 -46.45 -60.30 26.60
CA ALA I 47 -45.31 -60.75 27.38
C ALA I 47 -44.16 -59.75 27.31
N GLN I 48 -43.91 -59.21 26.13
CA GLN I 48 -42.93 -58.16 25.96
C GLN I 48 -43.38 -56.86 26.61
N LEU I 49 -44.69 -56.62 26.66
CA LEU I 49 -45.25 -55.39 27.18
C LEU I 49 -45.08 -55.22 28.68
N SER I 50 -44.88 -56.31 29.43
CA SER I 50 -44.58 -56.19 30.85
C SER I 50 -43.16 -55.71 31.03
N SER I 51 -42.98 -54.64 31.81
CA SER I 51 -41.64 -54.15 32.10
C SER I 51 -40.89 -55.07 33.06
N ASP I 52 -41.62 -55.77 33.92
CA ASP I 52 -41.01 -56.63 34.92
C ASP I 52 -40.47 -57.91 34.28
N GLN I 53 -39.25 -58.28 34.69
CA GLN I 53 -38.66 -59.53 34.24
C GLN I 53 -39.42 -60.73 34.78
N ASN I 54 -39.40 -60.90 36.10
CA ASN I 54 -40.17 -61.96 36.75
C ASN I 54 -41.67 -61.66 36.66
N LEU I 55 -42.44 -62.70 36.40
CA LEU I 55 -43.81 -62.53 35.98
C LEU I 55 -44.72 -62.32 37.19
N SER I 56 -45.94 -61.86 36.92
CA SER I 56 -46.98 -61.88 37.93
C SER I 56 -47.69 -63.23 37.91
N PRO I 57 -48.32 -63.62 39.03
CA PRO I 57 -49.16 -64.85 38.99
C PRO I 57 -50.34 -64.74 38.05
N ALA I 58 -50.77 -63.54 37.69
CA ALA I 58 -51.73 -63.35 36.62
C ALA I 58 -51.15 -63.66 35.24
N LEU I 59 -49.83 -63.78 35.11
CA LEU I 59 -49.24 -64.17 33.83
C LEU I 59 -48.60 -65.55 33.84
N ARG I 60 -48.31 -66.11 35.02
CA ARG I 60 -47.83 -67.49 35.08
C ARG I 60 -48.89 -68.48 34.66
N ASP I 61 -50.13 -68.26 35.09
CA ASP I 61 -51.23 -69.18 34.79
C ASP I 61 -51.74 -69.08 33.36
N LYS I 62 -51.41 -68.00 32.65
CA LYS I 62 -51.98 -67.80 31.33
C LYS I 62 -51.34 -68.68 30.27
N VAL I 63 -50.08 -69.10 30.47
CA VAL I 63 -49.43 -69.99 29.53
C VAL I 63 -50.02 -71.41 29.61
N GLN I 64 -50.71 -71.74 30.70
CA GLN I 64 -51.19 -73.09 30.97
C GLN I 64 -52.26 -73.50 29.97
N TYR I 65 -53.06 -72.55 29.49
CA TYR I 65 -54.04 -72.87 28.46
C TYR I 65 -53.37 -73.23 27.14
N LEU I 66 -52.26 -72.54 26.81
CA LEU I 66 -51.48 -72.91 25.63
C LEU I 66 -50.84 -74.28 25.79
N ARG I 67 -50.53 -74.66 27.03
CA ARG I 67 -49.98 -75.99 27.27
C ARG I 67 -51.01 -77.07 27.01
N VAL I 68 -52.23 -76.91 27.55
CA VAL I 68 -53.18 -78.00 27.48
C VAL I 68 -53.84 -78.07 26.11
N ARG I 69 -53.79 -77.00 25.32
CA ARG I 69 -54.32 -77.13 23.97
C ARG I 69 -53.35 -77.87 23.07
N PHE I 70 -52.08 -77.89 23.43
CA PHE I 70 -51.11 -78.68 22.67
C PHE I 70 -51.24 -80.16 23.01
N VAL I 71 -51.65 -80.46 24.25
CA VAL I 71 -51.90 -81.86 24.59
C VAL I 71 -53.30 -82.28 24.16
N TYR I 72 -54.19 -81.33 23.92
CA TYR I 72 -55.45 -81.68 23.28
C TYR I 72 -55.22 -82.03 21.82
N GLN I 73 -54.37 -81.27 21.13
CA GLN I 73 -53.96 -81.59 19.78
C GLN I 73 -53.12 -82.85 19.70
N ALA I 74 -52.31 -83.13 20.73
CA ALA I 74 -51.51 -84.34 20.75
C ALA I 74 -52.40 -85.57 20.90
N GLY I 75 -53.47 -85.45 21.68
CA GLY I 75 -54.46 -86.51 21.73
C GLY I 75 -55.35 -86.53 20.50
N ARG I 76 -55.50 -85.38 19.84
CA ARG I 76 -56.26 -85.32 18.60
C ARG I 76 -55.49 -85.98 17.46
N GLU I 77 -54.31 -85.47 17.15
CA GLU I 77 -53.58 -85.87 15.97
C GLU I 77 -52.24 -86.47 16.36
N LYS I 78 -51.91 -87.59 15.73
CA LYS I 78 -50.62 -88.25 15.94
C LYS I 78 -49.45 -87.46 15.37
N ALA I 79 -49.71 -86.60 14.38
CA ALA I 79 -48.66 -85.78 13.81
C ALA I 79 -48.16 -84.73 14.79
N VAL I 80 -49.08 -84.11 15.53
CA VAL I 80 -48.71 -83.17 16.58
C VAL I 80 -48.04 -83.88 17.76
N ARG I 81 -48.43 -85.12 18.05
CA ARG I 81 -47.84 -85.88 19.15
C ARG I 81 -46.35 -86.17 18.91
N VAL I 82 -45.94 -86.34 17.65
CA VAL I 82 -44.53 -86.48 17.34
C VAL I 82 -43.89 -85.13 17.05
N PHE I 83 -44.71 -84.11 16.79
CA PHE I 83 -44.21 -82.75 16.61
C PHE I 83 -43.75 -82.16 17.95
N VAL I 84 -44.50 -82.40 19.01
CA VAL I 84 -44.13 -81.97 20.34
C VAL I 84 -42.88 -82.69 20.84
N GLU I 85 -42.90 -84.03 20.85
CA GLU I 85 -41.88 -84.76 21.59
C GLU I 85 -40.57 -84.85 20.84
N ARG I 86 -40.54 -84.47 19.56
CA ARG I 86 -39.26 -84.22 18.91
C ARG I 86 -38.60 -82.93 19.38
N ALA I 87 -39.28 -81.81 19.17
CA ALA I 87 -38.70 -80.51 19.54
C ALA I 87 -38.84 -80.25 21.03
N GLY I 88 -39.59 -81.08 21.74
CA GLY I 88 -39.62 -81.00 23.19
C GLY I 88 -40.44 -79.84 23.70
N LEU I 89 -41.55 -79.53 23.02
CA LEU I 89 -42.38 -78.38 23.41
C LEU I 89 -42.92 -78.51 24.81
N LEU I 90 -43.64 -79.61 25.10
CA LEU I 90 -44.17 -79.85 26.43
C LEU I 90 -43.06 -80.04 27.46
N ASP I 91 -41.86 -80.43 27.00
CA ASP I 91 -40.72 -80.46 27.89
C ASP I 91 -40.28 -79.04 28.27
N GLU I 92 -40.20 -78.13 27.30
CA GLU I 92 -39.84 -76.76 27.65
C GLU I 92 -41.00 -75.98 28.24
N LEU I 93 -42.23 -76.46 28.09
CA LEU I 93 -43.40 -75.79 28.64
C LEU I 93 -43.64 -76.14 30.11
N ALA I 94 -42.71 -76.83 30.77
CA ALA I 94 -42.84 -77.08 32.19
C ALA I 94 -42.20 -75.97 33.00
N GLN I 95 -40.96 -75.61 32.67
CA GLN I 95 -40.21 -74.57 33.35
C GLN I 95 -40.43 -73.19 32.71
N ILE I 96 -41.40 -73.10 31.79
CA ILE I 96 -41.75 -71.82 31.19
C ILE I 96 -42.49 -70.91 32.17
N GLY I 97 -42.99 -71.45 33.27
CA GLY I 97 -43.53 -70.65 34.34
C GLY I 97 -42.50 -70.03 35.26
N ASP I 98 -41.21 -70.23 34.99
CA ASP I 98 -40.16 -69.60 35.79
C ASP I 98 -39.98 -68.14 35.41
N SER I 99 -39.59 -67.87 34.17
CA SER I 99 -39.43 -66.51 33.69
C SER I 99 -39.64 -66.48 32.18
N ARG I 100 -39.87 -65.27 31.67
CA ARG I 100 -40.30 -65.05 30.30
C ARG I 100 -39.18 -65.19 29.27
N ASP I 101 -37.93 -65.24 29.73
CA ASP I 101 -36.80 -65.29 28.80
C ASP I 101 -36.78 -66.59 28.02
N ARG I 102 -37.08 -67.71 28.69
CA ARG I 102 -37.39 -68.93 27.99
C ARG I 102 -38.66 -68.81 27.17
N LEU I 103 -39.69 -68.17 27.73
CA LEU I 103 -40.96 -68.00 27.01
C LEU I 103 -40.76 -67.14 25.78
N LEU I 104 -39.89 -66.14 25.87
CA LEU I 104 -39.44 -65.44 24.67
C LEU I 104 -38.64 -66.35 23.75
N LYS I 105 -37.73 -67.16 24.29
CA LYS I 105 -36.91 -68.00 23.42
C LYS I 105 -37.71 -69.17 22.85
N PHE I 106 -38.75 -69.61 23.58
CA PHE I 106 -39.58 -70.69 23.09
C PHE I 106 -40.39 -70.28 21.86
N CYS I 107 -41.03 -69.11 21.88
CA CYS I 107 -41.79 -68.70 20.72
C CYS I 107 -40.88 -68.33 19.58
N HIS I 108 -39.70 -67.77 19.89
CA HIS I 108 -38.64 -67.58 18.92
C HIS I 108 -38.20 -68.87 18.27
N TYR I 109 -38.11 -69.94 19.06
CA TYR I 109 -37.91 -71.27 18.52
C TYR I 109 -39.12 -71.70 17.68
N MET I 110 -40.33 -71.45 18.20
CA MET I 110 -41.57 -71.86 17.55
C MET I 110 -41.78 -71.19 16.21
N GLU I 111 -41.46 -69.90 16.08
CA GLU I 111 -41.51 -69.23 14.80
C GLU I 111 -40.56 -69.82 13.77
N ALA I 112 -39.44 -70.38 14.20
CA ALA I 112 -38.51 -71.01 13.28
C ALA I 112 -39.03 -72.35 12.76
N LEU I 113 -39.91 -73.00 13.50
CA LEU I 113 -40.50 -74.25 13.05
C LEU I 113 -41.45 -74.07 11.87
N VAL I 114 -42.00 -72.88 11.67
CA VAL I 114 -42.90 -72.67 10.56
C VAL I 114 -42.13 -72.45 9.28
N ALA I 115 -40.84 -72.09 9.40
CA ALA I 115 -40.11 -71.51 8.29
C ALA I 115 -39.73 -72.57 7.25
N TYR I 116 -38.93 -73.56 7.64
CA TYR I 116 -38.51 -74.59 6.69
C TYR I 116 -39.66 -75.52 6.36
N LYS I 117 -40.70 -75.52 7.18
CA LYS I 117 -41.95 -76.19 6.83
C LYS I 117 -42.58 -75.57 5.59
N LYS I 118 -42.61 -74.24 5.52
CA LYS I 118 -43.20 -73.59 4.36
C LYS I 118 -42.22 -73.52 3.19
N PHE I 119 -40.92 -73.58 3.47
CA PHE I 119 -39.87 -73.61 2.46
C PHE I 119 -39.96 -74.82 1.54
N LEU I 120 -40.48 -75.94 2.05
CA LEU I 120 -40.69 -77.14 1.26
C LEU I 120 -42.14 -77.29 0.80
N ASP I 121 -43.01 -76.36 1.17
CA ASP I 121 -44.41 -76.38 0.80
C ASP I 121 -44.59 -75.42 -0.37
N PRO I 122 -45.49 -75.73 -1.33
CA PRO I 122 -45.75 -74.81 -2.45
C PRO I 122 -46.25 -73.43 -2.06
N LYS I 123 -47.38 -73.36 -1.35
CA LYS I 123 -48.04 -72.12 -0.90
C LYS I 123 -48.36 -71.20 -2.08
N GLU I 124 -49.32 -71.67 -2.88
CA GLU I 124 -49.92 -70.84 -3.91
C GLU I 124 -51.33 -70.46 -3.48
N THR I 125 -51.67 -69.18 -3.63
CA THR I 125 -53.01 -68.71 -3.32
C THR I 125 -53.65 -68.19 -4.60
N TYR J 5 33.25 -13.06 14.43
CA TYR J 5 32.13 -12.67 13.59
C TYR J 5 31.42 -13.86 13.00
N ALA J 6 30.09 -13.83 13.04
CA ALA J 6 29.31 -14.88 12.41
C ALA J 6 27.90 -14.39 12.11
N LYS J 7 27.18 -15.18 11.33
CA LYS J 7 25.87 -14.85 10.81
C LYS J 7 24.96 -16.06 10.96
N ILE J 8 24.10 -16.05 11.96
CA ILE J 8 23.29 -17.20 12.34
C ILE J 8 21.89 -16.94 11.83
N GLU J 9 21.54 -17.48 10.68
CA GLU J 9 20.18 -17.23 10.23
C GLU J 9 19.22 -18.19 10.92
N ILE J 10 17.93 -17.90 10.82
CA ILE J 10 16.88 -18.65 11.49
C ILE J 10 15.85 -18.99 10.43
N THR J 11 15.88 -20.20 9.91
CA THR J 11 14.97 -20.54 8.82
C THR J 11 13.85 -21.43 9.35
N GLY J 12 12.95 -21.82 8.45
CA GLY J 12 11.78 -22.56 8.88
C GLY J 12 10.65 -22.40 7.87
N THR J 13 9.42 -22.45 8.39
CA THR J 13 8.22 -22.30 7.57
C THR J 13 7.08 -21.87 8.47
N ILE J 14 6.46 -20.74 8.15
CA ILE J 14 5.29 -20.26 8.85
C ILE J 14 4.06 -20.82 8.12
N THR J 15 2.95 -20.97 8.83
CA THR J 15 1.76 -21.55 8.24
C THR J 15 0.54 -20.98 8.92
N VAL J 16 -0.40 -20.43 8.15
CA VAL J 16 -1.61 -19.87 8.71
C VAL J 16 -2.47 -20.98 9.31
N VAL J 17 -3.10 -20.69 10.44
CA VAL J 17 -4.00 -21.66 11.06
C VAL J 17 -5.40 -21.32 10.64
N THR J 18 -5.86 -20.13 11.03
CA THR J 18 -7.13 -19.59 10.60
C THR J 18 -6.94 -18.92 9.25
N GLY J 19 -7.93 -18.17 8.81
CA GLY J 19 -7.70 -17.25 7.73
C GLY J 19 -6.79 -16.11 8.16
N LEU J 20 -6.16 -15.48 7.19
CA LEU J 20 -5.25 -14.37 7.48
C LEU J 20 -5.63 -13.20 6.61
N HIS J 21 -5.67 -12.02 7.19
CA HIS J 21 -5.99 -10.81 6.44
C HIS J 21 -5.00 -9.72 6.83
N ILE J 22 -4.02 -9.49 5.97
CA ILE J 22 -3.21 -8.28 5.98
C ILE J 22 -3.44 -7.61 4.64
N GLY J 23 -4.01 -6.42 4.66
CA GLY J 23 -4.27 -5.74 3.41
C GLY J 23 -4.14 -4.26 3.60
N ALA J 24 -3.29 -3.63 2.79
CA ALA J 24 -2.88 -2.25 3.01
C ALA J 24 -3.56 -1.36 1.98
N GLY J 25 -4.55 -0.59 2.45
CA GLY J 25 -5.17 0.51 1.73
C GLY J 25 -5.74 0.17 0.38
N ASP J 26 -5.05 0.65 -0.65
CA ASP J 26 -5.39 0.36 -2.04
C ASP J 26 -4.10 0.49 -2.85
N GLY J 27 -3.51 -0.63 -3.21
CA GLY J 27 -2.30 -0.59 -3.97
C GLY J 27 -2.58 -0.76 -5.44
N PHE J 28 -3.40 -1.76 -5.75
CA PHE J 28 -3.78 -2.08 -7.11
C PHE J 28 -4.94 -3.07 -7.02
N SER J 29 -6.03 -2.78 -7.71
CA SER J 29 -7.15 -3.72 -7.76
C SER J 29 -7.83 -3.53 -9.11
N ALA J 30 -7.45 -4.34 -10.08
CA ALA J 30 -7.95 -4.14 -11.46
C ALA J 30 -9.36 -4.69 -11.59
N ILE J 31 -9.56 -5.93 -11.15
CA ILE J 31 -10.85 -6.58 -11.26
C ILE J 31 -11.59 -6.56 -9.94
N GLY J 32 -11.01 -7.18 -8.92
CA GLY J 32 -11.75 -7.53 -7.73
C GLY J 32 -11.81 -6.48 -6.66
N ALA J 33 -12.89 -5.72 -6.66
CA ALA J 33 -13.16 -4.76 -5.61
C ALA J 33 -13.55 -5.51 -4.35
N VAL J 34 -12.78 -5.33 -3.29
CA VAL J 34 -13.23 -5.72 -1.97
C VAL J 34 -13.03 -4.53 -1.06
N ASP J 35 -13.28 -4.71 0.23
CA ASP J 35 -12.96 -3.71 1.23
C ASP J 35 -11.50 -3.34 1.22
N LYS J 36 -10.63 -4.28 1.58
CA LYS J 36 -9.19 -4.09 1.53
C LYS J 36 -8.58 -5.35 0.97
N PRO J 37 -8.10 -5.33 -0.27
CA PRO J 37 -7.41 -6.50 -0.82
C PRO J 37 -6.09 -6.71 -0.12
N VAL J 38 -5.65 -7.94 -0.11
CA VAL J 38 -4.49 -8.32 0.68
C VAL J 38 -3.22 -7.95 -0.05
N VAL J 39 -2.16 -7.70 0.72
CA VAL J 39 -0.86 -7.30 0.16
C VAL J 39 -0.27 -8.44 -0.63
N ARG J 40 0.04 -8.19 -1.88
CA ARG J 40 0.41 -9.27 -2.77
C ARG J 40 1.83 -9.05 -3.30
N ASP J 41 2.24 -9.94 -4.20
CA ASP J 41 3.61 -9.97 -4.70
C ASP J 41 3.63 -9.41 -6.11
N PRO J 42 4.01 -8.14 -6.29
CA PRO J 42 3.50 -7.34 -7.42
C PRO J 42 3.81 -7.86 -8.81
N LEU J 43 4.87 -8.64 -8.98
CA LEU J 43 5.03 -9.28 -10.28
C LEU J 43 4.02 -10.40 -10.47
N THR J 44 3.78 -11.19 -9.41
CA THR J 44 2.94 -12.38 -9.49
C THR J 44 1.63 -12.26 -8.76
N LYS J 45 1.55 -11.41 -7.73
CA LYS J 45 0.36 -11.18 -6.91
C LYS J 45 -0.11 -12.47 -6.23
N TRP J 46 0.76 -13.01 -5.40
CA TRP J 46 0.64 -14.01 -4.36
C TRP J 46 0.74 -13.31 -3.01
N PRO J 47 -0.04 -13.73 -2.03
CA PRO J 47 -0.09 -13.00 -0.76
C PRO J 47 1.24 -13.07 -0.04
N MET J 48 1.45 -12.16 0.90
CA MET J 48 2.71 -12.17 1.61
C MET J 48 2.48 -11.74 3.03
N ILE J 49 3.50 -11.95 3.85
CA ILE J 49 3.54 -11.40 5.20
C ILE J 49 4.68 -10.40 5.21
N PRO J 50 4.41 -9.11 5.10
CA PRO J 50 5.48 -8.12 5.10
C PRO J 50 6.17 -8.08 6.45
N GLY J 51 7.49 -7.89 6.40
CA GLY J 51 8.33 -8.02 7.58
C GLY J 51 8.03 -7.01 8.65
N THR J 52 7.49 -5.85 8.29
CA THR J 52 7.06 -4.89 9.29
C THR J 52 5.86 -5.41 10.06
N SER J 53 4.91 -6.04 9.35
CA SER J 53 3.70 -6.57 9.97
C SER J 53 3.98 -7.73 10.89
N LEU J 54 5.16 -8.32 10.80
CA LEU J 54 5.61 -9.33 11.74
C LEU J 54 6.43 -8.71 12.87
N LYS J 55 7.22 -7.69 12.55
CA LYS J 55 8.16 -7.14 13.51
C LYS J 55 7.45 -6.42 14.63
N GLY J 56 6.51 -5.54 14.28
CA GLY J 56 5.75 -4.86 15.30
C GLY J 56 4.84 -5.81 16.04
N LYS J 57 4.33 -6.84 15.35
CA LYS J 57 3.46 -7.79 16.02
C LYS J 57 4.24 -8.69 16.96
N VAL J 58 5.56 -8.78 16.81
CA VAL J 58 6.38 -9.40 17.84
C VAL J 58 6.75 -8.39 18.92
N ARG J 59 7.21 -7.21 18.50
CA ARG J 59 7.83 -6.26 19.41
C ARG J 59 6.83 -5.72 20.43
N THR J 60 5.61 -5.46 19.98
CA THR J 60 4.56 -4.96 20.86
C THR J 60 4.26 -5.93 21.98
N LEU J 61 4.38 -7.24 21.71
CA LEU J 61 4.10 -8.24 22.72
C LEU J 61 5.16 -8.25 23.81
N LEU J 62 6.43 -8.14 23.43
CA LEU J 62 7.51 -8.20 24.40
C LEU J 62 7.53 -6.98 25.30
N SER J 63 7.12 -5.84 24.76
CA SER J 63 6.96 -4.64 25.57
C SER J 63 5.90 -4.86 26.65
N ARG J 64 4.81 -5.55 26.30
CA ARG J 64 3.86 -5.98 27.31
C ARG J 64 4.40 -7.10 28.18
N GLN J 65 5.51 -7.72 27.79
CA GLN J 65 5.98 -8.86 28.58
C GLN J 65 7.06 -8.48 29.57
N TYR J 66 7.98 -7.58 29.20
CA TYR J 66 8.90 -7.05 30.19
C TYR J 66 8.28 -5.90 30.97
N GLY J 67 7.26 -5.28 30.41
CA GLY J 67 6.29 -4.57 31.22
C GLY J 67 5.28 -5.56 31.75
N ALA J 68 4.39 -5.07 32.61
CA ALA J 68 3.29 -5.83 33.21
C ALA J 68 3.73 -7.03 34.06
N ASP J 69 5.02 -7.17 34.31
CA ASP J 69 5.57 -7.94 35.41
C ASP J 69 6.54 -7.11 36.23
N THR J 70 7.32 -6.27 35.56
CA THR J 70 7.92 -5.11 36.20
C THR J 70 6.97 -3.91 36.18
N GLU J 71 5.78 -4.09 35.61
CA GLU J 71 4.58 -3.25 35.65
C GLU J 71 4.78 -1.85 35.06
N THR J 72 5.92 -1.56 34.47
CA THR J 72 6.14 -0.27 33.83
C THR J 72 5.55 -0.31 32.44
N PHE J 73 4.92 0.79 32.03
CA PHE J 73 4.33 0.87 30.71
C PHE J 73 5.33 1.47 29.72
N TYR J 74 5.37 0.90 28.52
CA TYR J 74 6.34 1.26 27.49
C TYR J 74 5.60 1.83 26.29
N ARG J 75 5.58 3.16 26.19
CA ARG J 75 4.63 3.83 25.32
C ARG J 75 5.22 4.30 24.00
N LYS J 76 6.52 4.31 23.86
CA LYS J 76 7.05 4.81 22.60
C LYS J 76 7.73 3.68 21.81
N PRO J 77 7.85 3.78 20.49
CA PRO J 77 8.64 2.80 19.75
C PRO J 77 10.14 2.88 19.93
N ASN J 78 10.62 3.68 20.88
CA ASN J 78 12.04 3.87 21.11
C ASN J 78 12.43 3.78 22.59
N ASP J 79 11.54 3.33 23.47
CA ASP J 79 11.90 3.28 24.88
C ASP J 79 11.58 1.93 25.50
N ASP J 80 11.54 0.88 24.69
CA ASP J 80 11.46 -0.49 25.18
C ASP J 80 12.79 -0.86 25.85
N PRO J 81 12.85 -1.95 26.62
CA PRO J 81 14.11 -2.34 27.25
C PRO J 81 15.16 -2.80 26.24
N ALA J 82 16.37 -2.97 26.76
CA ALA J 82 17.55 -3.18 25.92
C ALA J 82 17.45 -4.50 25.17
N GLN J 83 16.87 -5.52 25.80
CA GLN J 83 16.73 -6.83 25.18
C GLN J 83 15.73 -6.81 24.04
N ILE J 84 14.87 -5.81 23.99
CA ILE J 84 14.14 -5.50 22.77
C ILE J 84 14.93 -4.56 21.89
N ARG J 85 15.65 -3.62 22.53
CA ARG J 85 16.38 -2.60 21.78
C ARG J 85 17.54 -3.19 21.00
N ARG J 86 18.25 -4.15 21.59
CA ARG J 86 19.38 -4.74 20.88
C ARG J 86 18.90 -5.59 19.71
N LEU J 87 17.72 -6.16 19.83
CA LEU J 87 17.23 -7.02 18.75
C LEU J 87 16.63 -6.21 17.64
N PHE J 88 15.66 -5.37 17.95
CA PHE J 88 14.90 -4.71 16.91
C PHE J 88 15.47 -3.34 16.57
N GLY J 89 16.01 -2.64 17.54
CA GLY J 89 16.66 -1.39 17.26
C GLY J 89 16.30 -0.35 18.29
N ASP J 90 16.77 0.86 18.03
CA ASP J 90 16.58 2.03 18.87
C ASP J 90 16.87 3.24 18.00
N THR J 91 16.74 4.42 18.58
CA THR J 91 17.37 5.62 18.06
C THR J 91 18.20 6.36 19.08
N LYS J 92 18.42 5.79 20.26
CA LYS J 92 19.29 6.46 21.21
C LYS J 92 20.48 5.64 21.63
N GLU J 93 20.34 4.33 21.79
CA GLU J 93 21.46 3.53 22.28
C GLU J 93 21.96 2.53 21.25
N TYR J 94 21.10 1.62 20.82
CA TYR J 94 21.50 0.54 19.91
C TYR J 94 20.80 0.85 18.60
N LYS J 95 21.45 1.67 17.78
CA LYS J 95 20.77 2.36 16.70
C LYS J 95 20.30 1.39 15.62
N THR J 96 21.20 0.57 15.12
CA THR J 96 20.71 -0.51 14.31
C THR J 96 20.73 -1.79 15.15
N GLY J 97 19.65 -2.56 15.07
CA GLY J 97 19.46 -3.73 15.87
C GLY J 97 20.27 -4.91 15.38
N ARG J 98 19.76 -6.11 15.67
CA ARG J 98 20.43 -7.31 15.21
C ARG J 98 19.56 -8.23 14.36
N LEU J 99 18.26 -8.29 14.60
CA LEU J 99 17.38 -9.14 13.82
C LEU J 99 17.02 -8.41 12.55
N VAL J 100 17.06 -9.10 11.42
CA VAL J 100 16.72 -8.51 10.13
C VAL J 100 15.67 -9.41 9.48
N PHE J 101 14.40 -9.09 9.67
CA PHE J 101 13.30 -9.86 9.11
C PHE J 101 13.26 -9.74 7.60
N ARG J 102 12.52 -10.62 6.96
CA ARG J 102 12.22 -10.50 5.54
C ARG J 102 10.72 -10.57 5.34
N ASP J 103 10.26 -10.07 4.20
CA ASP J 103 8.94 -10.51 3.81
C ASP J 103 9.05 -11.86 3.15
N THR J 104 7.92 -12.53 3.00
CA THR J 104 7.88 -13.90 2.52
C THR J 104 6.64 -14.10 1.70
N LYS J 105 6.81 -14.54 0.47
CA LYS J 105 5.66 -14.74 -0.41
C LYS J 105 5.14 -16.16 -0.24
N LEU J 106 4.19 -16.55 -1.09
CA LEU J 106 3.55 -17.86 -0.96
C LEU J 106 4.45 -18.93 -1.54
N THR J 107 5.02 -19.75 -0.68
CA THR J 107 5.86 -20.85 -1.12
C THR J 107 5.02 -21.97 -1.71
N ASN J 108 4.11 -22.53 -0.92
CA ASN J 108 3.44 -23.77 -1.26
C ASN J 108 2.23 -23.51 -2.15
N LYS J 109 2.51 -23.11 -3.37
CA LYS J 109 1.39 -22.82 -4.25
C LYS J 109 0.90 -24.05 -4.98
N ASP J 110 1.76 -25.02 -5.26
CA ASP J 110 1.31 -26.13 -6.10
C ASP J 110 0.50 -27.16 -5.34
N ASP J 111 0.85 -27.43 -4.08
CA ASP J 111 0.02 -28.33 -3.27
C ASP J 111 -1.32 -27.71 -2.98
N LEU J 112 -1.35 -26.39 -2.78
CA LEU J 112 -2.60 -25.66 -2.63
C LEU J 112 -3.35 -25.56 -3.93
N GLU J 113 -2.75 -25.94 -5.05
CA GLU J 113 -3.48 -26.25 -6.26
C GLU J 113 -3.67 -27.75 -6.43
N ALA J 114 -2.78 -28.57 -5.86
CA ALA J 114 -3.01 -30.00 -5.87
C ALA J 114 -4.11 -30.42 -4.91
N ARG J 115 -4.35 -29.65 -3.84
CA ARG J 115 -5.41 -29.96 -2.89
C ARG J 115 -6.71 -29.25 -3.22
N GLY J 116 -6.94 -28.95 -4.49
CA GLY J 116 -8.27 -28.61 -4.97
C GLY J 116 -8.69 -27.16 -4.85
N ALA J 117 -7.90 -26.29 -4.22
CA ALA J 117 -8.33 -24.90 -4.04
C ALA J 117 -8.26 -24.14 -5.37
N LYS J 118 -8.87 -22.97 -5.38
CA LYS J 118 -9.12 -22.27 -6.63
C LYS J 118 -8.63 -20.83 -6.65
N THR J 119 -8.73 -20.12 -5.53
CA THR J 119 -8.59 -18.68 -5.53
C THR J 119 -7.45 -18.13 -4.71
N LEU J 120 -6.80 -18.97 -3.90
CA LEU J 120 -5.69 -18.65 -2.99
C LEU J 120 -6.08 -17.71 -1.84
N THR J 121 -7.33 -17.28 -1.79
CA THR J 121 -7.82 -16.38 -0.76
C THR J 121 -9.34 -16.51 -0.77
N GLU J 122 -9.96 -16.17 0.35
CA GLU J 122 -11.40 -16.39 0.49
C GLU J 122 -12.09 -15.13 0.98
N VAL J 123 -13.32 -14.95 0.49
CA VAL J 123 -14.11 -13.75 0.72
C VAL J 123 -15.12 -14.06 1.83
N LYS J 124 -14.89 -13.52 3.02
CA LYS J 124 -15.71 -13.86 4.17
C LYS J 124 -16.75 -12.77 4.39
N PHE J 125 -17.98 -13.05 3.98
CA PHE J 125 -19.09 -12.10 4.10
C PHE J 125 -19.46 -11.96 5.57
N GLU J 126 -19.21 -10.81 6.14
CA GLU J 126 -19.56 -10.56 7.52
C GLU J 126 -20.85 -9.75 7.56
N ASN J 127 -21.22 -9.30 8.76
CA ASN J 127 -22.37 -8.42 8.93
C ASN J 127 -22.11 -7.52 10.13
N ALA J 128 -23.06 -6.63 10.39
CA ALA J 128 -23.02 -5.78 11.58
C ALA J 128 -24.46 -5.39 11.86
N ILE J 129 -25.08 -6.06 12.83
CA ILE J 129 -26.47 -5.80 13.15
C ILE J 129 -26.50 -4.66 14.16
N ASN J 130 -27.14 -3.56 13.79
CA ASN J 130 -27.32 -2.46 14.72
C ASN J 130 -28.43 -2.79 15.69
N ARG J 131 -28.49 -2.04 16.78
CA ARG J 131 -29.43 -2.45 17.80
C ARG J 131 -30.71 -1.63 17.79
N VAL J 132 -30.68 -0.40 17.26
CA VAL J 132 -31.89 0.41 17.19
C VAL J 132 -32.87 -0.15 16.16
N THR J 133 -32.47 -0.16 14.90
CA THR J 133 -33.33 -0.63 13.83
C THR J 133 -33.34 -2.13 13.68
N ALA J 134 -32.43 -2.82 14.38
CA ALA J 134 -32.20 -4.27 14.26
C ALA J 134 -31.98 -4.68 12.81
N LYS J 135 -31.14 -3.92 12.11
CA LYS J 135 -30.82 -4.20 10.72
C LYS J 135 -29.32 -4.44 10.59
N ALA J 136 -28.94 -5.22 9.58
CA ALA J 136 -27.58 -5.64 9.37
C ALA J 136 -26.90 -4.83 8.29
N ASN J 137 -25.67 -4.41 8.56
CA ASN J 137 -24.83 -3.75 7.57
C ASN J 137 -23.86 -4.77 7.01
N PRO J 138 -23.92 -5.09 5.71
CA PRO J 138 -23.00 -6.08 5.16
C PRO J 138 -21.56 -5.58 5.12
N ARG J 139 -20.65 -6.55 4.98
CA ARG J 139 -19.24 -6.29 4.77
C ARG J 139 -18.76 -7.29 3.73
N GLN J 140 -17.50 -7.17 3.33
CA GLN J 140 -16.98 -8.05 2.29
C GLN J 140 -15.56 -8.50 2.58
N MET J 141 -15.18 -8.54 3.86
CA MET J 141 -13.78 -8.68 4.24
C MET J 141 -13.22 -10.03 3.82
N GLU J 142 -12.12 -10.00 3.07
CA GLU J 142 -11.56 -11.19 2.45
C GLU J 142 -10.23 -11.56 3.08
N ARG J 143 -9.95 -12.85 3.16
CA ARG J 143 -8.80 -13.33 3.89
C ARG J 143 -8.16 -14.46 3.11
N VAL J 144 -6.97 -14.86 3.54
CA VAL J 144 -6.18 -15.88 2.85
C VAL J 144 -6.50 -17.24 3.44
N ILE J 145 -6.62 -18.24 2.56
CA ILE J 145 -6.88 -19.66 2.81
C ILE J 145 -6.11 -20.16 4.01
N PRO J 146 -6.72 -20.91 4.92
CA PRO J 146 -6.09 -21.21 6.21
C PRO J 146 -5.09 -22.33 6.19
N GLY J 147 -4.65 -22.79 5.04
CA GLY J 147 -3.71 -23.90 5.02
C GLY J 147 -2.50 -23.64 4.15
N SER J 148 -2.00 -22.42 4.16
CA SER J 148 -0.90 -22.04 3.29
C SER J 148 0.35 -21.73 4.09
N GLU J 149 1.50 -21.91 3.46
CA GLU J 149 2.77 -21.90 4.16
C GLU J 149 3.72 -20.90 3.50
N PHE J 150 3.92 -19.77 4.14
CA PHE J 150 5.01 -18.96 3.66
C PHE J 150 6.31 -19.45 4.26
N ALA J 151 7.42 -18.91 3.79
CA ALA J 151 8.72 -19.26 4.31
C ALA J 151 9.00 -18.39 5.53
N PHE J 152 10.23 -18.47 6.03
CA PHE J 152 10.63 -17.69 7.19
C PHE J 152 12.14 -17.67 7.20
N SER J 153 12.72 -16.48 7.36
CA SER J 153 14.17 -16.36 7.47
C SER J 153 14.46 -15.02 8.13
N LEU J 154 14.87 -15.02 9.38
CA LEU J 154 15.34 -13.79 9.98
C LEU J 154 16.76 -14.04 10.44
N VAL J 155 17.71 -13.27 9.92
CA VAL J 155 19.11 -13.55 10.17
C VAL J 155 19.51 -12.87 11.47
N TYR J 156 20.66 -13.23 12.01
CA TYR J 156 21.10 -12.69 13.30
C TYR J 156 22.60 -12.51 13.27
N GLU J 157 23.05 -11.26 13.14
CA GLU J 157 24.45 -10.90 13.31
C GLU J 157 24.91 -11.22 14.72
N VAL J 158 26.20 -11.49 14.87
CA VAL J 158 26.72 -11.75 16.21
C VAL J 158 26.82 -10.44 16.97
N SER J 159 27.03 -10.54 18.27
CA SER J 159 27.16 -9.35 19.08
C SER J 159 28.45 -8.63 18.77
N PHE J 160 28.35 -7.31 18.61
CA PHE J 160 29.44 -6.35 18.68
C PHE J 160 28.82 -4.97 18.83
N GLY J 161 29.30 -4.17 19.77
CA GLY J 161 28.64 -2.93 20.10
C GLY J 161 29.63 -1.78 20.09
N THR J 162 29.83 -1.16 18.95
CA THR J 162 30.71 0.01 18.90
C THR J 162 29.94 1.36 18.91
N PRO J 163 28.75 1.43 18.26
CA PRO J 163 28.08 2.74 18.20
C PRO J 163 27.65 3.30 19.57
N ASP J 164 27.79 2.53 20.63
CA ASP J 164 27.44 3.00 21.96
C ASP J 164 28.39 4.10 22.41
N GLU J 165 28.28 4.48 23.69
CA GLU J 165 28.91 5.71 24.16
C GLU J 165 30.24 5.47 24.89
N GLU J 166 30.36 4.42 25.67
CA GLU J 166 31.62 4.26 26.40
C GLU J 166 32.24 2.90 26.23
N GLN J 167 31.44 1.84 26.19
CA GLN J 167 31.96 0.48 26.03
C GLN J 167 32.12 0.22 24.53
N LYS J 168 33.24 0.69 24.00
CA LYS J 168 33.49 0.66 22.56
C LYS J 168 33.80 -0.76 22.12
N ALA J 169 32.97 -1.29 21.22
CA ALA J 169 33.11 -2.62 20.59
C ALA J 169 33.18 -3.75 21.62
N SER J 170 32.54 -3.55 22.77
CA SER J 170 32.60 -4.52 23.86
C SER J 170 31.63 -5.64 23.57
N LEU J 171 32.15 -6.69 22.96
CA LEU J 171 31.40 -7.90 22.72
C LEU J 171 31.09 -8.57 24.05
N PRO J 172 29.83 -8.81 24.38
CA PRO J 172 29.48 -9.47 25.63
C PRO J 172 29.56 -10.99 25.48
N SER J 173 29.35 -11.68 26.58
CA SER J 173 29.63 -13.11 26.66
C SER J 173 28.55 -13.92 25.93
N SER J 174 28.72 -15.23 25.95
CA SER J 174 27.84 -16.13 25.24
C SER J 174 26.57 -16.45 26.00
N ASP J 175 26.28 -15.75 27.09
CA ASP J 175 24.96 -15.88 27.68
C ASP J 175 23.96 -14.98 26.99
N GLU J 176 24.41 -13.82 26.50
CA GLU J 176 23.49 -12.84 25.92
C GLU J 176 22.90 -13.33 24.62
N ILE J 177 23.68 -14.05 23.82
CA ILE J 177 23.16 -14.67 22.63
C ILE J 177 22.19 -15.80 22.98
N ILE J 178 22.30 -16.38 24.17
CA ILE J 178 21.26 -17.28 24.63
C ILE J 178 20.03 -16.50 25.10
N GLU J 179 20.24 -15.35 25.74
CA GLU J 179 19.08 -14.53 26.09
C GLU J 179 18.44 -13.93 24.85
N ASP J 180 19.25 -13.53 23.88
CA ASP J 180 18.73 -12.99 22.63
C ASP J 180 18.39 -14.07 21.63
N PHE J 181 18.39 -15.32 22.03
CA PHE J 181 17.67 -16.34 21.30
C PHE J 181 16.54 -16.92 22.11
N ASN J 182 16.53 -16.67 23.43
CA ASN J 182 15.38 -16.95 24.25
C ASN J 182 14.17 -16.16 23.75
N ALA J 183 14.30 -14.83 23.75
CA ALA J 183 13.20 -13.94 23.42
C ALA J 183 12.84 -13.94 21.95
N ILE J 184 13.63 -14.54 21.06
CA ILE J 184 13.18 -14.74 19.69
C ILE J 184 12.07 -15.77 19.67
N ALA J 185 12.35 -16.98 20.16
CA ALA J 185 11.32 -18.02 20.19
C ALA J 185 10.26 -17.72 21.23
N ARG J 186 10.63 -17.05 22.33
CA ARG J 186 9.61 -16.54 23.25
C ARG J 186 8.75 -15.49 22.57
N GLY J 187 9.38 -14.65 21.74
CA GLY J 187 8.60 -13.75 20.90
C GLY J 187 7.82 -14.49 19.85
N LEU J 188 8.40 -15.52 19.25
CA LEU J 188 7.64 -16.32 18.29
C LEU J 188 6.58 -17.18 18.95
N LYS J 189 6.69 -17.41 20.26
CA LYS J 189 5.65 -18.13 20.98
C LYS J 189 4.44 -17.25 21.20
N LEU J 190 4.66 -16.02 21.68
CA LEU J 190 3.54 -15.13 21.99
C LEU J 190 2.81 -14.68 20.75
N LEU J 191 3.42 -14.80 19.57
CA LEU J 191 2.70 -14.63 18.33
C LEU J 191 1.92 -15.87 17.95
N GLU J 192 2.35 -17.05 18.40
CA GLU J 192 1.54 -18.25 18.17
C GLU J 192 0.27 -18.21 19.00
N LEU J 193 0.32 -17.57 20.16
CA LEU J 193 -0.84 -17.42 21.02
C LEU J 193 -1.51 -16.08 20.83
N ASP J 194 -1.49 -15.54 19.61
CA ASP J 194 -2.12 -14.27 19.33
C ASP J 194 -2.39 -14.20 17.83
N TYR J 195 -3.12 -13.19 17.43
CA TYR J 195 -3.35 -12.99 16.02
C TYR J 195 -2.12 -12.37 15.38
N LEU J 196 -2.06 -12.42 14.05
CA LEU J 196 -1.06 -11.65 13.33
C LEU J 196 -1.70 -10.58 12.45
N GLY J 197 -2.60 -10.98 11.56
CA GLY J 197 -3.15 -10.08 10.57
C GLY J 197 -4.18 -9.11 11.13
N GLY J 198 -4.94 -8.55 10.23
CA GLY J 198 -6.05 -7.72 10.65
C GLY J 198 -7.19 -8.61 11.07
N SER J 199 -8.14 -7.99 11.79
CA SER J 199 -9.35 -8.66 12.27
C SER J 199 -9.03 -9.81 13.21
N GLY J 200 -8.00 -9.64 14.02
CA GLY J 200 -7.84 -10.46 15.19
C GLY J 200 -8.85 -10.06 16.24
N THR J 201 -9.00 -10.93 17.25
CA THR J 201 -10.14 -11.00 18.16
C THR J 201 -11.46 -11.13 17.42
N ARG J 202 -11.43 -11.62 16.20
CA ARG J 202 -12.64 -11.84 15.42
C ARG J 202 -12.49 -13.11 14.60
N GLY J 203 -11.38 -13.82 14.75
CA GLY J 203 -11.23 -15.11 14.10
C GLY J 203 -10.41 -15.13 12.84
N TYR J 204 -9.44 -14.23 12.69
CA TYR J 204 -8.51 -14.29 11.57
C TYR J 204 -7.09 -14.30 12.12
N GLY J 205 -6.14 -14.53 11.22
CA GLY J 205 -4.76 -14.19 11.47
C GLY J 205 -3.99 -15.00 12.48
N GLN J 206 -4.22 -16.31 12.56
CA GLN J 206 -3.46 -17.17 13.44
C GLN J 206 -2.51 -18.03 12.62
N VAL J 207 -1.26 -18.14 13.06
CA VAL J 207 -0.20 -18.75 12.27
C VAL J 207 0.59 -19.75 13.09
N LYS J 208 1.05 -20.79 12.40
CA LYS J 208 1.68 -21.96 13.02
C LYS J 208 3.08 -22.14 12.46
N PHE J 209 4.04 -22.32 13.36
CA PHE J 209 5.45 -22.49 13.00
C PHE J 209 5.81 -23.95 12.81
N SER J 210 7.02 -24.15 12.31
CA SER J 210 7.67 -25.44 12.11
C SER J 210 9.12 -25.17 11.75
N ASP J 211 9.96 -26.18 11.92
CA ASP J 211 11.32 -26.23 11.38
C ASP J 211 12.21 -25.12 11.95
N LEU J 212 11.99 -24.79 13.22
CA LEU J 212 12.60 -23.61 13.83
C LEU J 212 14.04 -23.91 14.25
N LYS J 213 14.94 -23.87 13.28
CA LYS J 213 16.34 -24.23 13.50
C LYS J 213 17.27 -23.10 13.08
N ALA J 214 18.39 -22.98 13.77
CA ALA J 214 19.45 -22.05 13.41
C ALA J 214 20.55 -22.78 12.67
N ARG J 215 21.39 -21.99 11.99
CA ARG J 215 22.55 -22.48 11.27
C ARG J 215 23.40 -21.27 10.93
N ALA J 216 24.71 -21.45 10.90
CA ALA J 216 25.59 -20.36 10.54
C ALA J 216 25.88 -20.44 9.05
N ALA J 217 25.64 -19.35 8.33
CA ALA J 217 25.96 -19.35 6.90
C ALA J 217 27.29 -18.68 6.62
N VAL J 218 27.58 -17.60 7.33
CA VAL J 218 28.89 -16.96 7.29
C VAL J 218 29.39 -16.85 8.71
N GLY J 219 30.54 -17.45 8.99
CA GLY J 219 31.20 -17.17 10.25
C GLY J 219 31.61 -18.35 11.09
N THR J 220 32.27 -18.05 12.20
CA THR J 220 32.85 -19.05 13.09
C THR J 220 32.08 -19.03 14.39
N LEU J 221 31.50 -20.16 14.76
CA LEU J 221 30.76 -20.26 16.01
C LEU J 221 30.82 -21.70 16.49
N ASP J 222 31.09 -21.87 17.77
CA ASP J 222 31.32 -23.20 18.32
C ASP J 222 30.02 -24.00 18.38
N ARG J 223 30.16 -25.33 18.24
CA ARG J 223 29.01 -26.21 18.34
C ARG J 223 28.46 -26.30 19.76
N SER J 224 29.25 -25.91 20.76
CA SER J 224 28.79 -25.90 22.13
C SER J 224 27.78 -24.79 22.40
N LEU J 225 27.67 -23.81 21.51
CA LEU J 225 26.63 -22.80 21.56
C LEU J 225 25.53 -23.00 20.53
N LEU J 226 25.90 -23.36 19.29
CA LEU J 226 24.95 -23.52 18.20
C LEU J 226 23.98 -24.68 18.42
N GLU J 227 24.25 -25.56 19.38
CA GLU J 227 23.26 -26.53 19.79
C GLU J 227 22.57 -26.14 21.10
N MET J 228 23.09 -25.14 21.81
CA MET J 228 22.28 -24.58 22.88
C MET J 228 21.16 -23.74 22.33
N LEU J 229 21.44 -22.99 21.26
CA LEU J 229 20.44 -22.11 20.68
C LEU J 229 19.43 -22.87 19.84
N ASN J 230 19.88 -23.85 19.06
CA ASN J 230 18.96 -24.63 18.24
C ASN J 230 18.03 -25.50 19.08
N HIS J 231 18.41 -25.79 20.33
CA HIS J 231 17.52 -26.41 21.28
C HIS J 231 16.93 -25.41 22.25
N GLU J 232 17.22 -24.13 22.06
CA GLU J 232 16.44 -23.05 22.63
C GLU J 232 15.30 -22.63 21.71
N LEU J 233 15.32 -23.10 20.47
CA LEU J 233 14.53 -22.54 19.40
C LEU J 233 13.44 -23.50 18.94
N ALA J 234 13.82 -24.72 18.57
CA ALA J 234 12.85 -25.66 18.01
C ALA J 234 11.90 -26.19 19.07
N ALA J 235 12.26 -26.06 20.34
CA ALA J 235 11.37 -26.52 21.40
C ALA J 235 10.12 -25.66 21.49
N VAL J 236 10.26 -24.37 21.22
CA VAL J 236 9.13 -23.47 21.39
C VAL J 236 8.63 -22.98 20.02
N THR K 3 1.75 -12.50 39.49
CA THR K 3 0.98 -11.35 39.04
C THR K 3 1.68 -10.65 37.88
N GLY K 4 2.34 -11.45 37.04
CA GLY K 4 3.03 -10.89 35.89
C GLY K 4 2.17 -10.94 34.65
N TYR K 5 2.55 -11.78 33.70
CA TYR K 5 1.89 -11.90 32.42
C TYR K 5 1.13 -13.21 32.32
N ALA K 6 0.07 -13.20 31.52
CA ALA K 6 -0.78 -14.37 31.38
C ALA K 6 -1.55 -14.29 30.08
N LYS K 7 -1.62 -15.41 29.38
CA LYS K 7 -2.50 -15.59 28.22
C LYS K 7 -3.29 -16.86 28.48
N ILE K 8 -4.42 -16.71 29.17
CA ILE K 8 -5.21 -17.85 29.61
C ILE K 8 -5.87 -18.45 28.38
N GLU K 9 -5.40 -19.60 27.96
CA GLU K 9 -5.97 -20.26 26.79
C GLU K 9 -7.10 -21.17 27.23
N ILE K 10 -8.15 -21.24 26.41
CA ILE K 10 -9.37 -21.95 26.77
C ILE K 10 -9.61 -23.06 25.76
N THR K 11 -9.62 -24.28 26.25
CA THR K 11 -9.90 -25.44 25.41
C THR K 11 -11.39 -25.72 25.42
N GLY K 12 -11.78 -26.87 24.90
CA GLY K 12 -13.17 -27.28 24.88
C GLY K 12 -13.61 -27.72 23.51
N THR K 13 -14.80 -28.29 23.47
CA THR K 13 -15.34 -28.87 22.25
C THR K 13 -16.80 -28.47 22.15
N ILE K 14 -17.13 -27.69 21.15
CA ILE K 14 -18.52 -27.38 20.90
C ILE K 14 -19.10 -28.50 20.03
N THR K 15 -20.40 -28.69 20.13
CA THR K 15 -21.05 -29.76 19.37
C THR K 15 -22.45 -29.29 19.02
N VAL K 16 -22.82 -29.40 17.75
CA VAL K 16 -24.19 -29.13 17.37
C VAL K 16 -25.08 -30.23 17.89
N VAL K 17 -26.12 -29.85 18.63
CA VAL K 17 -27.16 -30.81 18.98
C VAL K 17 -28.25 -30.83 17.93
N THR K 18 -28.84 -29.69 17.62
CA THR K 18 -29.73 -29.55 16.49
C THR K 18 -28.90 -29.37 15.24
N GLY K 19 -29.54 -28.95 14.15
CA GLY K 19 -28.80 -28.52 12.99
C GLY K 19 -28.10 -27.19 13.21
N LEU K 20 -27.50 -26.69 12.13
CA LEU K 20 -26.77 -25.43 12.21
C LEU K 20 -26.66 -24.89 10.80
N HIS K 21 -27.12 -23.67 10.58
CA HIS K 21 -27.13 -23.07 9.26
C HIS K 21 -26.58 -21.66 9.32
N ILE K 22 -25.38 -21.53 9.89
CA ILE K 22 -24.65 -20.29 9.77
C ILE K 22 -24.11 -20.21 8.34
N GLY K 23 -24.60 -19.24 7.57
CA GLY K 23 -24.42 -19.25 6.13
C GLY K 23 -23.43 -18.22 5.63
N ALA K 24 -23.12 -18.32 4.33
CA ALA K 24 -22.06 -17.51 3.75
C ALA K 24 -22.51 -16.66 2.58
N GLY K 25 -23.81 -16.56 2.32
CA GLY K 25 -24.27 -15.68 1.28
C GLY K 25 -23.98 -16.22 -0.10
N ASP K 26 -23.04 -15.61 -0.80
CA ASP K 26 -22.59 -16.08 -2.11
C ASP K 26 -21.20 -16.69 -1.94
N GLY K 27 -21.15 -17.94 -1.53
CA GLY K 27 -19.92 -18.71 -1.55
C GLY K 27 -19.64 -19.22 -2.94
N PHE K 28 -18.82 -20.26 -3.02
CA PHE K 28 -18.47 -20.79 -4.33
C PHE K 28 -18.51 -22.31 -4.32
N SER K 29 -19.55 -22.88 -3.70
CA SER K 29 -19.66 -24.33 -3.58
C SER K 29 -20.15 -24.97 -4.87
N ALA K 30 -21.11 -24.33 -5.53
CA ALA K 30 -21.48 -24.57 -6.93
C ALA K 30 -21.95 -26.00 -7.18
N ILE K 31 -23.08 -26.36 -6.59
CA ILE K 31 -23.65 -27.67 -6.88
C ILE K 31 -25.14 -27.58 -7.19
N GLY K 32 -25.80 -26.50 -6.79
CA GLY K 32 -27.25 -26.54 -6.81
C GLY K 32 -27.91 -25.70 -5.74
N ALA K 33 -28.68 -26.36 -4.87
CA ALA K 33 -29.35 -25.71 -3.76
C ALA K 33 -28.47 -25.69 -2.53
N VAL K 34 -27.16 -25.58 -2.77
CA VAL K 34 -26.15 -25.20 -1.79
C VAL K 34 -26.10 -23.68 -1.75
N ASP K 35 -27.04 -23.02 -2.47
CA ASP K 35 -27.22 -21.58 -2.47
C ASP K 35 -27.51 -21.02 -1.09
N LYS K 36 -27.99 -21.84 -0.17
CA LYS K 36 -27.89 -21.48 1.23
C LYS K 36 -26.78 -22.34 1.82
N PRO K 37 -25.52 -21.94 1.69
CA PRO K 37 -24.44 -22.82 2.14
C PRO K 37 -24.19 -22.67 3.61
N VAL K 38 -23.18 -23.35 4.12
CA VAL K 38 -22.70 -23.14 5.47
C VAL K 38 -21.32 -22.50 5.32
N VAL K 39 -20.82 -21.91 6.41
CA VAL K 39 -19.46 -21.42 6.42
C VAL K 39 -18.54 -22.63 6.35
N ARG K 40 -17.97 -22.87 5.18
CA ARG K 40 -17.11 -24.01 4.94
C ARG K 40 -15.65 -23.62 5.05
N ASP K 41 -14.79 -24.60 5.10
CA ASP K 41 -13.41 -24.33 4.80
C ASP K 41 -13.25 -24.20 3.30
N PRO K 42 -12.31 -23.41 2.81
CA PRO K 42 -12.12 -23.35 1.35
C PRO K 42 -11.27 -24.48 0.81
N LEU K 43 -10.43 -25.08 1.64
CA LEU K 43 -9.51 -26.11 1.18
C LEU K 43 -10.11 -27.50 1.34
N THR K 44 -10.38 -27.89 2.58
CA THR K 44 -10.94 -29.20 2.86
C THR K 44 -12.43 -29.28 2.54
N LYS K 45 -13.09 -28.13 2.42
CA LYS K 45 -14.56 -28.01 2.29
C LYS K 45 -15.27 -28.70 3.45
N TRP K 46 -14.75 -28.54 4.63
CA TRP K 46 -15.43 -29.01 5.80
C TRP K 46 -16.10 -27.85 6.50
N PRO K 47 -17.25 -28.08 7.12
CA PRO K 47 -17.92 -27.02 7.87
C PRO K 47 -17.08 -26.47 9.01
N MET K 48 -17.18 -25.16 9.21
CA MET K 48 -16.44 -24.48 10.26
C MET K 48 -17.33 -23.43 10.89
N ILE K 49 -16.76 -22.73 11.85
CA ILE K 49 -17.45 -21.71 12.64
C ILE K 49 -16.55 -20.49 12.72
N PRO K 50 -16.97 -19.33 12.25
CA PRO K 50 -16.16 -18.14 12.48
C PRO K 50 -16.23 -17.72 13.93
N GLY K 51 -15.12 -17.16 14.40
CA GLY K 51 -15.13 -16.58 15.72
C GLY K 51 -15.80 -15.25 15.78
N THR K 52 -16.12 -14.67 14.63
CA THR K 52 -16.95 -13.47 14.59
C THR K 52 -18.33 -13.76 15.13
N SER K 53 -18.93 -14.89 14.73
CA SER K 53 -20.25 -15.24 15.21
C SER K 53 -20.23 -15.58 16.69
N LEU K 54 -19.23 -16.34 17.13
CA LEU K 54 -19.07 -16.60 18.55
C LEU K 54 -18.69 -15.35 19.31
N LYS K 55 -18.11 -14.35 18.65
CA LYS K 55 -18.11 -13.03 19.25
C LYS K 55 -19.49 -12.42 19.13
N GLY K 56 -19.98 -12.28 17.91
CA GLY K 56 -21.21 -11.58 17.62
C GLY K 56 -22.50 -12.26 18.06
N LYS K 57 -22.39 -13.37 18.79
CA LYS K 57 -23.51 -13.80 19.59
C LYS K 57 -23.30 -13.49 21.06
N VAL K 58 -22.10 -13.72 21.59
CA VAL K 58 -21.87 -13.36 22.99
C VAL K 58 -21.73 -11.85 23.15
N ARG K 59 -21.34 -11.14 22.08
CA ARG K 59 -21.45 -9.68 22.09
C ARG K 59 -22.90 -9.26 22.22
N THR K 60 -23.76 -9.83 21.38
CA THR K 60 -25.17 -9.44 21.38
C THR K 60 -25.87 -9.95 22.63
N LEU K 61 -25.80 -11.24 22.89
CA LEU K 61 -26.61 -11.83 23.93
C LEU K 61 -26.03 -11.69 25.33
N LEU K 62 -25.02 -10.85 25.51
CA LEU K 62 -24.70 -10.36 26.84
C LEU K 62 -24.98 -8.87 26.98
N SER K 63 -25.04 -8.15 25.85
CA SER K 63 -25.43 -6.75 25.89
C SER K 63 -26.88 -6.59 26.33
N ARG K 64 -27.72 -7.56 26.00
CA ARG K 64 -29.09 -7.56 26.47
C ARG K 64 -29.30 -8.47 27.67
N GLN K 65 -28.23 -8.97 28.27
CA GLN K 65 -28.35 -9.61 29.57
C GLN K 65 -27.64 -8.84 30.65
N TYR K 66 -26.55 -8.16 30.32
CA TYR K 66 -26.03 -7.17 31.24
C TYR K 66 -26.80 -5.86 31.13
N GLY K 67 -27.27 -5.53 29.94
CA GLY K 67 -28.39 -4.64 29.79
C GLY K 67 -29.67 -5.42 29.83
N ALA K 68 -30.77 -4.72 29.54
CA ALA K 68 -32.16 -5.17 29.68
C ALA K 68 -32.51 -5.59 31.10
N ASP K 69 -31.68 -5.27 32.05
CA ASP K 69 -31.75 -5.28 33.49
C ASP K 69 -31.34 -3.93 34.05
N THR K 70 -30.32 -3.31 33.45
CA THR K 70 -30.02 -1.91 33.64
C THR K 70 -30.79 -1.02 32.67
N GLU K 71 -31.45 -1.62 31.68
CA GLU K 71 -32.61 -1.14 30.95
C GLU K 71 -32.29 -0.08 29.87
N THR K 72 -31.06 0.43 29.80
CA THR K 72 -30.83 1.58 28.92
C THR K 72 -30.52 1.19 27.47
N PHE K 73 -30.80 -0.06 27.07
CA PHE K 73 -30.96 -0.55 25.70
C PHE K 73 -29.68 -0.65 24.86
N TYR K 74 -28.63 0.09 25.23
CA TYR K 74 -27.26 -0.04 24.72
C TYR K 74 -27.20 -0.08 23.18
N ARG K 75 -27.60 1.02 22.57
CA ARG K 75 -28.05 1.04 21.17
C ARG K 75 -26.97 0.79 20.14
N LYS K 76 -25.69 0.89 20.48
CA LYS K 76 -24.61 0.80 19.52
C LYS K 76 -23.45 0.05 20.14
N PRO K 77 -22.61 -0.62 19.33
CA PRO K 77 -21.49 -1.35 19.93
C PRO K 77 -20.32 -0.48 20.35
N ASN K 78 -20.63 0.68 20.91
CA ASN K 78 -19.79 1.44 21.83
C ASN K 78 -20.62 1.91 23.01
N ASP K 79 -21.93 1.97 22.85
CA ASP K 79 -22.85 2.33 23.93
C ASP K 79 -22.87 1.29 25.04
N ASP K 80 -22.42 0.05 24.74
CA ASP K 80 -22.29 -1.01 25.72
C ASP K 80 -21.36 -0.58 26.84
N PRO K 81 -21.55 -1.10 28.06
CA PRO K 81 -20.70 -0.68 29.17
C PRO K 81 -19.29 -1.22 29.03
N ALA K 82 -18.43 -0.76 29.94
CA ALA K 82 -17.05 -1.24 29.96
C ALA K 82 -16.99 -2.72 30.25
N GLN K 83 -17.91 -3.23 31.06
CA GLN K 83 -17.83 -4.59 31.57
C GLN K 83 -18.13 -5.63 30.51
N ILE K 84 -18.61 -5.23 29.34
CA ILE K 84 -18.66 -6.08 28.16
C ILE K 84 -17.52 -5.74 27.21
N ARG K 85 -17.36 -4.46 26.90
CA ARG K 85 -16.43 -4.07 25.85
C ARG K 85 -14.97 -4.13 26.28
N ARG K 86 -14.68 -4.23 27.58
CA ARG K 86 -13.30 -4.48 27.98
C ARG K 86 -12.87 -5.89 27.67
N LEU K 87 -13.80 -6.78 27.34
CA LEU K 87 -13.44 -8.02 26.67
C LEU K 87 -13.54 -7.88 25.17
N PHE K 88 -14.59 -7.26 24.69
CA PHE K 88 -14.96 -7.39 23.29
C PHE K 88 -14.42 -6.27 22.42
N GLY K 89 -14.03 -5.14 23.00
CA GLY K 89 -13.40 -4.10 22.21
C GLY K 89 -14.30 -2.95 21.84
N ASP K 90 -13.73 -1.76 21.72
CA ASP K 90 -14.49 -0.56 21.48
C ASP K 90 -13.64 0.43 20.70
N THR K 91 -14.31 1.25 19.90
CA THR K 91 -13.65 2.41 19.31
C THR K 91 -13.58 3.59 20.27
N LYS K 92 -14.28 3.53 21.41
CA LYS K 92 -14.24 4.61 22.38
C LYS K 92 -12.88 4.69 23.05
N GLU K 93 -12.48 3.64 23.77
CA GLU K 93 -11.16 3.55 24.33
C GLU K 93 -10.15 2.94 23.38
N TYR K 94 -10.50 2.79 22.09
CA TYR K 94 -9.62 2.29 21.02
C TYR K 94 -9.10 0.88 21.28
N LYS K 95 -9.72 0.15 22.20
CA LYS K 95 -9.07 -1.00 22.80
C LYS K 95 -9.08 -2.18 21.85
N THR K 96 -8.14 -3.08 22.07
CA THR K 96 -7.91 -4.20 21.19
C THR K 96 -8.80 -5.40 21.53
N GLY K 97 -9.90 -5.18 22.23
CA GLY K 97 -10.56 -6.29 22.85
C GLY K 97 -9.73 -6.77 24.02
N ARG K 98 -10.11 -7.92 24.56
CA ARG K 98 -9.19 -8.69 25.38
C ARG K 98 -9.39 -10.18 25.20
N LEU K 99 -10.23 -10.59 24.26
CA LEU K 99 -10.64 -11.99 24.08
C LEU K 99 -10.52 -12.37 22.61
N VAL K 100 -9.46 -13.06 22.23
CA VAL K 100 -9.32 -13.44 20.85
C VAL K 100 -10.14 -14.68 20.57
N PHE K 101 -11.36 -14.49 20.11
CA PHE K 101 -12.23 -15.61 19.73
C PHE K 101 -11.72 -16.20 18.43
N ARG K 102 -11.13 -17.38 18.51
CA ARG K 102 -10.55 -17.95 17.31
C ARG K 102 -11.58 -18.70 16.50
N ASP K 103 -11.27 -18.85 15.23
CA ASP K 103 -11.98 -19.74 14.34
C ASP K 103 -11.83 -21.19 14.83
N THR K 104 -12.73 -22.04 14.34
CA THR K 104 -12.62 -23.47 14.60
C THR K 104 -13.32 -24.20 13.47
N LYS K 105 -12.82 -25.39 13.16
CA LYS K 105 -13.39 -26.14 12.05
C LYS K 105 -13.66 -27.56 12.47
N LEU K 106 -14.02 -28.41 11.50
CA LEU K 106 -14.53 -29.75 11.78
C LEU K 106 -13.43 -30.65 12.29
N THR K 107 -13.47 -30.96 13.58
CA THR K 107 -12.45 -31.84 14.15
C THR K 107 -12.74 -33.30 13.87
N ASN K 108 -13.86 -33.80 14.40
CA ASN K 108 -14.16 -35.23 14.29
C ASN K 108 -14.97 -35.50 13.02
N LYS K 109 -14.29 -35.37 11.90
CA LYS K 109 -14.81 -35.95 10.68
C LYS K 109 -14.63 -37.46 10.67
N ASP K 110 -13.70 -37.96 11.47
CA ASP K 110 -13.38 -39.38 11.47
C ASP K 110 -14.49 -40.20 12.12
N ASP K 111 -15.02 -39.74 13.25
CA ASP K 111 -16.11 -40.45 13.91
C ASP K 111 -17.39 -40.35 13.11
N LEU K 112 -17.54 -39.30 12.33
CA LEU K 112 -18.74 -39.15 11.51
C LEU K 112 -18.71 -40.07 10.31
N GLU K 113 -17.55 -40.58 9.94
CA GLU K 113 -17.53 -41.69 9.01
C GLU K 113 -17.62 -43.03 9.74
N ALA K 114 -17.38 -43.02 11.05
CA ALA K 114 -17.54 -44.25 11.83
C ALA K 114 -19.02 -44.54 12.08
N ARG K 115 -19.81 -43.52 12.36
CA ARG K 115 -21.24 -43.72 12.51
C ARG K 115 -21.98 -43.72 11.18
N GLY K 116 -21.29 -43.83 10.06
CA GLY K 116 -21.96 -43.98 8.80
C GLY K 116 -22.60 -42.73 8.23
N ALA K 117 -22.36 -41.57 8.84
CA ALA K 117 -22.90 -40.32 8.32
C ALA K 117 -22.21 -39.96 7.02
N LYS K 118 -23.00 -39.84 5.96
CA LYS K 118 -22.48 -39.97 4.60
C LYS K 118 -21.96 -38.66 4.03
N THR K 119 -22.77 -37.60 4.05
CA THR K 119 -22.50 -36.43 3.23
C THR K 119 -22.11 -35.19 4.01
N LEU K 120 -22.11 -35.24 5.34
CA LEU K 120 -21.60 -34.22 6.25
C LEU K 120 -22.46 -32.95 6.29
N THR K 121 -23.43 -32.81 5.39
CA THR K 121 -24.32 -31.66 5.33
C THR K 121 -25.68 -32.17 4.87
N GLU K 122 -26.70 -32.07 5.73
CA GLU K 122 -27.99 -32.62 5.39
C GLU K 122 -28.97 -31.52 4.99
N VAL K 123 -29.77 -31.82 3.97
CA VAL K 123 -30.59 -30.83 3.30
C VAL K 123 -31.97 -30.86 3.96
N LYS K 124 -32.15 -30.03 4.98
CA LYS K 124 -33.39 -30.02 5.74
C LYS K 124 -34.43 -29.19 4.99
N PHE K 125 -35.44 -29.86 4.44
CA PHE K 125 -36.45 -29.17 3.66
C PHE K 125 -37.37 -28.37 4.56
N GLU K 126 -37.97 -27.33 3.98
CA GLU K 126 -38.93 -26.49 4.68
C GLU K 126 -40.00 -26.06 3.67
N ASN K 127 -40.96 -25.27 4.14
CA ASN K 127 -42.14 -25.01 3.32
C ASN K 127 -42.75 -23.67 3.67
N ALA K 128 -43.58 -23.17 2.76
CA ALA K 128 -44.33 -21.94 2.94
C ALA K 128 -45.79 -22.22 2.63
N ILE K 129 -46.66 -21.98 3.60
CA ILE K 129 -48.11 -22.11 3.46
C ILE K 129 -48.72 -20.73 3.67
N ASN K 130 -49.40 -20.22 2.65
CA ASN K 130 -50.10 -18.95 2.75
C ASN K 130 -51.53 -19.19 3.18
N ARG K 131 -52.00 -18.38 4.14
CA ARG K 131 -53.21 -18.74 4.89
C ARG K 131 -54.48 -18.63 4.07
N VAL K 132 -54.47 -17.90 2.97
CA VAL K 132 -55.64 -17.85 2.11
C VAL K 132 -55.60 -18.93 1.03
N THR K 133 -54.46 -19.12 0.37
CA THR K 133 -54.39 -20.06 -0.72
C THR K 133 -54.21 -21.49 -0.23
N ALA K 134 -53.59 -21.66 0.93
CA ALA K 134 -53.10 -22.96 1.44
C ALA K 134 -52.21 -23.65 0.41
N LYS K 135 -51.40 -22.86 -0.28
CA LYS K 135 -50.49 -23.37 -1.28
C LYS K 135 -49.13 -23.60 -0.66
N ALA K 136 -48.51 -24.72 -1.01
CA ALA K 136 -47.21 -25.10 -0.48
C ALA K 136 -46.13 -24.55 -1.38
N ASN K 137 -45.40 -23.56 -0.88
CA ASN K 137 -44.22 -23.07 -1.59
C ASN K 137 -42.99 -23.67 -0.95
N PRO K 138 -42.33 -24.62 -1.58
CA PRO K 138 -41.20 -25.29 -0.95
C PRO K 138 -39.92 -24.46 -1.08
N ARG K 139 -38.84 -25.04 -0.57
CA ARG K 139 -37.48 -24.51 -0.58
C ARG K 139 -36.56 -25.61 -0.09
N GLN K 140 -35.27 -25.46 -0.37
CA GLN K 140 -34.29 -26.49 -0.04
C GLN K 140 -33.20 -25.87 0.81
N MET K 141 -33.46 -25.82 2.11
CA MET K 141 -32.52 -25.23 3.06
C MET K 141 -31.53 -26.30 3.52
N GLU K 142 -30.29 -25.89 3.76
CA GLU K 142 -29.19 -26.82 3.95
C GLU K 142 -28.46 -26.51 5.26
N ARG K 143 -28.07 -27.55 5.98
CA ARG K 143 -27.43 -27.35 7.28
C ARG K 143 -26.51 -28.52 7.58
N VAL K 144 -25.73 -28.38 8.64
CA VAL K 144 -24.68 -29.32 8.97
C VAL K 144 -25.31 -30.57 9.60
N ILE K 145 -24.55 -31.66 9.70
CA ILE K 145 -24.98 -32.85 10.44
C ILE K 145 -25.10 -32.51 11.92
N PRO K 146 -26.16 -32.92 12.58
CA PRO K 146 -26.34 -32.55 13.99
C PRO K 146 -25.56 -33.39 14.98
N GLY K 147 -24.51 -34.07 14.53
CA GLY K 147 -23.69 -34.81 15.47
C GLY K 147 -22.26 -34.31 15.54
N SER K 148 -21.89 -33.47 14.58
CA SER K 148 -20.51 -33.03 14.40
C SER K 148 -20.07 -32.14 15.54
N GLU K 149 -18.77 -32.00 15.69
CA GLU K 149 -18.20 -31.34 16.85
C GLU K 149 -17.01 -30.50 16.45
N PHE K 150 -17.00 -29.25 16.89
CA PHE K 150 -15.87 -28.37 16.63
C PHE K 150 -15.14 -28.08 17.92
N ALA K 151 -13.85 -27.79 17.78
CA ALA K 151 -13.03 -27.47 18.92
C ALA K 151 -13.34 -26.06 19.38
N PHE K 152 -12.78 -25.68 20.52
CA PHE K 152 -13.07 -24.37 21.07
C PHE K 152 -11.79 -23.77 21.58
N SER K 153 -11.49 -22.57 21.09
CA SER K 153 -10.23 -21.93 21.43
C SER K 153 -10.46 -20.43 21.55
N LEU K 154 -10.41 -19.92 22.77
CA LEU K 154 -10.27 -18.50 22.97
C LEU K 154 -9.10 -18.30 23.92
N VAL K 155 -8.47 -17.13 23.84
CA VAL K 155 -7.45 -16.74 24.79
C VAL K 155 -7.94 -15.49 25.50
N TYR K 156 -7.20 -15.07 26.50
CA TYR K 156 -7.56 -13.87 27.26
C TYR K 156 -6.26 -13.26 27.73
N GLU K 157 -5.93 -12.08 27.19
CA GLU K 157 -4.72 -11.41 27.62
C GLU K 157 -4.88 -10.90 29.05
N VAL K 158 -3.75 -10.82 29.74
CA VAL K 158 -3.73 -10.32 31.11
C VAL K 158 -3.75 -8.79 31.04
N SER K 159 -3.94 -8.17 32.20
CA SER K 159 -3.71 -6.74 32.46
C SER K 159 -2.45 -6.21 31.78
N PHE K 160 -2.62 -5.11 31.05
CA PHE K 160 -1.47 -4.37 30.51
C PHE K 160 -1.53 -2.89 30.87
N GLY K 161 -2.70 -2.28 30.84
CA GLY K 161 -2.84 -0.86 31.10
C GLY K 161 -3.86 -0.58 32.19
N SER K 170 -2.58 0.96 36.77
CA SER K 170 -1.94 0.84 35.47
C SER K 170 -2.00 -0.58 34.96
N LEU K 171 -2.84 -1.39 35.61
CA LEU K 171 -3.12 -2.77 35.23
C LEU K 171 -4.39 -3.24 35.96
N PRO K 172 -5.29 -3.94 35.27
CA PRO K 172 -6.41 -4.60 35.96
C PRO K 172 -5.94 -5.58 37.03
N SER K 173 -6.56 -5.47 38.21
CA SER K 173 -6.13 -6.21 39.38
C SER K 173 -6.63 -7.66 39.32
N SER K 174 -6.53 -8.35 40.45
CA SER K 174 -6.87 -9.78 40.51
C SER K 174 -8.35 -10.02 40.29
N ASP K 175 -9.21 -9.22 40.94
CA ASP K 175 -10.65 -9.40 40.82
C ASP K 175 -11.14 -9.12 39.40
N GLU K 176 -10.51 -8.19 38.70
CA GLU K 176 -10.87 -7.89 37.33
C GLU K 176 -10.56 -9.07 36.41
N ILE K 177 -9.63 -9.93 36.80
CA ILE K 177 -9.49 -11.17 36.07
C ILE K 177 -10.62 -12.12 36.42
N ILE K 178 -11.08 -12.10 37.67
CA ILE K 178 -11.97 -13.16 38.14
C ILE K 178 -13.38 -12.98 37.60
N GLU K 179 -14.02 -11.86 37.92
CA GLU K 179 -15.42 -11.68 37.58
C GLU K 179 -15.63 -11.49 36.08
N ASP K 180 -14.64 -10.92 35.39
CA ASP K 180 -14.76 -10.78 33.94
C ASP K 180 -14.62 -12.12 33.27
N PHE K 181 -13.78 -13.00 33.81
CA PHE K 181 -13.76 -14.36 33.30
C PHE K 181 -15.03 -15.09 33.67
N ASN K 182 -15.58 -14.79 34.85
CA ASN K 182 -16.88 -15.31 35.24
C ASN K 182 -17.99 -14.73 34.38
N ALA K 183 -17.80 -13.51 33.86
CA ALA K 183 -18.75 -12.94 32.92
C ALA K 183 -18.76 -13.70 31.60
N ILE K 184 -17.68 -14.37 31.24
CA ILE K 184 -17.70 -15.20 30.05
C ILE K 184 -18.57 -16.43 30.28
N ALA K 185 -18.35 -17.11 31.41
CA ALA K 185 -19.08 -18.34 31.70
C ALA K 185 -20.54 -18.06 31.96
N ARG K 186 -20.84 -16.92 32.59
CA ARG K 186 -22.21 -16.45 32.63
C ARG K 186 -22.73 -16.20 31.24
N GLY K 187 -21.93 -15.57 30.40
CA GLY K 187 -22.35 -15.31 29.05
C GLY K 187 -22.30 -16.51 28.13
N LEU K 188 -21.66 -17.60 28.53
CA LEU K 188 -21.59 -18.72 27.62
C LEU K 188 -22.78 -19.66 27.76
N LYS K 189 -23.26 -19.88 28.98
CA LYS K 189 -24.39 -20.79 29.18
C LYS K 189 -25.68 -20.23 28.64
N LEU K 190 -25.76 -18.91 28.45
CA LEU K 190 -26.84 -18.32 27.69
C LEU K 190 -26.88 -18.87 26.27
N LEU K 191 -25.73 -18.81 25.59
CA LEU K 191 -25.62 -19.28 24.21
C LEU K 191 -25.84 -20.78 24.09
N GLU K 192 -25.53 -21.53 25.15
CA GLU K 192 -25.83 -22.96 25.13
C GLU K 192 -27.33 -23.19 25.10
N LEU K 193 -28.09 -22.40 25.83
CA LEU K 193 -29.54 -22.45 25.75
C LEU K 193 -30.11 -21.52 24.70
N ASP K 194 -29.26 -20.91 23.88
CA ASP K 194 -29.74 -20.05 22.80
C ASP K 194 -29.39 -20.66 21.45
N TYR K 195 -30.00 -20.08 20.42
CA TYR K 195 -29.62 -20.38 19.06
C TYR K 195 -28.24 -19.80 18.77
N LEU K 196 -27.58 -20.37 17.78
CA LEU K 196 -26.35 -19.78 17.28
C LEU K 196 -26.39 -19.47 15.80
N GLY K 197 -26.79 -20.42 14.98
CA GLY K 197 -26.68 -20.27 13.55
C GLY K 197 -27.75 -19.38 12.97
N GLY K 198 -27.86 -19.44 11.66
CA GLY K 198 -28.95 -18.79 10.99
C GLY K 198 -30.21 -19.61 11.12
N SER K 199 -31.33 -19.00 10.68
CA SER K 199 -32.68 -19.49 10.94
C SER K 199 -32.88 -19.80 12.42
N GLY K 200 -32.70 -18.77 13.23
CA GLY K 200 -33.00 -18.85 14.64
C GLY K 200 -34.48 -19.09 14.89
N THR K 201 -34.80 -19.40 16.15
CA THR K 201 -36.16 -19.56 16.69
C THR K 201 -36.99 -20.62 15.96
N ARG K 202 -36.38 -21.49 15.16
CA ARG K 202 -37.19 -22.27 14.24
C ARG K 202 -36.68 -23.69 14.10
N GLY K 203 -35.85 -24.15 15.05
CA GLY K 203 -35.34 -25.50 14.99
C GLY K 203 -34.02 -25.64 14.27
N TYR K 204 -33.05 -24.83 14.65
CA TYR K 204 -31.71 -24.87 14.09
C TYR K 204 -30.73 -24.59 15.22
N GLY K 205 -29.48 -24.37 14.82
CA GLY K 205 -28.49 -23.60 15.55
C GLY K 205 -28.32 -23.73 17.04
N GLN K 206 -28.69 -24.86 17.63
CA GLN K 206 -28.42 -25.07 19.04
C GLN K 206 -27.12 -25.83 19.18
N VAL K 207 -26.32 -25.45 20.17
CA VAL K 207 -24.99 -26.02 20.32
C VAL K 207 -24.81 -26.50 21.75
N LYS K 208 -23.87 -27.42 21.91
CA LYS K 208 -23.58 -28.00 23.21
C LYS K 208 -22.10 -27.85 23.50
N PHE K 209 -21.77 -27.38 24.69
CA PHE K 209 -20.40 -27.11 25.08
C PHE K 209 -19.95 -28.10 26.13
N SER K 210 -18.64 -28.36 26.17
CA SER K 210 -18.09 -29.39 27.03
C SER K 210 -16.61 -29.15 27.20
N ASP K 211 -16.08 -29.61 28.35
CA ASP K 211 -14.65 -29.71 28.63
C ASP K 211 -13.95 -28.36 28.57
N LEU K 212 -14.58 -27.35 29.16
CA LEU K 212 -14.11 -25.99 29.05
C LEU K 212 -13.26 -25.67 30.28
N LYS K 213 -11.95 -25.68 30.12
CA LYS K 213 -11.04 -25.48 31.23
C LYS K 213 -10.03 -24.40 30.89
N ALA K 214 -9.42 -23.87 31.94
CA ALA K 214 -8.37 -22.87 31.82
C ALA K 214 -7.01 -23.49 32.09
N ARG K 215 -5.97 -22.81 31.63
CA ARG K 215 -4.61 -23.26 31.84
C ARG K 215 -3.69 -22.05 31.67
N ALA K 216 -2.41 -22.28 31.94
CA ALA K 216 -1.37 -21.30 31.69
C ALA K 216 -0.60 -21.76 30.44
N ALA K 217 -1.10 -21.38 29.27
CA ALA K 217 -0.41 -21.75 28.04
C ALA K 217 0.93 -21.03 27.90
N VAL K 218 1.01 -19.79 28.41
CA VAL K 218 2.25 -19.04 28.51
C VAL K 218 2.06 -18.09 29.69
N GLY K 219 3.14 -17.44 30.11
CA GLY K 219 3.06 -16.44 31.15
C GLY K 219 3.02 -17.05 32.53
N THR K 220 3.21 -16.18 33.52
CA THR K 220 3.30 -16.60 34.91
C THR K 220 1.93 -16.41 35.58
N LEU K 221 1.03 -17.33 35.26
CA LEU K 221 -0.29 -17.36 35.86
C LEU K 221 -0.17 -17.73 37.33
N ASP K 222 -1.07 -17.19 38.14
CA ASP K 222 -0.97 -17.35 39.59
C ASP K 222 -1.58 -18.68 40.02
N ARG K 223 -1.75 -18.86 41.32
CA ARG K 223 -2.22 -20.13 41.86
C ARG K 223 -3.69 -20.09 42.28
N SER K 224 -4.07 -19.10 43.10
CA SER K 224 -5.46 -19.00 43.51
C SER K 224 -6.34 -18.53 42.35
N LEU K 225 -5.81 -17.68 41.50
CA LEU K 225 -6.58 -17.05 40.43
C LEU K 225 -6.70 -17.90 39.19
N LEU K 226 -6.45 -19.21 39.28
CA LEU K 226 -6.70 -20.12 38.17
C LEU K 226 -7.82 -21.09 38.46
N GLU K 227 -7.87 -21.63 39.68
CA GLU K 227 -8.90 -22.59 40.01
C GLU K 227 -10.26 -21.94 40.16
N MET K 228 -10.28 -20.66 40.52
CA MET K 228 -11.52 -19.89 40.44
C MET K 228 -11.97 -19.73 38.99
N LEU K 229 -11.04 -19.70 38.06
CA LEU K 229 -11.38 -19.61 36.65
C LEU K 229 -11.62 -20.97 36.02
N ASN K 230 -11.12 -22.03 36.65
CA ASN K 230 -11.51 -23.38 36.30
C ASN K 230 -12.77 -23.82 37.02
N HIS K 231 -13.41 -22.93 37.76
CA HIS K 231 -14.65 -23.30 38.43
C HIS K 231 -15.85 -23.17 37.50
N GLU K 232 -16.16 -21.95 37.08
CA GLU K 232 -17.41 -21.68 36.42
C GLU K 232 -17.38 -22.09 34.96
N LEU K 233 -16.22 -21.96 34.31
CA LEU K 233 -16.16 -22.34 32.92
C LEU K 233 -16.16 -23.86 32.78
N ALA K 234 -15.64 -24.57 33.77
CA ALA K 234 -15.89 -26.00 33.82
C ALA K 234 -17.33 -26.28 34.22
N ALA K 235 -17.95 -25.39 35.00
CA ALA K 235 -19.34 -25.59 35.36
C ALA K 235 -20.27 -25.29 34.20
N VAL K 236 -20.28 -24.04 33.74
CA VAL K 236 -21.20 -23.65 32.68
C VAL K 236 -20.44 -23.09 31.47
N GLY L 4 -29.95 -9.59 35.78
CA GLY L 4 -30.24 -9.88 34.38
C GLY L 4 -31.65 -10.37 34.15
N TYR L 5 -32.44 -9.66 33.36
CA TYR L 5 -33.75 -10.17 32.97
C TYR L 5 -33.65 -11.10 31.78
N ALA L 6 -33.16 -12.30 32.04
CA ALA L 6 -32.78 -13.25 31.00
C ALA L 6 -33.90 -14.24 30.70
N LYS L 7 -33.50 -15.34 30.05
CA LYS L 7 -34.36 -16.20 29.26
C LYS L 7 -34.92 -17.35 30.10
N ILE L 8 -36.21 -17.63 29.92
CA ILE L 8 -36.95 -18.54 30.79
C ILE L 8 -37.35 -19.77 29.98
N GLU L 9 -36.85 -20.94 30.39
CA GLU L 9 -36.99 -22.15 29.59
C GLU L 9 -38.27 -22.89 29.95
N ILE L 10 -39.10 -23.16 28.97
CA ILE L 10 -40.28 -24.00 29.16
C ILE L 10 -39.95 -25.39 28.65
N THR L 11 -39.87 -26.36 29.56
CA THR L 11 -39.69 -27.73 29.11
C THR L 11 -41.05 -28.30 28.73
N GLY L 12 -41.09 -29.61 28.51
CA GLY L 12 -42.33 -30.27 28.17
C GLY L 12 -42.03 -31.57 27.45
N THR L 13 -43.10 -32.22 27.03
CA THR L 13 -42.98 -33.53 26.41
C THR L 13 -44.16 -33.74 25.49
N ILE L 14 -43.90 -33.96 24.24
CA ILE L 14 -44.95 -34.39 23.32
C ILE L 14 -44.90 -35.90 23.20
N THR L 15 -46.06 -36.53 23.27
CA THR L 15 -46.18 -37.94 22.93
C THR L 15 -47.30 -38.11 21.92
N VAL L 16 -47.01 -38.81 20.84
CA VAL L 16 -48.01 -39.03 19.82
C VAL L 16 -49.04 -40.03 20.32
N VAL L 17 -50.27 -39.90 19.82
CA VAL L 17 -51.35 -40.80 20.18
C VAL L 17 -51.75 -41.68 19.00
N THR L 18 -51.67 -41.16 17.80
CA THR L 18 -51.66 -41.96 16.58
C THR L 18 -50.39 -41.63 15.80
N GLY L 19 -50.32 -42.14 14.57
CA GLY L 19 -49.13 -41.95 13.76
C GLY L 19 -48.95 -40.51 13.31
N LEU L 20 -47.77 -40.24 12.76
CA LEU L 20 -47.35 -38.88 12.43
C LEU L 20 -46.43 -38.94 11.23
N HIS L 21 -46.55 -37.99 10.31
CA HIS L 21 -45.90 -38.14 9.02
C HIS L 21 -45.46 -36.78 8.48
N ILE L 22 -44.18 -36.48 8.63
CA ILE L 22 -43.57 -35.24 8.16
C ILE L 22 -42.64 -35.61 7.02
N GLY L 23 -43.13 -35.47 5.79
CA GLY L 23 -42.59 -36.10 4.60
C GLY L 23 -41.12 -35.98 4.24
N ALA L 24 -40.69 -34.77 3.90
CA ALA L 24 -39.34 -34.46 3.40
C ALA L 24 -38.96 -35.35 2.22
N GLY L 25 -39.87 -35.45 1.26
CA GLY L 25 -39.63 -36.22 0.06
C GLY L 25 -40.63 -37.34 -0.13
N GLY L 32 -34.14 -48.95 0.42
CA GLY L 32 -35.43 -49.48 0.08
C GLY L 32 -36.26 -48.50 -0.70
N ALA L 33 -37.37 -49.00 -1.26
CA ALA L 33 -38.24 -48.21 -2.12
C ALA L 33 -39.30 -47.43 -1.35
N VAL L 34 -39.02 -47.11 -0.09
CA VAL L 34 -39.93 -46.30 0.72
C VAL L 34 -40.00 -44.89 0.15
N ASP L 35 -41.22 -44.42 -0.12
CA ASP L 35 -41.40 -43.18 -0.86
C ASP L 35 -41.51 -41.97 0.08
N LYS L 36 -42.40 -42.04 1.07
CA LYS L 36 -42.73 -40.92 1.93
C LYS L 36 -42.27 -41.19 3.35
N PRO L 37 -41.05 -40.83 3.71
CA PRO L 37 -40.58 -41.14 5.06
C PRO L 37 -40.96 -40.06 6.06
N VAL L 38 -40.57 -40.24 7.31
CA VAL L 38 -40.59 -39.18 8.30
C VAL L 38 -39.27 -38.46 8.09
N VAL L 39 -39.11 -37.28 8.68
CA VAL L 39 -37.82 -36.59 8.65
C VAL L 39 -36.80 -37.43 9.42
N ARG L 40 -35.87 -38.03 8.69
CA ARG L 40 -34.88 -38.92 9.29
C ARG L 40 -33.68 -38.09 9.73
N ASP L 41 -33.44 -38.06 11.03
CA ASP L 41 -32.22 -37.45 11.56
C ASP L 41 -31.03 -38.27 11.09
N PRO L 42 -30.23 -37.78 10.15
CA PRO L 42 -29.43 -38.68 9.31
C PRO L 42 -28.16 -39.20 9.95
N LEU L 43 -27.85 -38.83 11.19
CA LEU L 43 -26.78 -39.51 11.90
C LEU L 43 -27.28 -40.80 12.53
N THR L 44 -28.22 -40.68 13.46
CA THR L 44 -28.71 -41.84 14.21
C THR L 44 -29.87 -42.53 13.53
N LYS L 45 -30.37 -41.99 12.42
CA LYS L 45 -31.48 -42.54 11.62
C LYS L 45 -32.77 -42.73 12.43
N TRP L 46 -32.93 -41.95 13.49
CA TRP L 46 -34.11 -41.99 14.33
C TRP L 46 -35.21 -41.17 13.68
N PRO L 47 -36.40 -41.09 14.27
CA PRO L 47 -37.31 -40.02 13.87
C PRO L 47 -37.12 -38.78 14.72
N MET L 48 -37.22 -37.62 14.05
CA MET L 48 -37.10 -36.33 14.68
C MET L 48 -38.37 -35.53 14.45
N ILE L 49 -38.60 -34.54 15.30
CA ILE L 49 -39.68 -33.59 15.08
C ILE L 49 -39.05 -32.21 14.97
N PRO L 50 -39.05 -31.60 13.80
CA PRO L 50 -38.38 -30.31 13.65
C PRO L 50 -39.15 -29.21 14.38
N GLY L 51 -38.41 -28.18 14.78
CA GLY L 51 -39.03 -27.00 15.34
C GLY L 51 -39.72 -26.12 14.33
N THR L 52 -39.72 -26.49 13.05
CA THR L 52 -40.36 -25.72 11.99
C THR L 52 -41.78 -26.19 11.72
N SER L 53 -42.06 -27.48 11.86
CA SER L 53 -43.44 -27.95 11.88
C SER L 53 -44.08 -27.86 13.26
N LEU L 54 -43.50 -27.08 14.16
CA LEU L 54 -44.13 -26.74 15.42
C LEU L 54 -44.23 -25.24 15.61
N LYS L 55 -43.49 -24.45 14.82
CA LYS L 55 -43.71 -23.02 14.72
C LYS L 55 -44.65 -22.66 13.58
N GLY L 56 -44.42 -23.24 12.40
CA GLY L 56 -45.26 -22.95 11.27
C GLY L 56 -46.63 -23.59 11.31
N LYS L 57 -46.91 -24.42 12.31
CA LYS L 57 -48.24 -24.97 12.47
C LYS L 57 -49.05 -24.25 13.54
N VAL L 58 -48.41 -23.86 14.64
CA VAL L 58 -49.10 -23.07 15.65
C VAL L 58 -49.36 -21.64 15.16
N ARG L 59 -48.53 -21.15 14.24
CA ARG L 59 -48.86 -19.91 13.54
C ARG L 59 -50.03 -20.06 12.59
N THR L 60 -50.41 -21.27 12.23
CA THR L 60 -51.62 -21.45 11.45
C THR L 60 -52.83 -21.70 12.34
N LEU L 61 -52.63 -21.84 13.65
CA LEU L 61 -53.73 -22.00 14.58
C LEU L 61 -53.94 -20.80 15.49
N LEU L 62 -52.88 -20.32 16.16
CA LEU L 62 -53.02 -19.15 17.01
C LEU L 62 -53.24 -17.87 16.22
N SER L 63 -53.00 -17.87 14.92
CA SER L 63 -53.50 -16.81 14.05
C SER L 63 -54.75 -17.23 13.29
N ARG L 64 -55.51 -18.18 13.85
CA ARG L 64 -56.90 -18.38 13.48
C ARG L 64 -57.75 -18.60 14.73
N GLN L 65 -57.25 -18.17 15.89
CA GLN L 65 -58.00 -18.13 17.13
C GLN L 65 -58.16 -16.70 17.62
N TYR L 66 -57.07 -15.96 17.80
CA TYR L 66 -57.18 -14.53 18.05
C TYR L 66 -57.78 -13.83 16.86
N GLY L 67 -57.27 -14.11 15.67
CA GLY L 67 -57.87 -13.65 14.43
C GLY L 67 -58.83 -14.69 13.89
N ALA L 68 -59.40 -14.37 12.73
CA ALA L 68 -60.31 -15.21 11.95
C ALA L 68 -61.56 -15.64 12.70
N ASP L 69 -61.91 -14.92 13.75
CA ASP L 69 -63.20 -15.06 14.42
C ASP L 69 -63.95 -13.74 14.43
N THR L 70 -63.25 -12.63 14.67
CA THR L 70 -63.83 -11.30 14.48
C THR L 70 -63.48 -10.75 13.10
N GLU L 71 -63.68 -11.59 12.08
CA GLU L 71 -63.63 -11.25 10.65
C GLU L 71 -62.31 -10.58 10.24
N THR L 72 -61.24 -11.36 10.33
CA THR L 72 -59.96 -10.98 9.77
C THR L 72 -59.60 -11.92 8.63
N PHE L 73 -59.27 -11.35 7.48
CA PHE L 73 -58.94 -12.14 6.30
C PHE L 73 -57.57 -12.76 6.43
N TYR L 74 -56.57 -11.93 6.80
CA TYR L 74 -55.19 -12.34 7.13
C TYR L 74 -54.52 -13.07 5.96
N ARG L 75 -54.27 -12.32 4.90
CA ARG L 75 -53.95 -12.96 3.63
C ARG L 75 -52.50 -13.36 3.50
N LYS L 76 -51.59 -12.71 4.21
CA LYS L 76 -50.17 -13.02 4.13
C LYS L 76 -49.65 -13.38 5.51
N PRO L 77 -48.50 -14.05 5.61
CA PRO L 77 -47.98 -14.42 6.95
C PRO L 77 -47.52 -13.27 7.83
N ASN L 78 -47.67 -12.00 7.44
CA ASN L 78 -47.19 -10.91 8.27
C ASN L 78 -48.26 -9.91 8.68
N ASP L 79 -49.53 -10.13 8.31
CA ASP L 79 -50.59 -9.22 8.73
C ASP L 79 -51.14 -9.56 10.10
N ASP L 80 -50.48 -10.46 10.83
CA ASP L 80 -50.97 -11.01 12.07
C ASP L 80 -51.01 -9.96 13.16
N PRO L 81 -51.78 -10.19 14.25
CA PRO L 81 -51.93 -9.13 15.26
C PRO L 81 -50.72 -8.90 16.13
N ALA L 82 -50.93 -8.07 17.16
CA ALA L 82 -49.86 -7.73 18.09
C ALA L 82 -49.41 -8.95 18.89
N GLN L 83 -50.34 -9.57 19.62
CA GLN L 83 -49.99 -10.67 20.52
C GLN L 83 -49.61 -11.96 19.80
N ILE L 84 -49.56 -11.97 18.48
CA ILE L 84 -48.94 -13.06 17.73
C ILE L 84 -47.57 -12.66 17.22
N ARG L 85 -47.49 -11.52 16.53
CA ARG L 85 -46.21 -11.04 16.05
C ARG L 85 -45.32 -10.51 17.16
N ARG L 86 -45.84 -10.30 18.38
CA ARG L 86 -44.98 -10.21 19.54
C ARG L 86 -44.16 -11.48 19.68
N LEU L 87 -44.84 -12.60 19.87
CA LEU L 87 -44.16 -13.87 20.15
C LEU L 87 -43.42 -14.39 18.94
N PHE L 88 -44.13 -14.66 17.87
CA PHE L 88 -43.60 -15.47 16.79
C PHE L 88 -42.66 -14.72 15.87
N GLY L 89 -42.38 -13.45 16.15
CA GLY L 89 -41.42 -12.72 15.35
C GLY L 89 -41.99 -12.17 14.06
N ASP L 90 -41.46 -11.01 13.65
CA ASP L 90 -41.90 -10.34 12.45
C ASP L 90 -40.72 -9.61 11.84
N THR L 91 -40.97 -9.02 10.67
CA THR L 91 -39.97 -8.18 10.02
C THR L 91 -40.24 -6.69 10.21
N LYS L 92 -41.45 -6.32 10.65
CA LYS L 92 -41.86 -4.92 10.66
C LYS L 92 -41.76 -4.28 12.04
N GLU L 93 -42.52 -4.79 13.01
CA GLU L 93 -42.54 -4.13 14.31
C GLU L 93 -41.40 -4.63 15.20
N TYR L 94 -41.37 -5.93 15.48
CA TYR L 94 -40.22 -6.66 16.06
C TYR L 94 -39.79 -6.06 17.40
N LYS L 95 -40.62 -6.26 18.41
CA LYS L 95 -40.13 -6.05 19.77
C LYS L 95 -38.98 -7.02 19.99
N THR L 96 -39.27 -8.32 19.96
CA THR L 96 -38.30 -9.41 20.02
C THR L 96 -38.91 -10.66 19.44
N GLY L 97 -38.12 -11.45 18.72
CA GLY L 97 -38.53 -12.80 18.38
C GLY L 97 -38.50 -13.63 19.64
N ARG L 98 -39.67 -14.02 20.15
CA ARG L 98 -39.77 -14.46 21.53
C ARG L 98 -39.98 -15.96 21.69
N LEU L 99 -40.20 -16.69 20.60
CA LEU L 99 -40.48 -18.12 20.68
C LEU L 99 -39.37 -18.89 19.99
N VAL L 100 -38.33 -19.22 20.73
CA VAL L 100 -37.34 -20.16 20.25
C VAL L 100 -37.84 -21.57 20.49
N PHE L 101 -38.05 -22.30 19.39
CA PHE L 101 -38.51 -23.68 19.43
C PHE L 101 -37.35 -24.62 19.21
N ARG L 102 -37.11 -25.50 20.18
CA ARG L 102 -36.08 -26.50 20.00
C ARG L 102 -36.55 -27.59 19.06
N ASP L 103 -35.66 -27.99 18.16
CA ASP L 103 -35.85 -29.22 17.42
C ASP L 103 -35.76 -30.40 18.40
N THR L 104 -36.40 -31.51 18.02
CA THR L 104 -36.41 -32.65 18.93
C THR L 104 -36.47 -33.96 18.16
N LYS L 105 -35.96 -35.00 18.81
CA LYS L 105 -35.75 -36.32 18.23
C LYS L 105 -36.41 -37.36 19.12
N LEU L 106 -36.36 -38.61 18.67
CA LEU L 106 -36.96 -39.74 19.37
C LEU L 106 -36.31 -39.93 20.73
N THR L 107 -37.10 -39.77 21.80
CA THR L 107 -36.53 -39.81 23.13
C THR L 107 -36.32 -41.23 23.62
N ASN L 108 -37.39 -42.04 23.62
CA ASN L 108 -37.31 -43.40 24.14
C ASN L 108 -37.19 -44.38 22.96
N LYS L 109 -35.96 -44.54 22.49
CA LYS L 109 -35.68 -45.63 21.56
C LYS L 109 -35.69 -46.97 22.29
N ASP L 110 -35.29 -46.97 23.56
CA ASP L 110 -35.20 -48.20 24.32
C ASP L 110 -36.58 -48.78 24.62
N ASP L 111 -37.48 -47.99 25.20
CA ASP L 111 -38.81 -48.49 25.56
C ASP L 111 -39.66 -48.79 24.35
N LEU L 112 -39.37 -48.20 23.20
CA LEU L 112 -40.06 -48.59 21.99
C LEU L 112 -39.53 -49.93 21.49
N GLU L 113 -38.27 -50.24 21.81
CA GLU L 113 -37.67 -51.52 21.48
C GLU L 113 -37.93 -52.58 22.55
N ALA L 114 -37.85 -52.18 23.83
CA ALA L 114 -38.03 -53.13 24.92
C ALA L 114 -39.46 -53.63 25.01
N ARG L 115 -40.43 -52.82 24.63
CA ARG L 115 -41.84 -53.21 24.70
C ARG L 115 -42.35 -53.68 23.35
N GLY L 116 -41.51 -54.37 22.59
CA GLY L 116 -42.01 -55.22 21.52
C GLY L 116 -41.73 -54.75 20.12
N ALA L 117 -41.90 -53.45 19.86
CA ALA L 117 -41.78 -52.96 18.50
C ALA L 117 -40.33 -52.92 18.07
N LYS L 118 -40.11 -53.12 16.77
CA LYS L 118 -38.77 -53.43 16.31
C LYS L 118 -38.31 -52.56 15.14
N THR L 119 -39.22 -52.12 14.29
CA THR L 119 -38.81 -51.48 13.05
C THR L 119 -38.91 -49.97 13.07
N LEU L 120 -39.47 -49.39 14.15
CA LEU L 120 -39.45 -47.96 14.48
C LEU L 120 -40.25 -47.07 13.54
N THR L 121 -40.77 -47.63 12.44
CA THR L 121 -41.50 -46.86 11.43
C THR L 121 -42.32 -47.86 10.64
N GLU L 122 -43.64 -47.71 10.65
CA GLU L 122 -44.51 -48.64 9.95
C GLU L 122 -44.50 -48.35 8.46
N VAL L 123 -45.07 -49.27 7.71
CA VAL L 123 -45.51 -48.98 6.35
C VAL L 123 -47.02 -49.19 6.38
N LYS L 124 -47.74 -48.11 6.66
CA LYS L 124 -49.18 -48.17 6.68
C LYS L 124 -49.71 -47.96 5.27
N PHE L 125 -50.49 -48.91 4.79
CA PHE L 125 -50.96 -48.85 3.42
C PHE L 125 -52.20 -47.98 3.27
N GLU L 126 -52.64 -47.84 2.03
CA GLU L 126 -53.87 -47.17 1.63
C GLU L 126 -54.26 -47.73 0.27
N ASN L 127 -55.37 -47.24 -0.27
CA ASN L 127 -55.82 -47.66 -1.60
C ASN L 127 -56.59 -46.53 -2.24
N ALA L 128 -56.56 -46.49 -3.58
CA ALA L 128 -57.42 -45.63 -4.35
C ALA L 128 -58.44 -46.47 -5.09
N ILE L 129 -59.66 -45.97 -5.18
CA ILE L 129 -60.72 -46.60 -5.93
C ILE L 129 -61.39 -45.52 -6.75
N ASN L 130 -61.31 -45.63 -8.07
CA ASN L 130 -61.97 -44.70 -8.97
C ASN L 130 -63.28 -45.30 -9.45
N ARG L 131 -64.38 -44.57 -9.26
CA ARG L 131 -65.70 -45.13 -9.49
C ARG L 131 -66.11 -45.11 -10.96
N VAL L 132 -65.17 -44.87 -11.87
CA VAL L 132 -65.36 -45.29 -13.25
C VAL L 132 -65.32 -46.81 -13.35
N THR L 133 -64.36 -47.46 -12.68
CA THR L 133 -64.19 -48.90 -12.81
C THR L 133 -63.86 -49.61 -11.50
N ALA L 134 -63.88 -48.91 -10.35
CA ALA L 134 -63.60 -49.48 -9.02
C ALA L 134 -62.22 -50.14 -8.94
N LYS L 135 -61.25 -49.56 -9.64
CA LYS L 135 -59.93 -50.16 -9.76
C LYS L 135 -59.04 -49.77 -8.59
N ALA L 136 -58.24 -50.72 -8.12
CA ALA L 136 -57.44 -50.53 -6.91
C ALA L 136 -56.08 -49.96 -7.25
N ASN L 137 -55.77 -48.81 -6.67
CA ASN L 137 -54.43 -48.19 -6.77
C ASN L 137 -53.89 -47.98 -5.38
N PRO L 138 -52.80 -48.63 -5.00
CA PRO L 138 -52.33 -48.59 -3.61
C PRO L 138 -51.62 -47.27 -3.29
N ARG L 139 -51.23 -47.14 -2.02
CA ARG L 139 -50.55 -45.99 -1.46
C ARG L 139 -50.01 -46.42 -0.10
N GLN L 140 -48.83 -45.92 0.27
CA GLN L 140 -48.19 -46.27 1.52
C GLN L 140 -47.76 -45.02 2.27
N MET L 141 -48.26 -44.86 3.49
CA MET L 141 -47.98 -43.68 4.31
C MET L 141 -47.27 -44.15 5.57
N GLU L 142 -45.96 -44.06 5.55
CA GLU L 142 -45.13 -44.45 6.68
C GLU L 142 -45.29 -43.40 7.77
N ARG L 143 -45.62 -43.83 8.97
CA ARG L 143 -45.85 -42.92 10.07
C ARG L 143 -44.83 -43.17 11.16
N VAL L 144 -45.03 -42.51 12.29
CA VAL L 144 -44.23 -42.79 13.47
C VAL L 144 -44.96 -43.88 14.24
N ILE L 145 -44.27 -44.54 15.15
CA ILE L 145 -44.93 -45.49 16.06
C ILE L 145 -45.79 -44.70 17.04
N PRO L 146 -47.04 -45.10 17.29
CA PRO L 146 -47.94 -44.28 18.11
C PRO L 146 -47.63 -44.19 19.59
N GLY L 147 -46.50 -44.70 20.03
CA GLY L 147 -46.08 -44.47 21.39
C GLY L 147 -44.76 -43.72 21.47
N SER L 148 -44.29 -43.23 20.32
CA SER L 148 -42.99 -42.57 20.24
C SER L 148 -43.05 -41.23 20.95
N GLU L 149 -42.48 -41.18 22.14
CA GLU L 149 -42.47 -39.98 22.94
C GLU L 149 -41.26 -39.13 22.57
N PHE L 150 -41.47 -37.83 22.39
CA PHE L 150 -40.39 -36.89 22.14
C PHE L 150 -40.26 -35.91 23.31
N ALA L 151 -39.03 -35.49 23.57
CA ALA L 151 -38.85 -34.36 24.46
C ALA L 151 -39.31 -33.09 23.75
N PHE L 152 -39.50 -32.03 24.53
CA PHE L 152 -40.12 -30.83 23.97
C PHE L 152 -39.67 -29.66 24.80
N SER L 153 -38.81 -28.82 24.24
CA SER L 153 -38.33 -27.66 24.97
C SER L 153 -38.52 -26.42 24.13
N LEU L 154 -38.58 -25.29 24.82
CA LEU L 154 -38.70 -23.96 24.25
C LEU L 154 -38.36 -22.97 25.34
N VAL L 155 -37.87 -21.81 24.96
CA VAL L 155 -37.43 -20.81 25.92
C VAL L 155 -38.21 -19.54 25.68
N TYR L 156 -38.68 -18.93 26.75
CA TYR L 156 -39.20 -17.58 26.70
C TYR L 156 -38.16 -16.64 27.30
N GLU L 157 -38.39 -15.34 27.17
CA GLU L 157 -37.47 -14.33 27.64
C GLU L 157 -38.25 -13.12 28.14
N VAL L 158 -37.54 -12.18 28.77
CA VAL L 158 -38.19 -10.96 29.22
C VAL L 158 -38.35 -9.96 28.07
N SER L 159 -37.87 -10.33 26.88
CA SER L 159 -38.41 -9.87 25.60
C SER L 159 -38.17 -8.39 25.34
N PHE L 160 -37.05 -7.88 25.84
CA PHE L 160 -36.77 -6.45 25.84
C PHE L 160 -36.62 -5.92 24.42
N GLY L 161 -37.46 -4.94 24.09
CA GLY L 161 -37.72 -4.60 22.69
C GLY L 161 -36.52 -3.93 22.03
N THR L 162 -36.22 -4.39 20.82
CA THR L 162 -35.36 -3.67 19.88
C THR L 162 -36.24 -3.03 18.82
N PRO L 163 -36.77 -1.84 19.05
CA PRO L 163 -37.86 -1.34 18.23
C PRO L 163 -37.44 -0.52 17.01
N ASP L 164 -38.01 -0.89 15.87
CA ASP L 164 -38.09 0.06 14.76
C ASP L 164 -38.94 1.25 15.14
N GLU L 165 -40.03 0.99 15.85
CA GLU L 165 -40.94 2.01 16.34
C GLU L 165 -40.24 2.89 17.38
N GLU L 166 -40.84 4.05 17.63
CA GLU L 166 -40.21 5.06 18.49
C GLU L 166 -40.24 4.69 19.96
N GLN L 167 -40.96 3.64 20.35
CA GLN L 167 -41.07 3.22 21.75
C GLN L 167 -39.77 2.53 22.16
N LYS L 168 -38.75 3.35 22.40
CA LYS L 168 -37.41 2.84 22.67
C LYS L 168 -37.32 2.31 24.09
N ALA L 169 -36.69 1.13 24.22
CA ALA L 169 -36.42 0.44 25.48
C ALA L 169 -37.71 0.10 26.23
N SER L 170 -38.66 -0.47 25.50
CA SER L 170 -39.96 -0.86 26.07
C SER L 170 -39.83 -2.30 26.56
N LEU L 171 -39.52 -2.44 27.85
CA LEU L 171 -39.35 -3.75 28.45
C LEU L 171 -40.71 -4.35 28.81
N PRO L 172 -41.04 -5.55 28.33
CA PRO L 172 -42.28 -6.21 28.77
C PRO L 172 -42.18 -6.63 30.22
N SER L 173 -43.19 -6.23 31.00
CA SER L 173 -43.31 -6.63 32.39
C SER L 173 -44.12 -7.92 32.46
N SER L 174 -44.41 -8.37 33.69
CA SER L 174 -45.01 -9.69 33.89
C SER L 174 -46.42 -9.77 33.35
N ASP L 175 -47.12 -8.64 33.29
CA ASP L 175 -48.48 -8.65 32.80
C ASP L 175 -48.55 -8.85 31.30
N GLU L 176 -47.54 -8.36 30.57
CA GLU L 176 -47.43 -8.73 29.16
C GLU L 176 -46.94 -10.15 29.01
N ILE L 177 -46.14 -10.62 29.96
CA ILE L 177 -45.64 -12.00 29.93
C ILE L 177 -46.78 -12.98 30.19
N ILE L 178 -47.62 -12.69 31.19
CA ILE L 178 -48.66 -13.62 31.59
C ILE L 178 -49.81 -13.69 30.59
N GLU L 179 -49.88 -12.77 29.63
CA GLU L 179 -50.78 -12.96 28.51
C GLU L 179 -50.27 -14.06 27.59
N ASP L 180 -48.95 -14.14 27.43
CA ASP L 180 -48.35 -15.04 26.44
C ASP L 180 -48.48 -16.50 26.84
N PHE L 181 -48.62 -16.77 28.12
CA PHE L 181 -48.78 -18.16 28.54
C PHE L 181 -50.16 -18.69 28.20
N ASN L 182 -51.16 -17.81 28.14
CA ASN L 182 -52.42 -18.19 27.51
C ASN L 182 -52.22 -18.42 26.03
N ALA L 183 -51.38 -17.62 25.39
CA ALA L 183 -51.03 -17.87 24.00
C ALA L 183 -50.17 -19.11 23.88
N ILE L 184 -49.42 -19.46 24.93
CA ILE L 184 -48.83 -20.78 25.00
C ILE L 184 -49.90 -21.84 25.24
N ALA L 185 -50.88 -21.54 26.11
CA ALA L 185 -51.97 -22.47 26.37
C ALA L 185 -52.79 -22.72 25.12
N ARG L 186 -53.44 -21.68 24.61
CA ARG L 186 -54.26 -21.83 23.41
C ARG L 186 -53.44 -22.04 22.15
N GLY L 187 -52.12 -21.87 22.21
CA GLY L 187 -51.31 -22.31 21.10
C GLY L 187 -51.33 -23.82 20.96
N LEU L 188 -51.10 -24.52 22.06
CA LEU L 188 -50.97 -25.98 22.01
C LEU L 188 -52.26 -26.70 22.39
N LYS L 189 -53.23 -26.01 23.01
CA LYS L 189 -54.50 -26.65 23.35
C LYS L 189 -55.25 -27.09 22.11
N LEU L 190 -55.32 -26.21 21.11
CA LEU L 190 -55.86 -26.62 19.83
C LEU L 190 -54.90 -27.53 19.08
N LEU L 191 -53.59 -27.41 19.33
CA LEU L 191 -52.64 -28.25 18.62
C LEU L 191 -52.75 -29.70 19.05
N GLU L 192 -53.06 -29.95 20.33
CA GLU L 192 -53.44 -31.29 20.76
C GLU L 192 -54.71 -31.73 20.05
N LEU L 193 -55.63 -30.81 19.79
CA LEU L 193 -56.85 -31.18 19.10
C LEU L 193 -56.62 -31.29 17.61
N ASP L 194 -55.63 -30.56 17.08
CA ASP L 194 -55.44 -30.55 15.64
C ASP L 194 -54.24 -31.40 15.25
N TYR L 195 -53.89 -31.33 13.96
CA TYR L 195 -52.85 -32.13 13.37
C TYR L 195 -51.47 -31.66 13.81
N LEU L 196 -50.46 -32.37 13.32
CA LEU L 196 -49.12 -31.88 13.09
C LEU L 196 -48.64 -32.17 11.68
N GLY L 197 -48.89 -33.36 11.17
CA GLY L 197 -48.22 -33.85 10.00
C GLY L 197 -49.09 -33.84 8.76
N GLY L 198 -48.55 -34.42 7.70
CA GLY L 198 -49.23 -34.48 6.43
C GLY L 198 -50.30 -35.56 6.41
N SER L 199 -50.69 -35.92 5.19
CA SER L 199 -51.87 -36.75 4.91
C SER L 199 -53.09 -36.18 5.63
N GLY L 200 -53.48 -35.00 5.16
CA GLY L 200 -54.39 -34.16 5.90
C GLY L 200 -55.79 -34.71 5.97
N THR L 201 -56.42 -34.49 7.14
CA THR L 201 -57.81 -34.83 7.45
C THR L 201 -58.13 -36.30 7.22
N ARG L 202 -57.17 -37.19 7.51
CA ARG L 202 -57.44 -38.61 7.55
C ARG L 202 -57.10 -39.25 8.88
N GLY L 203 -56.65 -38.48 9.86
CA GLY L 203 -56.50 -39.01 11.21
C GLY L 203 -55.10 -39.05 11.77
N TYR L 204 -54.10 -38.63 11.01
CA TYR L 204 -52.72 -38.79 11.46
C TYR L 204 -52.32 -37.58 12.28
N GLY L 205 -51.71 -37.82 13.43
CA GLY L 205 -51.10 -36.76 14.18
C GLY L 205 -51.89 -36.22 15.34
N GLN L 206 -52.84 -36.96 15.87
CA GLN L 206 -53.38 -36.62 17.17
C GLN L 206 -52.26 -36.77 18.19
N VAL L 207 -51.86 -35.66 18.78
CA VAL L 207 -50.78 -35.70 19.76
C VAL L 207 -51.33 -35.22 21.09
N LYS L 208 -50.55 -35.46 22.14
CA LYS L 208 -50.95 -35.13 23.50
C LYS L 208 -49.73 -34.55 24.20
N PHE L 209 -49.73 -33.25 24.39
CA PHE L 209 -48.62 -32.60 25.07
C PHE L 209 -48.69 -32.87 26.56
N SER L 210 -47.62 -33.41 27.11
CA SER L 210 -47.62 -33.89 28.49
C SER L 210 -46.48 -33.24 29.25
N ASP L 211 -46.68 -33.11 30.57
CA ASP L 211 -45.66 -32.67 31.54
C ASP L 211 -45.09 -31.30 31.19
N LEU L 212 -45.97 -30.36 30.88
CA LEU L 212 -45.54 -29.04 30.48
C LEU L 212 -45.09 -28.24 31.70
N LYS L 213 -43.91 -27.65 31.63
CA LYS L 213 -43.41 -26.89 32.76
C LYS L 213 -42.53 -25.75 32.25
N ALA L 214 -42.78 -24.55 32.76
CA ALA L 214 -41.82 -23.47 32.56
C ALA L 214 -40.81 -23.51 33.70
N ARG L 215 -39.69 -22.83 33.48
CA ARG L 215 -38.57 -22.93 34.40
C ARG L 215 -37.65 -21.74 34.15
N ALA L 216 -37.40 -20.95 35.20
CA ALA L 216 -36.50 -19.83 35.06
C ALA L 216 -35.07 -20.33 34.96
N ALA L 217 -34.63 -20.54 33.73
CA ALA L 217 -33.31 -21.10 33.46
C ALA L 217 -32.25 -20.09 33.83
N VAL L 218 -32.43 -18.85 33.40
CA VAL L 218 -31.55 -17.76 33.76
C VAL L 218 -32.38 -16.49 33.78
N GLY L 219 -32.15 -15.65 34.76
CA GLY L 219 -32.95 -14.45 34.85
C GLY L 219 -33.15 -14.07 36.30
N THR L 220 -33.94 -13.02 36.50
CA THR L 220 -34.31 -12.54 37.82
C THR L 220 -35.82 -12.56 38.02
N LEU L 221 -36.46 -13.64 37.58
CA LEU L 221 -37.90 -13.78 37.77
C LEU L 221 -38.23 -14.01 39.24
N ASP L 222 -39.29 -13.36 39.69
CA ASP L 222 -39.75 -13.50 41.07
C ASP L 222 -40.38 -14.87 41.29
N ARG L 223 -40.58 -15.19 42.57
CA ARG L 223 -41.08 -16.51 42.94
C ARG L 223 -42.55 -16.66 42.63
N SER L 224 -43.34 -15.60 42.82
CA SER L 224 -44.79 -15.69 42.70
C SER L 224 -45.22 -15.91 41.25
N LEU L 225 -44.42 -15.42 40.30
CA LEU L 225 -44.86 -15.36 38.91
C LEU L 225 -44.86 -16.73 38.26
N LEU L 226 -43.72 -17.42 38.32
CA LEU L 226 -43.46 -18.60 37.48
C LEU L 226 -44.42 -19.75 37.77
N GLU L 227 -44.85 -19.89 39.02
CA GLU L 227 -45.80 -20.94 39.34
C GLU L 227 -47.19 -20.62 38.81
N MET L 228 -47.51 -19.34 38.64
CA MET L 228 -48.75 -18.96 37.97
C MET L 228 -48.61 -19.02 36.45
N LEU L 229 -47.39 -18.92 35.93
CA LEU L 229 -47.18 -19.12 34.50
C LEU L 229 -47.40 -20.57 34.10
N ASN L 230 -47.23 -21.51 35.04
CA ASN L 230 -47.56 -22.91 34.78
C ASN L 230 -49.06 -23.17 34.85
N HIS L 231 -49.84 -22.23 35.38
CA HIS L 231 -51.28 -22.43 35.49
C HIS L 231 -51.95 -22.39 34.13
N GLU L 232 -51.42 -21.59 33.20
CA GLU L 232 -51.90 -21.64 31.83
C GLU L 232 -51.51 -22.95 31.15
N LEU L 233 -50.39 -23.53 31.54
CA LEU L 233 -49.88 -24.73 30.89
C LEU L 233 -50.72 -25.95 31.18
N ALA L 234 -51.42 -25.97 32.30
CA ALA L 234 -52.32 -27.07 32.63
C ALA L 234 -53.72 -26.86 32.08
N ALA L 235 -54.03 -25.68 31.54
CA ALA L 235 -55.37 -25.37 31.08
C ALA L 235 -55.71 -25.99 29.73
N VAL L 236 -54.73 -26.60 29.07
CA VAL L 236 -54.95 -27.21 27.77
C VAL L 236 -55.66 -28.55 27.93
N ALA M 6 -64.56 -22.52 17.82
CA ALA M 6 -64.64 -22.76 16.39
C ALA M 6 -64.41 -24.25 16.09
N LYS M 7 -63.73 -24.93 17.00
CA LYS M 7 -63.58 -26.37 16.93
C LYS M 7 -64.63 -27.00 17.82
N ILE M 8 -65.25 -28.06 17.31
CA ILE M 8 -66.33 -28.76 17.99
C ILE M 8 -66.13 -30.26 17.77
N GLU M 9 -65.86 -30.99 18.84
CA GLU M 9 -65.48 -32.39 18.72
C GLU M 9 -66.70 -33.29 18.91
N ILE M 10 -66.75 -34.35 18.10
CA ILE M 10 -67.90 -35.25 18.07
C ILE M 10 -67.48 -36.49 18.82
N THR M 11 -67.79 -36.53 20.11
CA THR M 11 -67.50 -37.70 20.92
C THR M 11 -68.38 -38.86 20.48
N GLY M 12 -67.84 -40.07 20.59
CA GLY M 12 -68.63 -41.23 20.20
C GLY M 12 -68.03 -42.51 20.74
N THR M 13 -68.61 -43.63 20.30
CA THR M 13 -68.11 -44.96 20.57
C THR M 13 -68.67 -45.85 19.47
N ILE M 14 -67.87 -46.79 18.98
CA ILE M 14 -68.23 -47.68 17.89
C ILE M 14 -68.15 -49.13 18.37
N THR M 15 -69.15 -49.94 18.01
CA THR M 15 -69.20 -51.34 18.37
C THR M 15 -69.50 -52.17 17.13
N VAL M 16 -68.65 -53.15 16.85
CA VAL M 16 -68.82 -54.00 15.68
C VAL M 16 -69.78 -55.14 16.04
N VAL M 17 -70.51 -55.64 15.04
CA VAL M 17 -71.36 -56.81 15.22
C VAL M 17 -70.99 -57.97 14.32
N THR M 18 -70.10 -57.77 13.35
CA THR M 18 -69.75 -58.82 12.40
C THR M 18 -68.24 -59.01 12.30
N GLY M 19 -67.81 -59.84 11.36
CA GLY M 19 -66.39 -59.91 11.07
C GLY M 19 -65.93 -58.71 10.28
N LEU M 20 -64.66 -58.37 10.42
CA LEU M 20 -64.11 -57.16 9.84
C LEU M 20 -62.67 -57.40 9.40
N HIS M 21 -62.43 -57.28 8.10
CA HIS M 21 -61.17 -57.64 7.46
C HIS M 21 -60.48 -56.41 6.87
N ILE M 22 -60.45 -55.32 7.62
CA ILE M 22 -60.00 -54.05 7.07
C ILE M 22 -58.48 -54.01 6.95
N GLY M 23 -58.01 -54.11 5.71
CA GLY M 23 -56.61 -53.85 5.44
C GLY M 23 -55.76 -55.09 5.57
N ALA M 24 -55.18 -55.55 4.45
CA ALA M 24 -54.33 -56.74 4.47
C ALA M 24 -52.89 -56.40 4.13
N GLY M 25 -52.64 -55.86 2.94
CA GLY M 25 -51.30 -55.49 2.52
C GLY M 25 -50.28 -56.60 2.48
N ASP M 26 -49.35 -56.57 3.44
CA ASP M 26 -48.23 -57.49 3.52
C ASP M 26 -48.11 -58.19 4.86
N GLY M 27 -48.56 -57.55 5.93
CA GLY M 27 -48.36 -58.08 7.26
C GLY M 27 -47.24 -57.39 8.00
N PHE M 28 -47.60 -56.56 8.98
CA PHE M 28 -46.62 -55.96 9.88
C PHE M 28 -45.91 -57.01 10.72
N SER M 29 -46.66 -57.92 11.34
CA SER M 29 -46.03 -59.07 12.00
C SER M 29 -45.87 -60.23 11.02
N ALA M 30 -46.99 -60.70 10.46
CA ALA M 30 -47.10 -61.73 9.43
C ALA M 30 -46.52 -63.09 9.84
N ILE M 31 -46.37 -63.36 11.13
CA ILE M 31 -45.87 -64.65 11.60
C ILE M 31 -47.04 -65.59 11.82
N GLY M 32 -47.98 -65.19 12.68
CA GLY M 32 -49.06 -66.04 13.10
C GLY M 32 -50.35 -65.87 12.34
N ALA M 33 -50.36 -65.11 11.26
CA ALA M 33 -51.58 -64.88 10.49
C ALA M 33 -51.51 -65.58 9.14
N VAL M 34 -52.68 -65.66 8.51
CA VAL M 34 -52.85 -66.23 7.18
C VAL M 34 -52.35 -65.23 6.14
N ASP M 35 -52.31 -65.64 4.87
CA ASP M 35 -51.83 -64.78 3.78
C ASP M 35 -52.67 -63.53 3.57
N LYS M 36 -53.87 -63.47 4.13
CA LYS M 36 -54.69 -62.26 4.13
C LYS M 36 -54.80 -61.73 5.55
N PRO M 37 -53.93 -60.82 5.98
CA PRO M 37 -53.95 -60.38 7.37
C PRO M 37 -54.89 -59.23 7.66
N VAL M 38 -54.88 -58.74 8.90
CA VAL M 38 -55.66 -57.59 9.32
C VAL M 38 -54.70 -56.59 9.97
N VAL M 39 -55.00 -55.29 9.80
CA VAL M 39 -54.14 -54.25 10.36
C VAL M 39 -54.20 -54.28 11.88
N ARG M 40 -53.15 -53.74 12.51
CA ARG M 40 -53.01 -53.82 13.95
C ARG M 40 -52.12 -52.69 14.45
N ASP M 41 -52.41 -52.24 15.67
CA ASP M 41 -51.66 -51.27 16.44
C ASP M 41 -50.22 -51.75 16.60
N PRO M 42 -49.26 -51.12 15.91
CA PRO M 42 -47.92 -51.72 15.78
C PRO M 42 -47.12 -51.77 17.07
N LEU M 43 -47.48 -50.99 18.09
CA LEU M 43 -46.85 -51.18 19.39
C LEU M 43 -47.42 -52.39 20.11
N THR M 44 -48.72 -52.64 19.97
CA THR M 44 -49.41 -53.58 20.84
C THR M 44 -50.18 -54.68 20.12
N LYS M 45 -50.29 -54.63 18.78
CA LYS M 45 -50.93 -55.66 17.94
C LYS M 45 -52.40 -55.88 18.31
N TRP M 46 -53.14 -54.77 18.36
CA TRP M 46 -54.59 -54.81 18.53
C TRP M 46 -55.23 -54.28 17.25
N PRO M 47 -56.28 -54.91 16.73
CA PRO M 47 -56.79 -54.51 15.41
C PRO M 47 -57.49 -53.17 15.44
N MET M 48 -56.82 -52.16 14.90
CA MET M 48 -57.33 -50.80 14.92
C MET M 48 -58.35 -50.60 13.81
N ILE M 49 -58.83 -49.37 13.66
CA ILE M 49 -59.56 -48.95 12.49
C ILE M 49 -58.80 -47.78 11.86
N PRO M 50 -58.44 -47.87 10.58
CA PRO M 50 -57.76 -46.75 9.94
C PRO M 50 -58.72 -45.62 9.65
N GLY M 51 -58.21 -44.40 9.76
CA GLY M 51 -59.01 -43.25 9.40
C GLY M 51 -59.10 -42.97 7.93
N THR M 52 -58.55 -43.85 7.08
CA THR M 52 -58.61 -43.65 5.64
C THR M 52 -59.86 -44.26 5.05
N SER M 53 -60.11 -45.54 5.32
CA SER M 53 -61.29 -46.20 4.78
C SER M 53 -62.56 -45.71 5.45
N LEU M 54 -62.47 -45.26 6.70
CA LEU M 54 -63.58 -44.60 7.37
C LEU M 54 -63.95 -43.30 6.66
N LYS M 55 -62.95 -42.60 6.12
CA LYS M 55 -63.22 -41.50 5.20
C LYS M 55 -63.43 -42.02 3.78
N GLY M 56 -62.82 -43.15 3.44
CA GLY M 56 -62.99 -43.76 2.14
C GLY M 56 -64.28 -44.51 1.94
N LYS M 57 -65.13 -44.59 2.96
CA LYS M 57 -66.48 -45.10 2.85
C LYS M 57 -67.52 -44.00 2.79
N VAL M 58 -67.39 -42.98 3.64
CA VAL M 58 -68.34 -41.88 3.70
C VAL M 58 -68.35 -41.08 2.40
N ARG M 59 -67.18 -40.90 1.77
CA ARG M 59 -67.16 -40.22 0.48
C ARG M 59 -67.75 -41.08 -0.62
N THR M 60 -67.67 -42.40 -0.52
CA THR M 60 -68.19 -43.23 -1.59
C THR M 60 -69.60 -43.76 -1.34
N LEU M 61 -70.12 -43.62 -0.13
CA LEU M 61 -71.56 -43.81 0.07
C LEU M 61 -72.37 -42.62 -0.43
N LEU M 62 -71.75 -41.45 -0.50
CA LEU M 62 -72.46 -40.22 -0.77
C LEU M 62 -72.42 -39.85 -2.24
N SER M 63 -71.91 -40.74 -3.08
CA SER M 63 -72.06 -40.60 -4.52
C SER M 63 -73.27 -41.38 -5.04
N ARG M 64 -74.26 -41.63 -4.18
CA ARG M 64 -75.50 -42.26 -4.59
C ARG M 64 -76.73 -41.51 -4.11
N GLN M 65 -76.70 -40.95 -2.89
CA GLN M 65 -77.87 -40.27 -2.36
C GLN M 65 -77.77 -38.76 -2.53
N TYR M 66 -76.56 -38.20 -2.41
CA TYR M 66 -76.34 -36.78 -2.63
C TYR M 66 -75.89 -36.49 -4.05
N GLY M 67 -76.36 -37.29 -5.00
CA GLY M 67 -75.98 -37.13 -6.39
C GLY M 67 -76.15 -38.43 -7.13
N ALA M 68 -75.50 -38.48 -8.30
CA ALA M 68 -75.62 -39.55 -9.29
C ALA M 68 -77.07 -39.81 -9.67
N ASP M 69 -77.76 -38.72 -10.00
CA ASP M 69 -79.20 -38.80 -10.23
C ASP M 69 -79.54 -39.36 -11.60
N THR M 70 -78.99 -38.79 -12.65
CA THR M 70 -79.27 -39.27 -14.01
C THR M 70 -77.92 -39.55 -14.70
N GLU M 71 -77.38 -40.74 -14.42
CA GLU M 71 -76.20 -41.32 -15.08
C GLU M 71 -74.98 -40.40 -15.01
N THR M 72 -74.88 -39.64 -13.93
CA THR M 72 -73.67 -38.89 -13.63
C THR M 72 -72.83 -39.74 -12.69
N PHE M 73 -71.64 -40.12 -13.15
CA PHE M 73 -70.86 -41.14 -12.45
C PHE M 73 -70.31 -40.64 -11.12
N TYR M 74 -70.11 -39.32 -11.01
CA TYR M 74 -69.12 -38.72 -10.10
C TYR M 74 -67.80 -39.48 -10.22
N ARG M 75 -67.34 -39.55 -11.48
CA ARG M 75 -66.39 -40.56 -11.93
C ARG M 75 -65.05 -40.48 -11.22
N LYS M 76 -64.70 -39.30 -10.71
CA LYS M 76 -63.62 -39.13 -9.78
C LYS M 76 -64.19 -38.24 -8.69
N PRO M 77 -63.89 -38.52 -7.43
CA PRO M 77 -64.55 -37.80 -6.32
C PRO M 77 -64.10 -36.37 -6.12
N ASN M 78 -63.26 -35.81 -7.01
CA ASN M 78 -63.09 -34.37 -7.05
C ASN M 78 -64.23 -33.69 -7.80
N ASP M 79 -65.02 -34.46 -8.54
CA ASP M 79 -66.26 -33.98 -9.14
C ASP M 79 -67.45 -34.12 -8.21
N ASP M 80 -67.19 -34.17 -6.90
CA ASP M 80 -68.23 -34.20 -5.91
C ASP M 80 -69.02 -32.88 -5.89
N PRO M 81 -70.25 -32.89 -5.40
CA PRO M 81 -70.96 -31.62 -5.16
C PRO M 81 -70.28 -30.83 -4.06
N ALA M 82 -70.53 -29.52 -4.09
CA ALA M 82 -69.77 -28.56 -3.30
C ALA M 82 -70.06 -28.62 -1.81
N GLN M 83 -71.06 -29.42 -1.40
CA GLN M 83 -71.18 -29.73 0.02
C GLN M 83 -70.12 -30.73 0.45
N ILE M 84 -69.75 -31.66 -0.43
CA ILE M 84 -68.70 -32.63 -0.12
C ILE M 84 -67.33 -31.96 -0.08
N ARG M 85 -67.10 -31.02 -0.99
CA ARG M 85 -65.88 -30.21 -0.95
C ARG M 85 -65.84 -29.33 0.29
N ARG M 86 -67.00 -28.95 0.82
CA ARG M 86 -67.09 -28.11 2.01
C ARG M 86 -66.77 -28.88 3.29
N LEU M 87 -66.84 -30.20 3.24
CA LEU M 87 -66.53 -31.05 4.38
C LEU M 87 -65.16 -31.70 4.26
N PHE M 88 -64.88 -32.31 3.10
CA PHE M 88 -63.66 -33.07 2.92
C PHE M 88 -62.56 -32.21 2.30
N GLY M 89 -62.83 -31.64 1.13
CA GLY M 89 -61.84 -30.83 0.46
C GLY M 89 -61.32 -31.50 -0.79
N ASP M 90 -60.67 -30.73 -1.66
CA ASP M 90 -60.08 -31.24 -2.89
C ASP M 90 -58.89 -30.36 -3.22
N THR M 91 -58.42 -30.50 -4.47
CA THR M 91 -57.59 -29.50 -5.11
C THR M 91 -58.41 -28.51 -5.91
N LYS M 92 -59.73 -28.63 -5.87
CA LYS M 92 -60.61 -27.77 -6.66
C LYS M 92 -60.73 -26.38 -6.07
N GLU M 93 -60.66 -26.27 -4.74
CA GLU M 93 -60.76 -24.98 -4.07
C GLU M 93 -59.69 -24.77 -3.02
N TYR M 94 -58.77 -25.74 -2.85
CA TYR M 94 -57.60 -25.68 -1.95
C TYR M 94 -57.99 -25.54 -0.49
N LYS M 95 -59.17 -26.05 -0.13
CA LYS M 95 -59.65 -25.88 1.23
C LYS M 95 -59.07 -26.97 2.14
N THR M 96 -58.90 -26.60 3.41
CA THR M 96 -58.26 -27.50 4.36
C THR M 96 -59.12 -28.71 4.70
N GLY M 97 -60.43 -28.62 4.54
CA GLY M 97 -61.31 -29.66 5.01
C GLY M 97 -61.74 -29.38 6.43
N ARG M 98 -62.99 -29.71 6.75
CA ARG M 98 -63.53 -29.48 8.08
C ARG M 98 -63.84 -30.76 8.82
N LEU M 99 -63.54 -31.91 8.23
CA LEU M 99 -63.82 -33.22 8.79
C LEU M 99 -62.49 -33.93 9.07
N VAL M 100 -61.91 -33.67 10.24
CA VAL M 100 -60.69 -34.35 10.65
C VAL M 100 -61.06 -35.59 11.46
N PHE M 101 -60.69 -36.74 10.94
CA PHE M 101 -60.98 -38.02 11.59
C PHE M 101 -59.89 -38.30 12.63
N ARG M 102 -59.91 -39.52 13.16
CA ARG M 102 -58.81 -40.05 13.93
C ARG M 102 -58.51 -41.45 13.44
N ASP M 103 -57.49 -42.05 14.01
CA ASP M 103 -57.23 -43.48 13.89
C ASP M 103 -57.65 -44.12 15.21
N THR M 104 -58.53 -45.11 15.13
CA THR M 104 -59.15 -45.68 16.32
C THR M 104 -58.69 -47.11 16.50
N LYS M 105 -58.09 -47.38 17.64
CA LYS M 105 -57.57 -48.69 18.03
C LYS M 105 -58.61 -49.42 18.87
N LEU M 106 -58.26 -50.63 19.29
CA LEU M 106 -59.12 -51.37 20.20
C LEU M 106 -59.07 -50.75 21.60
N THR M 107 -60.16 -50.90 22.35
CA THR M 107 -60.25 -50.33 23.68
C THR M 107 -60.58 -51.35 24.75
N ASN M 108 -61.46 -52.31 24.47
CA ASN M 108 -61.93 -53.24 25.49
C ASN M 108 -61.09 -54.53 25.54
N LYS M 109 -59.77 -54.35 25.67
CA LYS M 109 -58.89 -55.49 25.92
C LYS M 109 -59.12 -56.06 27.30
N ASP M 110 -59.30 -55.20 28.31
CA ASP M 110 -59.59 -55.65 29.66
C ASP M 110 -61.09 -55.87 29.89
N ASP M 111 -61.86 -56.06 28.82
CA ASP M 111 -63.25 -56.47 28.89
C ASP M 111 -63.55 -57.73 28.10
N LEU M 112 -62.88 -57.93 26.96
CA LEU M 112 -63.21 -59.04 26.08
C LEU M 112 -62.78 -60.39 26.66
N GLU M 113 -61.74 -60.39 27.51
CA GLU M 113 -61.27 -61.66 28.05
C GLU M 113 -62.19 -62.15 29.16
N ALA M 114 -62.90 -61.23 29.83
CA ALA M 114 -63.86 -61.59 30.86
C ALA M 114 -65.22 -61.94 30.30
N ARG M 115 -65.48 -61.60 29.04
CA ARG M 115 -66.69 -62.02 28.35
C ARG M 115 -66.43 -63.21 27.43
N GLY M 116 -65.51 -64.10 27.82
CA GLY M 116 -65.39 -65.41 27.23
C GLY M 116 -64.64 -65.50 25.92
N ALA M 117 -64.24 -64.38 25.32
CA ALA M 117 -63.46 -64.41 24.09
C ALA M 117 -61.99 -64.24 24.43
N LYS M 118 -61.14 -65.01 23.74
CA LYS M 118 -59.72 -65.05 24.04
C LYS M 118 -58.83 -64.61 22.90
N THR M 119 -59.07 -65.14 21.70
CA THR M 119 -58.11 -65.08 20.60
C THR M 119 -58.03 -63.72 19.91
N LEU M 120 -58.95 -62.79 20.21
CA LEU M 120 -58.99 -61.39 19.75
C LEU M 120 -59.22 -61.22 18.25
N THR M 121 -59.23 -62.33 17.50
CA THR M 121 -59.50 -62.45 16.09
C THR M 121 -59.54 -63.93 15.78
N GLU M 122 -60.19 -64.29 14.68
CA GLU M 122 -60.35 -65.70 14.34
C GLU M 122 -60.34 -65.83 12.84
N VAL M 123 -59.73 -66.90 12.35
CA VAL M 123 -59.74 -67.21 10.92
C VAL M 123 -60.95 -68.08 10.64
N LYS M 124 -62.01 -67.46 10.12
CA LYS M 124 -63.19 -68.23 9.73
C LYS M 124 -62.91 -68.87 8.39
N PHE M 125 -62.90 -70.19 8.35
CA PHE M 125 -62.60 -70.89 7.12
C PHE M 125 -63.77 -70.75 6.17
N GLU M 126 -63.47 -70.45 4.91
CA GLU M 126 -64.49 -70.28 3.90
C GLU M 126 -64.23 -71.27 2.77
N ASN M 127 -65.24 -71.44 1.93
CA ASN M 127 -65.11 -72.28 0.75
C ASN M 127 -65.12 -71.43 -0.51
N ALA M 128 -64.65 -72.04 -1.61
CA ALA M 128 -64.84 -71.52 -2.95
C ALA M 128 -65.18 -72.73 -3.80
N ILE M 129 -66.47 -73.04 -3.90
CA ILE M 129 -66.91 -74.22 -4.66
C ILE M 129 -66.85 -73.81 -6.13
N ASN M 130 -65.74 -74.14 -6.76
CA ASN M 130 -65.55 -73.89 -8.18
C ASN M 130 -65.59 -75.23 -8.92
N ARG M 131 -66.60 -75.38 -9.77
CA ARG M 131 -66.89 -76.63 -10.44
C ARG M 131 -65.99 -76.73 -11.67
N VAL M 132 -64.79 -77.27 -11.49
CA VAL M 132 -63.89 -77.50 -12.61
C VAL M 132 -63.51 -78.97 -12.65
N THR M 133 -62.86 -79.45 -11.59
CA THR M 133 -62.33 -80.81 -11.53
C THR M 133 -62.72 -81.40 -10.15
N ALA M 134 -63.99 -81.21 -9.79
CA ALA M 134 -64.65 -81.80 -8.62
C ALA M 134 -63.94 -81.43 -7.31
N LYS M 135 -63.93 -80.15 -7.00
CA LYS M 135 -63.21 -79.67 -5.83
C LYS M 135 -63.97 -78.55 -5.16
N ALA M 136 -63.62 -78.33 -3.89
CA ALA M 136 -64.12 -77.21 -3.09
C ALA M 136 -62.87 -76.49 -2.58
N ASN M 137 -62.61 -75.31 -3.12
CA ASN M 137 -61.31 -74.68 -2.94
C ASN M 137 -61.18 -74.12 -1.53
N PRO M 138 -60.10 -74.44 -0.83
CA PRO M 138 -59.86 -73.85 0.50
C PRO M 138 -59.49 -72.38 0.42
N ARG M 139 -60.03 -71.60 1.34
CA ARG M 139 -59.57 -70.24 1.57
C ARG M 139 -59.84 -69.90 3.03
N GLN M 140 -58.97 -69.08 3.61
CA GLN M 140 -58.87 -68.92 5.05
C GLN M 140 -58.84 -67.45 5.44
N MET M 141 -59.82 -66.67 4.98
CA MET M 141 -59.94 -65.28 5.40
C MET M 141 -60.19 -65.16 6.90
N GLU M 142 -59.89 -63.98 7.43
CA GLU M 142 -59.82 -63.73 8.86
C GLU M 142 -60.85 -62.67 9.27
N ARG M 143 -61.51 -62.91 10.39
CA ARG M 143 -62.45 -61.97 10.96
C ARG M 143 -61.89 -61.42 12.28
N VAL M 144 -62.61 -60.48 12.87
CA VAL M 144 -62.32 -59.97 14.19
C VAL M 144 -63.50 -60.35 15.08
N ILE M 145 -63.28 -60.28 16.39
CA ILE M 145 -64.33 -60.63 17.38
C ILE M 145 -65.44 -59.59 17.32
N PRO M 146 -66.70 -60.00 17.16
CA PRO M 146 -67.81 -59.04 17.13
C PRO M 146 -68.27 -58.55 18.49
N GLY M 147 -67.52 -58.78 19.56
CA GLY M 147 -67.83 -58.19 20.84
C GLY M 147 -66.82 -57.13 21.22
N SER M 148 -66.12 -56.62 20.22
CA SER M 148 -64.99 -55.71 20.41
C SER M 148 -65.42 -54.27 20.16
N GLU M 149 -65.00 -53.38 21.04
CA GLU M 149 -65.43 -51.99 21.01
C GLU M 149 -64.22 -51.08 20.92
N PHE M 150 -64.10 -50.35 19.82
CA PHE M 150 -63.12 -49.27 19.71
C PHE M 150 -63.67 -48.03 20.41
N ALA M 151 -63.01 -46.89 20.18
CA ALA M 151 -63.57 -45.60 20.55
C ALA M 151 -63.82 -44.81 19.28
N PHE M 152 -64.32 -43.60 19.44
CA PHE M 152 -64.70 -42.77 18.29
C PHE M 152 -64.57 -41.30 18.66
N SER M 153 -63.99 -40.52 17.76
CA SER M 153 -63.96 -39.08 17.88
C SER M 153 -63.69 -38.49 16.51
N LEU M 154 -64.18 -37.27 16.30
CA LEU M 154 -63.80 -36.42 15.19
C LEU M 154 -64.16 -34.99 15.59
N VAL M 155 -63.50 -34.03 14.97
CA VAL M 155 -63.72 -32.62 15.27
C VAL M 155 -64.15 -31.91 13.99
N TYR M 156 -65.13 -31.03 14.12
CA TYR M 156 -65.47 -30.09 13.09
C TYR M 156 -64.81 -28.75 13.43
N GLU M 157 -64.31 -28.05 12.41
CA GLU M 157 -63.68 -26.76 12.60
C GLU M 157 -64.23 -25.77 11.60
N VAL M 158 -64.46 -24.52 12.02
CA VAL M 158 -64.93 -23.46 11.13
C VAL M 158 -63.99 -22.27 11.20
N SER M 159 -63.37 -21.96 10.07
CA SER M 159 -62.57 -20.74 9.93
C SER M 159 -63.53 -19.59 9.71
N PHE M 160 -63.82 -18.86 10.79
CA PHE M 160 -64.82 -17.80 10.70
C PHE M 160 -64.28 -16.52 10.09
N GLY M 161 -62.98 -16.41 9.84
CA GLY M 161 -62.51 -15.28 9.06
C GLY M 161 -62.85 -15.43 7.59
N THR M 162 -62.11 -16.33 6.90
CA THR M 162 -62.34 -16.80 5.53
C THR M 162 -61.46 -18.03 5.28
N PRO M 163 -62.03 -19.14 4.81
CA PRO M 163 -61.22 -20.30 4.41
C PRO M 163 -60.80 -20.35 2.94
N ASP M 164 -60.97 -19.28 2.16
CA ASP M 164 -60.64 -19.34 0.74
C ASP M 164 -60.09 -17.98 0.29
N GLU M 165 -59.91 -17.81 -1.01
CA GLU M 165 -59.18 -16.67 -1.57
C GLU M 165 -60.00 -15.86 -2.57
N GLU M 166 -60.83 -16.52 -3.40
CA GLU M 166 -61.55 -15.84 -4.47
C GLU M 166 -62.56 -14.83 -3.91
N GLN M 167 -63.22 -15.19 -2.82
CA GLN M 167 -64.03 -14.27 -2.06
C GLN M 167 -63.38 -14.03 -0.71
N LYS M 168 -63.53 -12.82 -0.18
CA LYS M 168 -63.07 -12.46 1.14
C LYS M 168 -63.89 -13.08 2.27
N ALA M 169 -64.89 -13.91 1.96
CA ALA M 169 -65.72 -14.56 2.98
C ALA M 169 -66.24 -15.87 2.42
N SER M 170 -65.73 -17.00 2.91
CA SER M 170 -66.29 -18.31 2.62
C SER M 170 -66.63 -19.06 3.90
N LEU M 171 -66.70 -18.33 5.02
CA LEU M 171 -66.92 -18.90 6.33
C LEU M 171 -68.33 -19.49 6.46
N PRO M 172 -68.50 -20.48 7.32
CA PRO M 172 -69.84 -20.84 7.76
C PRO M 172 -70.22 -20.15 9.06
N SER M 173 -71.43 -19.59 9.11
CA SER M 173 -72.03 -19.12 10.35
C SER M 173 -72.86 -20.26 10.94
N SER M 174 -73.73 -19.96 11.91
CA SER M 174 -74.55 -21.02 12.52
C SER M 174 -75.68 -21.52 11.61
N ASP M 175 -75.72 -21.22 10.32
CA ASP M 175 -76.72 -21.73 9.40
C ASP M 175 -76.23 -22.89 8.55
N GLU M 176 -74.93 -22.93 8.25
CA GLU M 176 -74.42 -23.95 7.35
C GLU M 176 -74.12 -25.26 8.06
N ILE M 177 -74.07 -25.24 9.40
CA ILE M 177 -73.66 -26.41 10.18
C ILE M 177 -74.68 -27.53 10.07
N ILE M 178 -75.95 -27.18 9.84
CA ILE M 178 -77.03 -28.15 9.97
C ILE M 178 -77.13 -29.02 8.72
N GLU M 179 -76.89 -28.43 7.54
CA GLU M 179 -76.77 -29.23 6.33
C GLU M 179 -75.53 -30.12 6.37
N ASP M 180 -74.49 -29.70 7.08
CA ASP M 180 -73.34 -30.58 7.29
C ASP M 180 -73.69 -31.74 8.21
N PHE M 181 -74.43 -31.46 9.28
CA PHE M 181 -74.83 -32.54 10.19
C PHE M 181 -75.87 -33.45 9.56
N ASN M 182 -76.71 -32.93 8.65
CA ASN M 182 -77.56 -33.79 7.84
C ASN M 182 -76.71 -34.63 6.90
N ALA M 183 -75.61 -34.08 6.39
CA ALA M 183 -74.65 -34.86 5.65
C ALA M 183 -73.81 -35.76 6.56
N ILE M 184 -73.78 -35.48 7.87
CA ILE M 184 -73.28 -36.46 8.83
C ILE M 184 -74.32 -37.54 9.06
N ALA M 185 -75.60 -37.14 9.17
CA ALA M 185 -76.70 -38.08 9.36
C ALA M 185 -76.80 -39.06 8.20
N ARG M 186 -77.04 -38.54 7.00
CA ARG M 186 -77.07 -39.41 5.83
C ARG M 186 -75.69 -39.91 5.42
N GLY M 187 -74.63 -39.34 5.99
CA GLY M 187 -73.30 -39.91 5.79
C GLY M 187 -73.15 -41.26 6.48
N LEU M 188 -73.40 -41.29 7.78
CA LEU M 188 -73.26 -42.49 8.58
C LEU M 188 -74.49 -43.38 8.52
N LYS M 189 -75.50 -43.04 7.70
CA LYS M 189 -76.75 -43.77 7.70
C LYS M 189 -76.60 -45.16 7.11
N LEU M 190 -76.20 -45.23 5.85
CA LEU M 190 -76.05 -46.51 5.16
C LEU M 190 -74.92 -47.34 5.75
N LEU M 191 -73.91 -46.69 6.33
CA LEU M 191 -72.80 -47.40 6.98
C LEU M 191 -73.27 -48.19 8.20
N GLU M 192 -74.37 -47.81 8.83
CA GLU M 192 -74.96 -48.62 9.88
C GLU M 192 -75.54 -49.93 9.35
N LEU M 193 -75.75 -50.04 8.04
CA LEU M 193 -76.20 -51.29 7.43
C LEU M 193 -75.37 -51.68 6.22
N ASP M 194 -74.25 -51.01 5.97
CA ASP M 194 -73.27 -51.47 4.99
C ASP M 194 -71.97 -51.82 5.71
N TYR M 195 -71.10 -52.53 5.00
CA TYR M 195 -69.88 -53.05 5.60
C TYR M 195 -68.87 -51.92 5.79
N LEU M 196 -68.36 -51.80 7.03
CA LEU M 196 -67.36 -50.79 7.35
C LEU M 196 -66.08 -51.02 6.56
N GLY M 197 -65.61 -52.26 6.52
CA GLY M 197 -64.46 -52.61 5.73
C GLY M 197 -64.82 -52.88 4.29
N GLY M 198 -64.20 -53.88 3.70
CA GLY M 198 -64.53 -54.24 2.33
C GLY M 198 -64.71 -55.74 2.22
N SER M 199 -64.46 -56.28 1.04
CA SER M 199 -64.77 -57.67 0.67
C SER M 199 -66.24 -57.98 0.95
N GLY M 200 -67.10 -57.27 0.24
CA GLY M 200 -68.52 -57.29 0.48
C GLY M 200 -69.19 -58.58 0.06
N THR M 201 -70.51 -58.59 0.22
CA THR M 201 -71.40 -59.75 0.03
C THR M 201 -70.94 -60.96 0.85
N ARG M 202 -70.44 -60.72 2.07
CA ARG M 202 -69.99 -61.80 2.93
C ARG M 202 -70.37 -61.60 4.38
N GLY M 203 -71.19 -60.60 4.70
CA GLY M 203 -71.60 -60.38 6.08
C GLY M 203 -70.56 -59.69 6.94
N TYR M 204 -70.19 -58.48 6.56
CA TYR M 204 -69.10 -57.75 7.19
C TYR M 204 -69.56 -56.40 7.71
N GLY M 205 -68.81 -55.91 8.70
CA GLY M 205 -68.67 -54.50 9.02
C GLY M 205 -69.88 -53.63 9.31
N GLN M 206 -70.86 -54.15 10.04
CA GLN M 206 -71.94 -53.31 10.53
C GLN M 206 -71.57 -52.85 11.93
N VAL M 207 -71.80 -51.58 12.22
CA VAL M 207 -71.44 -51.00 13.50
C VAL M 207 -72.58 -50.13 13.99
N LYS M 208 -72.69 -50.02 15.32
CA LYS M 208 -73.73 -49.24 15.98
C LYS M 208 -73.06 -48.17 16.83
N PHE M 209 -73.24 -46.92 16.47
CA PHE M 209 -72.63 -45.82 17.19
C PHE M 209 -73.46 -45.51 18.42
N SER M 210 -72.90 -45.71 19.60
CA SER M 210 -73.54 -45.27 20.83
C SER M 210 -72.89 -43.98 21.29
N ASP M 211 -73.66 -43.16 22.01
CA ASP M 211 -73.20 -41.94 22.69
C ASP M 211 -72.61 -40.92 21.74
N LEU M 212 -73.13 -40.82 20.51
CA LEU M 212 -72.55 -39.97 19.47
C LEU M 212 -72.91 -38.50 19.71
N LYS M 213 -72.41 -37.98 20.83
CA LYS M 213 -72.69 -36.62 21.26
C LYS M 213 -71.70 -35.66 20.62
N ALA M 214 -71.66 -34.43 21.12
CA ALA M 214 -70.77 -33.41 20.61
C ALA M 214 -70.29 -32.52 21.76
N ARG M 215 -69.00 -32.17 21.73
CA ARG M 215 -68.45 -31.21 22.67
C ARG M 215 -67.76 -30.09 21.91
N ALA M 216 -68.07 -28.85 22.30
CA ALA M 216 -67.41 -27.70 21.73
C ALA M 216 -65.99 -27.60 22.28
N ALA M 217 -65.00 -27.67 21.39
CA ALA M 217 -63.62 -27.60 21.86
C ALA M 217 -63.26 -26.18 22.29
N VAL M 218 -63.37 -25.22 21.37
CA VAL M 218 -63.01 -23.83 21.67
C VAL M 218 -64.10 -22.91 21.16
N GLY M 219 -64.37 -21.86 21.93
CA GLY M 219 -65.28 -20.80 21.54
C GLY M 219 -66.56 -20.79 22.36
N THR M 220 -67.50 -19.96 21.92
CA THR M 220 -68.84 -19.86 22.49
C THR M 220 -69.83 -20.22 21.38
N LEU M 221 -70.76 -21.11 21.69
CA LEU M 221 -71.71 -21.58 20.69
C LEU M 221 -73.15 -21.30 21.12
N ASP M 222 -74.07 -21.51 20.18
CA ASP M 222 -75.49 -21.38 20.42
C ASP M 222 -75.98 -22.57 21.24
N ARG M 223 -76.67 -22.27 22.34
CA ARG M 223 -77.06 -23.30 23.30
C ARG M 223 -78.10 -24.24 22.71
N SER M 224 -79.02 -23.71 21.90
CA SER M 224 -80.03 -24.56 21.28
C SER M 224 -79.45 -25.38 20.14
N LEU M 225 -78.38 -24.92 19.50
CA LEU M 225 -77.96 -25.48 18.21
C LEU M 225 -77.33 -26.85 18.36
N LEU M 226 -76.33 -26.99 19.22
CA LEU M 226 -75.53 -28.20 19.31
C LEU M 226 -76.30 -29.40 19.83
N GLU M 227 -77.49 -29.20 20.40
CA GLU M 227 -78.33 -30.32 20.81
C GLU M 227 -79.39 -30.69 19.79
N MET M 228 -79.84 -29.75 18.94
CA MET M 228 -80.65 -30.19 17.81
C MET M 228 -79.76 -30.68 16.67
N LEU M 229 -78.50 -30.28 16.66
CA LEU M 229 -77.52 -30.93 15.79
C LEU M 229 -77.33 -32.39 16.19
N ASN M 230 -77.52 -32.70 17.48
CA ASN M 230 -77.40 -34.06 17.97
C ASN M 230 -78.49 -34.99 17.45
N HIS M 231 -79.60 -34.43 16.96
CA HIS M 231 -80.65 -35.26 16.35
C HIS M 231 -80.14 -35.94 15.10
N GLU M 232 -79.42 -35.21 14.26
CA GLU M 232 -78.77 -35.80 13.09
C GLU M 232 -77.61 -36.70 13.49
N LEU M 233 -77.09 -36.54 14.71
CA LEU M 233 -76.10 -37.49 15.21
C LEU M 233 -76.78 -38.75 15.76
N ALA M 234 -77.83 -38.57 16.58
CA ALA M 234 -78.44 -39.70 17.26
C ALA M 234 -79.35 -40.53 16.35
N ALA M 235 -79.71 -40.01 15.18
CA ALA M 235 -80.58 -40.75 14.27
C ALA M 235 -79.85 -41.94 13.66
N VAL M 236 -78.55 -41.77 13.39
CA VAL M 236 -77.74 -42.82 12.80
C VAL M 236 -76.57 -43.18 13.71
N ALA N 6 45.83 18.10 -44.30
CA ALA N 6 45.62 18.54 -42.93
C ALA N 6 46.55 17.80 -41.98
N LYS N 7 46.41 18.10 -40.69
CA LYS N 7 47.06 17.34 -39.63
C LYS N 7 46.29 16.06 -39.41
N ILE N 8 46.81 15.18 -38.57
CA ILE N 8 46.08 13.97 -38.21
C ILE N 8 45.18 14.32 -37.03
N GLU N 9 44.04 14.92 -37.30
CA GLU N 9 43.20 15.42 -36.23
C GLU N 9 42.06 14.43 -36.00
N ILE N 10 42.25 13.52 -35.05
CA ILE N 10 41.31 12.44 -34.79
C ILE N 10 40.08 13.04 -34.14
N THR N 11 38.91 12.74 -34.68
CA THR N 11 37.64 13.19 -34.11
C THR N 11 37.21 12.23 -33.00
N GLY N 12 35.98 12.40 -32.52
CA GLY N 12 35.45 11.52 -31.50
C GLY N 12 34.09 12.01 -31.04
N THR N 13 33.42 11.14 -30.29
CA THR N 13 32.14 11.50 -29.69
C THR N 13 32.04 10.83 -28.35
N ILE N 14 32.48 11.49 -27.33
CA ILE N 14 32.45 10.94 -25.99
C ILE N 14 31.05 11.04 -25.41
N THR N 15 30.47 9.88 -25.09
CA THR N 15 29.13 9.80 -24.51
C THR N 15 29.25 9.39 -23.06
N VAL N 16 28.72 10.21 -22.15
CA VAL N 16 28.68 9.76 -20.77
C VAL N 16 27.66 8.65 -20.65
N VAL N 17 27.94 7.67 -19.79
CA VAL N 17 27.07 6.53 -19.62
C VAL N 17 26.70 6.34 -18.15
N THR N 18 27.49 6.88 -17.24
CA THR N 18 26.97 7.31 -15.95
C THR N 18 27.22 8.80 -15.83
N GLY N 19 26.90 9.37 -14.67
CA GLY N 19 26.98 10.80 -14.53
C GLY N 19 28.37 11.26 -14.15
N LEU N 20 28.77 12.38 -14.74
CA LEU N 20 30.14 12.87 -14.73
C LEU N 20 30.22 14.18 -13.98
N HIS N 21 31.26 14.36 -13.17
CA HIS N 21 31.32 15.50 -12.27
C HIS N 21 32.76 16.01 -12.27
N ILE N 22 33.06 16.98 -13.13
CA ILE N 22 34.40 17.50 -13.30
C ILE N 22 34.47 18.80 -12.50
N GLY N 23 34.98 18.72 -11.27
CA GLY N 23 34.72 19.63 -10.18
C GLY N 23 34.58 21.12 -10.36
N ALA N 24 35.56 21.78 -10.99
CA ALA N 24 35.54 23.20 -11.35
C ALA N 24 35.26 24.13 -10.17
N GLY N 25 35.66 23.70 -8.98
CA GLY N 25 35.27 24.39 -7.76
C GLY N 25 35.90 25.74 -7.56
N VAL N 34 24.89 26.29 -6.31
CA VAL N 34 25.53 24.98 -6.24
C VAL N 34 26.89 25.14 -5.58
N ASP N 35 27.15 24.31 -4.56
CA ASP N 35 28.43 24.37 -3.85
C ASP N 35 29.56 23.79 -4.69
N LYS N 36 29.39 22.58 -5.21
CA LYS N 36 30.33 21.96 -6.13
C LYS N 36 29.69 21.89 -7.50
N PRO N 37 29.92 22.86 -8.37
CA PRO N 37 29.36 22.80 -9.72
C PRO N 37 30.06 21.83 -10.64
N VAL N 38 29.72 21.92 -11.91
CA VAL N 38 30.39 21.18 -12.97
C VAL N 38 31.21 22.24 -13.69
N VAL N 39 31.98 21.86 -14.70
CA VAL N 39 32.60 22.86 -15.57
C VAL N 39 31.48 23.57 -16.33
N ARG N 40 31.23 24.82 -15.94
CA ARG N 40 30.23 25.64 -16.60
C ARG N 40 30.94 26.49 -17.63
N ASP N 41 30.64 26.24 -18.89
CA ASP N 41 30.99 27.15 -19.98
C ASP N 41 30.32 28.49 -19.68
N PRO N 42 31.08 29.55 -19.38
CA PRO N 42 30.43 30.79 -18.92
C PRO N 42 29.71 31.57 -20.01
N LEU N 43 29.78 31.12 -21.27
CA LEU N 43 28.91 31.70 -22.29
C LEU N 43 27.51 31.09 -22.25
N THR N 44 27.42 29.79 -22.53
CA THR N 44 26.14 29.15 -22.75
C THR N 44 25.58 28.43 -21.53
N LYS N 45 26.32 28.44 -20.42
CA LYS N 45 25.98 27.72 -19.19
C LYS N 45 25.67 26.25 -19.44
N TRP N 46 26.46 25.63 -20.29
CA TRP N 46 26.29 24.24 -20.65
C TRP N 46 27.35 23.43 -19.90
N PRO N 47 27.31 22.10 -20.00
CA PRO N 47 28.47 21.34 -19.52
C PRO N 47 29.47 21.12 -20.64
N MET N 48 30.73 21.19 -20.29
CA MET N 48 31.82 20.96 -21.22
C MET N 48 32.67 19.81 -20.67
N ILE N 49 33.68 19.41 -21.43
CA ILE N 49 34.76 18.61 -20.90
C ILE N 49 36.02 19.41 -21.14
N PRO N 50 36.73 19.85 -20.10
CA PRO N 50 37.93 20.65 -20.31
C PRO N 50 39.02 19.84 -21.01
N GLY N 51 39.95 20.57 -21.62
CA GLY N 51 41.04 19.90 -22.30
C GLY N 51 42.07 19.30 -21.39
N THR N 52 42.06 19.62 -20.11
CA THR N 52 43.08 19.12 -19.21
C THR N 52 42.54 18.06 -18.26
N SER N 53 41.24 17.91 -18.19
CA SER N 53 40.68 16.73 -17.56
C SER N 53 40.50 15.60 -18.54
N LEU N 54 40.88 15.78 -19.80
CA LEU N 54 41.02 14.67 -20.73
C LEU N 54 42.47 14.35 -21.06
N LYS N 55 43.36 15.33 -20.96
CA LYS N 55 44.80 15.09 -21.07
C LYS N 55 45.39 14.59 -19.77
N GLY N 56 45.31 15.39 -18.71
CA GLY N 56 45.99 15.10 -17.46
C GLY N 56 45.45 13.91 -16.69
N LYS N 57 44.38 13.29 -17.15
CA LYS N 57 43.97 11.97 -16.68
C LYS N 57 44.66 10.85 -17.42
N VAL N 58 44.71 10.92 -18.76
CA VAL N 58 45.26 9.85 -19.59
C VAL N 58 46.76 9.65 -19.34
N ARG N 59 47.47 10.71 -18.93
CA ARG N 59 48.84 10.54 -18.46
C ARG N 59 48.91 9.73 -17.19
N THR N 60 47.93 9.81 -16.31
CA THR N 60 47.98 8.98 -15.13
C THR N 60 47.56 7.54 -15.42
N LEU N 61 47.02 7.26 -16.61
CA LEU N 61 46.80 5.89 -17.04
C LEU N 61 47.90 5.38 -17.96
N LEU N 62 48.23 6.11 -19.02
CA LEU N 62 49.13 5.56 -20.02
C LEU N 62 50.59 5.61 -19.59
N SER N 63 50.90 6.24 -18.46
CA SER N 63 52.18 6.05 -17.80
C SER N 63 52.09 4.99 -16.74
N ARG N 64 51.00 4.23 -16.72
CA ARG N 64 50.91 3.03 -15.90
C ARG N 64 50.40 1.85 -16.72
N GLN N 65 50.42 1.96 -18.04
CA GLN N 65 50.20 0.83 -18.93
C GLN N 65 51.41 0.59 -19.82
N TYR N 66 51.96 1.63 -20.45
CA TYR N 66 53.23 1.48 -21.15
C TYR N 66 54.39 1.44 -20.18
N GLY N 67 54.51 2.47 -19.34
CA GLY N 67 55.21 2.35 -18.09
C GLY N 67 54.46 1.45 -17.14
N ALA N 68 55.15 1.05 -16.07
CA ALA N 68 54.63 0.20 -14.99
C ALA N 68 54.19 -1.19 -15.46
N ASP N 69 54.47 -1.57 -16.71
CA ASP N 69 54.65 -2.95 -17.07
C ASP N 69 55.97 -3.47 -16.54
N THR N 70 57.06 -2.80 -16.87
CA THR N 70 58.40 -3.20 -16.47
C THR N 70 58.86 -2.49 -15.21
N GLU N 71 58.02 -2.52 -14.17
CA GLU N 71 58.35 -2.14 -12.80
C GLU N 71 58.84 -0.69 -12.69
N THR N 72 58.21 0.17 -13.47
CA THR N 72 58.58 1.58 -13.52
C THR N 72 57.70 2.37 -12.56
N PHE N 73 58.33 3.24 -11.76
CA PHE N 73 57.61 3.96 -10.72
C PHE N 73 57.03 5.28 -11.23
N TYR N 74 57.88 6.16 -11.77
CA TYR N 74 57.55 7.49 -12.29
C TYR N 74 56.94 8.39 -11.21
N ARG N 75 57.77 8.79 -10.24
CA ARG N 75 57.25 9.58 -9.13
C ARG N 75 56.93 11.01 -9.51
N LYS N 76 57.29 11.47 -10.71
CA LYS N 76 56.89 12.75 -11.24
C LYS N 76 56.48 12.58 -12.70
N PRO N 77 55.74 13.53 -13.27
CA PRO N 77 55.47 13.47 -14.71
C PRO N 77 56.60 13.96 -15.58
N ASN N 78 57.81 14.11 -15.05
CA ASN N 78 58.92 14.61 -15.83
C ASN N 78 59.93 13.53 -16.21
N ASP N 79 59.81 12.33 -15.65
CA ASP N 79 60.66 11.21 -16.03
C ASP N 79 59.87 10.08 -16.64
N ASP N 80 58.96 10.40 -17.54
CA ASP N 80 58.09 9.40 -18.13
C ASP N 80 58.72 8.91 -19.43
N PRO N 81 58.24 7.76 -20.02
CA PRO N 81 58.93 7.23 -21.19
C PRO N 81 58.75 8.04 -22.45
N ALA N 82 59.33 7.56 -23.55
CA ALA N 82 59.47 8.36 -24.76
C ALA N 82 58.11 8.63 -25.40
N GLN N 83 57.38 7.57 -25.73
CA GLN N 83 56.09 7.75 -26.37
C GLN N 83 55.00 8.27 -25.43
N ILE N 84 55.28 8.47 -24.16
CA ILE N 84 54.59 9.47 -23.36
C ILE N 84 55.06 10.87 -23.72
N ARG N 85 56.35 11.14 -23.51
CA ARG N 85 56.84 12.49 -23.65
C ARG N 85 57.04 12.90 -25.10
N ARG N 86 56.91 11.96 -26.05
CA ARG N 86 56.74 12.34 -27.43
C ARG N 86 55.38 13.01 -27.63
N LEU N 87 54.40 12.60 -26.85
CA LEU N 87 53.02 13.03 -27.10
C LEU N 87 52.63 14.16 -26.17
N PHE N 88 53.13 14.14 -24.95
CA PHE N 88 52.68 15.08 -23.94
C PHE N 88 53.73 16.15 -23.64
N GLY N 89 54.99 15.92 -23.99
CA GLY N 89 56.02 16.91 -23.73
C GLY N 89 56.42 17.02 -22.29
N ASP N 90 57.42 17.86 -22.00
CA ASP N 90 57.94 18.02 -20.65
C ASP N 90 58.76 19.30 -20.56
N THR N 91 59.40 19.46 -19.41
CA THR N 91 60.26 20.61 -19.15
C THR N 91 61.74 20.34 -19.31
N LYS N 92 62.17 19.07 -19.24
CA LYS N 92 63.59 18.76 -19.38
C LYS N 92 63.96 18.39 -20.81
N GLU N 93 63.40 17.31 -21.35
CA GLU N 93 63.87 16.86 -22.65
C GLU N 93 63.05 17.49 -23.78
N TYR N 94 61.73 17.36 -23.72
CA TYR N 94 60.77 17.93 -24.68
C TYR N 94 61.07 17.47 -26.10
N LYS N 95 60.71 16.23 -26.37
CA LYS N 95 60.65 15.78 -27.75
C LYS N 95 59.76 16.72 -28.56
N THR N 96 58.46 16.71 -28.26
CA THR N 96 57.43 17.48 -28.93
C THR N 96 56.16 17.47 -28.08
N GLY N 97 55.37 18.53 -28.17
CA GLY N 97 53.99 18.42 -27.73
C GLY N 97 53.18 17.99 -28.93
N ARG N 98 52.95 16.68 -29.09
CA ARG N 98 52.31 16.16 -30.28
C ARG N 98 50.80 16.03 -30.12
N LEU N 99 50.31 16.07 -28.90
CA LEU N 99 48.87 15.94 -28.63
C LEU N 99 48.37 17.26 -28.07
N VAL N 100 47.64 18.00 -28.90
CA VAL N 100 46.81 19.08 -28.40
C VAL N 100 45.35 18.68 -28.55
N PHE N 101 44.61 18.75 -27.45
CA PHE N 101 43.27 18.19 -27.32
C PHE N 101 42.24 19.28 -27.53
N ARG N 102 41.15 18.94 -28.19
CA ARG N 102 40.05 19.89 -28.27
C ARG N 102 39.30 19.90 -26.96
N ASP N 103 39.34 21.03 -26.27
CA ASP N 103 38.42 21.32 -25.20
C ASP N 103 36.98 21.24 -25.73
N THR N 104 36.21 20.33 -25.16
CA THR N 104 34.98 19.96 -25.83
C THR N 104 33.77 20.15 -24.92
N LYS N 105 32.63 20.40 -25.55
CA LYS N 105 31.39 20.69 -24.87
C LYS N 105 30.25 20.04 -25.64
N LEU N 106 29.04 20.28 -25.13
CA LEU N 106 27.87 19.46 -25.40
C LEU N 106 27.45 19.51 -26.86
N THR N 107 26.94 18.38 -27.36
CA THR N 107 26.43 18.34 -28.73
C THR N 107 24.94 18.61 -28.78
N ASN N 108 24.14 17.76 -28.14
CA ASN N 108 22.68 17.87 -28.21
C ASN N 108 22.10 18.20 -26.84
N LYS N 109 21.88 19.50 -26.63
CA LYS N 109 21.07 19.96 -25.51
C LYS N 109 19.59 19.85 -25.84
N ASP N 110 19.25 19.89 -27.13
CA ASP N 110 17.85 19.88 -27.54
C ASP N 110 17.21 18.52 -27.28
N ASP N 111 17.74 17.46 -27.90
CA ASP N 111 17.12 16.14 -27.78
C ASP N 111 17.31 15.56 -26.39
N LEU N 112 18.27 16.07 -25.63
CA LEU N 112 18.33 15.74 -24.22
C LEU N 112 17.15 16.33 -23.48
N GLU N 113 16.77 17.56 -23.80
CA GLU N 113 15.68 18.21 -23.09
C GLU N 113 14.33 17.96 -23.73
N ALA N 114 14.29 17.80 -25.06
CA ALA N 114 13.05 17.43 -25.73
C ALA N 114 12.58 16.03 -25.33
N ARG N 115 13.51 15.17 -24.92
CA ARG N 115 13.18 13.86 -24.35
C ARG N 115 13.21 13.90 -22.84
N GLY N 116 12.80 15.02 -22.24
CA GLY N 116 12.34 14.94 -20.88
C GLY N 116 13.11 15.72 -19.85
N ALA N 117 14.35 16.07 -20.14
CA ALA N 117 15.14 16.75 -19.12
C ALA N 117 14.68 18.19 -18.97
N LYS N 118 15.06 18.80 -17.86
CA LYS N 118 14.63 20.14 -17.57
C LYS N 118 15.77 21.00 -17.05
N THR N 119 16.83 20.38 -16.56
CA THR N 119 17.85 21.11 -15.82
C THR N 119 19.24 20.95 -16.41
N LEU N 120 19.51 19.81 -17.08
CA LEU N 120 20.75 19.41 -17.77
C LEU N 120 21.87 19.03 -16.80
N THR N 121 21.65 19.27 -15.51
CA THR N 121 22.61 18.92 -14.47
C THR N 121 21.79 18.47 -13.27
N GLU N 122 21.66 17.17 -13.10
CA GLU N 122 20.87 16.68 -12.00
C GLU N 122 21.69 16.72 -10.72
N VAL N 123 21.02 16.55 -9.61
CA VAL N 123 21.68 16.53 -8.33
C VAL N 123 21.55 15.10 -7.82
N LYS N 124 22.64 14.53 -7.36
CA LYS N 124 22.62 13.24 -6.70
C LYS N 124 22.86 13.45 -5.22
N PHE N 125 22.18 12.67 -4.40
CA PHE N 125 22.35 12.78 -2.96
C PHE N 125 23.32 11.72 -2.48
N GLU N 126 23.98 11.99 -1.36
CA GLU N 126 24.90 11.04 -0.76
C GLU N 126 24.82 11.18 0.74
N ASN N 127 25.36 10.19 1.43
CA ASN N 127 25.45 10.20 2.88
C ASN N 127 26.89 10.01 3.27
N ALA N 128 27.13 10.03 4.57
CA ALA N 128 28.39 9.58 5.14
C ALA N 128 28.15 9.10 6.55
N ILE N 129 27.89 7.81 6.70
CA ILE N 129 27.62 7.24 8.01
C ILE N 129 28.93 7.20 8.74
N ASN N 130 29.05 7.94 9.82
CA ASN N 130 30.17 7.74 10.71
C ASN N 130 29.90 6.46 11.48
N ARG N 131 30.90 5.62 11.60
CA ARG N 131 30.70 4.34 12.25
C ARG N 131 30.96 4.42 13.74
N VAL N 132 30.90 5.61 14.31
CA VAL N 132 30.97 5.79 15.75
C VAL N 132 29.58 5.85 16.38
N THR N 133 28.61 6.49 15.73
CA THR N 133 27.28 6.60 16.29
C THR N 133 26.18 6.42 15.25
N ALA N 134 26.48 5.80 14.10
CA ALA N 134 25.53 5.44 13.04
C ALA N 134 24.80 6.64 12.46
N LYS N 135 25.38 7.84 12.63
CA LYS N 135 24.71 9.07 12.29
C LYS N 135 24.85 9.33 10.79
N ALA N 136 23.78 9.81 10.18
CA ALA N 136 23.84 10.17 8.77
C ALA N 136 24.42 11.58 8.65
N ASN N 137 25.35 11.75 7.75
CA ASN N 137 25.84 13.07 7.37
C ASN N 137 25.60 13.23 5.89
N PRO N 138 24.57 13.94 5.47
CA PRO N 138 24.18 13.97 4.07
C PRO N 138 25.11 14.86 3.27
N ARG N 139 24.96 14.77 1.95
CA ARG N 139 25.87 15.40 1.02
C ARG N 139 25.22 15.37 -0.34
N GLN N 140 25.44 16.42 -1.12
CA GLN N 140 24.76 16.63 -2.39
C GLN N 140 25.80 16.70 -3.49
N MET N 141 25.55 16.02 -4.59
CA MET N 141 26.56 15.79 -5.63
C MET N 141 25.91 16.07 -6.98
N GLU N 142 26.60 16.79 -7.83
CA GLU N 142 26.00 17.27 -9.05
C GLU N 142 26.72 16.67 -10.23
N ARG N 143 26.01 15.98 -11.08
CA ARG N 143 26.64 15.22 -12.15
C ARG N 143 26.18 15.79 -13.48
N VAL N 144 26.53 15.13 -14.55
CA VAL N 144 25.95 15.46 -15.83
C VAL N 144 24.84 14.45 -16.09
N ILE N 145 23.95 14.76 -17.03
CA ILE N 145 22.91 13.80 -17.40
C ILE N 145 23.56 12.61 -18.09
N PRO N 146 23.18 11.39 -17.77
CA PRO N 146 23.85 10.22 -18.36
C PRO N 146 23.54 9.92 -19.81
N GLY N 147 22.99 10.86 -20.56
CA GLY N 147 22.94 10.73 -21.99
C GLY N 147 23.61 11.90 -22.69
N SER N 148 24.37 12.69 -21.93
CA SER N 148 24.91 13.95 -22.43
C SER N 148 26.02 13.68 -23.42
N GLU N 149 25.66 13.51 -24.69
CA GLU N 149 26.60 13.18 -25.73
C GLU N 149 27.47 14.39 -26.05
N PHE N 150 28.76 14.30 -25.75
CA PHE N 150 29.73 15.32 -26.12
C PHE N 150 30.39 14.97 -27.44
N ALA N 151 30.61 15.98 -28.28
CA ALA N 151 31.51 15.80 -29.41
C ALA N 151 32.95 15.85 -28.91
N PHE N 152 33.90 15.48 -29.77
CA PHE N 152 35.27 15.33 -29.34
C PHE N 152 36.20 15.36 -30.54
N SER N 153 37.36 15.96 -30.38
CA SER N 153 38.45 15.79 -31.32
C SER N 153 39.78 15.90 -30.60
N LEU N 154 40.83 15.48 -31.29
CA LEU N 154 42.19 15.57 -30.78
C LEU N 154 43.10 15.76 -31.97
N VAL N 155 44.19 16.48 -31.78
CA VAL N 155 45.06 16.87 -32.88
C VAL N 155 46.43 16.24 -32.72
N TYR N 156 46.72 15.26 -33.56
CA TYR N 156 48.08 14.87 -33.90
C TYR N 156 48.48 15.64 -35.14
N GLU N 157 49.75 15.98 -35.24
CA GLU N 157 50.20 16.82 -36.34
C GLU N 157 50.91 15.96 -37.37
N VAL N 158 51.15 16.54 -38.55
CA VAL N 158 52.09 15.92 -39.48
C VAL N 158 53.49 15.99 -38.94
N SER N 159 53.78 16.97 -38.06
CA SER N 159 54.87 16.95 -37.10
C SER N 159 56.26 16.85 -37.73
N PHE N 160 56.67 17.86 -38.49
CA PHE N 160 58.09 17.99 -38.79
C PHE N 160 58.84 18.20 -37.49
N GLY N 161 59.60 17.20 -37.07
CA GLY N 161 60.20 17.24 -35.75
C GLY N 161 61.38 18.20 -35.74
N THR N 162 61.43 19.04 -34.70
CA THR N 162 62.56 19.94 -34.51
C THR N 162 63.64 19.17 -33.77
N PRO N 163 64.79 18.94 -34.40
CA PRO N 163 65.87 18.24 -33.72
C PRO N 163 66.69 19.18 -32.85
N ASP N 164 66.73 18.87 -31.55
CA ASP N 164 67.55 19.66 -30.65
C ASP N 164 69.04 19.41 -30.86
N GLU N 165 69.39 18.23 -31.36
CA GLU N 165 70.72 18.01 -31.89
C GLU N 165 70.82 18.65 -33.27
N GLU N 166 72.06 18.82 -33.75
CA GLU N 166 72.29 19.34 -35.09
C GLU N 166 72.15 18.27 -36.18
N GLN N 167 71.45 17.16 -35.90
CA GLN N 167 70.98 16.24 -36.91
C GLN N 167 69.76 16.86 -37.61
N LYS N 168 70.07 17.67 -38.62
CA LYS N 168 69.12 18.65 -39.16
C LYS N 168 67.91 18.01 -39.84
N ALA N 169 66.72 18.47 -39.43
CA ALA N 169 65.44 18.29 -40.15
C ALA N 169 65.03 16.82 -40.28
N SER N 170 64.79 16.18 -39.14
CA SER N 170 64.39 14.77 -39.09
C SER N 170 62.87 14.67 -39.10
N LEU N 171 62.30 14.61 -40.29
CA LEU N 171 60.85 14.43 -40.44
C LEU N 171 60.51 12.95 -40.32
N PRO N 172 59.61 12.57 -39.42
CA PRO N 172 59.20 11.16 -39.35
C PRO N 172 58.23 10.82 -40.49
N SER N 173 58.51 9.70 -41.14
CA SER N 173 57.62 9.09 -42.12
C SER N 173 56.65 8.18 -41.38
N SER N 174 56.02 7.25 -42.11
CA SER N 174 54.99 6.39 -41.54
C SER N 174 55.53 5.33 -40.57
N ASP N 175 56.80 5.41 -40.18
CA ASP N 175 57.39 4.37 -39.34
C ASP N 175 57.12 4.60 -37.86
N GLU N 176 57.54 5.74 -37.32
CA GLU N 176 57.48 5.96 -35.88
C GLU N 176 56.09 6.39 -35.43
N ILE N 177 55.26 6.85 -36.37
CA ILE N 177 54.01 7.51 -35.98
C ILE N 177 52.93 6.49 -35.65
N ILE N 178 53.05 5.27 -36.18
CA ILE N 178 52.05 4.27 -35.91
C ILE N 178 52.23 3.67 -34.52
N GLU N 179 53.41 3.83 -33.93
CA GLU N 179 53.60 3.43 -32.55
C GLU N 179 52.80 4.30 -31.60
N ASP N 180 52.65 5.58 -31.93
CA ASP N 180 51.91 6.48 -31.06
C ASP N 180 50.40 6.39 -31.30
N PHE N 181 49.98 5.83 -32.45
CA PHE N 181 48.57 5.49 -32.62
C PHE N 181 48.19 4.30 -31.78
N ASN N 182 49.14 3.43 -31.47
CA ASN N 182 48.86 2.36 -30.53
C ASN N 182 49.07 2.85 -29.10
N ALA N 183 49.55 4.09 -28.92
CA ALA N 183 49.56 4.66 -27.58
C ALA N 183 48.19 5.20 -27.20
N ILE N 184 47.58 5.99 -28.08
CA ILE N 184 46.29 6.59 -27.76
C ILE N 184 45.17 5.55 -27.86
N ALA N 185 45.42 4.47 -28.60
CA ALA N 185 44.53 3.32 -28.58
C ALA N 185 44.42 2.76 -27.18
N ARG N 186 45.56 2.44 -26.57
CA ARG N 186 45.58 2.09 -25.16
C ARG N 186 45.40 3.30 -24.25
N GLY N 187 45.45 4.50 -24.79
CA GLY N 187 45.03 5.65 -24.02
C GLY N 187 43.52 5.65 -23.81
N LEU N 188 42.78 5.31 -24.86
CA LEU N 188 41.32 5.40 -24.80
C LEU N 188 40.64 4.04 -24.81
N LYS N 189 41.37 2.94 -24.95
CA LYS N 189 40.80 1.67 -24.52
C LYS N 189 40.68 1.65 -23.01
N LEU N 190 41.67 2.21 -22.32
CA LEU N 190 41.65 2.22 -20.87
C LEU N 190 40.61 3.18 -20.32
N LEU N 191 40.37 4.30 -21.01
CA LEU N 191 39.47 5.28 -20.43
C LEU N 191 38.01 4.85 -20.59
N GLU N 192 37.73 4.02 -21.59
CA GLU N 192 36.42 3.39 -21.64
C GLU N 192 36.24 2.42 -20.50
N LEU N 193 37.32 1.86 -19.99
CA LEU N 193 37.21 0.97 -18.84
C LEU N 193 37.56 1.68 -17.55
N ASP N 194 37.61 3.00 -17.57
CA ASP N 194 37.79 3.69 -16.31
C ASP N 194 37.13 5.08 -16.35
N TYR N 195 37.57 5.93 -15.44
CA TYR N 195 36.95 7.17 -15.07
C TYR N 195 37.09 8.26 -16.11
N LEU N 196 36.52 9.40 -15.78
CA LEU N 196 36.88 10.71 -16.28
C LEU N 196 36.88 11.79 -15.22
N GLY N 197 36.12 11.63 -14.14
CA GLY N 197 35.82 12.72 -13.25
C GLY N 197 36.28 12.47 -11.84
N GLY N 198 35.63 13.15 -10.91
CA GLY N 198 36.03 13.15 -9.52
C GLY N 198 35.14 12.31 -8.63
N SER N 199 35.46 12.32 -7.33
CA SER N 199 34.82 11.57 -6.25
C SER N 199 34.67 10.09 -6.63
N GLY N 200 35.83 9.52 -6.91
CA GLY N 200 35.87 8.30 -7.67
C GLY N 200 35.79 7.06 -6.81
N THR N 201 36.03 5.92 -7.47
CA THR N 201 35.80 4.55 -6.99
C THR N 201 34.35 4.35 -6.58
N ARG N 202 33.44 5.10 -7.23
CA ARG N 202 32.03 5.12 -6.89
C ARG N 202 31.10 5.26 -8.09
N GLY N 203 31.58 5.06 -9.30
CA GLY N 203 30.66 5.02 -10.42
C GLY N 203 30.43 6.33 -11.16
N TYR N 204 31.17 7.37 -10.81
CA TYR N 204 31.00 8.68 -11.43
C TYR N 204 31.63 8.74 -12.79
N GLY N 205 30.81 8.79 -13.82
CA GLY N 205 31.28 9.22 -15.10
C GLY N 205 32.06 8.23 -15.89
N GLN N 206 31.62 6.99 -15.96
CA GLN N 206 32.09 6.12 -17.02
C GLN N 206 31.67 6.74 -18.34
N VAL N 207 32.59 6.81 -19.29
CA VAL N 207 32.31 7.40 -20.58
C VAL N 207 32.33 6.30 -21.61
N LYS N 208 32.01 6.66 -22.84
CA LYS N 208 32.08 5.69 -23.92
C LYS N 208 32.40 6.45 -25.21
N PHE N 209 33.61 6.27 -25.70
CA PHE N 209 34.04 6.94 -26.92
C PHE N 209 33.41 6.25 -28.11
N SER N 210 32.91 7.05 -29.04
CA SER N 210 32.17 6.50 -30.16
C SER N 210 32.47 7.31 -31.41
N ASP N 211 32.29 6.65 -32.56
CA ASP N 211 32.41 7.24 -33.90
C ASP N 211 33.79 7.85 -34.13
N LEU N 212 34.82 7.13 -33.69
CA LEU N 212 36.19 7.57 -33.83
C LEU N 212 36.60 7.43 -35.28
N LYS N 213 37.33 8.42 -35.80
CA LYS N 213 37.81 8.34 -37.17
C LYS N 213 39.19 8.97 -37.29
N ALA N 214 40.04 8.37 -38.12
CA ALA N 214 41.31 8.97 -38.48
C ALA N 214 41.09 9.99 -39.60
N ARG N 215 41.69 11.17 -39.43
CA ARG N 215 41.27 12.30 -40.24
C ARG N 215 42.46 13.15 -40.63
N ALA N 216 42.65 13.34 -41.94
CA ALA N 216 43.67 14.24 -42.46
C ALA N 216 43.08 15.05 -43.61
N ASP N 222 49.10 9.31 -45.53
CA ASP N 222 48.44 9.54 -46.82
C ASP N 222 47.35 8.50 -47.06
N ARG N 223 46.99 8.35 -48.33
CA ARG N 223 45.86 7.49 -48.71
C ARG N 223 46.17 6.02 -48.48
N SER N 224 47.45 5.65 -48.58
CA SER N 224 47.85 4.29 -48.24
C SER N 224 47.90 4.11 -46.73
N LEU N 225 48.22 5.18 -46.00
CA LEU N 225 48.56 5.04 -44.59
C LEU N 225 47.33 4.89 -43.73
N LEU N 226 46.21 5.51 -44.16
CA LEU N 226 45.11 5.81 -43.24
C LEU N 226 44.37 4.56 -42.76
N GLU N 227 44.33 3.51 -43.57
CA GLU N 227 43.49 2.36 -43.27
C GLU N 227 44.00 1.56 -42.08
N MET N 228 45.31 1.55 -41.87
CA MET N 228 45.85 0.93 -40.67
C MET N 228 45.80 1.85 -39.48
N LEU N 229 45.63 3.15 -39.69
CA LEU N 229 45.53 4.08 -38.57
C LEU N 229 44.22 3.94 -37.82
N ASN N 230 43.19 3.46 -38.50
CA ASN N 230 41.92 3.11 -37.90
C ASN N 230 42.04 2.01 -36.85
N HIS N 231 42.79 0.96 -37.15
CA HIS N 231 42.60 -0.29 -36.43
C HIS N 231 43.23 -0.29 -35.05
N GLU N 232 44.12 0.66 -34.77
CA GLU N 232 44.48 0.86 -33.37
C GLU N 232 43.30 1.43 -32.61
N LEU N 233 42.69 2.48 -33.15
CA LEU N 233 41.66 3.21 -32.42
C LEU N 233 40.30 2.56 -32.59
N ALA N 234 40.07 1.77 -33.64
CA ALA N 234 38.87 0.97 -33.71
C ALA N 234 38.88 -0.18 -32.73
N ALA N 235 40.06 -0.64 -32.32
CA ALA N 235 40.20 -1.67 -31.29
C ALA N 235 40.40 -1.09 -29.90
N VAL N 236 39.41 -0.39 -29.36
CA VAL N 236 39.52 0.15 -28.02
C VAL N 236 38.42 -0.42 -27.13
N ALA O 6 44.15 -5.65 -19.66
CA ALA O 6 44.80 -5.59 -18.36
C ALA O 6 43.82 -5.20 -17.26
N LYS O 7 42.53 -5.36 -17.54
CA LYS O 7 41.50 -5.03 -16.58
C LYS O 7 40.78 -6.28 -16.11
N ILE O 8 40.83 -6.51 -14.80
CA ILE O 8 40.17 -7.68 -14.23
C ILE O 8 38.69 -7.31 -14.07
N GLU O 9 37.91 -7.55 -15.11
CA GLU O 9 36.52 -7.13 -15.13
C GLU O 9 35.66 -8.16 -14.43
N ILE O 10 34.91 -7.74 -13.41
CA ILE O 10 33.92 -8.59 -12.77
C ILE O 10 32.57 -8.27 -13.38
N THR O 11 32.01 -9.20 -14.13
CA THR O 11 30.67 -9.00 -14.67
C THR O 11 29.70 -9.57 -13.63
N GLY O 12 28.43 -9.69 -13.94
CA GLY O 12 27.50 -10.26 -13.00
C GLY O 12 26.08 -9.85 -13.34
N THR O 13 25.19 -10.10 -12.37
CA THR O 13 23.80 -9.66 -12.44
C THR O 13 23.26 -9.71 -11.02
N ILE O 14 22.81 -8.60 -10.54
CA ILE O 14 22.30 -8.49 -9.19
C ILE O 14 20.79 -8.43 -9.25
N THR O 15 20.11 -9.15 -8.35
CA THR O 15 18.66 -9.27 -8.36
C THR O 15 18.17 -9.32 -6.92
N VAL O 16 17.26 -8.43 -6.56
CA VAL O 16 16.68 -8.46 -5.22
C VAL O 16 15.59 -9.52 -5.18
N VAL O 17 15.09 -9.79 -3.99
CA VAL O 17 13.93 -10.65 -3.81
C VAL O 17 12.90 -10.00 -2.90
N THR O 18 13.24 -8.90 -2.26
CA THR O 18 12.33 -8.12 -1.44
C THR O 18 12.19 -6.74 -2.07
N GLY O 19 11.62 -5.81 -1.31
CA GLY O 19 11.72 -4.42 -1.68
C GLY O 19 13.14 -3.89 -1.52
N LEU O 20 13.32 -2.61 -1.84
CA LEU O 20 14.63 -2.00 -1.77
C LEU O 20 14.47 -0.49 -1.74
N HIS O 21 14.91 0.12 -0.65
CA HIS O 21 14.61 1.53 -0.40
C HIS O 21 15.91 2.31 -0.34
N ILE O 22 16.20 3.09 -1.38
CA ILE O 22 17.44 3.84 -1.50
C ILE O 22 17.06 5.31 -1.59
N GLY O 23 17.30 6.05 -0.51
CA GLY O 23 16.60 7.27 -0.16
C GLY O 23 16.25 8.38 -1.12
N ALA O 24 17.15 8.75 -2.04
CA ALA O 24 17.00 9.89 -2.97
C ALA O 24 16.69 11.20 -2.25
N GLY O 25 17.24 11.34 -1.04
CA GLY O 25 17.09 12.55 -0.25
C GLY O 25 15.68 12.84 0.20
N GLY O 32 3.16 11.63 -8.88
CA GLY O 32 2.82 10.99 -7.63
C GLY O 32 3.31 11.78 -6.43
N ALA O 33 2.51 11.76 -5.37
CA ALA O 33 2.79 12.55 -4.18
C ALA O 33 3.56 11.76 -3.13
N VAL O 34 4.41 10.83 -3.57
CA VAL O 34 5.32 10.08 -2.73
C VAL O 34 6.20 11.05 -1.94
N ASP O 35 6.41 10.74 -0.67
CA ASP O 35 7.15 11.62 0.23
C ASP O 35 8.65 11.66 -0.10
N LYS O 36 9.33 10.50 -0.08
CA LYS O 36 10.76 10.44 -0.37
C LYS O 36 11.05 9.25 -1.26
N PRO O 37 11.03 9.40 -2.58
CA PRO O 37 11.03 8.24 -3.48
C PRO O 37 12.39 7.56 -3.63
N VAL O 38 12.48 6.56 -4.51
CA VAL O 38 13.73 5.87 -4.76
C VAL O 38 14.61 6.73 -5.64
N VAL O 39 15.90 6.43 -5.67
CA VAL O 39 16.81 7.06 -6.63
C VAL O 39 16.40 6.61 -8.03
N ARG O 40 16.47 7.51 -8.99
CA ARG O 40 16.06 7.18 -10.34
C ARG O 40 17.04 7.78 -11.35
N ASP O 41 17.20 7.09 -12.46
CA ASP O 41 18.10 7.49 -13.53
C ASP O 41 17.50 8.68 -14.26
N PRO O 42 17.99 9.91 -14.04
CA PRO O 42 17.18 11.10 -14.29
C PRO O 42 16.94 11.43 -15.75
N LEU O 43 17.54 10.72 -16.69
CA LEU O 43 17.05 10.81 -18.06
C LEU O 43 15.78 10.01 -18.23
N THR O 44 15.72 8.82 -17.66
CA THR O 44 14.63 7.90 -17.91
C THR O 44 13.84 7.53 -16.66
N LYS O 45 14.32 7.92 -15.48
CA LYS O 45 13.64 7.74 -14.19
C LYS O 45 13.42 6.28 -13.83
N TRP O 46 14.17 5.36 -14.42
CA TRP O 46 14.17 3.97 -14.00
C TRP O 46 14.92 3.89 -12.68
N PRO O 47 14.60 2.91 -11.83
CA PRO O 47 15.33 2.80 -10.58
C PRO O 47 16.71 2.21 -10.83
N MET O 48 17.71 2.87 -10.30
CA MET O 48 19.08 2.44 -10.50
C MET O 48 19.66 2.11 -9.14
N ILE O 49 20.70 1.30 -9.14
CA ILE O 49 21.44 1.04 -7.90
C ILE O 49 22.50 2.12 -7.85
N PRO O 50 22.57 2.92 -6.80
CA PRO O 50 23.62 3.94 -6.72
C PRO O 50 24.96 3.26 -6.51
N GLY O 51 25.99 3.83 -7.13
CA GLY O 51 27.30 3.26 -6.96
C GLY O 51 27.84 3.35 -5.57
N THR O 52 27.39 4.31 -4.77
CA THR O 52 27.96 4.50 -3.46
C THR O 52 27.54 3.42 -2.48
N SER O 53 26.26 3.12 -2.36
CA SER O 53 25.87 2.23 -1.28
C SER O 53 26.08 0.77 -1.60
N LEU O 54 26.53 0.41 -2.79
CA LEU O 54 27.30 -0.81 -2.91
C LEU O 54 28.60 -0.71 -2.14
N LYS O 55 29.48 0.21 -2.53
CA LYS O 55 30.74 0.50 -1.85
C LYS O 55 30.56 0.84 -0.40
N GLY O 56 29.48 1.51 -0.06
CA GLY O 56 29.33 1.90 1.31
C GLY O 56 28.66 0.89 2.19
N LYS O 57 27.97 -0.09 1.62
CA LYS O 57 27.50 -1.18 2.47
C LYS O 57 28.65 -2.14 2.79
N VAL O 58 29.41 -2.51 1.76
CA VAL O 58 30.49 -3.47 1.88
C VAL O 58 31.56 -2.98 2.84
N ARG O 59 31.97 -1.71 2.73
CA ARG O 59 32.93 -1.17 3.68
C ARG O 59 32.30 -0.82 5.03
N THR O 60 31.04 -1.17 5.25
CA THR O 60 30.49 -1.22 6.60
C THR O 60 30.23 -2.64 7.07
N LEU O 61 30.16 -3.61 6.16
CA LEU O 61 30.15 -5.02 6.51
C LEU O 61 31.56 -5.54 6.76
N LEU O 62 32.45 -5.29 5.81
CA LEU O 62 33.79 -5.81 5.89
C LEU O 62 34.65 -5.03 6.87
N SER O 63 34.16 -3.90 7.39
CA SER O 63 34.75 -3.33 8.58
C SER O 63 34.03 -3.79 9.83
N ARG O 64 33.36 -4.93 9.77
CA ARG O 64 32.82 -5.62 10.92
C ARG O 64 33.17 -7.10 10.90
N GLN O 65 33.70 -7.58 9.78
CA GLN O 65 34.05 -8.99 9.60
C GLN O 65 35.55 -9.18 9.57
N TYR O 66 36.27 -8.50 8.69
CA TYR O 66 37.72 -8.44 8.82
C TYR O 66 38.10 -7.68 10.07
N GLY O 67 37.35 -6.64 10.40
CA GLY O 67 37.38 -6.05 11.71
C GLY O 67 36.46 -6.79 12.65
N ALA O 68 36.49 -6.38 13.92
CA ALA O 68 35.62 -6.84 15.01
C ALA O 68 35.79 -8.33 15.34
N ASP O 69 36.61 -9.07 14.61
CA ASP O 69 37.29 -10.23 15.17
C ASP O 69 38.38 -9.77 16.12
N THR O 70 39.30 -8.97 15.61
CA THR O 70 40.52 -8.64 16.32
C THR O 70 40.38 -7.34 17.10
N GLU O 71 39.28 -7.23 17.84
CA GLU O 71 39.01 -6.15 18.81
C GLU O 71 39.15 -4.76 18.20
N THR O 72 38.40 -4.54 17.13
CA THR O 72 38.54 -3.35 16.31
C THR O 72 37.46 -2.34 16.64
N PHE O 73 37.89 -1.18 17.14
CA PHE O 73 36.98 -0.05 17.26
C PHE O 73 36.62 0.48 15.87
N TYR O 74 37.64 0.85 15.09
CA TYR O 74 37.53 1.22 13.68
C TYR O 74 36.60 2.43 13.47
N ARG O 75 36.98 3.55 14.08
CA ARG O 75 36.06 4.65 14.24
C ARG O 75 35.84 5.50 12.99
N LYS O 76 36.33 5.06 11.83
CA LYS O 76 36.07 5.66 10.52
C LYS O 76 36.49 4.69 9.42
N PRO O 77 36.28 5.05 8.15
CA PRO O 77 37.00 4.36 7.07
C PRO O 77 38.42 4.82 6.87
N ASN O 78 39.03 5.48 7.84
CA ASN O 78 40.43 5.84 7.72
C ASN O 78 41.32 4.94 8.57
N ASP O 79 40.86 4.45 9.71
CA ASP O 79 41.65 3.53 10.52
C ASP O 79 41.29 2.07 10.27
N ASP O 80 40.93 1.74 9.04
CA ASP O 80 40.59 0.38 8.64
C ASP O 80 41.85 -0.50 8.61
N PRO O 81 41.72 -1.83 8.36
CA PRO O 81 42.96 -2.60 8.17
C PRO O 81 43.49 -2.40 6.76
N ALA O 82 44.69 -2.90 6.50
CA ALA O 82 45.31 -2.71 5.20
C ALA O 82 44.54 -3.42 4.11
N GLN O 83 43.96 -4.57 4.43
CA GLN O 83 43.23 -5.37 3.45
C GLN O 83 41.96 -4.71 2.98
N ILE O 84 41.43 -3.77 3.77
CA ILE O 84 40.30 -2.95 3.37
C ILE O 84 40.73 -1.77 2.52
N ARG O 85 41.66 -0.95 3.04
CA ARG O 85 42.13 0.24 2.35
C ARG O 85 42.94 -0.08 1.10
N ARG O 86 43.36 -1.33 0.91
CA ARG O 86 43.92 -1.75 -0.37
C ARG O 86 42.90 -1.59 -1.48
N LEU O 87 41.64 -1.92 -1.18
CA LEU O 87 40.65 -2.08 -2.22
C LEU O 87 39.95 -0.78 -2.51
N PHE O 88 39.66 -0.02 -1.47
CA PHE O 88 38.76 1.12 -1.59
C PHE O 88 39.45 2.46 -1.37
N GLY O 89 40.71 2.49 -0.95
CA GLY O 89 41.40 3.74 -0.79
C GLY O 89 41.01 4.54 0.44
N ASP O 90 41.82 5.54 0.78
CA ASP O 90 41.51 6.47 1.86
C ASP O 90 42.33 7.74 1.66
N THR O 91 42.38 8.55 2.71
CA THR O 91 43.24 9.73 2.72
C THR O 91 44.69 9.41 3.07
N LYS O 92 44.94 8.66 4.15
CA LYS O 92 46.22 8.69 4.83
C LYS O 92 47.28 7.82 4.14
N GLU O 93 47.08 6.51 4.09
CA GLU O 93 48.06 5.72 3.37
C GLU O 93 47.75 5.71 1.89
N TYR O 94 46.49 5.41 1.55
CA TYR O 94 45.96 5.39 0.18
C TYR O 94 46.82 4.53 -0.73
N LYS O 95 46.71 3.22 -0.50
CA LYS O 95 47.30 2.21 -1.38
C LYS O 95 47.02 2.56 -2.84
N THR O 96 45.74 2.58 -3.19
CA THR O 96 45.21 2.90 -4.51
C THR O 96 43.69 3.01 -4.38
N GLY O 97 43.05 3.62 -5.37
CA GLY O 97 41.64 3.37 -5.52
C GLY O 97 41.56 2.16 -6.41
N ARG O 98 41.48 0.97 -5.83
CA ARG O 98 41.69 -0.25 -6.59
C ARG O 98 40.39 -0.94 -6.96
N LEU O 99 39.31 -0.70 -6.23
CA LEU O 99 38.01 -1.24 -6.59
C LEU O 99 37.13 -0.09 -6.98
N VAL O 100 36.75 -0.04 -8.25
CA VAL O 100 35.68 0.84 -8.67
C VAL O 100 34.41 -0.01 -8.76
N PHE O 101 33.27 0.61 -8.53
CA PHE O 101 31.97 -0.02 -8.69
C PHE O 101 31.23 0.70 -9.80
N ARG O 102 31.15 0.09 -10.97
CA ARG O 102 30.35 0.64 -12.04
C ARG O 102 28.89 0.68 -11.62
N ASP O 103 28.33 1.87 -11.61
CA ASP O 103 26.94 2.09 -11.25
C ASP O 103 26.02 1.43 -12.28
N THR O 104 24.81 1.11 -11.85
CA THR O 104 23.93 0.36 -12.73
C THR O 104 22.47 0.68 -12.50
N LYS O 105 21.69 0.38 -13.53
CA LYS O 105 20.25 0.63 -13.55
C LYS O 105 19.54 -0.65 -13.94
N LEU O 106 18.22 -0.64 -13.77
CA LEU O 106 17.39 -1.81 -13.96
C LEU O 106 17.40 -2.28 -15.41
N THR O 107 17.42 -3.59 -15.60
CA THR O 107 17.80 -4.12 -16.90
C THR O 107 16.64 -4.77 -17.64
N ASN O 108 15.93 -5.68 -16.99
CA ASN O 108 14.93 -6.51 -17.66
C ASN O 108 13.57 -5.84 -17.56
N LYS O 109 13.53 -4.56 -17.96
CA LYS O 109 12.35 -3.75 -17.74
C LYS O 109 11.20 -4.19 -18.63
N ASP O 110 11.46 -4.40 -19.92
CA ASP O 110 10.40 -4.85 -20.82
C ASP O 110 10.01 -6.29 -20.52
N ASP O 111 10.92 -7.05 -19.94
CA ASP O 111 10.54 -8.39 -19.50
C ASP O 111 9.99 -8.40 -18.09
N LEU O 112 9.98 -7.24 -17.42
CA LEU O 112 9.16 -7.10 -16.23
C LEU O 112 7.76 -6.65 -16.60
N GLU O 113 7.62 -5.92 -17.71
CA GLU O 113 6.32 -5.51 -18.21
C GLU O 113 5.57 -6.67 -18.85
N ALA O 114 6.27 -7.50 -19.61
CA ALA O 114 5.62 -8.56 -20.38
C ALA O 114 5.05 -9.65 -19.49
N ARG O 115 5.52 -9.73 -18.25
CA ARG O 115 4.93 -10.61 -17.24
C ARG O 115 4.16 -9.81 -16.19
N GLY O 116 3.73 -8.61 -16.54
CA GLY O 116 2.63 -8.00 -15.80
C GLY O 116 2.91 -6.78 -14.96
N ALA O 117 4.01 -6.76 -14.21
CA ALA O 117 4.24 -5.68 -13.27
C ALA O 117 4.57 -4.39 -13.98
N LYS O 118 3.60 -3.47 -13.98
CA LYS O 118 3.67 -2.31 -14.84
C LYS O 118 4.13 -1.08 -14.09
N THR O 119 4.01 -1.10 -12.77
CA THR O 119 4.30 0.07 -11.97
C THR O 119 5.78 0.32 -11.77
N LEU O 120 6.62 -0.72 -11.80
CA LEU O 120 8.07 -0.70 -11.54
C LEU O 120 8.47 -0.16 -10.17
N THR O 121 7.49 0.11 -9.32
CA THR O 121 7.67 0.53 -7.94
C THR O 121 6.32 0.38 -7.28
N GLU O 122 6.21 -0.51 -6.30
CA GLU O 122 4.98 -0.40 -5.53
C GLU O 122 5.20 0.57 -4.39
N VAL O 123 4.11 1.01 -3.80
CA VAL O 123 4.16 1.87 -2.63
C VAL O 123 3.51 1.06 -1.52
N LYS O 124 4.32 0.43 -0.69
CA LYS O 124 3.79 -0.30 0.45
C LYS O 124 3.34 0.70 1.50
N PHE O 125 2.04 0.68 1.78
CA PHE O 125 1.49 1.52 2.83
C PHE O 125 1.96 0.98 4.17
N GLU O 126 2.05 1.83 5.17
CA GLU O 126 2.55 1.38 6.44
C GLU O 126 1.71 1.99 7.54
N ASN O 127 2.23 1.93 8.76
CA ASN O 127 1.43 2.23 9.93
C ASN O 127 2.36 2.58 11.07
N ALA O 128 1.83 3.27 12.05
CA ALA O 128 2.60 3.62 13.24
C ALA O 128 1.65 3.74 14.42
N ILE O 129 1.60 2.68 15.21
CA ILE O 129 0.67 2.58 16.33
C ILE O 129 1.33 3.22 17.54
N ASN O 130 0.78 4.33 18.01
CA ASN O 130 1.24 4.89 19.27
C ASN O 130 0.68 4.01 20.37
N ARG O 131 1.42 3.90 21.47
CA ARG O 131 1.05 2.97 22.51
C ARG O 131 0.34 3.65 23.68
N VAL O 132 -0.07 4.90 23.51
CA VAL O 132 -0.92 5.53 24.50
C VAL O 132 -2.38 5.58 24.06
N THR O 133 -2.65 5.68 22.77
CA THR O 133 -4.03 5.78 22.32
C THR O 133 -4.40 4.75 21.26
N ALA O 134 -3.47 3.91 20.80
CA ALA O 134 -3.66 2.95 19.70
C ALA O 134 -4.17 3.64 18.44
N LYS O 135 -3.72 4.86 18.22
CA LYS O 135 -4.08 5.62 17.04
C LYS O 135 -3.13 5.28 15.90
N ALA O 136 -3.69 4.93 14.74
CA ALA O 136 -2.88 4.65 13.57
C ALA O 136 -2.31 5.95 13.04
N ASN O 137 -1.08 5.90 12.54
CA ASN O 137 -0.45 7.03 11.85
C ASN O 137 0.07 6.54 10.52
N PRO O 138 -0.68 6.66 9.44
CA PRO O 138 -0.25 6.11 8.15
C PRO O 138 0.98 6.84 7.63
N ARG O 139 1.64 6.18 6.69
CA ARG O 139 2.99 6.46 6.24
C ARG O 139 3.24 5.51 5.08
N GLN O 140 4.03 5.92 4.09
CA GLN O 140 4.43 5.00 3.04
C GLN O 140 5.83 5.28 2.56
N MET O 141 6.49 4.25 2.06
CA MET O 141 7.82 4.30 1.47
C MET O 141 7.61 3.83 0.05
N GLU O 142 8.64 3.94 -0.78
CA GLU O 142 8.60 3.25 -2.06
C GLU O 142 9.66 2.17 -2.10
N ARG O 143 9.33 1.06 -2.73
CA ARG O 143 10.21 -0.08 -2.87
C ARG O 143 10.31 -0.39 -4.35
N VAL O 144 11.45 -0.84 -4.79
CA VAL O 144 11.50 -1.38 -6.13
C VAL O 144 10.94 -2.79 -6.07
N ILE O 145 10.51 -3.31 -7.22
CA ILE O 145 9.85 -4.61 -7.36
C ILE O 145 10.79 -5.72 -6.87
N PRO O 146 10.29 -6.71 -6.13
CA PRO O 146 11.10 -7.90 -5.83
C PRO O 146 11.63 -8.68 -7.01
N GLY O 147 11.05 -8.54 -8.19
CA GLY O 147 11.54 -9.29 -9.32
C GLY O 147 12.51 -8.51 -10.18
N SER O 148 13.06 -7.45 -9.62
CA SER O 148 13.86 -6.51 -10.40
C SER O 148 15.26 -7.05 -10.54
N GLU O 149 15.80 -6.99 -11.75
CA GLU O 149 17.04 -7.65 -12.06
C GLU O 149 17.96 -6.66 -12.74
N PHE O 150 18.85 -6.05 -11.96
CA PHE O 150 19.82 -5.10 -12.47
C PHE O 150 20.94 -5.86 -13.17
N ALA O 151 21.52 -5.23 -14.19
CA ALA O 151 22.81 -5.70 -14.65
C ALA O 151 23.89 -5.21 -13.70
N PHE O 152 25.12 -5.64 -13.93
CA PHE O 152 26.13 -5.45 -12.89
C PHE O 152 27.50 -5.42 -13.53
N SER O 153 28.40 -4.64 -12.95
CA SER O 153 29.82 -4.67 -13.25
C SER O 153 30.59 -3.99 -12.14
N LEU O 154 31.82 -4.43 -11.95
CA LEU O 154 32.82 -3.66 -11.24
C LEU O 154 34.17 -4.11 -11.76
N VAL O 155 35.12 -3.21 -11.78
CA VAL O 155 36.32 -3.42 -12.57
C VAL O 155 37.54 -3.39 -11.65
N TYR O 156 38.17 -4.53 -11.51
CA TYR O 156 39.50 -4.66 -10.96
C TYR O 156 40.49 -4.59 -12.13
N GLU O 157 41.77 -4.53 -11.82
CA GLU O 157 42.77 -4.15 -12.81
C GLU O 157 44.08 -4.89 -12.50
N VAL O 158 45.07 -4.79 -13.39
CA VAL O 158 46.35 -5.41 -13.11
C VAL O 158 47.11 -4.74 -11.99
N SER O 159 46.71 -3.53 -11.60
CA SER O 159 46.97 -2.93 -10.29
C SER O 159 48.43 -2.66 -10.01
N PHE O 160 49.08 -1.79 -10.78
CA PHE O 160 50.37 -1.30 -10.32
C PHE O 160 50.16 -0.38 -9.13
N GLY O 161 50.98 -0.54 -8.10
CA GLY O 161 50.75 0.17 -6.85
C GLY O 161 51.43 1.52 -6.87
N THR O 162 50.86 2.46 -6.10
CA THR O 162 51.35 3.83 -5.97
C THR O 162 51.76 4.07 -4.53
N PRO O 163 52.96 3.66 -4.11
CA PRO O 163 53.33 3.84 -2.72
C PRO O 163 53.75 5.27 -2.38
N ASP O 164 52.99 5.87 -1.47
CA ASP O 164 53.48 7.02 -0.73
C ASP O 164 54.60 6.59 0.21
N GLU O 165 54.60 5.33 0.61
CA GLU O 165 55.65 4.74 1.42
C GLU O 165 56.90 4.49 0.60
N GLU O 166 58.00 4.23 1.31
CA GLU O 166 59.31 4.10 0.69
C GLU O 166 59.50 2.82 -0.09
N GLN O 167 58.59 1.85 0.02
CA GLN O 167 58.68 0.60 -0.74
C GLN O 167 58.17 0.86 -2.16
N LYS O 168 59.06 1.43 -2.97
CA LYS O 168 58.68 2.00 -4.25
C LYS O 168 58.40 0.92 -5.28
N ALA O 169 57.36 1.17 -6.10
CA ALA O 169 56.98 0.37 -7.26
C ALA O 169 56.63 -1.07 -6.90
N SER O 170 56.19 -1.27 -5.66
CA SER O 170 55.97 -2.61 -5.12
C SER O 170 54.67 -3.14 -5.71
N LEU O 171 54.79 -3.73 -6.90
CA LEU O 171 53.67 -4.36 -7.57
C LEU O 171 53.21 -5.57 -6.74
N PRO O 172 51.94 -5.65 -6.37
CA PRO O 172 51.47 -6.78 -5.56
C PRO O 172 51.53 -8.11 -6.31
N SER O 173 51.81 -9.17 -5.56
CA SER O 173 52.06 -10.49 -6.11
C SER O 173 50.76 -11.27 -6.22
N SER O 174 50.85 -12.49 -6.76
CA SER O 174 49.65 -13.29 -7.00
C SER O 174 49.06 -13.85 -5.72
N ASP O 175 49.79 -13.77 -4.60
CA ASP O 175 49.17 -14.03 -3.31
C ASP O 175 48.39 -12.83 -2.84
N GLU O 176 48.72 -11.64 -3.33
CA GLU O 176 47.99 -10.46 -2.89
C GLU O 176 46.69 -10.29 -3.66
N ILE O 177 46.60 -10.88 -4.86
CA ILE O 177 45.34 -10.88 -5.60
C ILE O 177 44.33 -11.78 -4.92
N ILE O 178 44.76 -12.99 -4.53
CA ILE O 178 43.80 -13.94 -4.00
C ILE O 178 43.50 -13.70 -2.53
N GLU O 179 44.28 -12.84 -1.87
CA GLU O 179 43.78 -12.33 -0.59
C GLU O 179 42.75 -11.26 -0.84
N ASP O 180 42.82 -10.60 -2.00
CA ASP O 180 41.82 -9.59 -2.32
C ASP O 180 40.55 -10.20 -2.90
N PHE O 181 40.65 -11.22 -3.75
CA PHE O 181 39.41 -11.83 -4.22
C PHE O 181 38.86 -12.85 -3.24
N ASN O 182 39.50 -13.02 -2.09
CA ASN O 182 38.77 -13.54 -0.95
C ASN O 182 37.78 -12.52 -0.44
N ALA O 183 38.17 -11.24 -0.47
CA ALA O 183 37.36 -10.20 0.14
C ALA O 183 36.17 -9.80 -0.72
N ILE O 184 36.15 -10.21 -1.98
CA ILE O 184 34.97 -10.01 -2.82
C ILE O 184 34.01 -11.18 -2.67
N ALA O 185 34.55 -12.38 -2.53
CA ALA O 185 33.75 -13.50 -2.06
C ALA O 185 33.22 -13.23 -0.66
N ARG O 186 34.07 -12.71 0.22
CA ARG O 186 33.59 -12.36 1.55
C ARG O 186 32.77 -11.09 1.55
N GLY O 187 32.90 -10.24 0.53
CA GLY O 187 32.09 -9.04 0.49
C GLY O 187 30.66 -9.30 0.05
N LEU O 188 30.47 -9.64 -1.21
CA LEU O 188 29.12 -9.65 -1.76
C LEU O 188 28.34 -10.90 -1.40
N LYS O 189 28.96 -11.90 -0.78
CA LYS O 189 28.16 -12.96 -0.19
C LYS O 189 27.63 -12.53 1.16
N LEU O 190 28.45 -11.82 1.94
CA LEU O 190 27.97 -11.38 3.25
C LEU O 190 26.94 -10.28 3.10
N LEU O 191 26.89 -9.61 1.94
CA LEU O 191 25.81 -8.70 1.61
C LEU O 191 24.47 -9.41 1.61
N GLU O 192 24.42 -10.60 1.02
CA GLU O 192 23.16 -11.30 0.83
C GLU O 192 22.56 -11.76 2.16
N LEU O 193 23.35 -11.78 3.22
CA LEU O 193 22.76 -11.98 4.53
C LEU O 193 22.56 -10.67 5.26
N ASP O 194 22.54 -9.55 4.53
CA ASP O 194 22.20 -8.29 5.16
C ASP O 194 21.50 -7.41 4.13
N TYR O 195 21.54 -6.10 4.34
CA TYR O 195 20.71 -5.16 3.62
C TYR O 195 21.25 -4.82 2.25
N LEU O 196 20.56 -3.91 1.62
CA LEU O 196 21.13 -3.08 0.58
C LEU O 196 20.76 -1.61 0.75
N GLY O 197 19.54 -1.32 1.19
CA GLY O 197 19.02 0.01 1.24
C GLY O 197 18.45 0.39 2.58
N GLY O 198 17.16 0.74 2.56
CA GLY O 198 16.47 1.20 3.74
C GLY O 198 15.77 0.09 4.50
N SER O 199 14.68 0.47 5.17
CA SER O 199 13.91 -0.38 6.07
C SER O 199 14.80 -0.97 7.16
N GLY O 200 15.23 -0.08 8.07
CA GLY O 200 16.20 -0.45 9.09
C GLY O 200 15.76 -1.62 9.94
N THR O 201 16.42 -2.76 9.70
CA THR O 201 16.06 -4.07 10.23
C THR O 201 14.60 -4.43 9.95
N ARG O 202 14.14 -4.26 8.71
CA ARG O 202 12.73 -4.52 8.41
C ARG O 202 12.42 -5.09 7.05
N GLY O 203 13.38 -5.59 6.31
CA GLY O 203 12.93 -6.37 5.17
C GLY O 203 13.06 -5.81 3.78
N TYR O 204 13.80 -4.74 3.56
CA TYR O 204 14.12 -4.42 2.18
C TYR O 204 15.63 -4.43 1.95
N GLY O 205 16.09 -5.41 1.18
CA GLY O 205 17.49 -5.48 0.87
C GLY O 205 18.11 -6.84 0.96
N GLN O 206 17.32 -7.89 1.03
CA GLN O 206 17.78 -9.24 0.73
C GLN O 206 17.99 -9.32 -0.78
N VAL O 207 19.23 -9.54 -1.22
CA VAL O 207 19.55 -9.53 -2.64
C VAL O 207 20.16 -10.89 -3.00
N LYS O 208 20.23 -11.19 -4.30
CA LYS O 208 20.66 -12.50 -4.77
C LYS O 208 21.45 -12.35 -6.07
N PHE O 209 22.75 -12.59 -6.02
CA PHE O 209 23.64 -12.39 -7.16
C PHE O 209 23.59 -13.56 -8.11
N SER O 210 23.74 -13.28 -9.39
CA SER O 210 23.74 -14.29 -10.42
C SER O 210 24.92 -14.06 -11.35
N ASP O 211 25.44 -15.17 -11.90
CA ASP O 211 26.34 -15.18 -13.05
C ASP O 211 27.64 -14.41 -12.79
N LEU O 212 28.17 -14.57 -11.59
CA LEU O 212 29.41 -13.89 -11.20
C LEU O 212 30.59 -14.44 -11.99
N LYS O 213 31.52 -13.57 -12.36
CA LYS O 213 32.68 -13.92 -13.15
C LYS O 213 33.78 -12.92 -12.87
N ALA O 214 35.02 -13.29 -13.14
CA ALA O 214 36.04 -12.30 -13.41
C ALA O 214 36.50 -12.48 -14.85
N ARG O 215 37.09 -11.43 -15.41
CA ARG O 215 37.43 -11.48 -16.82
C ARG O 215 38.54 -10.48 -17.09
N ALA O 216 39.44 -10.83 -18.01
CA ALA O 216 40.49 -9.92 -18.40
C ALA O 216 39.98 -8.92 -19.42
N ALA O 217 40.41 -7.67 -19.29
CA ALA O 217 40.01 -6.63 -20.23
C ALA O 217 41.07 -5.55 -20.36
N ASP O 222 48.78 -13.82 -14.79
CA ASP O 222 48.93 -14.93 -15.71
C ASP O 222 47.63 -15.69 -15.95
N ARG O 223 47.70 -16.70 -16.82
CA ARG O 223 46.51 -17.29 -17.42
C ARG O 223 45.81 -18.26 -16.49
N SER O 224 46.56 -19.04 -15.71
CA SER O 224 45.92 -19.99 -14.80
C SER O 224 45.43 -19.31 -13.54
N LEU O 225 45.78 -18.03 -13.36
CA LEU O 225 45.22 -17.24 -12.28
C LEU O 225 43.75 -16.96 -12.53
N LEU O 226 43.35 -16.89 -13.81
CA LEU O 226 41.98 -16.57 -14.19
C LEU O 226 40.99 -17.61 -13.68
N GLU O 227 41.30 -18.89 -13.85
CA GLU O 227 40.44 -19.93 -13.30
C GLU O 227 40.55 -19.99 -11.79
N MET O 228 41.69 -19.59 -11.25
CA MET O 228 41.88 -19.65 -9.81
C MET O 228 41.12 -18.56 -9.07
N LEU O 229 40.66 -17.53 -9.77
CA LEU O 229 39.91 -16.45 -9.13
C LEU O 229 38.41 -16.68 -9.20
N ASN O 230 37.90 -17.16 -10.35
CA ASN O 230 36.51 -17.56 -10.54
C ASN O 230 36.00 -18.52 -9.49
N HIS O 231 36.89 -19.33 -8.92
CA HIS O 231 36.50 -20.21 -7.84
C HIS O 231 35.86 -19.38 -6.75
N GLU O 232 36.63 -18.41 -6.25
CA GLU O 232 36.10 -17.55 -5.21
C GLU O 232 34.77 -16.96 -5.63
N LEU O 233 34.55 -16.81 -6.93
CA LEU O 233 33.32 -16.18 -7.37
C LEU O 233 32.24 -17.19 -7.72
N ALA O 234 32.57 -18.48 -7.74
CA ALA O 234 31.53 -19.49 -7.61
C ALA O 234 31.07 -19.64 -6.17
N ALA O 235 31.81 -19.07 -5.22
CA ALA O 235 31.47 -19.18 -3.80
C ALA O 235 30.43 -18.18 -3.35
N VAL O 236 29.73 -17.54 -4.28
CA VAL O 236 28.57 -16.71 -3.95
C VAL O 236 27.38 -17.21 -4.75
#